data_7M6F
#
_entry.id   7M6F
#
_cell.length_a   1.00
_cell.length_b   1.00
_cell.length_c   1.00
_cell.angle_alpha   90.00
_cell.angle_beta   90.00
_cell.angle_gamma   90.00
#
_symmetry.space_group_name_H-M   'P 1'
#
loop_
_entity.id
_entity.type
_entity.pdbx_description
1 polymer 'Spike glycoprotein'
2 polymer 'BG1-22 Fab Heavy Chain'
3 polymer 'BG1-22 Fab Light Chain'
4 branched 2-acetamido-2-deoxy-beta-D-glucopyranose-(1-4)-2-acetamido-2-deoxy-beta-D-glucopyranose
5 non-polymer 2-acetamido-2-deoxy-beta-D-glucopyranose
#
loop_
_entity_poly.entity_id
_entity_poly.type
_entity_poly.pdbx_seq_one_letter_code
_entity_poly.pdbx_strand_id
1 'polypeptide(L)'
;MFVFLVLLPLVSSQCVNLTTRTQLPPAYTNSFTRGVYYPDKVFRSSVLHSTQDLFLPFFSNVTWFHAIHVSGTNGTKRFD
NPVLPFNDGVYFASTEKSNIIRGWIFGTTLDSKTQSLLIVNNATNVVIKVCEFQFCNDPFLGVYYHKNNKSWMESEFRVY
SSANNCTFEYVSQPFLMDLEGKQGNFKNLREFVFKNIDGYFKIYSKHTPINLVRDLPQGFSALEPLVDLPIGINITRFQT
LLALHRSYLTPGDSSSGWTAGAAAYYVGYLQPRTFLLKYNENGTITDAVDCALDPLSETKCTLKSFTVEKGIYQTSNFRV
QPTESIVRFPNITNLCPFGEVFNATRFASVYAWNRKRISNCVADYSVLYNSASFSTFKCYGVSPTKLNDLCFTNVYADSF
VIRGDEVRQIAPGQTGKIADYNYKLPDDFTGCVIAWNSNNLDSKVGGNYNYLYRLFRKSNLKPFERDISTEIYQAGSTPC
NGVEGFNCYFPLQSYGFQPTNGVGYQPYRVVVLSFELLHAPATVCGPKKSTNLVKNKCVNFNFNGLTGTGVLTESNKKFL
PFQQFGRDIADTTDAVRDPQTLEILDITPCSFGGVSVITPGTNTSNQVAVLYQDVNCTEVPVAIHADQLTPTWRVYSTGS
NVFQTRAGCLIGAEHVNNSYECDIPIGAGICASYQTQTNSPGSASSVASQSIIAYTMSLGAENSVAYSNNSIAIPTNFTI
SVTTEILPVSMTKTSVDCTMYICGDSTECSNLLLQYGSFCTQLNRALTGIAVEQDKNTQEVFAQVKQIYKTPPIKDFGGF
NFSQILPDPSKPSKRSPIEDLLFNKVTLADAGFIKQYGDCLGDIAARDLICAQKFNGLTVLPPLLTDEMIAQYTSALLAG
TITSGWTFGAGPALQIPFPMQMAYRFNGIGVTQNVLYENQKLIANQFNSAIGKIQDSLSSTPSALGKLQDVVNQNAQALN
TLVKQLSSNFGAISSVLNDILSRLDPPEAEVQIDRLITGRLQSLQTYVTQQLIRAAEIRASANLAATKMSECVLGQSKRV
DFCGKGYHLMSFPQSAPHGVVFLHVTYVPAQEKNFTTAPAICHDGKAHFPREGVFVSNGTHWFVTQRNFYEPQIITTDNT
FVSGNCDVVIGIVNNTVYDPLQPELDSFKEELDKYFKNHTSPDVDLGDISGINASVVNIQKEIDRLNEVAKNLNESLIDL
QELGKYEQGSGYIPEAPRDGQAYVRKDGEWVLLSTFLGRSLEVLFQGPGHHHHHHHHSAWSHPQFEKGGGSGGGGSGGSA
WSHPQFEK
;
A,B,E
2 'polypeptide(L)'
;EVQLVESGGGLVQPGGSLRLSCSVSGFTVSSNYMNWVRQAPGKGLEWVSVIYPGGSTFYPDSVKGRFTISRDDSKNTLYL
QMNSLRPEDTAAYYCASSRPPIGQLVPGLDLDWFDPWGQGTLVIVSSASTKGPSVFPLAPSSKSTSGGTAALGCLVKDYF
PEPVTVSWNSGALTSGVHTFPAVLQSSGLYSLSSVVTVPSSSLGTQTYICNVNHKPSNTKVDKRVEPKSCDKT
;
C,H
3 'polypeptide(L)'
;QSVLTQPPSVSGAPGQRVTISCTGSSSNIGAGYYVHWYQQHPGTAPKLLIYGNSNRPSGVPDRFSGSKSGTSASLAITGL
QAEDEADYYCQSYDSRLSGWVFGGGTKLTVLGQPKAAPSVTLFPPSSEELQANKATLVCLISDFYPGAVTVAWKADSSPV
KAGVETTTPSKQSNNKYAASSYLSLTPEQWKSHRSYSCQVTHEGSTVEKTVAPTECS
;
D,L
#
loop_
_chem_comp.id
_chem_comp.type
_chem_comp.name
_chem_comp.formula
NAG D-saccharide, beta linking 2-acetamido-2-deoxy-beta-D-glucopyranose 'C8 H15 N O6'
#
# COMPACT_ATOMS: atom_id res chain seq x y z
N ALA A 27 -13.78 -53.69 9.18
CA ALA A 27 -14.81 -53.46 8.17
C ALA A 27 -14.90 -51.98 7.83
N TYR A 28 -15.33 -51.68 6.60
CA TYR A 28 -15.49 -50.31 6.14
C TYR A 28 -16.84 -50.16 5.46
N THR A 29 -17.36 -48.94 5.45
CA THR A 29 -18.58 -48.65 4.70
C THR A 29 -18.45 -47.31 3.99
N ASN A 30 -19.48 -46.97 3.23
CA ASN A 30 -19.51 -45.73 2.45
C ASN A 30 -20.20 -44.64 3.27
N SER A 31 -19.45 -43.58 3.58
CA SER A 31 -19.98 -42.50 4.39
C SER A 31 -21.04 -41.68 3.66
N PHE A 32 -21.14 -41.82 2.33
CA PHE A 32 -22.06 -41.07 1.50
C PHE A 32 -21.96 -39.57 1.74
N THR A 33 -23.05 -38.95 2.18
CA THR A 33 -23.11 -37.51 2.38
C THR A 33 -23.34 -37.13 3.85
N ARG A 34 -23.05 -38.03 4.78
CA ARG A 34 -23.22 -37.74 6.19
C ARG A 34 -21.99 -37.01 6.74
N GLY A 35 -22.19 -36.33 7.86
CA GLY A 35 -21.11 -35.69 8.57
C GLY A 35 -21.07 -34.19 8.47
N VAL A 36 -22.08 -33.56 7.86
CA VAL A 36 -22.17 -32.11 7.78
C VAL A 36 -22.83 -31.58 9.05
N TYR A 37 -22.32 -30.45 9.54
CA TYR A 37 -22.81 -29.79 10.74
C TYR A 37 -22.81 -28.29 10.49
N TYR A 38 -23.59 -27.57 11.29
CA TYR A 38 -23.66 -26.13 11.14
C TYR A 38 -22.33 -25.50 11.55
N PRO A 39 -21.57 -24.92 10.62
CA PRO A 39 -20.25 -24.39 10.97
C PRO A 39 -20.24 -23.42 12.11
N ASP A 40 -21.30 -22.63 12.25
CA ASP A 40 -21.38 -21.61 13.29
C ASP A 40 -22.85 -21.39 13.61
N LYS A 41 -23.08 -20.49 14.56
CA LYS A 41 -24.42 -20.14 15.04
C LYS A 41 -24.99 -18.95 14.29
N VAL A 42 -25.04 -19.02 12.96
CA VAL A 42 -25.47 -17.89 12.15
C VAL A 42 -26.64 -18.34 11.28
N PHE A 43 -27.70 -17.55 11.29
CA PHE A 43 -28.89 -17.82 10.49
C PHE A 43 -28.70 -17.32 9.07
N ARG A 44 -28.96 -18.17 8.09
CA ARG A 44 -28.86 -17.80 6.70
C ARG A 44 -30.09 -18.31 5.97
N SER A 45 -30.66 -17.47 5.10
CA SER A 45 -31.90 -17.80 4.41
C SER A 45 -31.71 -17.78 2.90
N SER A 46 -31.95 -18.92 2.25
CA SER A 46 -31.90 -19.03 0.79
C SER A 46 -30.61 -18.45 0.23
N VAL A 47 -29.50 -18.78 0.86
CA VAL A 47 -28.20 -18.28 0.42
C VAL A 47 -27.25 -19.46 0.34
N LEU A 48 -26.32 -19.37 -0.60
CA LEU A 48 -25.24 -20.34 -0.73
C LEU A 48 -24.01 -19.77 -0.03
N HIS A 49 -23.55 -20.47 1.01
CA HIS A 49 -22.44 -19.99 1.82
C HIS A 49 -21.21 -20.87 1.59
N SER A 50 -20.10 -20.25 1.25
CA SER A 50 -18.85 -20.96 0.99
C SER A 50 -17.99 -20.90 2.25
N THR A 51 -17.63 -22.05 2.79
CA THR A 51 -16.83 -22.07 4.00
C THR A 51 -15.84 -23.22 3.96
N GLN A 52 -14.69 -23.02 4.58
CA GLN A 52 -13.67 -24.04 4.73
C GLN A 52 -13.54 -24.40 6.21
N ASP A 53 -13.67 -25.67 6.53
CA ASP A 53 -13.60 -26.12 7.91
C ASP A 53 -13.31 -27.62 7.89
N LEU A 54 -13.21 -28.21 9.07
CA LEU A 54 -12.96 -29.64 9.16
C LEU A 54 -14.28 -30.38 9.00
N PHE A 55 -14.43 -31.08 7.88
CA PHE A 55 -15.66 -31.80 7.56
C PHE A 55 -15.33 -33.22 7.12
N LEU A 56 -16.31 -34.09 7.26
CA LEU A 56 -16.19 -35.45 6.75
C LEU A 56 -16.40 -35.43 5.24
N PRO A 57 -15.42 -35.85 4.45
CA PRO A 57 -15.57 -35.80 2.98
C PRO A 57 -16.75 -36.64 2.49
N PHE A 58 -17.40 -36.17 1.44
CA PHE A 58 -18.54 -36.92 0.91
C PHE A 58 -17.99 -38.20 0.30
N PHE A 59 -18.70 -39.32 0.51
CA PHE A 59 -18.25 -40.60 -0.04
C PHE A 59 -16.88 -41.00 0.49
N SER A 60 -16.53 -40.50 1.67
CA SER A 60 -15.27 -40.80 2.31
C SER A 60 -15.21 -42.25 2.78
N ASN A 61 -13.99 -42.65 3.08
CA ASN A 61 -13.63 -43.98 3.55
C ASN A 61 -13.80 -44.00 5.08
N VAL A 62 -14.84 -44.69 5.57
CA VAL A 62 -15.11 -44.72 7.00
C VAL A 62 -15.08 -46.15 7.51
N THR A 63 -14.60 -46.32 8.74
CA THR A 63 -14.42 -47.63 9.32
C THR A 63 -15.72 -48.10 9.95
N TRP A 64 -16.11 -49.34 9.70
CA TRP A 64 -17.34 -49.90 10.28
C TRP A 64 -16.94 -50.84 11.40
N PHE A 65 -17.28 -50.50 12.64
CA PHE A 65 -16.92 -51.32 13.79
C PHE A 65 -18.13 -52.09 14.29
N HIS A 66 -17.89 -53.32 14.73
CA HIS A 66 -18.92 -54.15 15.34
C HIS A 66 -18.63 -54.36 16.82
N ASP A 80 -16.02 -54.95 20.57
CA ASP A 80 -14.67 -54.47 20.83
C ASP A 80 -14.62 -52.96 21.03
N ASN A 81 -13.42 -52.46 21.34
CA ASN A 81 -13.17 -51.04 21.58
C ASN A 81 -11.69 -50.77 21.82
N PRO A 82 -10.88 -50.82 20.78
CA PRO A 82 -9.46 -50.51 20.90
C PRO A 82 -9.26 -49.00 21.02
N VAL A 83 -8.06 -48.60 21.38
CA VAL A 83 -7.74 -47.18 21.41
C VAL A 83 -7.45 -46.76 19.98
N LEU A 84 -8.14 -45.72 19.53
CA LEU A 84 -8.02 -45.22 18.18
C LEU A 84 -7.39 -43.83 18.17
N PRO A 85 -6.68 -43.47 17.11
CA PRO A 85 -6.11 -42.12 17.06
C PRO A 85 -7.19 -41.06 16.84
N PHE A 86 -6.87 -39.86 17.32
CA PHE A 86 -7.69 -38.68 17.14
C PHE A 86 -6.82 -37.64 16.43
N ASN A 87 -7.22 -37.25 15.22
CA ASN A 87 -6.34 -36.38 14.44
C ASN A 87 -6.82 -34.94 14.55
N ASP A 88 -7.58 -34.49 13.58
CA ASP A 88 -8.14 -33.14 13.59
C ASP A 88 -9.46 -33.13 14.34
N GLY A 89 -10.15 -34.25 14.32
CA GLY A 89 -11.42 -34.43 14.97
C GLY A 89 -11.93 -35.80 14.59
N VAL A 90 -12.95 -36.25 15.32
CA VAL A 90 -13.49 -37.59 15.10
C VAL A 90 -14.99 -37.51 14.90
N TYR A 91 -15.47 -38.23 13.91
CA TYR A 91 -16.89 -38.42 13.67
C TYR A 91 -17.31 -39.75 14.27
N PHE A 92 -18.37 -39.74 15.06
CA PHE A 92 -18.84 -40.96 15.69
C PHE A 92 -20.33 -41.10 15.40
N ALA A 93 -20.77 -42.33 15.12
CA ALA A 93 -22.17 -42.64 14.95
C ALA A 93 -22.41 -44.04 15.45
N SER A 94 -23.63 -44.31 15.94
CA SER A 94 -23.95 -45.65 16.38
C SER A 94 -25.41 -45.93 16.10
N THR A 95 -25.75 -47.21 15.96
CA THR A 95 -27.10 -47.66 15.66
C THR A 95 -27.49 -48.76 16.66
N GLU A 96 -27.78 -48.37 17.89
CA GLU A 96 -28.17 -49.32 18.92
C GLU A 96 -29.63 -49.11 19.28
N LYS A 97 -30.36 -50.21 19.44
CA LYS A 97 -31.74 -50.15 19.91
C LYS A 97 -31.85 -50.43 21.40
N SER A 98 -30.87 -51.12 21.97
CA SER A 98 -30.81 -51.44 23.39
C SER A 98 -29.92 -50.48 24.14
N ASN A 99 -29.38 -49.47 23.46
CA ASN A 99 -28.50 -48.48 24.05
C ASN A 99 -27.35 -49.15 24.80
N ILE A 100 -26.66 -50.04 24.10
CA ILE A 100 -25.54 -50.74 24.71
C ILE A 100 -24.34 -49.80 24.80
N ILE A 101 -24.07 -49.08 23.72
CA ILE A 101 -22.97 -48.13 23.70
C ILE A 101 -23.56 -46.82 24.23
N ARG A 102 -23.01 -46.33 25.33
CA ARG A 102 -23.60 -45.15 25.95
C ARG A 102 -22.55 -44.32 26.68
N GLY A 103 -21.40 -44.14 26.06
CA GLY A 103 -20.36 -43.34 26.69
C GLY A 103 -19.11 -43.34 25.86
N TRP A 104 -18.17 -42.49 26.26
CA TRP A 104 -16.90 -42.34 25.57
C TRP A 104 -15.84 -41.95 26.57
N ILE A 105 -14.60 -42.28 26.24
CA ILE A 105 -13.42 -41.83 26.99
C ILE A 105 -12.50 -41.06 26.06
N PHE A 106 -12.10 -39.87 26.48
CA PHE A 106 -11.17 -39.06 25.70
C PHE A 106 -10.00 -38.65 26.58
N GLY A 107 -8.81 -38.69 26.01
CA GLY A 107 -7.63 -38.23 26.72
C GLY A 107 -6.37 -38.69 26.01
N THR A 108 -5.27 -38.73 26.77
CA THR A 108 -4.00 -39.18 26.21
C THR A 108 -3.47 -40.42 26.91
N THR A 109 -3.15 -40.32 28.20
CA THR A 109 -2.57 -41.40 28.98
C THR A 109 -3.63 -42.32 29.58
N LEU A 110 -4.74 -41.74 30.03
CA LEU A 110 -5.84 -42.48 30.64
C LEU A 110 -5.34 -43.35 31.80
N ASP A 111 -4.32 -42.85 32.51
CA ASP A 111 -3.74 -43.59 33.64
C ASP A 111 -3.40 -42.70 34.82
N SER A 112 -3.97 -41.48 34.89
CA SER A 112 -3.81 -40.45 35.91
C SER A 112 -2.63 -39.53 35.66
N LYS A 113 -1.81 -39.80 34.63
CA LYS A 113 -0.70 -38.90 34.35
C LYS A 113 -1.17 -37.56 33.79
N THR A 114 -2.23 -37.54 32.99
CA THR A 114 -2.72 -36.30 32.41
C THR A 114 -4.23 -36.17 32.58
N GLN A 115 -4.72 -34.98 32.29
CA GLN A 115 -6.15 -34.71 32.33
C GLN A 115 -6.85 -35.46 31.20
N SER A 116 -8.05 -35.95 31.48
CA SER A 116 -8.83 -36.63 30.45
C SER A 116 -10.30 -36.32 30.67
N LEU A 117 -11.08 -36.44 29.61
CA LEU A 117 -12.51 -36.10 29.65
C LEU A 117 -13.31 -37.40 29.67
N LEU A 118 -14.15 -37.55 30.69
CA LEU A 118 -15.02 -38.70 30.87
C LEU A 118 -16.48 -38.27 30.81
N ILE A 119 -17.25 -38.89 29.92
CA ILE A 119 -18.67 -38.60 29.78
C ILE A 119 -19.42 -39.90 30.03
N VAL A 120 -20.28 -39.91 31.06
CA VAL A 120 -21.09 -41.07 31.36
C VAL A 120 -22.54 -40.64 31.42
N ASN A 121 -23.37 -41.26 30.58
CA ASN A 121 -24.80 -41.00 30.45
C ASN A 121 -25.63 -42.10 31.09
N ASN A 122 -25.79 -42.05 32.42
CA ASN A 122 -26.52 -43.14 33.06
C ASN A 122 -27.90 -42.56 33.34
N ALA A 123 -28.95 -43.31 33.01
CA ALA A 123 -30.30 -42.87 33.32
C ALA A 123 -30.61 -41.47 32.82
N THR A 124 -30.79 -40.54 33.77
CA THR A 124 -31.17 -39.16 33.50
C THR A 124 -30.06 -38.14 33.73
N ASN A 125 -28.84 -38.57 34.04
CA ASN A 125 -27.80 -37.59 34.35
C ASN A 125 -26.47 -37.97 33.69
N VAL A 126 -26.07 -37.14 32.71
CA VAL A 126 -24.82 -37.28 32.00
C VAL A 126 -23.77 -36.41 32.67
N VAL A 127 -22.63 -36.99 33.02
CA VAL A 127 -21.60 -36.26 33.74
C VAL A 127 -20.39 -36.08 32.84
N ILE A 128 -19.96 -34.83 32.67
CA ILE A 128 -18.76 -34.50 31.92
C ILE A 128 -17.72 -34.02 32.92
N LYS A 129 -16.60 -34.74 33.02
CA LYS A 129 -15.61 -34.42 34.03
C LYS A 129 -14.21 -34.49 33.44
N VAL A 130 -13.39 -33.49 33.74
CA VAL A 130 -12.01 -33.45 33.28
C VAL A 130 -11.14 -33.47 34.53
N CYS A 131 -10.34 -34.53 34.66
CA CYS A 131 -9.52 -34.75 35.84
C CYS A 131 -8.30 -35.54 35.44
N GLU A 132 -7.35 -35.67 36.35
CA GLU A 132 -6.22 -36.55 36.13
C GLU A 132 -6.76 -37.91 36.60
N PHE A 133 -7.60 -38.48 35.74
CA PHE A 133 -8.32 -39.71 36.03
C PHE A 133 -7.36 -40.88 35.96
N GLN A 134 -7.50 -41.83 36.86
CA GLN A 134 -6.73 -43.06 36.74
C GLN A 134 -7.71 -44.12 36.22
N PHE A 135 -7.68 -44.30 34.91
CA PHE A 135 -8.62 -45.13 34.19
C PHE A 135 -8.22 -46.59 34.21
N CYS A 136 -9.22 -47.45 34.07
CA CYS A 136 -8.97 -48.87 33.90
C CYS A 136 -8.28 -49.08 32.56
N ASN A 137 -7.52 -50.18 32.46
CA ASN A 137 -6.81 -50.48 31.23
C ASN A 137 -7.77 -51.00 30.16
N ASP A 138 -9.01 -51.24 30.55
CA ASP A 138 -10.07 -51.69 29.65
C ASP A 138 -11.35 -51.16 30.25
N PRO A 139 -11.55 -49.84 30.18
CA PRO A 139 -12.68 -49.22 30.88
C PRO A 139 -14.01 -49.60 30.25
N PHE A 140 -15.00 -49.75 31.12
CA PHE A 140 -16.36 -50.05 30.71
C PHE A 140 -17.28 -49.64 31.84
N LEU A 141 -18.56 -49.57 31.52
CA LEU A 141 -19.59 -49.32 32.53
C LEU A 141 -20.39 -50.60 32.70
N GLY A 142 -20.90 -50.79 33.92
CA GLY A 142 -21.72 -51.94 34.23
C GLY A 142 -23.21 -51.65 34.11
N VAL A 143 -24.00 -52.60 34.61
CA VAL A 143 -25.44 -52.48 34.56
C VAL A 143 -26.03 -52.60 35.96
N GLU A 156 -23.67 -50.31 38.27
CA GLU A 156 -22.26 -50.64 38.31
C GLU A 156 -21.45 -49.70 37.41
N PHE A 157 -20.35 -49.17 37.94
CA PHE A 157 -19.49 -48.28 37.18
C PHE A 157 -18.04 -48.65 37.47
N ARG A 158 -17.33 -49.19 36.46
CA ARG A 158 -15.95 -49.59 36.63
C ARG A 158 -15.18 -49.06 35.42
N VAL A 159 -14.97 -47.75 35.43
CA VAL A 159 -14.31 -47.03 34.35
C VAL A 159 -12.90 -46.63 34.76
N TYR A 160 -12.78 -46.14 35.99
CA TYR A 160 -11.55 -45.66 36.58
C TYR A 160 -11.53 -46.07 38.05
N SER A 161 -10.34 -46.12 38.62
CA SER A 161 -10.18 -46.44 40.02
C SER A 161 -9.93 -45.20 40.88
N SER A 162 -9.52 -44.11 40.24
CA SER A 162 -9.24 -42.86 40.93
C SER A 162 -9.54 -41.72 39.98
N ALA A 163 -9.88 -40.56 40.55
CA ALA A 163 -10.16 -39.38 39.74
C ALA A 163 -9.65 -38.19 40.55
N ASN A 164 -8.34 -37.98 40.49
CA ASN A 164 -7.70 -37.00 41.33
C ASN A 164 -7.58 -35.62 40.67
N ASN A 165 -7.47 -34.61 41.52
CA ASN A 165 -7.15 -33.23 41.16
C ASN A 165 -8.04 -32.75 40.00
N CYS A 166 -9.35 -32.93 40.20
CA CYS A 166 -10.37 -32.54 39.22
C CYS A 166 -10.44 -31.03 39.02
N THR A 167 -10.48 -30.63 37.75
CA THR A 167 -10.51 -29.22 37.38
C THR A 167 -11.83 -28.78 36.77
N PHE A 168 -12.64 -29.69 36.23
CA PHE A 168 -13.88 -29.31 35.57
C PHE A 168 -14.92 -30.40 35.73
N GLU A 169 -16.17 -29.98 35.96
CA GLU A 169 -17.30 -30.87 35.97
C GLU A 169 -18.53 -30.12 35.46
N TYR A 170 -19.31 -30.79 34.61
CA TYR A 170 -20.52 -30.21 34.06
C TYR A 170 -21.57 -31.29 33.96
N VAL A 171 -22.80 -30.96 34.34
CA VAL A 171 -23.92 -31.90 34.29
C VAL A 171 -25.06 -31.21 33.56
N SER A 172 -25.67 -31.91 32.61
CA SER A 172 -26.80 -31.37 31.87
C SER A 172 -27.81 -32.46 31.54
N ASN A 188 -31.94 -45.38 18.41
CA ASN A 188 -31.89 -45.47 16.96
C ASN A 188 -30.50 -45.16 16.44
N LEU A 189 -30.43 -44.30 15.42
CA LEU A 189 -29.16 -43.86 14.85
C LEU A 189 -28.81 -42.50 15.43
N ARG A 190 -27.67 -42.44 16.11
CA ARG A 190 -27.18 -41.24 16.77
C ARG A 190 -25.83 -40.86 16.19
N GLU A 191 -25.68 -39.59 15.79
CA GLU A 191 -24.45 -39.12 15.18
C GLU A 191 -23.90 -37.97 15.99
N PHE A 192 -22.59 -37.98 16.16
CA PHE A 192 -21.87 -36.98 16.92
C PHE A 192 -20.62 -36.59 16.16
N VAL A 193 -20.20 -35.34 16.36
CA VAL A 193 -18.92 -34.86 15.87
C VAL A 193 -18.18 -34.32 17.07
N PHE A 194 -16.93 -34.76 17.25
CA PHE A 194 -16.12 -34.35 18.38
C PHE A 194 -14.88 -33.65 17.85
N LYS A 195 -14.75 -32.37 18.16
CA LYS A 195 -13.56 -31.60 17.80
C LYS A 195 -13.21 -30.65 18.93
N ASN A 196 -11.92 -30.41 19.08
CA ASN A 196 -11.38 -29.51 20.10
C ASN A 196 -10.75 -28.34 19.35
N ILE A 197 -11.42 -27.20 19.34
CA ILE A 197 -10.97 -26.03 18.59
C ILE A 197 -10.66 -24.89 19.55
N ASP A 198 -9.41 -24.45 19.55
CA ASP A 198 -8.93 -23.32 20.34
C ASP A 198 -9.31 -23.42 21.82
N GLY A 199 -9.22 -24.62 22.38
CA GLY A 199 -9.47 -24.82 23.79
C GLY A 199 -10.89 -25.24 24.13
N TYR A 200 -11.80 -25.20 23.17
CA TYR A 200 -13.18 -25.60 23.37
C TYR A 200 -13.43 -26.95 22.71
N PHE A 201 -14.00 -27.87 23.49
CA PHE A 201 -14.36 -29.18 22.96
C PHE A 201 -15.81 -29.08 22.53
N LYS A 202 -16.02 -29.03 21.22
CA LYS A 202 -17.33 -28.77 20.65
C LYS A 202 -17.95 -30.08 20.22
N ILE A 203 -19.19 -30.31 20.67
CA ILE A 203 -19.92 -31.52 20.36
C ILE A 203 -21.19 -31.15 19.62
N TYR A 204 -21.39 -31.78 18.47
CA TYR A 204 -22.59 -31.61 17.66
C TYR A 204 -23.32 -32.93 17.65
N SER A 205 -24.65 -32.89 17.52
CA SER A 205 -25.37 -34.14 17.51
C SER A 205 -26.67 -34.04 16.73
N LYS A 206 -27.16 -35.21 16.32
CA LYS A 206 -28.44 -35.37 15.68
C LYS A 206 -28.98 -36.74 16.06
N HIS A 207 -30.29 -36.80 16.31
CA HIS A 207 -30.98 -38.05 16.61
C HIS A 207 -32.13 -38.20 15.64
N THR A 208 -32.07 -39.21 14.79
CA THR A 208 -33.08 -39.40 13.76
C THR A 208 -33.59 -40.82 13.79
N PRO A 209 -34.74 -41.07 13.17
CA PRO A 209 -35.20 -42.45 12.97
C PRO A 209 -34.20 -43.22 12.12
N ILE A 210 -34.16 -44.54 12.34
CA ILE A 210 -33.30 -45.43 11.58
C ILE A 210 -34.17 -46.57 11.05
N ASN A 211 -34.10 -46.81 9.76
CA ASN A 211 -34.87 -47.88 9.13
C ASN A 211 -34.02 -48.95 8.47
N LEU A 212 -32.71 -48.95 8.70
CA LEU A 212 -31.82 -49.96 8.14
C LEU A 212 -31.24 -50.78 9.27
N VAL A 213 -30.96 -52.05 9.01
CA VAL A 213 -30.45 -52.93 10.05
C VAL A 213 -28.93 -52.90 10.13
N ARG A 214 -28.24 -52.99 8.99
CA ARG A 214 -26.79 -52.96 8.95
C ARG A 214 -26.32 -52.01 7.85
N ASP A 215 -26.62 -50.73 8.00
CA ASP A 215 -26.24 -49.77 6.96
C ASP A 215 -26.20 -48.37 7.56
N LEU A 216 -25.80 -47.41 6.73
CA LEU A 216 -25.76 -46.00 7.09
C LEU A 216 -26.62 -45.25 6.07
N PRO A 217 -27.88 -44.95 6.40
CA PRO A 217 -28.83 -44.48 5.39
C PRO A 217 -28.29 -43.30 4.58
N GLN A 218 -28.52 -43.37 3.27
CA GLN A 218 -28.05 -42.36 2.33
C GLN A 218 -29.03 -41.19 2.31
N GLY A 219 -28.99 -40.43 3.39
CA GLY A 219 -29.85 -39.27 3.54
C GLY A 219 -28.98 -38.11 3.98
N PHE A 220 -29.56 -36.97 4.34
CA PHE A 220 -28.73 -35.85 4.74
C PHE A 220 -29.37 -35.14 5.92
N SER A 221 -28.57 -34.94 6.97
CA SER A 221 -28.98 -34.15 8.12
C SER A 221 -27.72 -33.45 8.61
N ALA A 222 -27.89 -32.21 9.05
CA ALA A 222 -26.81 -31.45 9.66
C ALA A 222 -26.92 -31.54 11.17
N LEU A 223 -25.79 -31.79 11.83
CA LEU A 223 -25.79 -31.91 13.27
C LEU A 223 -25.82 -30.51 13.88
N GLU A 224 -26.62 -30.36 14.88
CA GLU A 224 -26.76 -29.05 15.47
C GLU A 224 -25.81 -28.95 16.66
N PRO A 225 -25.29 -27.77 16.96
CA PRO A 225 -24.43 -27.68 18.15
C PRO A 225 -25.23 -28.03 19.38
N LEU A 226 -24.61 -28.81 20.26
CA LEU A 226 -25.23 -29.26 21.49
C LEU A 226 -24.59 -28.59 22.70
N VAL A 227 -23.29 -28.81 22.88
CA VAL A 227 -22.51 -28.24 23.96
C VAL A 227 -21.19 -27.72 23.42
N ASP A 228 -20.58 -26.81 24.17
CA ASP A 228 -19.26 -26.24 23.87
C ASP A 228 -18.42 -26.24 25.15
N LEU A 229 -17.87 -27.39 25.50
CA LEU A 229 -17.27 -27.53 26.82
C LEU A 229 -15.98 -26.72 26.91
N PRO A 230 -15.89 -25.76 27.82
CA PRO A 230 -14.70 -24.89 27.97
C PRO A 230 -13.55 -25.50 28.77
N ILE A 231 -12.99 -26.61 28.29
CA ILE A 231 -11.92 -27.30 29.01
C ILE A 231 -10.66 -27.26 28.17
N GLY A 232 -9.56 -26.78 28.76
CA GLY A 232 -8.32 -26.72 28.03
C GLY A 232 -7.66 -28.08 28.01
N ILE A 233 -8.28 -29.05 27.34
CA ILE A 233 -7.80 -30.43 27.32
C ILE A 233 -7.28 -30.75 25.93
N ASN A 234 -6.09 -31.35 25.86
CA ASN A 234 -5.50 -31.81 24.62
C ASN A 234 -5.83 -33.29 24.43
N ILE A 235 -6.65 -33.58 23.42
CA ILE A 235 -7.17 -34.92 23.11
C ILE A 235 -6.53 -35.45 21.82
N THR A 236 -5.82 -36.57 21.95
CA THR A 236 -5.16 -37.24 20.84
C THR A 236 -5.60 -38.68 20.64
N ARG A 237 -6.26 -39.28 21.62
CA ARG A 237 -6.75 -40.65 21.52
C ARG A 237 -8.11 -40.71 22.20
N PHE A 238 -8.94 -41.68 21.79
CA PHE A 238 -10.22 -41.87 22.48
C PHE A 238 -10.65 -43.33 22.40
N GLN A 239 -11.58 -43.68 23.29
CA GLN A 239 -12.15 -45.02 23.37
C GLN A 239 -13.63 -44.89 23.72
N THR A 240 -14.45 -45.79 23.19
CA THR A 240 -15.87 -45.82 23.48
C THR A 240 -16.14 -46.61 24.75
N LEU A 241 -17.33 -46.40 25.32
CA LEU A 241 -17.79 -47.14 26.48
C LEU A 241 -19.11 -47.83 26.19
N LEU A 242 -19.17 -49.13 26.47
CA LEU A 242 -20.35 -49.93 26.22
C LEU A 242 -20.61 -50.81 27.43
N ALA A 243 -21.87 -51.15 27.66
CA ALA A 243 -22.24 -52.11 28.70
C ALA A 243 -21.96 -53.55 28.27
N ALA A 263 -24.69 -54.01 18.85
CA ALA A 263 -24.22 -52.63 18.75
C ALA A 263 -23.16 -52.49 17.67
N ALA A 264 -23.05 -51.28 17.12
CA ALA A 264 -22.07 -50.99 16.09
C ALA A 264 -21.82 -49.49 16.05
N TYR A 265 -20.62 -49.11 15.63
CA TYR A 265 -20.31 -47.70 15.54
C TYR A 265 -19.34 -47.45 14.39
N TYR A 266 -19.28 -46.20 13.97
CA TYR A 266 -18.45 -45.78 12.86
C TYR A 266 -17.53 -44.67 13.34
N VAL A 267 -16.29 -44.66 12.85
CA VAL A 267 -15.34 -43.61 13.18
C VAL A 267 -14.76 -43.05 11.90
N GLY A 268 -14.85 -41.73 11.74
CA GLY A 268 -14.28 -41.04 10.61
C GLY A 268 -13.37 -39.93 11.10
N TYR A 269 -12.71 -39.28 10.15
CA TYR A 269 -11.84 -38.17 10.48
C TYR A 269 -12.19 -36.96 9.63
N LEU A 270 -12.07 -35.79 10.24
CA LEU A 270 -12.41 -34.53 9.61
C LEU A 270 -11.21 -34.03 8.82
N GLN A 271 -11.49 -33.30 7.74
CA GLN A 271 -10.41 -32.76 6.94
C GLN A 271 -10.67 -31.30 6.60
N PRO A 272 -9.61 -30.53 6.37
CA PRO A 272 -9.80 -29.11 6.04
C PRO A 272 -10.28 -28.91 4.62
N ARG A 273 -11.52 -29.32 4.36
CA ARG A 273 -12.11 -29.25 3.03
C ARG A 273 -13.07 -28.08 2.97
N THR A 274 -13.35 -27.61 1.76
CA THR A 274 -14.29 -26.52 1.56
C THR A 274 -15.62 -27.11 1.13
N PHE A 275 -16.69 -26.67 1.78
CA PHE A 275 -18.03 -27.12 1.44
C PHE A 275 -18.91 -25.94 1.07
N LEU A 276 -19.81 -26.18 0.13
CA LEU A 276 -20.87 -25.24 -0.22
C LEU A 276 -22.16 -25.73 0.42
N LEU A 277 -22.64 -24.99 1.41
CA LEU A 277 -23.79 -25.38 2.23
C LEU A 277 -25.06 -24.67 1.78
N LYS A 278 -26.12 -25.44 1.55
CA LYS A 278 -27.39 -24.86 1.11
C LYS A 278 -28.33 -24.69 2.30
N TYR A 279 -28.59 -23.44 2.65
CA TYR A 279 -29.48 -23.07 3.74
C TYR A 279 -30.86 -22.80 3.16
N ASN A 280 -31.90 -23.10 3.93
CA ASN A 280 -33.16 -22.69 3.36
C ASN A 280 -33.53 -21.31 3.91
N GLU A 281 -34.66 -20.78 3.46
CA GLU A 281 -35.11 -19.50 3.98
C GLU A 281 -35.61 -19.60 5.39
N ASN A 282 -35.89 -20.81 5.90
CA ASN A 282 -36.47 -20.98 7.27
C ASN A 282 -35.34 -21.19 8.28
N GLY A 283 -34.14 -21.45 7.81
CA GLY A 283 -32.91 -21.69 8.58
C GLY A 283 -32.29 -23.06 8.72
N THR A 284 -32.74 -24.09 8.01
CA THR A 284 -32.10 -25.38 8.14
C THR A 284 -31.15 -25.60 6.95
N ILE A 285 -30.22 -26.55 7.10
CA ILE A 285 -29.34 -26.93 5.99
C ILE A 285 -29.95 -28.14 5.29
N THR A 286 -30.21 -28.02 3.99
CA THR A 286 -30.85 -29.10 3.25
C THR A 286 -29.92 -29.90 2.33
N ASP A 287 -28.81 -29.33 1.88
CA ASP A 287 -27.87 -30.06 1.02
C ASP A 287 -26.48 -29.46 1.16
N ALA A 288 -25.52 -30.07 0.47
CA ALA A 288 -24.15 -29.57 0.50
C ALA A 288 -23.38 -30.15 -0.69
N VAL A 289 -22.35 -29.42 -1.11
CA VAL A 289 -21.43 -29.86 -2.15
C VAL A 289 -20.02 -29.91 -1.57
N ASP A 290 -19.37 -31.05 -1.73
CA ASP A 290 -17.99 -31.24 -1.32
C ASP A 290 -17.10 -30.78 -2.48
N CYS A 291 -16.42 -29.65 -2.30
CA CYS A 291 -15.72 -29.00 -3.40
C CYS A 291 -14.56 -29.82 -3.96
N ALA A 292 -14.10 -30.84 -3.25
CA ALA A 292 -12.98 -31.66 -3.69
C ALA A 292 -13.39 -33.05 -4.14
N LEU A 293 -14.69 -33.33 -4.21
CA LEU A 293 -15.15 -34.69 -4.54
C LEU A 293 -14.84 -35.06 -5.98
N ASP A 294 -15.17 -34.20 -6.93
CA ASP A 294 -14.93 -34.50 -8.33
C ASP A 294 -14.96 -33.20 -9.12
N PRO A 295 -14.62 -33.22 -10.41
CA PRO A 295 -14.66 -31.98 -11.20
C PRO A 295 -16.03 -31.36 -11.32
N LEU A 296 -17.10 -32.12 -11.10
CA LEU A 296 -18.42 -31.50 -11.20
C LEU A 296 -18.73 -30.74 -9.93
N SER A 297 -18.39 -31.33 -8.78
CA SER A 297 -18.61 -30.67 -7.52
C SER A 297 -17.73 -29.42 -7.42
N GLU A 298 -16.51 -29.50 -7.97
CA GLU A 298 -15.60 -28.36 -7.96
C GLU A 298 -16.20 -27.20 -8.74
N THR A 299 -16.82 -27.50 -9.89
CA THR A 299 -17.46 -26.46 -10.68
C THR A 299 -18.58 -25.77 -9.91
N LYS A 300 -19.40 -26.56 -9.21
CA LYS A 300 -20.49 -25.99 -8.42
C LYS A 300 -19.96 -24.97 -7.42
N CYS A 301 -18.87 -25.31 -6.73
CA CYS A 301 -18.31 -24.38 -5.74
C CYS A 301 -17.81 -23.11 -6.40
N THR A 302 -17.20 -23.22 -7.58
CA THR A 302 -16.71 -22.03 -8.28
C THR A 302 -17.86 -21.10 -8.64
N LEU A 303 -18.96 -21.64 -9.16
CA LEU A 303 -20.10 -20.82 -9.52
C LEU A 303 -20.96 -20.46 -8.32
N LYS A 304 -20.77 -21.16 -7.21
CA LYS A 304 -21.58 -21.00 -6.00
C LYS A 304 -23.07 -21.19 -6.31
N SER A 305 -23.34 -22.26 -7.06
CA SER A 305 -24.68 -22.67 -7.46
C SER A 305 -24.86 -24.17 -7.32
N PHE A 306 -26.08 -24.61 -7.02
CA PHE A 306 -26.30 -26.05 -6.91
C PHE A 306 -26.66 -26.66 -8.25
N THR A 307 -26.85 -25.83 -9.26
CA THR A 307 -27.19 -26.26 -10.60
C THR A 307 -26.14 -25.65 -11.50
N VAL A 308 -25.54 -26.46 -12.36
CA VAL A 308 -24.54 -25.99 -13.30
C VAL A 308 -25.19 -25.88 -14.67
N GLU A 309 -25.07 -24.72 -15.28
CA GLU A 309 -25.66 -24.52 -16.58
C GLU A 309 -24.73 -25.08 -17.65
N LYS A 310 -25.28 -25.26 -18.84
CA LYS A 310 -24.50 -25.76 -19.96
C LYS A 310 -23.43 -24.74 -20.31
N GLY A 311 -22.19 -25.20 -20.46
CA GLY A 311 -21.12 -24.31 -20.82
C GLY A 311 -19.77 -24.82 -20.31
N ILE A 312 -18.78 -23.94 -20.36
CA ILE A 312 -17.42 -24.20 -19.93
C ILE A 312 -17.04 -23.25 -18.81
N TYR A 313 -16.52 -23.81 -17.72
CA TYR A 313 -16.16 -23.05 -16.53
C TYR A 313 -14.75 -23.41 -16.09
N GLN A 314 -13.97 -22.40 -15.71
CA GLN A 314 -12.64 -22.61 -15.16
C GLN A 314 -12.79 -22.82 -13.65
N THR A 315 -12.32 -23.97 -13.16
CA THR A 315 -12.52 -24.34 -11.78
C THR A 315 -11.26 -24.46 -10.94
N SER A 316 -10.10 -24.67 -11.54
CA SER A 316 -8.90 -24.89 -10.75
C SER A 316 -7.69 -24.34 -11.50
N ASN A 317 -6.51 -24.70 -11.02
CA ASN A 317 -5.24 -24.22 -11.57
C ASN A 317 -4.28 -25.39 -11.48
N PHE A 318 -3.90 -25.91 -12.64
CA PHE A 318 -3.01 -27.07 -12.71
C PHE A 318 -1.58 -26.62 -12.47
N ARG A 319 -0.89 -27.35 -11.60
CA ARG A 319 0.51 -27.07 -11.31
C ARG A 319 1.31 -28.35 -11.21
N VAL A 320 2.38 -28.44 -11.99
CA VAL A 320 3.28 -29.58 -11.89
C VAL A 320 4.18 -29.41 -10.67
N GLN A 321 4.26 -30.43 -9.84
CA GLN A 321 5.14 -30.05 -8.73
C GLN A 321 6.56 -30.53 -9.02
N PRO A 322 7.56 -29.85 -8.48
CA PRO A 322 8.93 -30.36 -8.60
C PRO A 322 9.05 -31.66 -7.81
N THR A 323 9.85 -32.59 -8.34
CA THR A 323 10.03 -33.88 -7.70
C THR A 323 11.38 -34.07 -7.03
N GLU A 324 12.36 -33.21 -7.33
CA GLU A 324 13.70 -33.34 -6.75
C GLU A 324 14.25 -31.95 -6.48
N SER A 325 15.44 -31.89 -5.89
CA SER A 325 16.15 -30.64 -5.62
C SER A 325 17.56 -30.80 -6.15
N ILE A 326 17.91 -30.02 -7.17
CA ILE A 326 19.18 -30.17 -7.87
C ILE A 326 20.07 -28.96 -7.62
N VAL A 327 21.20 -29.19 -6.98
CA VAL A 327 22.16 -28.15 -6.65
C VAL A 327 23.48 -28.53 -7.30
N ARG A 328 24.08 -27.59 -8.03
CA ARG A 328 25.34 -27.83 -8.73
C ARG A 328 26.28 -26.63 -8.59
N PHE A 329 27.54 -26.94 -8.32
CA PHE A 329 28.66 -26.02 -8.18
C PHE A 329 29.88 -26.46 -8.97
N PRO A 330 30.80 -25.55 -9.23
CA PRO A 330 31.97 -25.92 -10.01
C PRO A 330 32.78 -26.99 -9.33
N ASN A 331 33.57 -27.61 -10.18
CA ASN A 331 34.54 -28.60 -9.78
C ASN A 331 35.39 -27.97 -8.69
N ILE A 332 35.62 -28.69 -7.60
CA ILE A 332 36.38 -28.12 -6.51
C ILE A 332 37.89 -28.28 -6.78
N THR A 333 38.57 -27.16 -7.01
CA THR A 333 40.00 -27.09 -7.32
C THR A 333 40.60 -26.01 -6.43
N ASN A 334 41.93 -25.86 -6.48
CA ASN A 334 42.62 -24.84 -5.69
C ASN A 334 42.35 -25.03 -4.20
N LEU A 335 42.60 -26.24 -3.72
CA LEU A 335 42.40 -26.45 -2.30
C LEU A 335 43.44 -25.69 -1.52
N CYS A 336 43.02 -25.19 -0.36
CA CYS A 336 43.90 -24.44 0.51
C CYS A 336 45.05 -25.30 1.01
N PRO A 337 46.27 -24.75 1.03
CA PRO A 337 47.43 -25.54 1.42
C PRO A 337 47.43 -25.77 2.92
N PHE A 338 46.42 -26.47 3.43
CA PHE A 338 46.41 -26.78 4.85
C PHE A 338 47.45 -27.85 5.15
N GLY A 339 47.67 -28.76 4.21
CA GLY A 339 48.67 -29.79 4.43
C GLY A 339 50.03 -29.18 4.65
N GLU A 340 50.31 -28.05 3.97
CA GLU A 340 51.60 -27.39 4.14
C GLU A 340 51.71 -26.82 5.55
N VAL A 341 50.57 -26.67 6.22
CA VAL A 341 50.50 -26.13 7.56
C VAL A 341 50.37 -27.24 8.58
N PHE A 342 49.46 -28.20 8.31
CA PHE A 342 49.20 -29.26 9.26
C PHE A 342 50.31 -30.31 9.21
N ASN A 343 50.90 -30.54 8.04
CA ASN A 343 52.00 -31.48 7.84
C ASN A 343 53.36 -30.82 7.71
N ALA A 344 53.51 -29.60 8.19
CA ALA A 344 54.80 -28.95 8.08
C ALA A 344 55.81 -29.78 8.88
N THR A 345 57.05 -29.85 8.38
CA THR A 345 58.07 -30.62 9.05
C THR A 345 58.64 -29.92 10.28
N ARG A 346 58.50 -28.61 10.36
CA ARG A 346 59.00 -27.85 11.51
C ARG A 346 57.96 -26.81 11.88
N PHE A 347 57.68 -26.69 13.17
CA PHE A 347 56.78 -25.66 13.68
C PHE A 347 57.59 -24.63 14.46
N ALA A 348 57.08 -23.41 14.46
CA ALA A 348 57.73 -22.30 15.14
C ALA A 348 57.47 -22.33 16.63
N SER A 349 58.32 -21.62 17.36
CA SER A 349 58.13 -21.44 18.79
C SER A 349 56.87 -20.62 19.05
N VAL A 350 56.22 -20.89 20.17
CA VAL A 350 54.98 -20.18 20.49
C VAL A 350 55.26 -18.69 20.71
N TYR A 351 56.46 -18.34 21.17
CA TYR A 351 56.79 -16.93 21.34
C TYR A 351 56.95 -16.21 20.01
N ALA A 352 57.17 -16.95 18.93
CA ALA A 352 57.46 -16.38 17.61
C ALA A 352 56.63 -17.15 16.57
N TRP A 353 55.33 -17.20 16.77
CA TRP A 353 54.45 -18.03 15.96
C TRP A 353 54.51 -17.62 14.49
N ASN A 354 54.33 -18.62 13.62
CA ASN A 354 54.41 -18.45 12.17
C ASN A 354 53.00 -18.21 11.63
N ARG A 355 52.73 -16.98 11.18
CA ARG A 355 51.42 -16.67 10.63
C ARG A 355 51.44 -16.82 9.12
N LYS A 356 50.65 -17.77 8.62
CA LYS A 356 50.46 -17.99 7.20
C LYS A 356 49.09 -17.48 6.80
N ARG A 357 49.04 -16.67 5.75
CA ARG A 357 47.77 -16.14 5.26
C ARG A 357 47.22 -17.08 4.20
N ILE A 358 45.99 -17.54 4.39
CA ILE A 358 45.32 -18.43 3.46
C ILE A 358 44.27 -17.63 2.70
N SER A 359 44.39 -17.62 1.37
CA SER A 359 43.50 -16.83 0.54
C SER A 359 43.41 -17.48 -0.83
N ASN A 360 42.37 -17.10 -1.58
CA ASN A 360 42.18 -17.50 -2.96
C ASN A 360 42.32 -19.02 -3.14
N CYS A 361 41.60 -19.77 -2.31
CA CYS A 361 41.72 -21.23 -2.32
C CYS A 361 40.45 -21.83 -1.75
N VAL A 362 40.34 -23.15 -1.86
CA VAL A 362 39.22 -23.91 -1.34
C VAL A 362 39.60 -24.56 -0.01
N ALA A 363 38.93 -24.16 1.06
CA ALA A 363 39.26 -24.60 2.42
C ALA A 363 38.46 -25.86 2.72
N ASP A 364 39.09 -27.02 2.61
CA ASP A 364 38.37 -28.28 2.80
C ASP A 364 38.30 -28.61 4.29
N TYR A 365 37.40 -27.90 4.98
CA TYR A 365 37.28 -28.05 6.43
C TYR A 365 36.72 -29.41 6.82
N SER A 366 36.05 -30.10 5.91
CA SER A 366 35.48 -31.40 6.25
C SER A 366 36.56 -32.39 6.65
N VAL A 367 37.75 -32.27 6.06
CA VAL A 367 38.82 -33.20 6.41
C VAL A 367 39.27 -32.95 7.85
N LEU A 368 39.48 -31.68 8.19
CA LEU A 368 39.92 -31.34 9.54
C LEU A 368 38.87 -31.70 10.58
N TYR A 369 37.59 -31.46 10.27
CA TYR A 369 36.52 -31.80 11.20
C TYR A 369 36.36 -33.31 11.35
N ASN A 370 36.30 -34.02 10.22
CA ASN A 370 35.98 -35.44 10.26
C ASN A 370 37.12 -36.28 10.86
N SER A 371 38.36 -35.85 10.68
CA SER A 371 39.47 -36.68 11.16
C SER A 371 39.53 -36.67 12.69
N ALA A 372 40.20 -37.70 13.23
CA ALA A 372 40.42 -37.87 14.66
C ALA A 372 41.84 -37.50 15.08
N SER A 373 42.60 -36.84 14.21
CA SER A 373 43.99 -36.50 14.53
C SER A 373 44.11 -35.38 15.56
N PHE A 374 43.06 -34.63 15.82
CA PHE A 374 43.12 -33.48 16.70
C PHE A 374 42.48 -33.78 18.05
N SER A 375 43.11 -33.29 19.12
CA SER A 375 42.57 -33.44 20.47
C SER A 375 41.76 -32.24 20.91
N THR A 376 42.03 -31.06 20.35
CA THR A 376 41.31 -29.84 20.67
C THR A 376 40.72 -29.30 19.38
N PHE A 377 39.44 -28.96 19.40
CA PHE A 377 38.86 -28.37 18.21
C PHE A 377 37.75 -27.41 18.68
N LYS A 378 38.18 -26.24 19.15
CA LYS A 378 37.29 -25.27 19.78
C LYS A 378 37.02 -24.16 18.78
N CYS A 379 35.79 -24.13 18.25
CA CYS A 379 35.38 -23.17 17.24
C CYS A 379 34.62 -22.03 17.91
N TYR A 380 35.04 -20.80 17.62
CA TYR A 380 34.46 -19.59 18.22
C TYR A 380 33.83 -18.75 17.12
N GLY A 381 32.52 -18.51 17.23
CA GLY A 381 31.80 -17.71 16.26
C GLY A 381 31.28 -18.47 15.07
N VAL A 382 31.66 -19.74 14.92
CA VAL A 382 31.27 -20.57 13.80
C VAL A 382 30.81 -21.92 14.35
N SER A 383 30.03 -22.61 13.57
CA SER A 383 29.62 -23.96 13.96
C SER A 383 30.55 -24.98 13.34
N PRO A 384 31.10 -25.91 14.15
CA PRO A 384 32.12 -26.83 13.62
C PRO A 384 31.62 -27.71 12.49
N THR A 385 30.31 -27.87 12.34
CA THR A 385 29.77 -28.68 11.26
C THR A 385 29.24 -27.84 10.11
N LYS A 386 29.29 -26.50 10.25
CA LYS A 386 28.80 -25.59 9.21
C LYS A 386 29.93 -24.71 8.71
N LEU A 387 31.17 -25.04 9.06
CA LEU A 387 32.32 -24.22 8.72
C LEU A 387 32.52 -24.09 7.22
N ASN A 388 32.13 -25.11 6.45
CA ASN A 388 32.34 -25.09 5.01
C ASN A 388 31.52 -23.99 4.34
N ASP A 389 30.41 -23.57 4.94
CA ASP A 389 29.53 -22.59 4.32
C ASP A 389 29.86 -21.14 4.70
N LEU A 390 30.91 -20.90 5.47
CA LEU A 390 31.28 -19.55 5.89
C LEU A 390 32.49 -19.03 5.11
N CYS A 391 32.27 -18.02 4.27
CA CYS A 391 33.29 -17.41 3.44
C CYS A 391 33.87 -16.16 4.09
N PHE A 392 35.20 -16.10 4.16
CA PHE A 392 35.92 -15.01 4.81
C PHE A 392 36.91 -14.41 3.84
N THR A 393 37.29 -13.16 4.13
CA THR A 393 38.29 -12.47 3.31
C THR A 393 39.69 -13.03 3.54
N ASN A 394 40.06 -13.27 4.78
CA ASN A 394 41.39 -13.78 5.08
C ASN A 394 41.26 -14.87 6.13
N VAL A 395 42.07 -15.92 5.98
CA VAL A 395 42.26 -16.93 7.01
C VAL A 395 43.72 -16.96 7.40
N TYR A 396 44.00 -16.79 8.68
CA TYR A 396 45.35 -16.77 9.22
C TYR A 396 45.56 -18.03 10.05
N ALA A 397 46.59 -18.79 9.69
CA ALA A 397 46.91 -20.04 10.36
C ALA A 397 48.09 -19.79 11.31
N ASP A 398 47.79 -19.72 12.60
CA ASP A 398 48.80 -19.46 13.62
C ASP A 398 49.27 -20.81 14.18
N SER A 399 50.51 -21.17 13.87
CA SER A 399 51.08 -22.47 14.21
C SER A 399 52.07 -22.30 15.34
N PHE A 400 51.84 -23.04 16.43
CA PHE A 400 52.72 -22.94 17.60
C PHE A 400 52.58 -24.21 18.43
N VAL A 401 53.54 -24.41 19.34
CA VAL A 401 53.53 -25.51 20.29
C VAL A 401 53.41 -24.96 21.70
N ILE A 402 52.49 -25.53 22.47
CA ILE A 402 52.27 -25.18 23.87
C ILE A 402 52.21 -26.48 24.66
N ARG A 403 52.30 -26.36 25.98
CA ARG A 403 52.15 -27.52 26.84
C ARG A 403 50.69 -27.83 27.09
N GLY A 404 50.41 -29.11 27.38
CA GLY A 404 49.06 -29.59 27.61
C GLY A 404 48.24 -28.68 28.50
N ASP A 405 48.81 -28.30 29.65
CA ASP A 405 48.09 -27.46 30.59
C ASP A 405 47.77 -26.10 29.98
N GLU A 406 48.50 -25.70 28.96
CA GLU A 406 48.30 -24.39 28.33
C GLU A 406 47.36 -24.45 27.14
N VAL A 407 46.88 -25.63 26.76
CA VAL A 407 45.98 -25.69 25.62
C VAL A 407 44.72 -24.91 25.95
N ARG A 408 44.30 -24.97 27.22
CA ARG A 408 43.12 -24.24 27.66
C ARG A 408 43.33 -22.74 27.54
N GLN A 409 44.59 -22.30 27.43
CA GLN A 409 44.89 -20.88 27.35
C GLN A 409 44.77 -20.33 25.93
N ILE A 410 44.67 -21.19 24.92
CA ILE A 410 44.59 -20.72 23.53
C ILE A 410 43.10 -20.50 23.30
N ALA A 411 42.62 -19.38 23.79
CA ALA A 411 41.21 -19.01 23.71
C ALA A 411 41.05 -17.54 24.06
N PRO A 412 39.99 -16.89 23.58
CA PRO A 412 39.71 -15.52 24.03
C PRO A 412 39.46 -15.50 25.54
N GLY A 413 40.03 -14.50 26.21
CA GLY A 413 39.80 -14.37 27.63
C GLY A 413 40.74 -15.12 28.55
N GLN A 414 41.72 -15.84 28.03
CA GLN A 414 42.60 -16.60 28.91
C GLN A 414 43.81 -15.75 29.30
N THR A 415 44.38 -16.09 30.46
CA THR A 415 45.56 -15.44 31.02
C THR A 415 46.63 -16.46 31.40
N GLY A 416 47.83 -15.96 31.67
CA GLY A 416 48.97 -16.77 32.06
C GLY A 416 50.25 -16.34 31.37
N LYS A 417 51.34 -17.06 31.63
CA LYS A 417 52.63 -16.66 31.07
C LYS A 417 52.62 -16.65 29.55
N ILE A 418 51.91 -17.59 28.93
CA ILE A 418 51.87 -17.68 27.48
C ILE A 418 50.79 -16.77 26.92
N ALA A 419 49.58 -16.87 27.49
CA ALA A 419 48.44 -16.09 27.04
C ALA A 419 48.70 -14.59 27.13
N ASP A 420 49.44 -14.14 28.15
CA ASP A 420 49.67 -12.72 28.36
C ASP A 420 51.02 -12.24 27.85
N TYR A 421 52.04 -13.08 27.78
CA TYR A 421 53.36 -12.62 27.38
C TYR A 421 53.86 -13.25 26.09
N ASN A 422 53.12 -14.21 25.50
CA ASN A 422 53.59 -14.90 24.31
C ASN A 422 52.61 -14.81 23.15
N TYR A 423 51.39 -15.32 23.33
CA TYR A 423 50.40 -15.37 22.25
C TYR A 423 49.01 -15.00 22.79
N LYS A 424 48.59 -13.77 22.55
CA LYS A 424 47.32 -13.28 23.08
C LYS A 424 46.31 -13.24 21.95
N LEU A 425 45.12 -13.79 22.22
CA LEU A 425 43.96 -13.76 21.33
C LEU A 425 42.96 -12.70 21.76
N PRO A 426 42.32 -12.05 20.79
CA PRO A 426 41.30 -11.03 21.11
C PRO A 426 40.04 -11.69 21.66
N ASP A 427 39.32 -10.92 22.49
CA ASP A 427 38.08 -11.42 23.07
C ASP A 427 37.07 -11.82 22.00
N ASP A 428 37.10 -11.15 20.85
CA ASP A 428 36.19 -11.42 19.75
C ASP A 428 36.85 -12.27 18.67
N PHE A 429 37.86 -13.05 19.03
CA PHE A 429 38.53 -13.94 18.08
C PHE A 429 37.51 -14.82 17.37
N THR A 430 37.63 -14.88 16.05
CA THR A 430 36.79 -15.74 15.24
C THR A 430 37.64 -16.76 14.51
N GLY A 431 37.28 -18.02 14.68
CA GLY A 431 38.02 -19.13 14.11
C GLY A 431 37.97 -20.32 15.04
N CYS A 432 38.77 -21.33 14.72
CA CYS A 432 38.78 -22.56 15.48
C CYS A 432 40.22 -22.87 15.88
N VAL A 433 40.42 -23.29 17.13
CA VAL A 433 41.73 -23.68 17.64
C VAL A 433 41.87 -25.20 17.63
N ILE A 434 42.84 -25.69 16.84
CA ILE A 434 43.07 -27.12 16.65
C ILE A 434 44.47 -27.47 17.16
N ALA A 435 44.54 -28.48 18.02
CA ALA A 435 45.80 -28.92 18.61
C ALA A 435 45.81 -30.43 18.78
N TRP A 436 47.00 -31.01 18.79
CA TRP A 436 47.14 -32.45 18.98
C TRP A 436 48.43 -32.76 19.73
N ASN A 437 48.43 -33.93 20.36
CA ASN A 437 49.57 -34.41 21.14
C ASN A 437 50.74 -34.81 20.23
N SER A 438 51.90 -34.20 20.47
CA SER A 438 53.10 -34.40 19.65
C SER A 438 54.25 -34.97 20.47
N ASN A 439 53.94 -35.68 21.56
CA ASN A 439 54.97 -36.24 22.45
C ASN A 439 56.01 -37.06 21.70
N ASN A 440 55.58 -37.87 20.74
CA ASN A 440 56.50 -38.74 20.02
C ASN A 440 57.21 -38.04 18.87
N LEU A 441 56.95 -36.75 18.68
CA LEU A 441 57.54 -35.98 17.58
C LEU A 441 58.60 -34.98 18.03
N ASP A 442 58.37 -34.24 19.10
CA ASP A 442 59.28 -33.19 19.53
C ASP A 442 60.22 -33.57 20.67
N SER A 443 59.84 -34.47 21.56
CA SER A 443 60.66 -34.75 22.73
C SER A 443 61.96 -35.48 22.37
N LYS A 444 63.01 -35.17 23.13
CA LYS A 444 64.32 -35.80 22.98
C LYS A 444 64.75 -36.42 24.31
N VAL A 445 65.59 -37.46 24.21
CA VAL A 445 66.01 -38.22 25.38
C VAL A 445 66.71 -37.33 26.40
N GLY A 446 67.55 -36.41 25.94
CA GLY A 446 68.28 -35.51 26.80
C GLY A 446 67.53 -34.24 27.10
N GLY A 447 66.30 -34.15 26.61
CA GLY A 447 65.45 -32.99 26.76
C GLY A 447 65.53 -32.19 25.48
N ASN A 448 64.38 -31.92 24.86
CA ASN A 448 64.32 -31.11 23.66
C ASN A 448 64.08 -29.65 24.04
N TYR A 449 65.12 -28.84 23.93
CA TYR A 449 65.07 -27.44 24.37
C TYR A 449 65.03 -26.50 23.18
N ASN A 450 64.70 -27.00 21.99
CA ASN A 450 64.66 -26.15 20.80
C ASN A 450 63.38 -25.34 20.69
N TYR A 451 62.39 -25.61 21.54
CA TYR A 451 61.13 -24.87 21.53
C TYR A 451 61.15 -23.92 22.71
N LEU A 452 61.00 -22.63 22.44
CA LEU A 452 61.03 -21.61 23.48
C LEU A 452 59.75 -20.80 23.48
N TYR A 453 59.43 -20.23 24.64
CA TYR A 453 58.30 -19.34 24.81
C TYR A 453 58.77 -18.13 25.60
N ARG A 454 58.05 -17.02 25.42
CA ARG A 454 58.40 -15.81 26.14
C ARG A 454 57.72 -15.83 27.50
N LEU A 455 58.51 -15.58 28.53
CA LEU A 455 58.07 -15.60 29.92
C LEU A 455 57.98 -14.21 30.52
N PHE A 456 58.93 -13.34 30.18
CA PHE A 456 59.04 -12.00 30.75
C PHE A 456 58.89 -11.00 29.62
N ARG A 457 57.99 -10.03 29.82
CA ARG A 457 57.79 -8.96 28.88
C ARG A 457 57.31 -7.73 29.66
N LYS A 458 57.64 -6.55 29.14
CA LYS A 458 57.24 -5.31 29.79
C LYS A 458 55.72 -5.19 29.86
N SER A 459 55.00 -5.68 28.86
CA SER A 459 53.54 -5.59 28.83
C SER A 459 53.00 -6.75 28.02
N ASN A 460 51.68 -6.88 28.04
CA ASN A 460 51.04 -7.96 27.30
C ASN A 460 50.98 -7.62 25.81
N LEU A 461 50.89 -8.67 25.01
CA LEU A 461 50.80 -8.51 23.56
C LEU A 461 49.40 -8.07 23.15
N LYS A 462 49.35 -7.38 22.01
CA LYS A 462 48.11 -7.06 21.33
C LYS A 462 47.68 -8.28 20.53
N PRO A 463 46.41 -8.39 20.16
CA PRO A 463 45.98 -9.53 19.34
C PRO A 463 46.86 -9.65 18.10
N PHE A 464 47.37 -10.85 17.88
CA PHE A 464 48.25 -11.17 16.76
C PHE A 464 49.52 -10.31 16.74
N GLU A 465 49.95 -9.82 17.90
CA GLU A 465 51.22 -9.10 17.97
C GLU A 465 52.36 -10.10 18.11
N ARG A 466 53.41 -9.91 17.32
CA ARG A 466 54.57 -10.81 17.33
C ARG A 466 55.81 -10.07 17.81
N ASP A 467 56.16 -10.20 19.09
CA ASP A 467 57.31 -9.52 19.66
C ASP A 467 58.45 -10.52 19.73
N ILE A 468 59.47 -10.31 18.91
CA ILE A 468 60.58 -11.25 18.80
C ILE A 468 61.90 -10.66 19.25
N SER A 469 61.86 -9.60 20.06
CA SER A 469 63.10 -9.01 20.57
C SER A 469 63.80 -9.98 21.52
N THR A 470 65.14 -9.98 21.46
CA THR A 470 65.94 -10.83 22.33
C THR A 470 66.77 -10.03 23.32
N GLU A 471 66.44 -8.76 23.50
CA GLU A 471 67.16 -7.90 24.44
C GLU A 471 67.03 -8.47 25.84
N ILE A 472 68.14 -8.49 26.59
CA ILE A 472 68.07 -9.03 27.94
C ILE A 472 67.13 -8.15 28.75
N TYR A 473 66.15 -8.79 29.39
CA TYR A 473 65.14 -8.04 30.12
C TYR A 473 65.71 -7.47 31.42
N GLN A 474 65.49 -6.19 31.63
CA GLN A 474 65.92 -5.50 32.85
C GLN A 474 64.72 -5.48 33.78
N ALA A 475 64.76 -6.31 34.83
CA ALA A 475 63.62 -6.37 35.73
C ALA A 475 63.67 -5.28 36.78
N GLY A 476 64.86 -4.83 37.13
CA GLY A 476 65.07 -3.82 38.15
C GLY A 476 65.39 -2.47 37.54
N SER A 477 66.14 -1.66 38.28
CA SER A 477 66.51 -0.32 37.84
C SER A 477 67.97 -0.23 37.41
N THR A 478 68.73 -1.32 37.55
CA THR A 478 70.14 -1.33 37.17
C THR A 478 70.27 -1.74 35.72
N PRO A 479 70.86 -0.91 34.85
CA PRO A 479 71.08 -1.33 33.46
C PRO A 479 71.90 -2.61 33.41
N CYS A 480 71.48 -3.53 32.54
CA CYS A 480 72.18 -4.81 32.47
C CYS A 480 73.44 -4.71 31.63
N ASN A 481 73.41 -3.90 30.58
CA ASN A 481 74.55 -3.67 29.69
C ASN A 481 75.13 -4.99 29.16
N GLY A 482 74.25 -5.93 28.86
CA GLY A 482 74.69 -7.20 28.30
C GLY A 482 75.17 -8.21 29.32
N VAL A 483 75.08 -7.91 30.61
CA VAL A 483 75.56 -8.78 31.67
C VAL A 483 74.38 -9.25 32.51
N GLU A 484 74.25 -10.56 32.67
CA GLU A 484 73.19 -11.13 33.50
C GLU A 484 73.59 -11.03 34.96
N GLY A 485 72.58 -10.96 35.82
CA GLY A 485 72.84 -10.77 37.24
C GLY A 485 71.55 -10.45 37.98
N PHE A 486 71.71 -9.82 39.14
CA PHE A 486 70.57 -9.47 39.98
C PHE A 486 69.71 -8.44 39.26
N ASN A 487 68.40 -8.73 39.15
CA ASN A 487 67.44 -7.92 38.42
C ASN A 487 67.72 -7.88 36.93
N CYS A 488 68.53 -8.82 36.42
CA CYS A 488 68.78 -8.94 34.99
C CYS A 488 68.51 -10.37 34.52
N TYR A 489 67.34 -10.58 33.92
CA TYR A 489 66.86 -11.90 33.54
C TYR A 489 66.56 -11.91 32.05
N PHE A 490 66.92 -12.98 31.36
CA PHE A 490 66.59 -13.10 29.95
C PHE A 490 65.08 -13.26 29.78
N PRO A 491 64.43 -12.49 28.91
CA PRO A 491 62.96 -12.52 28.85
C PRO A 491 62.36 -13.84 28.39
N LEU A 492 63.12 -14.70 27.70
CA LEU A 492 62.60 -15.95 27.17
C LEU A 492 63.19 -17.13 27.95
N GLN A 493 62.44 -18.25 27.95
CA GLN A 493 62.97 -19.49 28.51
C GLN A 493 62.51 -20.67 27.66
N SER A 494 63.39 -21.68 27.59
CA SER A 494 63.15 -22.89 26.81
C SER A 494 62.36 -23.92 27.62
N TYR A 495 61.69 -24.82 26.89
CA TYR A 495 60.99 -25.95 27.49
C TYR A 495 61.86 -27.19 27.53
N GLY A 496 61.89 -27.86 28.68
CA GLY A 496 62.61 -29.11 28.83
C GLY A 496 61.76 -30.28 28.40
N PHE A 497 61.53 -30.42 27.10
CA PHE A 497 60.65 -31.46 26.56
C PHE A 497 61.39 -32.80 26.50
N GLN A 498 60.90 -33.78 27.25
CA GLN A 498 61.55 -35.08 27.36
C GLN A 498 60.53 -36.21 27.23
N PRO A 499 60.95 -37.36 26.68
CA PRO A 499 60.02 -38.49 26.52
C PRO A 499 59.53 -39.09 27.84
N THR A 500 60.14 -38.73 28.96
CA THR A 500 59.75 -39.27 30.25
C THR A 500 58.88 -38.30 31.03
N ASN A 501 58.57 -37.16 30.43
CA ASN A 501 57.74 -36.15 31.07
C ASN A 501 56.31 -36.65 31.13
N GLY A 502 55.57 -36.18 32.13
CA GLY A 502 54.16 -36.46 32.21
C GLY A 502 53.39 -35.71 31.15
N VAL A 503 52.12 -36.11 30.97
CA VAL A 503 51.32 -35.58 29.87
C VAL A 503 51.26 -34.06 29.94
N GLY A 504 51.13 -33.51 31.14
CA GLY A 504 51.05 -32.07 31.28
C GLY A 504 52.30 -31.35 30.80
N TYR A 505 53.41 -32.07 30.69
CA TYR A 505 54.68 -31.52 30.26
C TYR A 505 55.13 -32.05 28.91
N GLN A 506 54.28 -32.82 28.22
CA GLN A 506 54.61 -33.30 26.90
C GLN A 506 54.29 -32.22 25.87
N PRO A 507 55.01 -32.18 24.75
CA PRO A 507 54.67 -31.20 23.71
C PRO A 507 53.37 -31.55 23.00
N TYR A 508 52.63 -30.51 22.65
CA TYR A 508 51.44 -30.59 21.81
C TYR A 508 51.59 -29.60 20.66
N ARG A 509 51.22 -30.02 19.46
CA ARG A 509 51.24 -29.14 18.29
C ARG A 509 49.87 -28.52 18.13
N VAL A 510 49.82 -27.19 18.10
CA VAL A 510 48.59 -26.42 18.04
C VAL A 510 48.57 -25.59 16.77
N VAL A 511 47.48 -25.67 16.02
CA VAL A 511 47.27 -24.84 14.84
C VAL A 511 45.96 -24.10 15.02
N VAL A 512 46.02 -22.78 15.03
CA VAL A 512 44.85 -21.92 15.17
C VAL A 512 44.54 -21.29 13.82
N LEU A 513 43.33 -21.50 13.34
CA LEU A 513 42.88 -20.95 12.06
C LEU A 513 42.02 -19.73 12.38
N SER A 514 42.60 -18.55 12.19
CA SER A 514 41.91 -17.31 12.49
C SER A 514 41.14 -16.87 11.25
N PHE A 515 39.86 -16.56 11.43
CA PHE A 515 38.99 -16.21 10.33
C PHE A 515 38.79 -14.69 10.34
N GLU A 516 39.28 -14.03 9.31
CA GLU A 516 39.22 -12.57 9.22
C GLU A 516 38.36 -12.17 8.03
N LEU A 517 37.33 -11.36 8.30
CA LEU A 517 36.46 -10.86 7.25
C LEU A 517 36.69 -9.36 7.13
N LEU A 518 37.24 -8.95 5.99
CA LEU A 518 37.56 -7.56 5.70
C LEU A 518 36.63 -7.05 4.62
N HIS A 519 36.76 -5.77 4.32
CA HIS A 519 36.00 -5.16 3.21
C HIS A 519 36.64 -5.60 1.91
N ALA A 520 36.40 -6.87 1.57
CA ALA A 520 37.09 -7.51 0.46
C ALA A 520 36.19 -8.58 -0.13
N PRO A 521 36.49 -9.05 -1.35
CA PRO A 521 35.68 -10.11 -1.99
C PRO A 521 35.47 -11.40 -1.19
N ALA A 522 36.33 -11.71 -0.22
CA ALA A 522 36.25 -12.94 0.56
C ALA A 522 36.55 -14.15 -0.31
N THR A 523 37.83 -14.44 -0.50
CA THR A 523 38.34 -15.41 -1.45
C THR A 523 38.49 -16.84 -0.90
N VAL A 524 38.42 -17.06 0.40
CA VAL A 524 38.60 -18.40 0.97
C VAL A 524 37.27 -18.97 1.46
N CYS A 525 36.86 -20.09 0.85
CA CYS A 525 35.61 -20.78 1.12
C CYS A 525 35.85 -22.28 1.10
N GLY A 526 34.90 -23.01 1.66
CA GLY A 526 34.97 -24.45 1.69
C GLY A 526 34.56 -25.08 0.38
N PRO A 527 34.58 -26.41 0.35
CA PRO A 527 34.17 -27.11 -0.88
C PRO A 527 32.67 -26.95 -1.09
N LYS A 528 32.27 -27.03 -2.34
CA LYS A 528 30.86 -26.87 -2.67
C LYS A 528 30.17 -28.21 -2.95
N LYS A 529 28.90 -28.25 -2.62
CA LYS A 529 28.03 -29.38 -2.88
C LYS A 529 27.68 -29.48 -4.36
N SER A 530 27.56 -30.71 -4.87
CA SER A 530 27.06 -30.91 -6.22
C SER A 530 26.21 -32.16 -6.24
N THR A 531 25.19 -32.16 -7.11
CA THR A 531 24.31 -33.31 -7.25
C THR A 531 24.22 -33.75 -8.70
N ASN A 532 23.58 -34.90 -8.90
CA ASN A 532 23.37 -35.45 -10.24
C ASN A 532 22.42 -34.57 -11.06
N LEU A 533 22.71 -34.49 -12.37
CA LEU A 533 21.86 -33.76 -13.30
C LEU A 533 20.61 -34.58 -13.64
N VAL A 534 19.45 -33.95 -13.56
CA VAL A 534 18.18 -34.60 -13.89
C VAL A 534 17.60 -33.91 -15.12
N LYS A 535 17.39 -34.67 -16.19
CA LYS A 535 16.88 -34.12 -17.43
C LYS A 535 15.42 -34.49 -17.61
N ASN A 536 14.71 -33.67 -18.39
CA ASN A 536 13.34 -33.93 -18.81
C ASN A 536 12.37 -34.00 -17.64
N LYS A 537 12.71 -33.40 -16.50
CA LYS A 537 11.83 -33.37 -15.34
C LYS A 537 11.87 -32.01 -14.69
N CYS A 538 10.78 -31.63 -14.04
CA CYS A 538 10.79 -30.41 -13.25
C CYS A 538 11.65 -30.60 -12.02
N VAL A 539 12.64 -29.74 -11.84
CA VAL A 539 13.51 -29.75 -10.67
C VAL A 539 13.67 -28.33 -10.18
N ASN A 540 14.04 -28.22 -8.91
CA ASN A 540 14.44 -26.95 -8.33
C ASN A 540 15.96 -26.86 -8.50
N PHE A 541 16.42 -26.02 -9.40
CA PHE A 541 17.83 -26.03 -9.75
C PHE A 541 18.54 -24.80 -9.21
N ASN A 542 19.86 -24.95 -9.04
CA ASN A 542 20.76 -23.86 -8.67
C ASN A 542 22.08 -24.08 -9.40
N PHE A 543 22.32 -23.31 -10.45
CA PHE A 543 23.56 -23.41 -11.22
C PHE A 543 24.41 -22.18 -10.89
N ASN A 544 25.43 -22.39 -10.06
CA ASN A 544 26.22 -21.28 -9.51
C ASN A 544 25.29 -20.36 -8.74
N GLY A 545 24.97 -19.20 -9.33
CA GLY A 545 24.10 -18.24 -8.70
C GLY A 545 22.76 -18.12 -9.39
N LEU A 546 22.46 -18.98 -10.35
CA LEU A 546 21.22 -18.92 -11.11
C LEU A 546 20.27 -19.97 -10.55
N THR A 547 19.15 -19.50 -9.98
CA THR A 547 18.20 -20.40 -9.35
C THR A 547 16.84 -20.28 -10.00
N GLY A 548 16.06 -21.34 -9.87
CA GLY A 548 14.70 -21.33 -10.37
C GLY A 548 14.17 -22.75 -10.48
N THR A 549 12.98 -22.84 -11.06
CA THR A 549 12.29 -24.10 -11.27
C THR A 549 12.00 -24.30 -12.74
N GLY A 550 12.29 -25.48 -13.26
CA GLY A 550 12.02 -25.73 -14.66
C GLY A 550 12.50 -27.09 -15.09
N VAL A 551 12.28 -27.37 -16.37
CA VAL A 551 12.66 -28.64 -16.99
C VAL A 551 13.90 -28.41 -17.82
N LEU A 552 14.93 -29.22 -17.61
CA LEU A 552 16.19 -29.06 -18.31
C LEU A 552 16.33 -30.16 -19.35
N THR A 553 16.71 -29.77 -20.56
CA THR A 553 16.91 -30.68 -21.67
C THR A 553 18.23 -30.35 -22.36
N GLU A 554 18.69 -31.25 -23.22
CA GLU A 554 19.91 -30.97 -23.96
C GLU A 554 19.66 -29.76 -24.86
N SER A 555 20.62 -28.83 -24.87
CA SER A 555 20.51 -27.65 -25.71
C SER A 555 21.26 -27.83 -27.02
N ASN A 556 20.76 -27.17 -28.07
CA ASN A 556 21.47 -27.13 -29.34
C ASN A 556 22.07 -25.76 -29.60
N LYS A 557 22.17 -24.93 -28.57
CA LYS A 557 22.77 -23.60 -28.68
C LYS A 557 24.27 -23.68 -28.48
N LYS A 558 25.00 -22.75 -29.08
CA LYS A 558 26.44 -22.68 -28.92
C LYS A 558 26.82 -21.39 -28.19
N PHE A 559 27.33 -21.53 -26.98
CA PHE A 559 27.77 -20.41 -26.17
C PHE A 559 29.22 -20.07 -26.46
N LEU A 560 29.57 -18.80 -26.27
CA LEU A 560 30.96 -18.43 -26.40
C LEU A 560 31.74 -18.98 -25.21
N PRO A 561 33.05 -19.17 -25.37
CA PRO A 561 33.86 -19.77 -24.30
C PRO A 561 33.78 -19.12 -22.92
N PHE A 562 33.38 -17.86 -22.85
CA PHE A 562 33.33 -17.16 -21.57
C PHE A 562 31.91 -16.91 -21.06
N GLN A 563 30.90 -17.37 -21.77
CA GLN A 563 29.51 -17.13 -21.39
C GLN A 563 28.99 -18.27 -20.52
N GLN A 564 28.47 -17.92 -19.35
CA GLN A 564 28.02 -18.93 -18.39
C GLN A 564 26.56 -19.29 -18.54
N PHE A 565 25.71 -18.37 -18.99
CA PHE A 565 24.31 -18.70 -19.17
C PHE A 565 23.71 -17.83 -20.26
N GLY A 566 22.56 -18.27 -20.77
CA GLY A 566 21.83 -17.54 -21.78
C GLY A 566 20.59 -16.90 -21.21
N ARG A 567 20.23 -15.76 -21.77
CA ARG A 567 19.07 -15.00 -21.34
C ARG A 567 18.33 -14.52 -22.58
N ASP A 568 16.99 -14.59 -22.54
CA ASP A 568 16.18 -14.23 -23.69
C ASP A 568 15.88 -12.74 -23.71
N ILE A 569 15.00 -12.34 -24.63
CA ILE A 569 14.67 -10.93 -24.85
C ILE A 569 13.89 -10.30 -23.72
N ALA A 570 13.43 -11.09 -22.75
CA ALA A 570 12.63 -10.59 -21.64
C ALA A 570 13.33 -10.75 -20.31
N ASP A 571 14.66 -10.83 -20.34
CA ASP A 571 15.49 -10.97 -19.14
C ASP A 571 15.15 -12.23 -18.35
N THR A 572 14.73 -13.27 -19.07
CA THR A 572 14.42 -14.56 -18.48
C THR A 572 15.53 -15.52 -18.84
N THR A 573 16.05 -16.25 -17.87
CA THR A 573 17.08 -17.22 -18.15
C THR A 573 16.48 -18.36 -18.97
N ASP A 574 17.10 -18.67 -20.11
CA ASP A 574 16.59 -19.74 -20.95
C ASP A 574 17.65 -20.77 -21.29
N ALA A 575 18.86 -20.63 -20.77
CA ALA A 575 19.90 -21.63 -20.96
C ALA A 575 20.95 -21.41 -19.88
N VAL A 576 21.58 -22.50 -19.45
CA VAL A 576 22.71 -22.43 -18.54
C VAL A 576 23.81 -23.36 -19.01
N ARG A 577 25.04 -23.02 -18.67
CA ARG A 577 26.16 -23.92 -18.84
C ARG A 577 26.33 -24.73 -17.56
N ASP A 578 26.47 -26.04 -17.70
CA ASP A 578 26.71 -26.87 -16.53
C ASP A 578 28.10 -26.58 -15.98
N PRO A 579 28.23 -26.13 -14.74
CA PRO A 579 29.54 -25.82 -14.17
C PRO A 579 30.56 -26.95 -14.24
N GLN A 580 30.13 -28.21 -14.30
CA GLN A 580 31.08 -29.30 -14.32
C GLN A 580 31.36 -29.74 -15.76
N THR A 581 30.52 -30.61 -16.30
CA THR A 581 30.64 -30.94 -17.71
C THR A 581 30.15 -29.75 -18.51
N LEU A 582 30.90 -29.33 -19.52
CA LEU A 582 30.57 -28.07 -20.18
C LEU A 582 29.48 -28.31 -21.22
N GLU A 583 28.34 -28.76 -20.72
CA GLU A 583 27.14 -29.02 -21.49
C GLU A 583 26.24 -27.79 -21.41
N ILE A 584 25.57 -27.46 -22.49
CA ILE A 584 24.62 -26.36 -22.48
C ILE A 584 23.24 -26.95 -22.31
N LEU A 585 22.51 -26.44 -21.32
CA LEU A 585 21.18 -26.93 -20.99
C LEU A 585 20.14 -25.84 -21.18
N ASP A 586 19.02 -26.19 -21.79
CA ASP A 586 17.91 -25.27 -21.96
C ASP A 586 16.98 -25.40 -20.76
N ILE A 587 16.42 -24.29 -20.31
CA ILE A 587 15.47 -24.31 -19.21
C ILE A 587 14.08 -24.03 -19.75
N THR A 588 13.21 -25.00 -19.65
CA THR A 588 11.81 -24.93 -20.06
C THR A 588 10.91 -24.81 -18.84
N PRO A 589 10.06 -23.80 -18.76
CA PRO A 589 9.23 -23.65 -17.55
C PRO A 589 8.30 -24.84 -17.40
N CYS A 590 8.03 -25.19 -16.14
CA CYS A 590 7.16 -26.32 -15.86
C CYS A 590 5.75 -26.07 -16.38
N SER A 591 5.20 -27.07 -17.08
CA SER A 591 3.89 -26.92 -17.68
C SER A 591 2.86 -26.53 -16.63
N PHE A 592 2.00 -25.60 -16.98
CA PHE A 592 0.93 -25.19 -16.08
C PHE A 592 -0.22 -24.67 -16.92
N GLY A 593 -1.38 -24.57 -16.30
CA GLY A 593 -2.51 -23.98 -17.00
C GLY A 593 -3.80 -24.16 -16.24
N GLY A 594 -4.80 -23.42 -16.71
CA GLY A 594 -6.10 -23.48 -16.09
C GLY A 594 -6.76 -24.82 -16.33
N VAL A 595 -7.62 -25.22 -15.40
CA VAL A 595 -8.39 -26.45 -15.54
C VAL A 595 -9.85 -26.09 -15.70
N SER A 596 -10.43 -26.51 -16.82
CA SER A 596 -11.81 -26.21 -17.16
C SER A 596 -12.57 -27.53 -17.21
N VAL A 597 -13.81 -27.51 -16.76
CA VAL A 597 -14.66 -28.69 -16.74
C VAL A 597 -15.69 -28.58 -17.83
N ILE A 598 -15.70 -29.57 -18.73
CA ILE A 598 -16.62 -29.57 -19.85
C ILE A 598 -17.74 -30.51 -19.44
N THR A 599 -18.96 -29.99 -19.41
CA THR A 599 -20.02 -30.83 -18.91
C THR A 599 -21.37 -30.36 -19.45
N PRO A 600 -22.28 -31.29 -19.69
CA PRO A 600 -23.67 -30.90 -19.88
C PRO A 600 -24.15 -30.46 -18.51
N GLY A 601 -25.21 -29.69 -18.48
CA GLY A 601 -25.68 -29.20 -17.21
C GLY A 601 -26.09 -30.33 -16.30
N THR A 602 -26.10 -30.03 -15.00
CA THR A 602 -26.45 -31.03 -14.00
C THR A 602 -27.89 -31.47 -14.16
N ASN A 603 -28.63 -30.78 -15.01
CA ASN A 603 -29.98 -31.18 -15.39
C ASN A 603 -30.03 -32.45 -16.20
N THR A 604 -28.94 -32.84 -16.86
CA THR A 604 -28.96 -34.03 -17.69
C THR A 604 -28.09 -35.17 -17.18
N SER A 605 -26.87 -34.87 -16.79
CA SER A 605 -25.94 -35.92 -16.39
C SER A 605 -24.89 -35.31 -15.48
N ASN A 606 -24.39 -36.14 -14.56
CA ASN A 606 -23.33 -35.74 -13.66
C ASN A 606 -21.98 -36.20 -14.16
N GLN A 607 -21.92 -36.66 -15.41
CA GLN A 607 -20.66 -37.06 -16.01
C GLN A 607 -20.01 -35.80 -16.55
N VAL A 608 -18.70 -35.67 -16.35
CA VAL A 608 -17.99 -34.50 -16.84
C VAL A 608 -16.74 -34.92 -17.60
N ALA A 609 -16.23 -33.99 -18.39
CA ALA A 609 -14.94 -34.11 -19.04
C ALA A 609 -14.09 -32.94 -18.57
N VAL A 610 -12.78 -33.16 -18.47
CA VAL A 610 -11.88 -32.15 -17.95
C VAL A 610 -10.81 -31.84 -18.98
N LEU A 611 -10.62 -30.55 -19.25
CA LEU A 611 -9.62 -30.06 -20.19
C LEU A 611 -8.43 -29.48 -19.42
N TYR A 612 -7.23 -29.93 -19.75
CA TYR A 612 -5.99 -29.38 -19.21
C TYR A 612 -5.34 -28.51 -20.27
N GLN A 613 -5.37 -27.19 -20.06
CA GLN A 613 -4.99 -26.23 -21.10
C GLN A 613 -3.50 -26.23 -21.42
N ASP A 614 -3.21 -26.36 -22.72
CA ASP A 614 -1.87 -26.35 -23.31
C ASP A 614 -0.91 -27.36 -22.68
N VAL A 615 -1.40 -28.54 -22.34
CA VAL A 615 -0.57 -29.60 -21.77
C VAL A 615 -0.74 -30.89 -22.55
N ASN A 616 0.34 -31.64 -22.74
CA ASN A 616 0.22 -32.95 -23.37
C ASN A 616 -0.28 -33.97 -22.35
N CYS A 617 -1.03 -34.94 -22.86
CA CYS A 617 -1.68 -35.99 -22.08
C CYS A 617 -0.69 -36.95 -21.43
N THR A 618 0.57 -36.91 -21.85
CA THR A 618 1.57 -37.74 -21.22
C THR A 618 2.10 -37.08 -19.96
N GLU A 619 1.76 -35.82 -19.71
CA GLU A 619 2.24 -35.11 -18.53
C GLU A 619 1.24 -35.12 -17.38
N VAL A 620 -0.05 -35.27 -17.68
CA VAL A 620 -1.09 -35.24 -16.67
C VAL A 620 -1.10 -36.55 -15.91
N ASN A 641 -10.49 -42.89 -22.31
CA ASN A 641 -10.83 -41.76 -23.17
C ASN A 641 -9.94 -40.56 -22.87
N VAL A 642 -8.76 -40.56 -23.48
CA VAL A 642 -7.81 -39.46 -23.39
C VAL A 642 -7.51 -38.97 -24.80
N PHE A 643 -7.87 -37.73 -25.07
CA PHE A 643 -7.73 -37.13 -26.40
C PHE A 643 -6.85 -35.90 -26.35
N GLN A 644 -5.74 -35.94 -27.09
CA GLN A 644 -4.81 -34.82 -27.15
C GLN A 644 -5.24 -33.90 -28.30
N THR A 645 -5.53 -32.65 -27.98
CA THR A 645 -5.95 -31.68 -28.98
C THR A 645 -5.07 -30.44 -28.90
N ARG A 646 -5.29 -29.52 -29.84
CA ARG A 646 -4.47 -28.32 -29.93
C ARG A 646 -4.69 -27.39 -28.75
N ALA A 647 -5.80 -27.53 -28.04
CA ALA A 647 -6.11 -26.69 -26.90
C ALA A 647 -5.58 -27.24 -25.59
N GLY A 648 -5.03 -28.44 -25.58
CA GLY A 648 -4.62 -29.08 -24.35
C GLY A 648 -5.04 -30.53 -24.33
N CYS A 649 -4.98 -31.13 -23.14
CA CYS A 649 -5.33 -32.52 -22.95
C CYS A 649 -6.76 -32.61 -22.46
N LEU A 650 -7.60 -33.29 -23.24
CA LEU A 650 -9.02 -33.46 -22.94
C LEU A 650 -9.22 -34.89 -22.45
N ILE A 651 -9.68 -35.04 -21.22
CA ILE A 651 -9.86 -36.35 -20.61
C ILE A 651 -11.33 -36.57 -20.30
N GLY A 652 -11.86 -37.71 -20.74
CA GLY A 652 -13.22 -38.11 -20.51
C GLY A 652 -14.11 -38.02 -21.73
N ALA A 653 -13.69 -37.27 -22.76
CA ALA A 653 -14.46 -37.16 -23.98
C ALA A 653 -13.96 -38.16 -25.01
N GLU A 654 -14.90 -38.74 -25.76
CA GLU A 654 -14.55 -39.67 -26.83
C GLU A 654 -14.47 -38.91 -28.15
N HIS A 655 -13.28 -38.88 -28.75
CA HIS A 655 -13.09 -38.18 -30.02
C HIS A 655 -13.68 -39.01 -31.16
N VAL A 656 -14.38 -38.36 -32.08
CA VAL A 656 -14.97 -39.05 -33.21
C VAL A 656 -14.61 -38.36 -34.51
N ASN A 657 -14.73 -39.13 -35.60
CA ASN A 657 -14.45 -38.58 -36.92
C ASN A 657 -15.60 -37.70 -37.41
N ASN A 658 -16.83 -38.00 -36.99
CA ASN A 658 -17.99 -37.28 -37.48
C ASN A 658 -18.00 -35.86 -36.94
N SER A 659 -18.20 -34.90 -37.83
CA SER A 659 -18.33 -33.50 -37.46
C SER A 659 -19.79 -33.13 -37.24
N TYR A 660 -20.01 -32.11 -36.42
CA TYR A 660 -21.35 -31.61 -36.15
C TYR A 660 -21.28 -30.11 -35.93
N GLU A 661 -22.44 -29.50 -35.74
CA GLU A 661 -22.51 -28.09 -35.39
C GLU A 661 -21.91 -27.88 -34.00
N CYS A 662 -21.19 -26.78 -33.83
CA CYS A 662 -20.55 -26.54 -32.54
C CYS A 662 -21.60 -26.37 -31.44
N ASP A 663 -21.38 -27.04 -30.33
CA ASP A 663 -22.28 -27.03 -29.19
C ASP A 663 -21.60 -26.32 -28.03
N ILE A 664 -20.67 -27.00 -27.39
CA ILE A 664 -19.85 -26.40 -26.34
C ILE A 664 -18.43 -26.18 -26.86
N PRO A 665 -18.06 -24.93 -27.17
CA PRO A 665 -16.76 -24.69 -27.80
C PRO A 665 -15.62 -25.01 -26.85
N ILE A 666 -14.57 -25.62 -27.40
CA ILE A 666 -13.35 -25.90 -26.66
C ILE A 666 -12.21 -24.99 -27.09
N GLY A 667 -11.99 -24.88 -28.38
CA GLY A 667 -10.94 -24.04 -28.93
C GLY A 667 -10.24 -24.80 -30.04
N ALA A 668 -9.60 -24.05 -30.93
CA ALA A 668 -8.82 -24.64 -32.02
C ALA A 668 -9.65 -25.60 -32.86
N GLY A 669 -10.91 -25.25 -33.10
CA GLY A 669 -11.74 -26.06 -33.97
C GLY A 669 -12.49 -27.20 -33.31
N ILE A 670 -12.26 -27.46 -32.02
CA ILE A 670 -12.90 -28.57 -31.32
C ILE A 670 -14.05 -28.07 -30.46
N CYS A 671 -15.20 -28.73 -30.55
CA CYS A 671 -16.36 -28.46 -29.72
C CYS A 671 -16.82 -29.76 -29.07
N ALA A 672 -17.43 -29.67 -27.90
CA ALA A 672 -17.97 -30.83 -27.22
C ALA A 672 -19.50 -30.79 -27.22
N SER A 673 -20.09 -31.98 -27.13
CA SER A 673 -21.54 -32.12 -27.06
C SER A 673 -21.87 -33.41 -26.31
N TYR A 674 -23.05 -33.42 -25.69
CA TYR A 674 -23.55 -34.60 -25.00
C TYR A 674 -24.47 -35.38 -25.93
N GLN A 675 -24.06 -36.59 -26.27
CA GLN A 675 -24.76 -37.40 -27.26
C GLN A 675 -25.00 -38.79 -26.71
N THR A 676 -26.02 -39.46 -27.25
CA THR A 676 -26.33 -40.82 -26.87
C THR A 676 -25.52 -41.83 -27.69
N GLN A 690 -25.15 -42.94 -23.31
CA GLN A 690 -24.73 -41.57 -23.64
C GLN A 690 -23.38 -41.24 -23.02
N SER A 691 -22.66 -40.33 -23.66
CA SER A 691 -21.33 -39.91 -23.19
C SER A 691 -21.02 -38.55 -23.80
N ILE A 692 -19.96 -37.93 -23.29
CA ILE A 692 -19.45 -36.68 -23.85
C ILE A 692 -18.46 -36.99 -24.96
N ILE A 693 -18.63 -36.32 -26.10
CA ILE A 693 -17.77 -36.51 -27.26
C ILE A 693 -17.09 -35.21 -27.62
N ALA A 694 -16.00 -35.33 -28.38
CA ALA A 694 -15.26 -34.20 -28.91
C ALA A 694 -15.16 -34.35 -30.43
N TYR A 695 -15.31 -33.24 -31.14
CA TYR A 695 -15.28 -33.29 -32.59
C TYR A 695 -14.85 -31.93 -33.14
N THR A 696 -14.47 -31.94 -34.42
CA THR A 696 -14.20 -30.70 -35.13
C THR A 696 -15.53 -30.12 -35.54
N MET A 697 -15.76 -28.85 -35.21
CA MET A 697 -17.08 -28.30 -35.46
C MET A 697 -17.35 -28.13 -36.95
N SER A 698 -18.61 -28.34 -37.31
CA SER A 698 -19.05 -28.06 -38.66
C SER A 698 -19.36 -26.58 -38.70
N LEU A 699 -19.17 -25.97 -39.86
CA LEU A 699 -19.46 -24.56 -39.98
C LEU A 699 -20.84 -24.33 -40.57
N GLY A 700 -21.59 -25.41 -40.80
CA GLY A 700 -22.91 -25.35 -41.38
C GLY A 700 -23.04 -26.34 -42.51
N ALA A 701 -24.28 -26.58 -42.89
CA ALA A 701 -24.50 -27.50 -43.99
C ALA A 701 -23.99 -26.87 -45.28
N GLU A 702 -23.47 -27.70 -46.16
CA GLU A 702 -23.03 -27.19 -47.45
C GLU A 702 -24.24 -27.03 -48.36
N ASN A 703 -24.22 -26.00 -49.18
CA ASN A 703 -25.30 -25.77 -50.12
C ASN A 703 -24.69 -25.20 -51.39
N SER A 704 -24.40 -26.08 -52.34
CA SER A 704 -23.85 -25.61 -53.59
C SER A 704 -24.93 -24.81 -54.29
N VAL A 705 -24.53 -23.70 -54.86
CA VAL A 705 -25.45 -22.86 -55.61
C VAL A 705 -25.36 -23.22 -57.08
N ALA A 706 -26.52 -23.39 -57.70
CA ALA A 706 -26.61 -23.78 -59.10
C ALA A 706 -26.33 -22.56 -59.99
N TYR A 707 -25.07 -22.11 -59.99
CA TYR A 707 -24.71 -20.95 -60.78
C TYR A 707 -24.67 -21.44 -62.26
N SER A 708 -25.23 -20.64 -63.21
CA SER A 708 -25.22 -20.94 -64.66
C SER A 708 -25.36 -19.70 -65.56
N ASN A 709 -25.12 -19.87 -66.91
CA ASN A 709 -25.25 -18.61 -67.70
C ASN A 709 -26.68 -18.21 -67.97
N ASN A 710 -27.62 -19.05 -67.69
CA ASN A 710 -28.99 -18.80 -68.07
C ASN A 710 -30.00 -19.06 -66.98
N SER A 711 -29.63 -18.92 -65.72
CA SER A 711 -30.62 -19.24 -64.73
C SER A 711 -30.68 -18.20 -63.64
N ILE A 712 -31.91 -17.80 -63.36
CA ILE A 712 -32.23 -16.82 -62.37
C ILE A 712 -33.23 -17.50 -61.44
N ALA A 713 -33.05 -17.29 -60.15
CA ALA A 713 -33.98 -17.82 -59.16
C ALA A 713 -34.86 -16.71 -58.63
N ILE A 714 -36.17 -16.93 -58.61
CA ILE A 714 -37.08 -15.90 -58.12
C ILE A 714 -38.04 -16.52 -57.09
N PRO A 715 -38.15 -15.95 -55.90
CA PRO A 715 -39.08 -16.52 -54.92
C PRO A 715 -40.51 -16.38 -55.44
N THR A 716 -41.27 -17.46 -55.37
CA THR A 716 -42.67 -17.36 -55.76
C THR A 716 -43.63 -17.23 -54.59
N ASN A 717 -43.15 -17.31 -53.36
CA ASN A 717 -44.08 -17.22 -52.24
C ASN A 717 -43.23 -16.67 -51.10
N PHE A 718 -43.87 -16.23 -50.01
CA PHE A 718 -43.06 -15.65 -48.96
C PHE A 718 -43.67 -15.79 -47.59
N THR A 719 -42.84 -15.56 -46.58
CA THR A 719 -43.28 -15.49 -45.19
C THR A 719 -42.82 -14.17 -44.58
N ILE A 720 -43.49 -13.80 -43.49
CA ILE A 720 -43.13 -12.63 -42.69
C ILE A 720 -42.48 -13.13 -41.40
N SER A 721 -41.24 -12.75 -41.17
CA SER A 721 -40.49 -13.22 -40.02
C SER A 721 -40.36 -12.08 -39.01
N VAL A 722 -40.52 -12.41 -37.74
CA VAL A 722 -40.32 -11.46 -36.66
C VAL A 722 -39.22 -12.00 -35.75
N THR A 723 -38.20 -11.18 -35.52
CA THR A 723 -37.08 -11.54 -34.67
C THR A 723 -37.00 -10.53 -33.54
N THR A 724 -36.35 -10.92 -32.46
CA THR A 724 -36.21 -10.07 -31.30
C THR A 724 -34.75 -9.71 -31.09
N GLU A 725 -34.48 -8.42 -31.01
CA GLU A 725 -33.14 -7.92 -30.74
C GLU A 725 -33.20 -7.16 -29.42
N ILE A 726 -32.35 -7.55 -28.49
CA ILE A 726 -32.35 -6.98 -27.14
C ILE A 726 -31.05 -6.22 -26.95
N LEU A 727 -31.18 -4.95 -26.56
CA LEU A 727 -30.04 -4.10 -26.30
C LEU A 727 -30.16 -3.48 -24.91
N PRO A 728 -29.05 -3.41 -24.17
CA PRO A 728 -29.07 -2.66 -22.92
C PRO A 728 -29.13 -1.16 -23.22
N VAL A 729 -29.80 -0.43 -22.34
CA VAL A 729 -29.91 1.02 -22.43
C VAL A 729 -29.29 1.72 -21.25
N SER A 730 -29.44 1.17 -20.05
CA SER A 730 -28.97 1.86 -18.86
C SER A 730 -28.46 0.83 -17.87
N MET A 731 -27.84 1.33 -16.81
CA MET A 731 -27.33 0.49 -15.75
C MET A 731 -27.67 1.13 -14.42
N THR A 732 -27.55 0.34 -13.35
CA THR A 732 -27.89 0.83 -12.02
C THR A 732 -27.07 2.07 -11.69
N LYS A 733 -27.76 3.13 -11.26
CA LYS A 733 -27.08 4.39 -10.94
C LYS A 733 -26.50 4.29 -9.54
N THR A 734 -25.38 3.59 -9.44
CA THR A 734 -24.74 3.39 -8.14
C THR A 734 -23.92 4.62 -7.79
N SER A 735 -24.06 5.08 -6.54
CA SER A 735 -23.30 6.23 -6.06
C SER A 735 -22.64 5.87 -4.73
N VAL A 736 -21.31 5.90 -4.70
CA VAL A 736 -20.54 5.52 -3.53
C VAL A 736 -19.89 6.77 -2.95
N ASP A 737 -20.16 7.03 -1.69
CA ASP A 737 -19.56 8.18 -1.00
C ASP A 737 -18.16 7.79 -0.55
N CYS A 738 -17.15 8.39 -1.18
CA CYS A 738 -15.76 8.01 -0.92
C CYS A 738 -15.44 8.05 0.57
N THR A 739 -15.74 9.18 1.21
CA THR A 739 -15.38 9.33 2.62
C THR A 739 -16.11 8.33 3.50
N MET A 740 -17.42 8.19 3.30
CA MET A 740 -18.17 7.27 4.17
C MET A 740 -17.75 5.82 3.93
N TYR A 741 -17.47 5.47 2.67
CA TYR A 741 -17.03 4.11 2.36
C TYR A 741 -15.67 3.82 2.98
N ILE A 742 -14.71 4.73 2.76
CA ILE A 742 -13.35 4.51 3.24
C ILE A 742 -13.28 4.68 4.75
N CYS A 743 -13.87 5.75 5.26
CA CYS A 743 -13.80 6.10 6.67
C CYS A 743 -15.22 6.00 7.25
N GLY A 744 -15.59 4.80 7.68
CA GLY A 744 -16.94 4.58 8.15
C GLY A 744 -17.22 5.28 9.45
N ASP A 745 -17.57 6.56 9.37
CA ASP A 745 -17.96 7.36 10.54
C ASP A 745 -16.89 7.31 11.64
N SER A 746 -15.63 7.43 11.25
CA SER A 746 -14.51 7.42 12.19
C SER A 746 -13.70 8.70 12.02
N THR A 747 -13.56 9.46 13.11
CA THR A 747 -12.88 10.75 13.03
C THR A 747 -11.42 10.59 12.62
N GLU A 748 -10.72 9.60 13.18
CA GLU A 748 -9.30 9.45 12.90
C GLU A 748 -9.07 9.16 11.43
N CYS A 749 -9.89 8.28 10.85
CA CYS A 749 -9.76 8.00 9.42
C CYS A 749 -10.17 9.21 8.60
N SER A 750 -11.27 9.86 8.98
CA SER A 750 -11.77 11.00 8.22
C SER A 750 -10.72 12.09 8.11
N ASN A 751 -9.94 12.30 9.17
CA ASN A 751 -8.89 13.32 9.13
C ASN A 751 -7.72 12.83 8.30
N LEU A 752 -7.38 11.54 8.43
CA LEU A 752 -6.28 10.97 7.67
C LEU A 752 -6.57 10.99 6.18
N LEU A 753 -7.84 10.86 5.79
CA LEU A 753 -8.20 10.85 4.38
C LEU A 753 -7.92 12.19 3.70
N LEU A 754 -7.72 13.28 4.46
CA LEU A 754 -7.47 14.55 3.81
C LEU A 754 -6.07 14.62 3.22
N GLN A 755 -5.19 13.69 3.59
CA GLN A 755 -3.84 13.74 3.08
C GLN A 755 -3.75 13.24 1.64
N TYR A 756 -4.85 12.71 1.12
CA TYR A 756 -4.97 12.21 -0.24
C TYR A 756 -5.59 13.24 -1.17
N GLY A 757 -5.78 14.46 -0.68
CA GLY A 757 -6.26 15.56 -1.50
C GLY A 757 -7.64 15.37 -2.10
N SER A 758 -7.72 15.46 -3.42
CA SER A 758 -9.00 15.39 -4.14
C SER A 758 -9.40 14.00 -4.58
N PHE A 759 -8.67 12.95 -4.18
CA PHE A 759 -9.01 11.60 -4.63
C PHE A 759 -10.49 11.28 -4.40
N CYS A 760 -11.00 11.58 -3.21
CA CYS A 760 -12.42 11.32 -2.96
C CYS A 760 -13.30 12.20 -3.82
N THR A 761 -12.88 13.45 -4.06
CA THR A 761 -13.70 14.34 -4.87
C THR A 761 -13.81 13.82 -6.30
N GLN A 762 -12.69 13.39 -6.87
CA GLN A 762 -12.73 12.89 -8.25
C GLN A 762 -13.55 11.62 -8.34
N LEU A 763 -13.45 10.75 -7.33
CA LEU A 763 -14.23 9.53 -7.38
C LEU A 763 -15.72 9.83 -7.25
N ASN A 764 -16.09 10.76 -6.38
CA ASN A 764 -17.51 11.09 -6.27
C ASN A 764 -18.00 11.74 -7.57
N ARG A 765 -17.15 12.56 -8.18
CA ARG A 765 -17.50 13.21 -9.44
C ARG A 765 -17.65 12.19 -10.56
N ALA A 766 -16.73 11.22 -10.64
CA ALA A 766 -16.79 10.24 -11.71
C ALA A 766 -18.08 9.44 -11.65
N LEU A 767 -18.51 9.04 -10.46
CA LEU A 767 -19.76 8.29 -10.38
C LEU A 767 -20.95 9.18 -10.70
N THR A 768 -20.88 10.45 -10.31
CA THR A 768 -21.96 11.36 -10.66
C THR A 768 -22.05 11.50 -12.16
N GLY A 769 -20.91 11.63 -12.83
CA GLY A 769 -20.91 11.75 -14.28
C GLY A 769 -21.59 10.56 -14.92
N ILE A 770 -21.31 9.36 -14.41
CA ILE A 770 -21.97 8.17 -14.93
C ILE A 770 -23.46 8.23 -14.65
N ALA A 771 -23.82 8.58 -13.42
CA ALA A 771 -25.24 8.61 -13.05
C ALA A 771 -26.02 9.56 -13.94
N VAL A 772 -25.44 10.71 -14.29
CA VAL A 772 -26.12 11.65 -15.17
C VAL A 772 -26.24 11.04 -16.57
N GLU A 773 -25.15 10.45 -17.06
CA GLU A 773 -25.15 9.83 -18.37
C GLU A 773 -26.23 8.78 -18.50
N GLN A 774 -26.53 8.06 -17.42
CA GLN A 774 -27.54 7.01 -17.48
C GLN A 774 -28.91 7.58 -17.82
N ASP A 775 -29.20 8.81 -17.38
CA ASP A 775 -30.49 9.39 -17.72
C ASP A 775 -30.47 9.94 -19.14
N LYS A 776 -29.31 10.44 -19.56
CA LYS A 776 -29.16 10.92 -20.92
C LYS A 776 -29.38 9.79 -21.92
N ASN A 777 -28.83 8.62 -21.63
CA ASN A 777 -28.99 7.48 -22.53
C ASN A 777 -30.44 7.08 -22.67
N THR A 778 -31.18 7.06 -21.56
CA THR A 778 -32.58 6.66 -21.63
C THR A 778 -33.40 7.64 -22.46
N GLN A 779 -33.18 8.94 -22.27
CA GLN A 779 -33.94 9.92 -23.04
C GLN A 779 -33.62 9.86 -24.52
N GLU A 780 -32.34 9.69 -24.87
CA GLU A 780 -31.99 9.63 -26.29
C GLU A 780 -32.63 8.45 -26.99
N VAL A 781 -32.74 7.31 -26.32
CA VAL A 781 -33.33 6.15 -26.96
C VAL A 781 -34.86 6.25 -27.01
N PHE A 782 -35.50 6.65 -25.91
CA PHE A 782 -36.96 6.61 -25.89
C PHE A 782 -37.62 7.96 -26.15
N ALA A 783 -37.03 9.06 -25.69
CA ALA A 783 -37.71 10.34 -25.80
C ALA A 783 -37.41 11.00 -27.15
N GLN A 784 -37.80 10.30 -28.20
CA GLN A 784 -37.59 10.79 -29.56
C GLN A 784 -38.88 11.33 -30.16
N VAL A 785 -39.96 11.34 -29.40
CA VAL A 785 -41.26 11.79 -29.86
C VAL A 785 -41.72 12.93 -28.96
N LYS A 786 -42.18 14.02 -29.56
CA LYS A 786 -42.56 15.20 -28.80
C LYS A 786 -44.02 15.19 -28.36
N GLN A 787 -44.80 14.22 -28.82
CA GLN A 787 -46.21 14.11 -28.46
C GLN A 787 -46.50 12.68 -28.01
N ILE A 788 -47.48 12.53 -27.15
CA ILE A 788 -47.91 11.21 -26.69
C ILE A 788 -49.12 10.79 -27.51
N TYR A 789 -48.90 9.84 -28.41
CA TYR A 789 -49.93 9.34 -29.31
C TYR A 789 -50.69 8.20 -28.66
N LYS A 790 -51.94 8.03 -29.07
CA LYS A 790 -52.77 6.96 -28.57
C LYS A 790 -53.50 6.27 -29.72
N THR A 791 -53.71 4.97 -29.55
CA THR A 791 -54.46 4.21 -30.53
C THR A 791 -55.94 4.53 -30.41
N PRO A 792 -56.72 4.30 -31.46
CA PRO A 792 -58.16 4.53 -31.37
C PRO A 792 -58.82 3.48 -30.49
N PRO A 793 -59.99 3.81 -29.95
CA PRO A 793 -60.82 2.80 -29.27
C PRO A 793 -61.14 1.56 -30.09
N ILE A 794 -61.25 1.68 -31.41
CA ILE A 794 -61.59 0.55 -32.27
C ILE A 794 -60.32 0.08 -32.98
N LYS A 795 -59.84 -1.10 -32.58
CA LYS A 795 -58.57 -1.65 -33.08
C LYS A 795 -58.85 -2.38 -34.39
N ASP A 796 -59.21 -1.60 -35.42
CA ASP A 796 -59.48 -2.17 -36.74
C ASP A 796 -58.32 -1.84 -37.66
N PHE A 797 -57.40 -2.80 -37.81
CA PHE A 797 -56.21 -2.61 -38.62
C PHE A 797 -56.21 -3.56 -39.80
N GLY A 798 -57.39 -4.03 -40.19
CA GLY A 798 -57.50 -4.91 -41.34
C GLY A 798 -57.12 -6.32 -40.99
N GLY A 799 -57.28 -6.70 -39.72
CA GLY A 799 -56.96 -8.03 -39.28
C GLY A 799 -55.65 -8.12 -38.55
N PHE A 800 -54.87 -7.03 -38.51
CA PHE A 800 -53.61 -7.06 -37.81
C PHE A 800 -53.81 -6.76 -36.33
N ASN A 801 -53.48 -7.73 -35.50
CA ASN A 801 -53.62 -7.67 -34.05
C ASN A 801 -52.35 -7.23 -33.37
N PHE A 802 -52.41 -6.07 -32.74
CA PHE A 802 -51.25 -5.53 -32.06
C PHE A 802 -51.47 -5.65 -30.56
N SER A 803 -52.43 -6.50 -30.16
CA SER A 803 -52.80 -6.64 -28.77
C SER A 803 -51.64 -7.14 -27.93
N GLN A 804 -50.64 -7.77 -28.56
CA GLN A 804 -49.55 -8.28 -27.76
C GLN A 804 -48.44 -7.26 -27.64
N ILE A 805 -48.51 -6.18 -28.41
CA ILE A 805 -47.51 -5.13 -28.37
C ILE A 805 -48.05 -3.82 -27.83
N LEU A 806 -49.39 -3.60 -27.89
CA LEU A 806 -50.07 -2.42 -27.36
C LEU A 806 -50.44 -2.61 -25.90
N PRO A 807 -50.47 -1.53 -25.14
CA PRO A 807 -50.88 -1.63 -23.73
C PRO A 807 -52.35 -1.98 -23.61
N ASP A 808 -52.69 -2.72 -22.56
CA ASP A 808 -54.07 -3.05 -22.31
C ASP A 808 -54.60 -2.34 -21.06
N PRO A 809 -55.91 -2.18 -20.94
CA PRO A 809 -56.49 -1.61 -19.72
C PRO A 809 -56.76 -2.62 -18.62
N SER A 810 -56.29 -3.86 -18.76
CA SER A 810 -56.54 -4.90 -17.78
C SER A 810 -55.49 -4.93 -16.67
N LYS A 811 -54.23 -4.69 -17.01
CA LYS A 811 -53.11 -4.68 -16.10
C LYS A 811 -52.94 -3.28 -15.50
N PRO A 812 -52.61 -3.20 -14.20
CA PRO A 812 -52.41 -1.88 -13.58
C PRO A 812 -51.21 -1.14 -14.11
N SER A 813 -50.27 -1.85 -14.75
CA SER A 813 -49.07 -1.24 -15.28
C SER A 813 -49.31 -0.60 -16.64
N LYS A 814 -50.45 -0.86 -17.27
CA LYS A 814 -50.78 -0.35 -18.60
C LYS A 814 -49.68 -0.71 -19.58
N ARG A 815 -49.25 -1.97 -19.50
CA ARG A 815 -48.22 -2.53 -20.34
C ARG A 815 -48.79 -3.62 -21.24
N SER A 816 -48.04 -3.95 -22.28
CA SER A 816 -48.47 -4.99 -23.19
C SER A 816 -48.21 -6.38 -22.62
N PRO A 817 -48.91 -7.39 -23.14
CA PRO A 817 -48.56 -8.78 -22.83
C PRO A 817 -47.07 -9.11 -22.98
N ILE A 818 -46.46 -8.68 -24.09
CA ILE A 818 -45.04 -8.93 -24.29
C ILE A 818 -44.20 -8.20 -23.25
N GLU A 819 -44.54 -6.95 -22.94
CA GLU A 819 -43.76 -6.27 -21.92
C GLU A 819 -43.85 -6.99 -20.59
N ASP A 820 -45.03 -7.54 -20.27
CA ASP A 820 -45.20 -8.28 -19.02
C ASP A 820 -44.20 -9.40 -18.90
N LEU A 821 -43.97 -10.14 -19.99
CA LEU A 821 -43.01 -11.23 -19.96
C LEU A 821 -41.60 -10.69 -19.78
N LEU A 822 -41.26 -9.60 -20.46
CA LEU A 822 -39.91 -9.08 -20.38
C LEU A 822 -39.57 -8.65 -18.96
N PHE A 823 -40.54 -8.09 -18.24
CA PHE A 823 -40.29 -7.68 -16.86
C PHE A 823 -40.30 -8.87 -15.91
N ASN A 824 -41.24 -9.78 -16.06
CA ASN A 824 -41.36 -10.91 -15.14
C ASN A 824 -40.18 -11.88 -15.25
N LYS A 825 -39.54 -11.97 -16.41
CA LYS A 825 -38.46 -12.93 -16.60
C LYS A 825 -37.08 -12.38 -16.29
N VAL A 826 -36.97 -11.17 -15.76
CA VAL A 826 -35.66 -10.63 -15.40
C VAL A 826 -35.53 -10.56 -13.89
N ASN A 856 -22.84 0.67 4.24
CA ASN A 856 -21.56 0.53 3.56
C ASN A 856 -21.14 1.83 2.90
N GLY A 857 -21.99 2.84 2.99
CA GLY A 857 -21.70 4.15 2.45
C GLY A 857 -22.04 4.33 0.99
N LEU A 858 -22.79 3.40 0.40
CA LEU A 858 -23.18 3.47 -1.00
C LEU A 858 -24.69 3.54 -1.08
N THR A 859 -25.17 4.21 -2.14
CA THR A 859 -26.60 4.32 -2.39
C THR A 859 -26.88 4.02 -3.85
N VAL A 860 -28.16 3.83 -4.15
CA VAL A 860 -28.63 3.64 -5.52
C VAL A 860 -29.63 4.72 -5.85
N LEU A 861 -29.38 5.44 -6.93
CA LEU A 861 -30.32 6.52 -7.22
C LEU A 861 -31.42 5.98 -8.13
N PRO A 862 -32.65 6.45 -7.96
CA PRO A 862 -33.71 5.99 -8.85
C PRO A 862 -33.55 6.63 -10.22
N PRO A 863 -34.05 5.97 -11.26
CA PRO A 863 -34.01 6.60 -12.58
C PRO A 863 -35.00 7.75 -12.65
N LEU A 864 -34.71 8.69 -13.55
CA LEU A 864 -35.65 9.79 -13.77
C LEU A 864 -36.95 9.29 -14.38
N LEU A 865 -36.86 8.39 -15.35
CA LEU A 865 -38.05 7.87 -16.01
C LEU A 865 -38.40 6.52 -15.39
N THR A 866 -39.58 6.43 -14.78
CA THR A 866 -39.99 5.20 -14.14
C THR A 866 -40.49 4.19 -15.17
N ASP A 867 -40.64 2.93 -14.73
CA ASP A 867 -41.10 1.89 -15.63
C ASP A 867 -42.44 2.29 -16.24
N GLU A 868 -43.29 2.94 -15.45
CA GLU A 868 -44.58 3.42 -15.95
C GLU A 868 -44.37 4.45 -17.03
N MET A 869 -43.29 5.23 -16.89
CA MET A 869 -42.96 6.30 -17.81
C MET A 869 -42.31 5.78 -19.08
N ILE A 870 -41.55 4.69 -19.00
CA ILE A 870 -40.96 4.13 -20.20
C ILE A 870 -42.05 3.55 -21.09
N ALA A 871 -43.03 2.89 -20.48
CA ALA A 871 -44.14 2.32 -21.23
C ALA A 871 -44.93 3.40 -21.97
N GLN A 872 -45.11 4.57 -21.36
CA GLN A 872 -45.82 5.64 -22.06
C GLN A 872 -45.07 6.09 -23.30
N TYR A 873 -43.73 6.16 -23.25
CA TYR A 873 -43.01 6.51 -24.47
C TYR A 873 -43.19 5.43 -25.52
N THR A 874 -43.12 4.16 -25.12
CA THR A 874 -43.29 3.10 -26.08
C THR A 874 -44.71 3.04 -26.59
N SER A 875 -45.68 3.39 -25.74
CA SER A 875 -47.06 3.43 -26.21
C SER A 875 -47.22 4.49 -27.29
N ALA A 876 -46.64 5.67 -27.06
CA ALA A 876 -46.70 6.73 -28.06
C ALA A 876 -46.01 6.31 -29.34
N LEU A 877 -44.87 5.63 -29.21
CA LEU A 877 -44.13 5.18 -30.39
C LEU A 877 -44.92 4.14 -31.16
N LEU A 878 -45.60 3.25 -30.45
CA LEU A 878 -46.41 2.25 -31.13
C LEU A 878 -47.61 2.87 -31.81
N ALA A 879 -48.28 3.82 -31.14
CA ALA A 879 -49.45 4.43 -31.74
C ALA A 879 -49.08 5.19 -33.01
N GLY A 880 -47.95 5.90 -32.99
CA GLY A 880 -47.51 6.60 -34.19
C GLY A 880 -47.18 5.66 -35.33
N THR A 881 -46.35 4.66 -35.04
CA THR A 881 -45.91 3.71 -36.06
C THR A 881 -47.09 2.99 -36.69
N ILE A 882 -48.06 2.60 -35.86
CA ILE A 882 -49.21 1.86 -36.36
C ILE A 882 -50.14 2.76 -37.16
N THR A 883 -50.42 3.95 -36.64
CA THR A 883 -51.41 4.82 -37.29
C THR A 883 -50.82 5.84 -38.26
N SER A 884 -49.52 6.14 -38.18
CA SER A 884 -48.96 7.14 -39.06
C SER A 884 -47.64 6.74 -39.71
N GLY A 885 -47.21 5.49 -39.56
CA GLY A 885 -45.98 5.07 -40.20
C GLY A 885 -44.79 5.88 -39.74
N TRP A 886 -44.00 6.36 -40.71
CA TRP A 886 -42.82 7.14 -40.41
C TRP A 886 -43.05 8.65 -40.39
N THR A 887 -44.26 9.11 -40.69
CA THR A 887 -44.44 10.54 -40.84
C THR A 887 -44.35 11.29 -39.52
N PHE A 888 -44.67 10.65 -38.41
CA PHE A 888 -44.61 11.35 -37.13
C PHE A 888 -43.18 11.54 -36.66
N GLY A 889 -42.25 10.72 -37.12
CA GLY A 889 -40.87 10.89 -36.71
C GLY A 889 -40.26 12.15 -37.30
N ALA A 890 -40.61 12.47 -38.54
CA ALA A 890 -40.04 13.61 -39.22
C ALA A 890 -40.83 14.90 -39.00
N GLY A 891 -41.91 14.86 -38.24
CA GLY A 891 -42.73 16.04 -38.03
C GLY A 891 -44.14 15.72 -37.56
N PRO A 892 -45.14 16.26 -38.25
CA PRO A 892 -46.53 16.01 -37.84
C PRO A 892 -46.96 14.59 -38.16
N ALA A 893 -47.84 14.06 -37.32
CA ALA A 893 -48.38 12.73 -37.52
C ALA A 893 -49.54 12.78 -38.51
N LEU A 894 -49.38 12.09 -39.63
CA LEU A 894 -50.36 12.05 -40.71
C LEU A 894 -51.03 10.68 -40.73
N GLN A 895 -52.33 10.64 -40.49
CA GLN A 895 -53.02 9.36 -40.43
C GLN A 895 -52.97 8.67 -41.78
N ILE A 896 -52.86 7.34 -41.75
CA ILE A 896 -52.93 6.53 -42.96
C ILE A 896 -53.55 5.19 -42.58
N PRO A 897 -54.43 4.62 -43.39
CA PRO A 897 -54.90 3.26 -43.10
C PRO A 897 -53.72 2.30 -43.02
N PHE A 898 -53.75 1.41 -42.04
CA PHE A 898 -52.61 0.51 -41.87
C PHE A 898 -52.34 -0.34 -43.11
N PRO A 899 -53.32 -0.98 -43.75
CA PRO A 899 -53.03 -1.76 -44.96
C PRO A 899 -52.28 -0.95 -46.00
N MET A 900 -52.56 0.34 -46.11
CA MET A 900 -51.85 1.17 -47.06
C MET A 900 -50.44 1.46 -46.58
N GLN A 901 -50.27 1.64 -45.27
CA GLN A 901 -48.94 1.84 -44.71
C GLN A 901 -48.03 0.67 -45.07
N MET A 902 -48.57 -0.54 -45.02
CA MET A 902 -47.78 -1.71 -45.40
C MET A 902 -47.39 -1.64 -46.87
N ALA A 903 -48.29 -1.14 -47.72
CA ALA A 903 -47.99 -1.05 -49.14
C ALA A 903 -46.74 -0.20 -49.39
N TYR A 904 -46.56 0.88 -48.64
CA TYR A 904 -45.40 1.72 -48.87
C TYR A 904 -44.13 1.00 -48.42
N ARG A 905 -44.21 0.28 -47.31
CA ARG A 905 -43.06 -0.43 -46.81
C ARG A 905 -42.69 -1.59 -47.73
N PHE A 906 -43.69 -2.20 -48.35
CA PHE A 906 -43.39 -3.22 -49.35
C PHE A 906 -42.77 -2.60 -50.58
N ASN A 907 -43.31 -1.45 -51.02
CA ASN A 907 -42.76 -0.78 -52.18
C ASN A 907 -41.30 -0.41 -51.92
N GLY A 908 -40.99 -0.03 -50.68
CA GLY A 908 -39.65 0.37 -50.30
C GLY A 908 -38.61 -0.72 -50.38
N ILE A 909 -39.00 -1.99 -50.50
CA ILE A 909 -38.05 -3.08 -50.58
C ILE A 909 -38.09 -3.77 -51.95
N GLY A 910 -38.69 -3.13 -52.93
CA GLY A 910 -38.70 -3.69 -54.27
C GLY A 910 -39.83 -4.63 -54.58
N VAL A 911 -40.91 -4.61 -53.80
CA VAL A 911 -42.07 -5.46 -54.05
C VAL A 911 -43.25 -4.54 -54.31
N THR A 912 -43.84 -4.65 -55.49
CA THR A 912 -44.89 -3.73 -55.88
C THR A 912 -46.09 -3.88 -54.95
N GLN A 913 -46.81 -2.77 -54.77
CA GLN A 913 -47.87 -2.72 -53.77
C GLN A 913 -49.03 -3.66 -54.07
N ASN A 914 -49.19 -4.12 -55.31
CA ASN A 914 -50.30 -5.02 -55.59
C ASN A 914 -50.12 -6.37 -54.91
N VAL A 915 -48.88 -6.71 -54.55
CA VAL A 915 -48.63 -8.00 -53.90
C VAL A 915 -49.29 -8.03 -52.53
N LEU A 916 -49.18 -6.94 -51.78
CA LEU A 916 -49.79 -6.85 -50.46
C LEU A 916 -51.31 -6.99 -50.51
N TYR A 917 -51.97 -6.23 -51.38
CA TYR A 917 -53.43 -6.22 -51.37
C TYR A 917 -54.00 -7.56 -51.81
N GLU A 918 -53.40 -8.19 -52.81
CA GLU A 918 -53.92 -9.48 -53.27
C GLU A 918 -53.77 -10.55 -52.21
N ASN A 919 -52.72 -10.47 -51.39
CA ASN A 919 -52.45 -11.44 -50.34
C ASN A 919 -52.67 -10.86 -48.95
N GLN A 920 -53.50 -9.81 -48.83
CA GLN A 920 -53.67 -9.15 -47.53
C GLN A 920 -54.11 -10.12 -46.45
N LYS A 921 -55.02 -11.04 -46.77
CA LYS A 921 -55.49 -11.97 -45.73
C LYS A 921 -54.37 -12.90 -45.29
N LEU A 922 -53.56 -13.39 -46.23
CA LEU A 922 -52.46 -14.28 -45.88
C LEU A 922 -51.40 -13.55 -45.05
N ILE A 923 -51.05 -12.34 -45.46
CA ILE A 923 -50.01 -11.58 -44.77
C ILE A 923 -50.45 -11.25 -43.36
N ALA A 924 -51.71 -10.81 -43.20
CA ALA A 924 -52.19 -10.50 -41.86
C ALA A 924 -52.18 -11.73 -40.97
N ASN A 925 -52.55 -12.89 -41.51
CA ASN A 925 -52.55 -14.10 -40.69
C ASN A 925 -51.12 -14.49 -40.33
N GLN A 926 -50.19 -14.38 -41.28
CA GLN A 926 -48.81 -14.72 -41.00
C GLN A 926 -48.22 -13.78 -39.97
N PHE A 927 -48.55 -12.49 -40.05
CA PHE A 927 -48.05 -11.54 -39.07
C PHE A 927 -48.56 -11.90 -37.67
N ASN A 928 -49.86 -12.15 -37.56
CA ASN A 928 -50.45 -12.42 -36.25
C ASN A 928 -49.85 -13.69 -35.65
N SER A 929 -49.61 -14.71 -36.48
CA SER A 929 -48.99 -15.92 -35.98
C SER A 929 -47.56 -15.64 -35.57
N ALA A 930 -46.85 -14.84 -36.36
CA ALA A 930 -45.48 -14.50 -36.04
C ALA A 930 -45.39 -13.79 -34.70
N ILE A 931 -46.36 -12.91 -34.43
CA ILE A 931 -46.35 -12.22 -33.15
C ILE A 931 -46.59 -13.20 -32.02
N GLY A 932 -47.53 -14.13 -32.21
CA GLY A 932 -47.78 -15.13 -31.18
C GLY A 932 -46.56 -15.97 -30.87
N LYS A 933 -45.78 -16.31 -31.91
CA LYS A 933 -44.56 -17.10 -31.69
C LYS A 933 -43.56 -16.35 -30.82
N ILE A 934 -43.49 -15.03 -30.94
CA ILE A 934 -42.53 -14.27 -30.14
C ILE A 934 -42.84 -14.42 -28.66
N GLN A 935 -44.12 -14.32 -28.29
CA GLN A 935 -44.48 -14.44 -26.89
C GLN A 935 -44.08 -15.81 -26.34
N ASP A 936 -44.30 -16.86 -27.11
CA ASP A 936 -43.95 -18.21 -26.67
C ASP A 936 -42.44 -18.40 -26.65
N SER A 937 -41.74 -17.81 -27.61
CA SER A 937 -40.29 -17.95 -27.70
C SER A 937 -39.59 -17.35 -26.48
N LEU A 938 -39.99 -16.16 -26.06
CA LEU A 938 -39.35 -15.54 -24.91
C LEU A 938 -39.61 -16.35 -23.64
N SER A 939 -40.83 -16.86 -23.49
CA SER A 939 -41.18 -17.65 -22.32
C SER A 939 -40.39 -18.96 -22.29
N SER A 940 -40.33 -19.64 -23.43
CA SER A 940 -39.69 -20.95 -23.51
C SER A 940 -38.19 -20.90 -23.27
N THR A 941 -37.50 -19.92 -23.85
CA THR A 941 -36.04 -19.90 -23.73
C THR A 941 -35.57 -18.95 -22.64
N PRO A 942 -35.03 -19.47 -21.53
CA PRO A 942 -34.65 -18.60 -20.41
C PRO A 942 -33.46 -17.71 -20.72
N SER A 943 -32.68 -18.04 -21.75
CA SER A 943 -31.49 -17.30 -22.14
C SER A 943 -31.80 -16.20 -23.14
N ALA A 944 -33.06 -16.07 -23.55
CA ALA A 944 -33.44 -15.10 -24.57
C ALA A 944 -33.08 -13.68 -24.16
N LEU A 945 -33.11 -13.39 -22.86
CA LEU A 945 -32.82 -12.06 -22.35
C LEU A 945 -31.47 -12.02 -21.64
N GLY A 946 -30.58 -12.93 -22.02
CA GLY A 946 -29.28 -13.01 -21.37
C GLY A 946 -28.50 -11.72 -21.36
N LYS A 947 -28.65 -10.90 -22.42
CA LYS A 947 -27.91 -9.65 -22.49
C LYS A 947 -28.29 -8.71 -21.35
N LEU A 948 -29.56 -8.69 -20.97
CA LEU A 948 -29.96 -7.75 -19.94
C LEU A 948 -29.58 -8.29 -18.56
N GLN A 949 -29.69 -9.61 -18.39
CA GLN A 949 -29.34 -10.21 -17.11
C GLN A 949 -27.84 -10.10 -16.86
N ASP A 950 -27.04 -10.20 -17.93
CA ASP A 950 -25.59 -10.10 -17.78
C ASP A 950 -25.18 -8.71 -17.29
N VAL A 951 -25.83 -7.66 -17.79
CA VAL A 951 -25.52 -6.32 -17.31
C VAL A 951 -25.83 -6.21 -15.83
N VAL A 952 -26.98 -6.74 -15.42
CA VAL A 952 -27.36 -6.70 -14.01
C VAL A 952 -26.35 -7.51 -13.20
N ASN A 953 -25.96 -8.68 -13.72
CA ASN A 953 -25.03 -9.55 -13.01
C ASN A 953 -23.66 -8.90 -12.86
N GLN A 954 -23.21 -8.20 -13.89
CA GLN A 954 -21.89 -7.56 -13.81
C GLN A 954 -21.89 -6.49 -12.73
N ASN A 955 -22.99 -5.73 -12.62
CA ASN A 955 -23.05 -4.69 -11.61
C ASN A 955 -23.21 -5.28 -10.22
N ALA A 956 -23.95 -6.38 -10.11
CA ALA A 956 -24.10 -7.01 -8.80
C ALA A 956 -22.75 -7.50 -8.30
N GLN A 957 -21.96 -8.10 -9.19
CA GLN A 957 -20.65 -8.58 -8.79
C GLN A 957 -19.74 -7.41 -8.43
N ALA A 958 -19.82 -6.32 -9.20
CA ALA A 958 -18.98 -5.16 -8.93
C ALA A 958 -19.24 -4.59 -7.54
N LEU A 959 -20.51 -4.57 -7.12
CA LEU A 959 -20.81 -4.02 -5.79
C LEU A 959 -20.43 -5.01 -4.70
N ASN A 960 -20.67 -6.30 -4.92
CA ASN A 960 -20.31 -7.27 -3.90
C ASN A 960 -18.80 -7.36 -3.75
N THR A 961 -18.06 -7.19 -4.85
CA THR A 961 -16.61 -7.21 -4.75
C THR A 961 -16.12 -6.02 -3.93
N LEU A 962 -16.70 -4.85 -4.19
CA LEU A 962 -16.30 -3.66 -3.43
C LEU A 962 -16.53 -3.87 -1.95
N VAL A 963 -17.67 -4.45 -1.59
CA VAL A 963 -17.97 -4.71 -0.18
C VAL A 963 -17.01 -5.74 0.38
N LYS A 964 -16.72 -6.79 -0.40
CA LYS A 964 -15.78 -7.83 0.04
C LYS A 964 -14.41 -7.23 0.35
N GLN A 965 -13.99 -6.22 -0.43
CA GLN A 965 -12.71 -5.60 -0.19
C GLN A 965 -12.71 -4.81 1.11
N LEU A 966 -13.86 -4.26 1.49
CA LEU A 966 -13.95 -3.52 2.75
C LEU A 966 -13.55 -4.38 3.94
N SER A 967 -13.84 -5.67 3.89
CA SER A 967 -13.56 -6.58 4.98
C SER A 967 -12.14 -7.14 4.94
N SER A 968 -11.33 -6.78 3.94
CA SER A 968 -9.99 -7.32 3.85
C SER A 968 -9.02 -6.52 4.72
N ASN A 969 -7.87 -7.12 4.98
CA ASN A 969 -6.86 -6.50 5.85
C ASN A 969 -5.84 -5.65 5.10
N PHE A 970 -5.47 -6.04 3.87
CA PHE A 970 -4.46 -5.31 3.10
C PHE A 970 -3.16 -5.16 3.87
N GLY A 971 -2.83 -6.15 4.69
CA GLY A 971 -1.62 -6.14 5.48
C GLY A 971 -1.77 -5.61 6.89
N ALA A 972 -2.93 -5.04 7.22
CA ALA A 972 -3.16 -4.51 8.55
C ALA A 972 -3.34 -5.62 9.58
N ILE A 973 -3.08 -5.27 10.83
CA ILE A 973 -3.27 -6.21 11.94
C ILE A 973 -4.74 -6.61 12.05
N SER A 974 -5.66 -5.76 11.58
CA SER A 974 -7.07 -6.09 11.66
C SER A 974 -7.85 -5.31 10.61
N SER A 975 -8.86 -5.97 10.04
CA SER A 975 -9.79 -5.41 9.06
C SER A 975 -10.81 -4.44 9.62
N VAL A 976 -10.98 -4.36 10.94
CA VAL A 976 -12.00 -3.50 11.53
C VAL A 976 -11.35 -2.22 12.05
N LEU A 977 -11.81 -1.08 11.50
CA LEU A 977 -11.22 0.20 11.84
C LEU A 977 -11.42 0.55 13.32
N ASN A 978 -12.58 0.21 13.87
CA ASN A 978 -12.85 0.53 15.28
C ASN A 978 -11.94 -0.26 16.19
N ASP A 979 -11.55 -1.47 15.77
CA ASP A 979 -10.67 -2.30 16.58
C ASP A 979 -9.25 -1.78 16.53
N ILE A 980 -8.85 -1.21 15.39
CA ILE A 980 -7.51 -0.63 15.28
C ILE A 980 -7.35 0.52 16.27
N LEU A 981 -8.35 1.40 16.32
CA LEU A 981 -8.25 2.54 17.23
C LEU A 981 -8.25 2.07 18.68
N SER A 982 -9.05 1.04 18.99
CA SER A 982 -9.10 0.51 20.34
C SER A 982 -7.82 -0.23 20.72
N ARG A 983 -7.29 -1.06 19.80
CA ARG A 983 -6.14 -1.89 20.14
C ARG A 983 -4.83 -1.12 20.10
N LEU A 984 -4.66 -0.17 19.18
CA LEU A 984 -3.38 0.50 19.03
C LEU A 984 -3.47 1.98 19.42
N ASP A 985 -2.44 2.43 20.14
CA ASP A 985 -2.29 3.84 20.48
C ASP A 985 -2.07 4.67 19.21
N PRO A 986 -2.49 5.94 19.22
CA PRO A 986 -2.35 6.82 18.03
C PRO A 986 -1.00 6.75 17.33
N PRO A 987 0.15 6.75 18.02
CA PRO A 987 1.43 6.68 17.27
C PRO A 987 1.60 5.40 16.48
N GLU A 988 0.86 4.35 16.81
CA GLU A 988 0.93 3.08 16.11
C GLU A 988 -0.30 2.83 15.25
N ALA A 989 -1.47 3.28 15.70
CA ALA A 989 -2.70 3.07 14.94
C ALA A 989 -2.63 3.78 13.59
N GLU A 990 -2.02 4.96 13.57
CA GLU A 990 -1.92 5.73 12.33
C GLU A 990 -1.32 4.90 11.20
N VAL A 991 -0.31 4.09 11.52
CA VAL A 991 0.32 3.29 10.48
C VAL A 991 -0.64 2.23 9.99
N GLN A 992 -1.34 1.56 10.92
CA GLN A 992 -2.27 0.51 10.53
C GLN A 992 -3.46 1.09 9.79
N ILE A 993 -3.89 2.30 10.15
CA ILE A 993 -4.99 2.95 9.47
C ILE A 993 -4.61 3.31 8.05
N ASP A 994 -3.39 3.83 7.86
CA ASP A 994 -2.92 4.19 6.53
C ASP A 994 -2.96 3.00 5.60
N ARG A 995 -2.66 1.81 6.11
CA ARG A 995 -2.72 0.62 5.27
C ARG A 995 -4.15 0.35 4.82
N LEU A 996 -5.14 0.52 5.70
CA LEU A 996 -6.52 0.32 5.26
C LEU A 996 -6.91 1.38 4.24
N ILE A 997 -6.45 2.62 4.44
CA ILE A 997 -6.81 3.68 3.50
C ILE A 997 -6.22 3.39 2.13
N THR A 998 -4.94 3.03 2.09
CA THR A 998 -4.33 2.75 0.79
C THR A 998 -5.00 1.56 0.12
N GLY A 999 -5.24 0.50 0.88
CA GLY A 999 -5.87 -0.68 0.31
C GLY A 999 -7.28 -0.42 -0.18
N ARG A 1000 -8.09 0.22 0.67
CA ARG A 1000 -9.49 0.47 0.32
C ARG A 1000 -9.60 1.52 -0.79
N LEU A 1001 -8.71 2.51 -0.79
CA LEU A 1001 -8.76 3.50 -1.87
C LEU A 1001 -8.37 2.85 -3.19
N GLN A 1002 -7.34 2.00 -3.15
CA GLN A 1002 -6.94 1.30 -4.36
C GLN A 1002 -8.08 0.42 -4.85
N SER A 1003 -8.79 -0.22 -3.91
CA SER A 1003 -9.94 -1.03 -4.27
C SER A 1003 -11.02 -0.17 -4.90
N LEU A 1004 -11.28 0.99 -4.31
CA LEU A 1004 -12.30 1.88 -4.83
C LEU A 1004 -11.89 2.42 -6.20
N GLN A 1005 -10.60 2.71 -6.40
CA GLN A 1005 -10.15 3.20 -7.70
C GLN A 1005 -10.39 2.15 -8.77
N THR A 1006 -10.16 0.88 -8.43
CA THR A 1006 -10.41 -0.20 -9.38
C THR A 1006 -11.88 -0.28 -9.74
N TYR A 1007 -12.74 -0.22 -8.72
CA TYR A 1007 -14.19 -0.25 -8.96
C TYR A 1007 -14.62 0.88 -9.87
N VAL A 1008 -14.19 2.10 -9.58
CA VAL A 1008 -14.61 3.24 -10.37
C VAL A 1008 -14.12 3.10 -11.80
N THR A 1009 -12.87 2.65 -11.97
CA THR A 1009 -12.36 2.45 -13.31
C THR A 1009 -13.19 1.43 -14.07
N GLN A 1010 -13.56 0.34 -13.40
CA GLN A 1010 -14.37 -0.70 -14.03
C GLN A 1010 -15.75 -0.16 -14.41
N GLN A 1011 -16.31 0.72 -13.57
CA GLN A 1011 -17.61 1.28 -13.90
C GLN A 1011 -17.53 2.23 -15.08
N LEU A 1012 -16.41 2.94 -15.22
CA LEU A 1012 -16.26 3.84 -16.36
C LEU A 1012 -16.16 3.05 -17.66
N ILE A 1013 -15.42 1.93 -17.62
CA ILE A 1013 -15.29 1.11 -18.82
C ILE A 1013 -16.62 0.46 -19.15
N ARG A 1014 -17.29 -0.09 -18.15
CA ARG A 1014 -18.60 -0.69 -18.40
C ARG A 1014 -19.58 0.37 -18.89
N ALA A 1015 -19.52 1.57 -18.31
CA ALA A 1015 -20.41 2.64 -18.75
C ALA A 1015 -20.18 2.99 -20.20
N ALA A 1016 -18.92 2.99 -20.64
CA ALA A 1016 -18.63 3.31 -22.03
C ALA A 1016 -19.24 2.26 -22.94
N GLU A 1017 -19.21 1.00 -22.53
CA GLU A 1017 -19.82 -0.06 -23.33
C GLU A 1017 -21.33 0.15 -23.42
N ILE A 1018 -21.96 0.50 -22.30
CA ILE A 1018 -23.40 0.75 -22.30
C ILE A 1018 -23.72 1.96 -23.17
N ARG A 1019 -22.91 3.02 -23.08
CA ARG A 1019 -23.16 4.19 -23.91
C ARG A 1019 -23.11 3.82 -25.38
N ALA A 1020 -22.11 3.03 -25.78
CA ALA A 1020 -22.03 2.63 -27.19
C ALA A 1020 -23.28 1.84 -27.56
N SER A 1021 -23.74 0.97 -26.66
CA SER A 1021 -24.96 0.23 -26.93
C SER A 1021 -26.16 1.17 -26.98
N ALA A 1022 -26.23 2.13 -26.05
CA ALA A 1022 -27.33 3.08 -26.06
C ALA A 1022 -27.32 3.91 -27.32
N ASN A 1023 -26.13 4.29 -27.80
CA ASN A 1023 -26.10 5.07 -29.03
C ASN A 1023 -26.59 4.22 -30.18
N LEU A 1024 -26.23 2.93 -30.18
CA LEU A 1024 -26.75 2.03 -31.18
C LEU A 1024 -28.24 1.84 -31.00
N ALA A 1025 -28.68 1.63 -29.75
CA ALA A 1025 -30.09 1.43 -29.49
C ALA A 1025 -30.90 2.66 -29.88
N ALA A 1026 -30.36 3.86 -29.60
CA ALA A 1026 -31.08 5.06 -29.98
C ALA A 1026 -31.09 5.17 -31.49
N THR A 1027 -29.95 4.89 -32.10
CA THR A 1027 -29.86 4.91 -33.56
C THR A 1027 -30.76 3.85 -34.15
N LYS A 1028 -30.75 2.66 -33.56
CA LYS A 1028 -31.54 1.56 -34.08
C LYS A 1028 -33.02 1.90 -34.07
N MET A 1029 -33.49 2.51 -33.00
CA MET A 1029 -34.89 2.92 -32.93
C MET A 1029 -35.22 3.95 -34.00
N SER A 1030 -34.36 4.94 -34.23
CA SER A 1030 -34.71 5.97 -35.20
C SER A 1030 -34.91 5.39 -36.60
N GLU A 1031 -34.03 4.51 -37.06
CA GLU A 1031 -34.13 3.99 -38.42
C GLU A 1031 -35.03 2.76 -38.53
N CYS A 1032 -35.20 1.98 -37.47
CA CYS A 1032 -36.01 0.77 -37.57
C CYS A 1032 -37.45 1.01 -37.14
N VAL A 1033 -37.70 1.96 -36.25
CA VAL A 1033 -39.03 2.19 -35.71
C VAL A 1033 -39.67 3.42 -36.35
N LEU A 1034 -38.93 4.52 -36.47
CA LEU A 1034 -39.47 5.76 -36.99
C LEU A 1034 -39.30 5.88 -38.49
N GLY A 1035 -38.88 4.82 -39.16
CA GLY A 1035 -38.67 4.85 -40.58
C GLY A 1035 -38.52 3.45 -41.12
N GLN A 1036 -37.93 3.36 -42.31
CA GLN A 1036 -37.65 2.08 -42.92
C GLN A 1036 -36.19 2.07 -43.31
N SER A 1037 -35.47 1.05 -42.89
CA SER A 1037 -34.04 0.94 -43.10
C SER A 1037 -33.71 0.24 -44.40
N LYS A 1038 -32.65 0.72 -45.06
CA LYS A 1038 -32.13 0.07 -46.25
C LYS A 1038 -30.78 -0.56 -45.97
N ARG A 1039 -30.38 -0.57 -44.71
CA ARG A 1039 -29.11 -1.16 -44.29
C ARG A 1039 -29.36 -2.63 -43.95
N VAL A 1040 -28.70 -3.51 -44.70
CA VAL A 1040 -28.92 -4.95 -44.59
C VAL A 1040 -28.48 -5.47 -43.23
N ASP A 1041 -29.33 -6.27 -42.60
CA ASP A 1041 -29.13 -6.89 -41.29
C ASP A 1041 -28.97 -5.89 -40.16
N PHE A 1042 -29.29 -4.61 -40.39
CA PHE A 1042 -29.27 -3.66 -39.29
C PHE A 1042 -30.48 -3.88 -38.40
N CYS A 1043 -31.64 -4.10 -39.02
CA CYS A 1043 -32.92 -4.26 -38.33
C CYS A 1043 -33.39 -5.70 -38.49
N GLY A 1044 -32.49 -6.66 -38.26
CA GLY A 1044 -32.84 -8.06 -38.33
C GLY A 1044 -32.54 -8.64 -39.71
N LYS A 1045 -32.64 -9.95 -39.80
CA LYS A 1045 -32.35 -10.64 -41.06
C LYS A 1045 -33.55 -10.51 -42.00
N GLY A 1046 -33.26 -10.24 -43.25
CA GLY A 1046 -34.30 -10.09 -44.26
C GLY A 1046 -34.45 -8.64 -44.64
N TYR A 1047 -35.50 -8.37 -45.40
CA TYR A 1047 -35.74 -7.01 -45.89
C TYR A 1047 -36.64 -6.31 -44.88
N HIS A 1048 -36.10 -5.32 -44.21
CA HIS A 1048 -36.81 -4.66 -43.11
C HIS A 1048 -38.09 -3.98 -43.60
N LEU A 1049 -39.17 -4.21 -42.87
CA LEU A 1049 -40.45 -3.56 -43.10
C LEU A 1049 -40.76 -2.51 -42.05
N MET A 1050 -40.65 -2.86 -40.77
CA MET A 1050 -40.92 -1.97 -39.65
C MET A 1050 -40.41 -2.68 -38.41
N SER A 1051 -40.48 -1.97 -37.29
CA SER A 1051 -40.12 -2.56 -36.02
C SER A 1051 -40.99 -1.92 -34.95
N PHE A 1052 -41.09 -2.58 -33.81
CA PHE A 1052 -41.88 -2.08 -32.70
C PHE A 1052 -41.04 -2.13 -31.43
N PRO A 1053 -40.82 -0.99 -30.77
CA PRO A 1053 -40.05 -1.02 -29.52
C PRO A 1053 -40.89 -1.59 -28.40
N GLN A 1054 -40.20 -2.25 -27.47
CA GLN A 1054 -40.78 -2.74 -26.23
C GLN A 1054 -39.83 -2.40 -25.09
N SER A 1055 -40.38 -2.07 -23.93
CA SER A 1055 -39.49 -1.76 -22.83
C SER A 1055 -39.02 -3.04 -22.15
N ALA A 1056 -37.90 -2.92 -21.44
CA ALA A 1056 -37.34 -4.01 -20.65
C ALA A 1056 -36.58 -3.41 -19.49
N PRO A 1057 -36.32 -4.17 -18.43
CA PRO A 1057 -35.51 -3.64 -17.34
C PRO A 1057 -34.16 -3.14 -17.84
N HIS A 1058 -33.87 -1.88 -17.55
CA HIS A 1058 -32.59 -1.26 -17.93
C HIS A 1058 -32.32 -1.37 -19.42
N GLY A 1059 -33.34 -1.51 -20.26
CA GLY A 1059 -33.05 -1.64 -21.68
C GLY A 1059 -34.30 -1.66 -22.52
N VAL A 1060 -34.10 -1.88 -23.82
CA VAL A 1060 -35.16 -1.88 -24.80
C VAL A 1060 -35.08 -3.13 -25.67
N VAL A 1061 -36.24 -3.67 -26.03
CA VAL A 1061 -36.36 -4.85 -26.87
C VAL A 1061 -37.09 -4.44 -28.15
N PHE A 1062 -36.50 -4.77 -29.29
CA PHE A 1062 -37.05 -4.41 -30.59
C PHE A 1062 -37.59 -5.64 -31.30
N LEU A 1063 -38.83 -5.56 -31.77
CA LEU A 1063 -39.44 -6.61 -32.57
C LEU A 1063 -39.34 -6.19 -34.03
N HIS A 1064 -38.50 -6.87 -34.81
CA HIS A 1064 -38.23 -6.49 -36.18
C HIS A 1064 -39.08 -7.34 -37.13
N VAL A 1065 -39.88 -6.68 -37.96
CA VAL A 1065 -40.75 -7.36 -38.91
C VAL A 1065 -40.09 -7.29 -40.27
N THR A 1066 -39.72 -8.44 -40.83
CA THR A 1066 -38.99 -8.46 -42.09
C THR A 1066 -39.68 -9.36 -43.11
N TYR A 1067 -39.48 -9.01 -44.38
CA TYR A 1067 -39.96 -9.78 -45.52
C TYR A 1067 -38.88 -10.77 -45.94
N VAL A 1068 -39.22 -12.06 -46.00
CA VAL A 1068 -38.25 -13.08 -46.39
C VAL A 1068 -38.74 -13.97 -47.53
N PRO A 1069 -38.03 -14.04 -48.65
CA PRO A 1069 -38.38 -14.97 -49.72
C PRO A 1069 -38.44 -16.41 -49.22
N ALA A 1070 -39.43 -17.17 -49.68
CA ALA A 1070 -39.62 -18.52 -49.16
C ALA A 1070 -39.49 -19.63 -50.20
N GLN A 1071 -40.09 -19.49 -51.37
CA GLN A 1071 -40.19 -20.58 -52.35
C GLN A 1071 -39.70 -20.13 -53.70
N GLU A 1072 -38.39 -20.23 -53.91
CA GLU A 1072 -37.83 -19.78 -55.18
C GLU A 1072 -38.12 -20.80 -56.29
N LYS A 1073 -38.18 -20.31 -57.52
CA LYS A 1073 -38.33 -21.16 -58.71
C LYS A 1073 -37.22 -20.86 -59.72
N ASN A 1074 -36.90 -21.87 -60.53
CA ASN A 1074 -35.87 -21.81 -61.57
C ASN A 1074 -36.36 -21.19 -62.86
N PHE A 1075 -35.88 -20.00 -63.21
CA PHE A 1075 -36.28 -19.40 -64.46
C PHE A 1075 -35.06 -19.22 -65.38
N THR A 1076 -35.30 -19.27 -66.70
CA THR A 1076 -34.26 -18.99 -67.66
C THR A 1076 -34.25 -17.48 -67.87
N THR A 1077 -33.06 -16.90 -68.03
CA THR A 1077 -32.97 -15.45 -68.16
C THR A 1077 -32.13 -15.03 -69.37
N ALA A 1078 -32.14 -13.72 -69.60
CA ALA A 1078 -31.38 -13.06 -70.64
C ALA A 1078 -31.18 -11.60 -70.23
N PRO A 1079 -30.04 -10.99 -70.56
CA PRO A 1079 -29.86 -9.57 -70.22
C PRO A 1079 -30.75 -8.64 -71.00
N ALA A 1080 -31.26 -9.04 -72.16
CA ALA A 1080 -32.08 -8.16 -72.98
C ALA A 1080 -32.84 -8.99 -74.00
N ILE A 1081 -33.89 -8.38 -74.56
CA ILE A 1081 -34.66 -8.99 -75.64
C ILE A 1081 -34.39 -8.27 -76.96
N CYS A 1082 -34.09 -9.04 -78.00
CA CYS A 1082 -33.90 -8.54 -79.35
C CYS A 1082 -35.19 -8.65 -80.13
N HIS A 1083 -35.71 -7.52 -80.61
CA HIS A 1083 -37.00 -7.57 -81.29
C HIS A 1083 -36.88 -7.27 -82.79
N ASP A 1084 -36.80 -5.99 -83.14
CA ASP A 1084 -36.62 -5.58 -84.54
C ASP A 1084 -35.19 -5.15 -84.79
N GLY A 1085 -34.26 -5.68 -84.00
CA GLY A 1085 -32.86 -5.32 -84.04
C GLY A 1085 -32.51 -4.38 -82.91
N LYS A 1086 -33.52 -3.85 -82.24
CA LYS A 1086 -33.37 -2.98 -81.10
C LYS A 1086 -33.21 -3.86 -79.85
N ALA A 1087 -32.41 -3.40 -78.90
CA ALA A 1087 -32.19 -4.13 -77.66
C ALA A 1087 -33.09 -3.56 -76.57
N HIS A 1088 -34.00 -4.39 -76.07
CA HIS A 1088 -34.96 -4.00 -75.04
C HIS A 1088 -34.50 -4.50 -73.68
N PHE A 1089 -34.36 -3.60 -72.74
CA PHE A 1089 -33.94 -3.86 -71.38
C PHE A 1089 -35.12 -3.66 -70.44
N PRO A 1090 -35.19 -4.38 -69.32
CA PRO A 1090 -36.32 -4.18 -68.41
C PRO A 1090 -36.19 -2.86 -67.67
N ARG A 1091 -37.33 -2.23 -67.38
CA ARG A 1091 -37.29 -0.99 -66.61
C ARG A 1091 -37.25 -1.26 -65.11
N GLU A 1092 -38.07 -2.18 -64.63
CA GLU A 1092 -38.19 -2.44 -63.20
C GLU A 1092 -37.80 -3.85 -62.80
N GLY A 1093 -37.94 -4.82 -63.70
CA GLY A 1093 -37.74 -6.21 -63.36
C GLY A 1093 -36.59 -6.86 -64.10
N VAL A 1094 -36.69 -8.18 -64.26
CA VAL A 1094 -35.69 -8.99 -64.93
C VAL A 1094 -36.44 -9.86 -65.93
N PHE A 1095 -35.83 -10.11 -67.08
CA PHE A 1095 -36.47 -10.95 -68.09
C PHE A 1095 -36.25 -12.40 -67.73
N VAL A 1096 -37.33 -13.18 -67.69
CA VAL A 1096 -37.18 -14.58 -67.33
C VAL A 1096 -37.91 -15.42 -68.36
N SER A 1097 -37.68 -16.74 -68.33
CA SER A 1097 -38.39 -17.67 -69.25
C SER A 1097 -38.84 -18.91 -68.50
N ASN A 1098 -40.16 -19.16 -68.47
CA ASN A 1098 -40.71 -20.34 -67.75
C ASN A 1098 -40.38 -21.62 -68.51
N GLY A 1099 -40.31 -21.55 -69.85
CA GLY A 1099 -39.99 -22.73 -70.68
C GLY A 1099 -41.01 -22.88 -71.78
N THR A 1100 -41.60 -21.77 -72.23
CA THR A 1100 -42.66 -21.77 -73.28
C THR A 1100 -42.77 -20.35 -73.83
N HIS A 1101 -42.65 -19.35 -72.95
CA HIS A 1101 -42.71 -17.93 -73.38
C HIS A 1101 -41.87 -17.11 -72.39
N TRP A 1102 -41.43 -15.92 -72.79
CA TRP A 1102 -40.55 -15.11 -71.90
C TRP A 1102 -41.40 -14.11 -71.11
N PHE A 1103 -41.02 -13.83 -69.87
CA PHE A 1103 -41.75 -12.87 -69.05
C PHE A 1103 -40.79 -11.94 -68.36
N VAL A 1104 -41.32 -10.79 -67.92
CA VAL A 1104 -40.60 -9.84 -67.09
C VAL A 1104 -41.36 -9.76 -65.78
N THR A 1105 -40.63 -9.84 -64.67
CA THR A 1105 -41.28 -9.84 -63.37
C THR A 1105 -40.45 -9.06 -62.36
N GLN A 1106 -41.14 -8.57 -61.33
CA GLN A 1106 -40.47 -7.85 -60.26
C GLN A 1106 -39.42 -8.75 -59.61
N ARG A 1107 -38.27 -8.14 -59.32
CA ARG A 1107 -37.08 -8.85 -58.86
C ARG A 1107 -37.30 -9.71 -57.62
N ASN A 1108 -38.07 -9.21 -56.65
CA ASN A 1108 -38.21 -9.91 -55.37
C ASN A 1108 -39.47 -10.74 -55.23
N PHE A 1109 -40.23 -10.95 -56.31
CA PHE A 1109 -41.44 -11.75 -56.18
C PHE A 1109 -41.93 -12.20 -57.55
N TYR A 1110 -42.08 -13.50 -57.74
CA TYR A 1110 -42.46 -14.01 -59.04
C TYR A 1110 -43.92 -13.71 -59.32
N GLU A 1111 -44.14 -12.92 -60.36
CA GLU A 1111 -45.45 -12.47 -60.81
C GLU A 1111 -45.32 -12.10 -62.28
N PRO A 1112 -45.31 -13.10 -63.16
CA PRO A 1112 -44.89 -12.86 -64.54
C PRO A 1112 -45.89 -11.97 -65.27
N GLN A 1113 -45.37 -10.99 -65.97
CA GLN A 1113 -46.19 -10.10 -66.78
C GLN A 1113 -45.81 -10.30 -68.25
N ILE A 1114 -46.75 -9.94 -69.12
CA ILE A 1114 -46.45 -9.97 -70.55
C ILE A 1114 -45.43 -8.89 -70.86
N ILE A 1115 -44.46 -9.23 -71.69
CA ILE A 1115 -43.42 -8.28 -72.07
C ILE A 1115 -43.98 -7.30 -73.09
N THR A 1116 -43.97 -6.02 -72.72
CA THR A 1116 -44.54 -4.97 -73.55
C THR A 1116 -43.59 -3.78 -73.64
N THR A 1117 -43.94 -2.85 -74.53
CA THR A 1117 -43.16 -1.64 -74.70
C THR A 1117 -43.33 -0.67 -73.52
N ASP A 1118 -44.30 -0.93 -72.64
CA ASP A 1118 -44.58 -0.06 -71.51
C ASP A 1118 -43.81 -0.46 -70.25
N ASN A 1119 -43.04 -1.56 -70.29
CA ASN A 1119 -42.26 -1.98 -69.14
C ASN A 1119 -40.81 -2.22 -69.52
N THR A 1120 -40.40 -1.80 -70.71
CA THR A 1120 -39.04 -1.91 -71.18
C THR A 1120 -38.59 -0.58 -71.78
N PHE A 1121 -37.30 -0.48 -72.05
CA PHE A 1121 -36.71 0.66 -72.73
C PHE A 1121 -35.67 0.14 -73.70
N VAL A 1122 -35.34 0.97 -74.70
CA VAL A 1122 -34.45 0.57 -75.78
C VAL A 1122 -33.15 1.37 -75.71
N SER A 1123 -32.03 0.67 -75.84
CA SER A 1123 -30.71 1.27 -75.90
C SER A 1123 -29.78 0.34 -76.65
N GLY A 1124 -28.99 0.90 -77.57
CA GLY A 1124 -28.05 0.09 -78.32
C GLY A 1124 -28.75 -0.80 -79.34
N ASN A 1125 -28.16 -1.95 -79.62
CA ASN A 1125 -28.71 -2.87 -80.61
C ASN A 1125 -28.29 -4.29 -80.25
N CYS A 1126 -28.80 -5.24 -81.02
CA CYS A 1126 -28.63 -6.67 -80.78
C CYS A 1126 -27.21 -7.18 -80.98
N ASP A 1127 -26.32 -6.41 -81.60
CA ASP A 1127 -24.95 -6.87 -81.83
C ASP A 1127 -23.95 -6.49 -80.75
N VAL A 1128 -24.37 -5.78 -79.70
CA VAL A 1128 -23.48 -5.33 -78.65
C VAL A 1128 -23.69 -6.13 -77.36
N VAL A 1129 -24.93 -6.32 -76.96
CA VAL A 1129 -25.24 -7.00 -75.70
C VAL A 1129 -24.96 -8.49 -75.83
N ILE A 1130 -24.22 -9.03 -74.87
CA ILE A 1130 -23.84 -10.43 -74.85
C ILE A 1130 -24.97 -11.26 -74.25
N GLY A 1131 -25.41 -12.29 -74.98
CA GLY A 1131 -26.45 -13.16 -74.51
C GLY A 1131 -27.88 -12.70 -74.72
N ILE A 1132 -28.13 -11.81 -75.68
CA ILE A 1132 -29.49 -11.38 -75.94
C ILE A 1132 -30.26 -12.52 -76.60
N VAL A 1133 -31.53 -12.68 -76.24
CA VAL A 1133 -32.35 -13.75 -76.77
C VAL A 1133 -33.52 -13.17 -77.56
N ASN A 1134 -34.05 -13.98 -78.45
CA ASN A 1134 -35.17 -13.62 -79.30
C ASN A 1134 -36.51 -13.85 -78.65
N ASN A 1135 -37.31 -12.79 -78.62
CA ASN A 1135 -38.67 -12.80 -78.13
C ASN A 1135 -39.41 -11.71 -78.88
N THR A 1136 -40.69 -11.54 -78.58
CA THR A 1136 -41.50 -10.51 -79.19
C THR A 1136 -41.86 -9.48 -78.13
N VAL A 1137 -41.66 -8.21 -78.45
CA VAL A 1137 -42.01 -7.15 -77.53
C VAL A 1137 -43.37 -6.60 -77.94
N TYR A 1138 -44.34 -6.76 -77.06
CA TYR A 1138 -45.72 -6.41 -77.32
C TYR A 1138 -45.86 -4.90 -77.23
N ASP A 1139 -46.55 -4.30 -78.20
CA ASP A 1139 -46.81 -2.86 -78.15
C ASP A 1139 -48.31 -2.69 -78.01
N PRO A 1140 -48.80 -2.38 -76.81
CA PRO A 1140 -50.26 -2.31 -76.59
C PRO A 1140 -50.96 -1.39 -77.56
N LEU A 1141 -50.22 -0.42 -78.10
CA LEU A 1141 -50.82 0.53 -79.01
C LEU A 1141 -51.25 -0.13 -80.31
N GLN A 1142 -50.48 -1.10 -80.81
CA GLN A 1142 -50.79 -1.65 -82.14
C GLN A 1142 -52.04 -2.51 -82.14
N PRO A 1143 -52.23 -3.49 -81.24
CA PRO A 1143 -53.52 -4.20 -81.19
C PRO A 1143 -54.70 -3.26 -80.99
N GLU A 1144 -54.50 -2.22 -80.18
CA GLU A 1144 -55.58 -1.26 -79.93
C GLU A 1144 -55.77 -0.37 -81.15
N LEU A 1145 -54.68 0.09 -81.74
CA LEU A 1145 -54.71 1.00 -82.90
C LEU A 1145 -53.67 0.54 -83.91
N ALA B 27 49.68 14.43 -29.26
CA ALA B 27 48.93 14.08 -30.46
C ALA B 27 47.62 13.42 -30.09
N TYR B 28 46.61 13.57 -30.96
CA TYR B 28 45.31 12.97 -30.74
C TYR B 28 44.85 12.28 -32.01
N THR B 29 43.98 11.29 -31.87
CA THR B 29 43.36 10.64 -33.02
C THR B 29 41.89 10.39 -32.72
N ASN B 30 41.19 9.88 -33.73
CA ASN B 30 39.76 9.60 -33.63
C ASN B 30 39.56 8.15 -33.18
N SER B 31 38.94 7.98 -32.01
CA SER B 31 38.71 6.65 -31.45
C SER B 31 37.66 5.87 -32.24
N PHE B 32 36.89 6.53 -33.09
CA PHE B 32 35.83 5.90 -33.87
C PHE B 32 34.87 5.09 -33.00
N THR B 33 34.79 3.78 -33.26
CA THR B 33 33.85 2.90 -32.57
C THR B 33 34.56 1.83 -31.73
N ARG B 34 35.82 2.05 -31.37
CA ARG B 34 36.53 1.07 -30.56
C ARG B 34 36.24 1.33 -29.09
N GLY B 35 36.46 0.30 -28.27
CA GLY B 35 36.34 0.42 -26.84
C GLY B 35 35.12 -0.22 -26.22
N VAL B 36 34.32 -0.93 -26.98
CA VAL B 36 33.16 -1.66 -26.47
C VAL B 36 33.61 -3.03 -25.97
N TYR B 37 33.03 -3.47 -24.85
CA TYR B 37 33.34 -4.75 -24.26
C TYR B 37 32.03 -5.38 -23.78
N TYR B 38 32.07 -6.69 -23.58
CA TYR B 38 30.86 -7.39 -23.12
C TYR B 38 30.55 -7.01 -21.68
N PRO B 39 29.44 -6.31 -21.43
CA PRO B 39 29.13 -5.85 -20.07
C PRO B 39 29.16 -6.94 -19.03
N ASP B 40 28.74 -8.15 -19.40
CA ASP B 40 28.67 -9.25 -18.46
C ASP B 40 28.87 -10.56 -19.21
N LYS B 41 28.83 -11.66 -18.47
CA LYS B 41 29.03 -13.00 -19.01
C LYS B 41 27.69 -13.64 -19.35
N VAL B 42 26.89 -12.96 -20.17
CA VAL B 42 25.54 -13.41 -20.49
C VAL B 42 25.39 -13.55 -22.00
N PHE B 43 24.88 -14.69 -22.43
CA PHE B 43 24.61 -14.96 -23.83
C PHE B 43 23.28 -14.34 -24.25
N ARG B 44 23.29 -13.60 -25.33
CA ARG B 44 22.10 -12.97 -25.88
C ARG B 44 22.09 -13.22 -27.38
N SER B 45 20.93 -13.56 -27.93
CA SER B 45 20.84 -13.92 -29.34
C SER B 45 19.89 -13.00 -30.08
N SER B 46 20.39 -12.32 -31.11
CA SER B 46 19.61 -11.47 -31.99
C SER B 46 18.73 -10.48 -31.22
N VAL B 47 19.32 -9.85 -30.20
CA VAL B 47 18.59 -8.90 -29.39
C VAL B 47 19.41 -7.63 -29.23
N LEU B 48 18.72 -6.50 -29.14
CA LEU B 48 19.34 -5.23 -28.82
C LEU B 48 19.17 -5.00 -27.33
N HIS B 49 20.28 -4.92 -26.61
CA HIS B 49 20.26 -4.81 -25.16
C HIS B 49 20.74 -3.42 -24.75
N SER B 50 19.94 -2.74 -23.95
CA SER B 50 20.26 -1.40 -23.48
C SER B 50 20.87 -1.51 -22.09
N THR B 51 22.10 -1.01 -21.95
CA THR B 51 22.81 -1.08 -20.68
C THR B 51 23.61 0.20 -20.48
N GLN B 52 23.76 0.58 -19.22
CA GLN B 52 24.57 1.72 -18.83
C GLN B 52 25.78 1.22 -18.05
N ASP B 53 26.97 1.60 -18.50
CA ASP B 53 28.22 1.17 -17.88
C ASP B 53 29.31 2.14 -18.28
N LEU B 54 30.52 1.89 -17.80
CA LEU B 54 31.68 2.71 -18.13
C LEU B 54 32.24 2.29 -19.48
N PHE B 55 32.10 3.15 -20.48
CA PHE B 55 32.54 2.85 -21.83
C PHE B 55 33.40 3.98 -22.41
N LEU B 56 34.20 3.61 -23.40
CA LEU B 56 34.99 4.57 -24.15
C LEU B 56 34.07 5.26 -25.15
N PRO B 57 33.92 6.58 -25.10
CA PRO B 57 32.98 7.25 -25.98
C PRO B 57 33.31 7.03 -27.44
N PHE B 58 32.28 6.91 -28.26
CA PHE B 58 32.52 6.73 -29.68
C PHE B 58 33.09 8.05 -30.18
N PHE B 59 34.09 7.99 -31.06
CA PHE B 59 34.69 9.20 -31.58
C PHE B 59 35.29 10.05 -30.48
N SER B 60 35.66 9.43 -29.35
CA SER B 60 36.27 10.24 -28.32
C SER B 60 37.64 10.71 -28.75
N ASN B 61 38.10 11.75 -28.06
CA ASN B 61 39.40 12.34 -28.36
C ASN B 61 40.41 11.57 -27.52
N VAL B 62 41.25 10.76 -28.16
CA VAL B 62 42.20 9.92 -27.43
C VAL B 62 43.63 10.30 -27.77
N THR B 63 44.49 10.16 -26.77
CA THR B 63 45.88 10.59 -26.88
C THR B 63 46.74 9.54 -27.54
N TRP B 64 47.58 9.97 -28.48
CA TRP B 64 48.50 9.11 -29.21
C TRP B 64 49.92 9.28 -28.68
N PHE B 65 50.45 8.24 -28.07
CA PHE B 65 51.78 8.28 -27.48
C PHE B 65 52.74 7.52 -28.39
N HIS B 66 53.97 8.01 -28.51
CA HIS B 66 54.98 7.32 -29.28
C HIS B 66 56.08 6.75 -28.39
N ASP B 80 58.42 7.57 -24.45
CA ASP B 80 58.11 8.12 -23.13
C ASP B 80 57.10 7.25 -22.40
N ASN B 81 56.79 7.63 -21.16
CA ASN B 81 55.86 6.92 -20.30
C ASN B 81 55.68 7.66 -18.98
N PRO B 82 54.95 8.76 -19.00
CA PRO B 82 54.68 9.50 -17.77
C PRO B 82 53.61 8.80 -16.95
N VAL B 83 53.47 9.25 -15.71
CA VAL B 83 52.41 8.73 -14.86
C VAL B 83 51.12 9.44 -15.26
N LEU B 84 50.10 8.67 -15.56
CA LEU B 84 48.86 9.26 -16.01
C LEU B 84 47.76 9.04 -14.99
N PRO B 85 46.79 9.94 -14.91
CA PRO B 85 45.69 9.71 -13.98
C PRO B 85 44.79 8.58 -14.48
N PHE B 86 44.13 7.94 -13.52
CA PHE B 86 43.16 6.89 -13.79
C PHE B 86 41.84 7.29 -13.16
N ASN B 87 40.81 7.48 -13.98
CA ASN B 87 39.58 8.00 -13.43
C ASN B 87 38.60 6.86 -13.19
N ASP B 88 37.69 6.64 -14.14
CA ASP B 88 36.74 5.55 -14.04
C ASP B 88 37.31 4.25 -14.62
N GLY B 89 38.19 4.38 -15.59
CA GLY B 89 38.83 3.23 -16.22
C GLY B 89 39.68 3.73 -17.36
N VAL B 90 40.53 2.85 -17.85
CA VAL B 90 41.46 3.22 -18.91
C VAL B 90 41.36 2.23 -20.05
N TYR B 91 41.32 2.75 -21.26
CA TYR B 91 41.40 2.01 -22.50
C TYR B 91 42.83 2.04 -23.01
N PHE B 92 43.39 0.90 -23.34
CA PHE B 92 44.75 0.86 -23.84
C PHE B 92 44.77 0.09 -25.14
N ALA B 93 45.55 0.58 -26.10
CA ALA B 93 45.76 -0.13 -27.35
C ALA B 93 47.17 0.14 -27.83
N SER B 94 47.75 -0.82 -28.54
CA SER B 94 49.08 -0.60 -29.08
C SER B 94 49.22 -1.33 -30.40
N THR B 95 50.14 -0.84 -31.22
CA THR B 95 50.41 -1.41 -32.53
C THR B 95 51.92 -1.61 -32.61
N GLU B 96 52.39 -2.63 -31.92
CA GLU B 96 53.81 -2.96 -31.88
C GLU B 96 54.05 -4.29 -32.59
N LYS B 97 55.12 -4.33 -33.38
CA LYS B 97 55.55 -5.57 -34.02
C LYS B 97 56.65 -6.25 -33.25
N SER B 98 57.39 -5.51 -32.42
CA SER B 98 58.47 -6.03 -31.61
C SER B 98 58.03 -6.30 -30.17
N ASN B 99 56.75 -6.08 -29.85
CA ASN B 99 56.23 -6.31 -28.51
C ASN B 99 57.06 -5.57 -27.46
N ILE B 100 57.25 -4.27 -27.70
CA ILE B 100 58.04 -3.46 -26.78
C ILE B 100 57.25 -3.15 -25.52
N ILE B 101 55.98 -2.79 -25.66
CA ILE B 101 55.15 -2.47 -24.51
C ILE B 101 54.52 -3.77 -24.03
N ARG B 102 54.78 -4.14 -22.77
CA ARG B 102 54.34 -5.42 -22.26
C ARG B 102 54.07 -5.36 -20.75
N GLY B 103 53.44 -4.30 -20.29
CA GLY B 103 53.14 -4.24 -18.87
C GLY B 103 52.50 -2.93 -18.49
N TRP B 104 52.04 -2.88 -17.25
CA TRP B 104 51.36 -1.72 -16.70
C TRP B 104 51.57 -1.62 -15.20
N ILE B 105 51.47 -0.41 -14.70
CA ILE B 105 51.45 -0.13 -13.27
C ILE B 105 50.14 0.56 -12.94
N PHE B 106 49.43 0.04 -11.95
CA PHE B 106 48.18 0.63 -11.50
C PHE B 106 48.22 0.86 -9.99
N GLY B 107 47.69 1.99 -9.54
CA GLY B 107 47.59 2.22 -8.11
C GLY B 107 47.28 3.67 -7.78
N THR B 108 47.62 4.05 -6.55
CA THR B 108 47.39 5.41 -6.07
C THR B 108 48.71 6.11 -5.74
N THR B 109 49.45 5.60 -4.74
CA THR B 109 50.69 6.22 -4.29
C THR B 109 51.87 5.77 -5.12
N LEU B 110 51.89 4.49 -5.50
CA LEU B 110 52.95 3.90 -6.31
C LEU B 110 54.33 4.11 -5.70
N ASP B 111 54.41 4.11 -4.37
CA ASP B 111 55.70 4.33 -3.72
C ASP B 111 55.94 3.45 -2.50
N SER B 112 55.19 2.35 -2.36
CA SER B 112 55.23 1.35 -1.28
C SER B 112 54.34 1.74 -0.10
N LYS B 113 53.75 2.92 -0.11
CA LYS B 113 52.87 3.30 1.00
C LYS B 113 51.57 2.49 0.96
N THR B 114 51.09 2.16 -0.23
CA THR B 114 49.87 1.41 -0.40
C THR B 114 50.09 0.27 -1.41
N GLN B 115 49.10 -0.61 -1.47
CA GLN B 115 49.13 -1.73 -2.41
C GLN B 115 49.01 -1.22 -3.84
N SER B 116 49.72 -1.90 -4.74
CA SER B 116 49.67 -1.59 -6.18
C SER B 116 49.79 -2.89 -6.95
N LEU B 117 49.30 -2.88 -8.18
CA LEU B 117 49.26 -4.05 -9.04
C LEU B 117 50.34 -3.99 -10.11
N LEU B 118 51.19 -5.01 -10.15
CA LEU B 118 52.26 -5.14 -11.13
C LEU B 118 52.01 -6.36 -12.00
N ILE B 119 51.97 -6.15 -13.32
CA ILE B 119 51.75 -7.21 -14.31
C ILE B 119 52.93 -7.28 -15.26
N VAL B 120 53.57 -8.44 -15.33
CA VAL B 120 54.68 -8.62 -16.26
C VAL B 120 54.39 -9.85 -17.13
N ASN B 121 54.34 -9.62 -18.43
CA ASN B 121 54.05 -10.60 -19.49
C ASN B 121 55.30 -11.02 -20.28
N ASN B 122 56.12 -11.93 -19.76
CA ASN B 122 57.33 -12.21 -20.54
C ASN B 122 57.08 -13.53 -21.27
N ALA B 123 57.39 -13.57 -22.57
CA ALA B 123 57.28 -14.84 -23.28
C ALA B 123 55.93 -15.53 -23.11
N THR B 124 55.98 -16.66 -22.40
CA THR B 124 54.85 -17.54 -22.15
C THR B 124 54.31 -17.49 -20.74
N ASN B 125 54.80 -16.60 -19.87
CA ASN B 125 54.36 -16.59 -18.48
C ASN B 125 54.11 -15.16 -18.01
N VAL B 126 52.83 -14.86 -17.77
CA VAL B 126 52.36 -13.58 -17.27
C VAL B 126 52.19 -13.64 -15.75
N VAL B 127 52.78 -12.70 -15.03
CA VAL B 127 52.73 -12.72 -13.57
C VAL B 127 51.88 -11.53 -13.14
N ILE B 128 50.83 -11.80 -12.36
CA ILE B 128 49.98 -10.76 -11.80
C ILE B 128 50.24 -10.71 -10.31
N LYS B 129 50.74 -9.58 -9.81
CA LYS B 129 51.12 -9.53 -8.41
C LYS B 129 50.67 -8.23 -7.75
N VAL B 130 50.08 -8.35 -6.56
CA VAL B 130 49.66 -7.20 -5.78
C VAL B 130 50.48 -7.26 -4.50
N CYS B 131 51.30 -6.24 -4.29
CA CYS B 131 52.23 -6.20 -3.17
C CYS B 131 52.47 -4.74 -2.82
N GLU B 132 53.15 -4.52 -1.70
CA GLU B 132 53.59 -3.18 -1.32
C GLU B 132 54.90 -2.91 -2.05
N PHE B 133 54.78 -2.63 -3.35
CA PHE B 133 55.95 -2.46 -4.20
C PHE B 133 56.62 -1.12 -3.96
N GLN B 134 57.95 -1.11 -3.98
CA GLN B 134 58.70 0.14 -3.94
C GLN B 134 59.25 0.41 -5.34
N PHE B 135 58.53 1.22 -6.11
CA PHE B 135 58.84 1.47 -7.51
C PHE B 135 59.90 2.52 -7.75
N CYS B 136 60.56 2.38 -8.88
CA CYS B 136 61.49 3.34 -9.41
C CYS B 136 60.72 4.60 -9.80
N ASN B 137 61.42 5.73 -9.79
CA ASN B 137 60.79 6.99 -10.17
C ASN B 137 60.59 7.09 -11.68
N ASP B 138 61.14 6.12 -12.42
CA ASP B 138 61.00 6.06 -13.87
C ASP B 138 61.12 4.59 -14.23
N PRO B 139 60.08 3.80 -13.90
CA PRO B 139 60.17 2.35 -14.06
C PRO B 139 60.17 1.94 -15.52
N PHE B 140 60.94 0.88 -15.79
CA PHE B 140 61.01 0.32 -17.14
C PHE B 140 61.48 -1.12 -17.05
N LEU B 141 61.30 -1.83 -18.15
CA LEU B 141 61.79 -3.19 -18.30
C LEU B 141 62.93 -3.17 -19.31
N GLY B 142 63.87 -4.11 -19.14
CA GLY B 142 65.00 -4.24 -20.05
C GLY B 142 64.74 -5.28 -21.12
N VAL B 143 65.83 -5.62 -21.82
CA VAL B 143 65.76 -6.59 -22.90
C VAL B 143 66.76 -7.71 -22.67
N GLU B 156 66.70 -9.30 -17.10
CA GLU B 156 66.77 -8.08 -16.31
C GLU B 156 65.39 -7.54 -15.98
N PHE B 157 65.17 -7.20 -14.71
CA PHE B 157 63.90 -6.67 -14.24
C PHE B 157 64.19 -5.52 -13.30
N ARG B 158 63.84 -4.29 -13.71
CA ARG B 158 64.09 -3.12 -12.88
C ARG B 158 62.82 -2.27 -12.87
N VAL B 159 61.83 -2.79 -12.16
CA VAL B 159 60.50 -2.21 -12.05
C VAL B 159 60.32 -1.58 -10.69
N TYR B 160 60.81 -2.29 -9.68
CA TYR B 160 60.76 -2.00 -8.27
C TYR B 160 62.07 -2.43 -7.65
N SER B 161 62.37 -1.89 -6.49
CA SER B 161 63.57 -2.31 -5.80
C SER B 161 63.23 -3.29 -4.70
N SER B 162 61.96 -3.32 -4.28
CA SER B 162 61.48 -4.22 -3.25
C SER B 162 60.03 -4.52 -3.57
N ALA B 163 59.56 -5.70 -3.15
CA ALA B 163 58.17 -6.08 -3.37
C ALA B 163 57.72 -6.94 -2.18
N ASN B 164 57.40 -6.26 -1.09
CA ASN B 164 57.10 -6.81 0.22
C ASN B 164 55.62 -7.06 0.42
N ASN B 165 55.31 -7.95 1.36
CA ASN B 165 53.95 -8.19 1.83
C ASN B 165 52.96 -8.46 0.68
N CYS B 166 53.35 -9.41 -0.17
CA CYS B 166 52.53 -9.81 -1.32
C CYS B 166 51.24 -10.49 -0.88
N THR B 167 50.13 -10.06 -1.49
CA THR B 167 48.81 -10.57 -1.12
C THR B 167 48.14 -11.41 -2.20
N PHE B 168 48.52 -11.27 -3.48
CA PHE B 168 47.83 -12.00 -4.54
C PHE B 168 48.81 -12.31 -5.67
N GLU B 169 48.70 -13.51 -6.23
CA GLU B 169 49.45 -13.89 -7.43
C GLU B 169 48.66 -14.87 -8.27
N TYR B 170 48.69 -14.68 -9.60
CA TYR B 170 48.01 -15.55 -10.54
C TYR B 170 48.86 -15.70 -11.79
N VAL B 171 48.98 -16.92 -12.31
CA VAL B 171 49.75 -17.18 -13.52
C VAL B 171 48.90 -17.99 -14.49
N SER B 172 48.86 -17.56 -15.75
CA SER B 172 48.10 -18.28 -16.78
C SER B 172 48.81 -18.25 -18.13
N ASN B 188 50.46 -7.36 -33.15
CA ASN B 188 49.50 -6.63 -33.97
C ASN B 188 48.81 -5.54 -33.16
N LEU B 189 47.49 -5.49 -33.26
CA LEU B 189 46.69 -4.54 -32.50
C LEU B 189 46.10 -5.24 -31.27
N ARG B 190 46.46 -4.75 -30.09
CA ARG B 190 46.02 -5.30 -28.82
C ARG B 190 45.27 -4.24 -28.05
N GLU B 191 44.07 -4.55 -27.58
CA GLU B 191 43.23 -3.60 -26.88
C GLU B 191 42.88 -4.15 -25.50
N PHE B 192 42.92 -3.29 -24.49
CA PHE B 192 42.61 -3.68 -23.12
C PHE B 192 41.72 -2.65 -22.46
N VAL B 193 40.88 -3.09 -21.54
CA VAL B 193 40.11 -2.21 -20.66
C VAL B 193 40.40 -2.60 -19.23
N PHE B 194 40.75 -1.61 -18.41
CA PHE B 194 41.07 -1.85 -17.00
C PHE B 194 40.13 -1.06 -16.11
N LYS B 195 39.32 -1.74 -15.33
CA LYS B 195 38.44 -1.05 -14.37
C LYS B 195 38.39 -1.85 -13.09
N ASN B 196 38.26 -1.14 -11.97
CA ASN B 196 38.16 -1.74 -10.64
C ASN B 196 36.78 -1.42 -10.07
N ILE B 197 35.89 -2.39 -10.07
CA ILE B 197 34.52 -2.18 -9.63
C ILE B 197 34.25 -3.05 -8.41
N ASP B 198 33.95 -2.42 -7.28
CA ASP B 198 33.57 -3.10 -6.04
C ASP B 198 34.57 -4.19 -5.66
N GLY B 199 35.85 -3.91 -5.84
CA GLY B 199 36.88 -4.84 -5.44
C GLY B 199 37.37 -5.78 -6.53
N TYR B 200 36.72 -5.81 -7.69
CA TYR B 200 37.17 -6.68 -8.77
C TYR B 200 37.83 -5.86 -9.86
N PHE B 201 39.06 -6.26 -10.22
CA PHE B 201 39.82 -5.62 -11.29
C PHE B 201 39.55 -6.41 -12.56
N LYS B 202 38.77 -5.86 -13.47
CA LYS B 202 38.31 -6.58 -14.66
C LYS B 202 39.17 -6.19 -15.85
N ILE B 203 39.72 -7.18 -16.54
CA ILE B 203 40.57 -6.96 -17.70
C ILE B 203 39.94 -7.63 -18.92
N TYR B 204 39.79 -6.86 -19.99
CA TYR B 204 39.27 -7.34 -21.26
C TYR B 204 40.36 -7.22 -22.32
N SER B 205 40.33 -8.10 -23.33
CA SER B 205 41.35 -7.99 -24.36
C SER B 205 40.82 -8.55 -25.68
N LYS B 206 41.46 -8.10 -26.76
CA LYS B 206 41.20 -8.57 -28.12
C LYS B 206 42.48 -8.48 -28.93
N HIS B 207 42.71 -9.48 -29.78
CA HIS B 207 43.86 -9.48 -30.68
C HIS B 207 43.33 -9.66 -32.09
N THR B 208 43.52 -8.66 -32.94
CA THR B 208 42.99 -8.70 -34.29
C THR B 208 44.06 -8.38 -35.32
N PRO B 209 43.82 -8.73 -36.59
CA PRO B 209 44.70 -8.27 -37.67
C PRO B 209 44.71 -6.75 -37.76
N ILE B 210 45.83 -6.22 -38.25
CA ILE B 210 45.99 -4.79 -38.45
C ILE B 210 46.48 -4.57 -39.88
N ASN B 211 45.79 -3.72 -40.63
CA ASN B 211 46.18 -3.41 -42.00
C ASN B 211 46.50 -1.94 -42.20
N LEU B 212 46.64 -1.17 -41.13
CA LEU B 212 47.00 0.25 -41.22
C LEU B 212 48.35 0.43 -40.56
N VAL B 213 49.11 1.40 -41.06
CA VAL B 213 50.45 1.64 -40.53
C VAL B 213 50.43 2.63 -39.38
N ARG B 214 49.71 3.73 -39.53
CA ARG B 214 49.59 4.76 -38.50
C ARG B 214 48.13 5.17 -38.32
N ASP B 215 47.29 4.25 -37.87
CA ASP B 215 45.87 4.54 -37.72
C ASP B 215 45.24 3.58 -36.72
N LEU B 216 43.96 3.81 -36.46
CA LEU B 216 43.14 2.95 -35.59
C LEU B 216 41.97 2.49 -36.45
N PRO B 217 42.03 1.28 -37.00
CA PRO B 217 41.07 0.89 -38.02
C PRO B 217 39.63 1.13 -37.58
N GLN B 218 38.85 1.67 -38.50
CA GLN B 218 37.44 2.01 -38.25
C GLN B 218 36.60 0.75 -38.45
N GLY B 219 36.73 -0.14 -37.48
CA GLY B 219 36.03 -1.41 -37.47
C GLY B 219 35.41 -1.58 -36.10
N PHE B 220 34.86 -2.75 -35.83
CA PHE B 220 34.23 -2.96 -34.54
C PHE B 220 34.54 -4.35 -34.01
N SER B 221 35.01 -4.40 -32.77
CA SER B 221 35.22 -5.64 -32.05
C SER B 221 34.87 -5.35 -30.60
N ALA B 222 34.26 -6.33 -29.95
CA ALA B 222 33.95 -6.26 -28.54
C ALA B 222 35.03 -6.95 -27.75
N LEU B 223 35.47 -6.31 -26.68
CA LEU B 223 36.54 -6.86 -25.88
C LEU B 223 35.98 -7.96 -24.98
N GLU B 224 36.71 -9.10 -24.91
CA GLU B 224 36.17 -10.21 -24.12
C GLU B 224 36.75 -10.20 -22.70
N PRO B 225 35.99 -10.62 -21.70
CA PRO B 225 36.57 -10.71 -20.35
C PRO B 225 37.68 -11.74 -20.29
N LEU B 226 38.76 -11.40 -19.59
CA LEU B 226 39.89 -12.31 -19.42
C LEU B 226 40.01 -12.80 -17.99
N VAL B 227 40.19 -11.89 -17.04
CA VAL B 227 40.30 -12.21 -15.62
C VAL B 227 39.46 -11.24 -14.81
N ASP B 228 39.13 -11.66 -13.59
CA ASP B 228 38.41 -10.81 -12.63
C ASP B 228 39.06 -10.93 -11.25
N LEU B 229 40.17 -10.23 -11.05
CA LEU B 229 40.98 -10.46 -9.85
C LEU B 229 40.25 -9.88 -8.65
N PRO B 230 39.94 -10.68 -7.65
CA PRO B 230 39.21 -10.19 -6.46
C PRO B 230 40.11 -9.46 -5.47
N ILE B 231 40.72 -8.37 -5.94
CA ILE B 231 41.67 -7.61 -5.15
C ILE B 231 41.09 -6.23 -4.88
N GLY B 232 41.08 -5.85 -3.61
CA GLY B 232 40.55 -4.58 -3.14
C GLY B 232 41.51 -3.45 -3.37
N ILE B 233 41.74 -3.12 -4.64
CA ILE B 233 42.72 -2.12 -5.02
C ILE B 233 42.00 -0.88 -5.56
N ASN B 234 42.44 0.30 -5.09
CA ASN B 234 41.99 1.60 -5.58
C ASN B 234 42.95 2.06 -6.66
N ILE B 235 42.48 2.15 -7.89
CA ILE B 235 43.37 2.55 -8.98
C ILE B 235 42.91 3.95 -9.35
N THR B 236 43.81 4.93 -9.14
CA THR B 236 43.53 6.32 -9.45
C THR B 236 44.55 6.94 -10.38
N ARG B 237 45.70 6.31 -10.54
CA ARG B 237 46.75 6.75 -11.43
C ARG B 237 47.34 5.49 -12.05
N PHE B 238 47.93 5.61 -13.23
CA PHE B 238 48.60 4.44 -13.76
C PHE B 238 49.75 4.87 -14.65
N GLN B 239 50.63 3.93 -14.90
CA GLN B 239 51.80 4.12 -15.75
C GLN B 239 52.01 2.83 -16.51
N THR B 240 52.47 2.97 -17.74
CA THR B 240 52.75 1.82 -18.59
C THR B 240 54.17 1.32 -18.30
N LEU B 241 54.41 0.07 -18.71
CA LEU B 241 55.72 -0.55 -18.61
C LEU B 241 56.14 -0.96 -20.00
N LEU B 242 57.35 -0.57 -20.39
CA LEU B 242 57.87 -0.85 -21.72
C LEU B 242 59.30 -1.34 -21.60
N ALA B 243 59.71 -2.15 -22.57
CA ALA B 243 61.10 -2.60 -22.66
C ALA B 243 61.99 -1.52 -23.24
N ALA B 263 57.47 1.91 -31.62
CA ALA B 263 56.30 1.52 -30.84
C ALA B 263 55.43 2.72 -30.52
N ALA B 264 54.14 2.48 -30.32
CA ALA B 264 53.19 3.53 -30.00
C ALA B 264 51.98 2.93 -29.32
N TYR B 265 51.33 3.71 -28.47
CA TYR B 265 50.14 3.25 -27.78
C TYR B 265 49.19 4.41 -27.55
N TYR B 266 47.93 4.08 -27.27
CA TYR B 266 46.88 5.06 -27.07
C TYR B 266 46.23 4.84 -25.72
N VAL B 267 45.87 5.93 -25.04
CA VAL B 267 45.17 5.86 -23.76
C VAL B 267 43.93 6.74 -23.81
N GLY B 268 42.78 6.16 -23.49
CA GLY B 268 41.52 6.89 -23.43
C GLY B 268 40.87 6.67 -22.07
N TYR B 269 39.76 7.37 -21.86
CA TYR B 269 39.04 7.22 -20.60
C TYR B 269 37.55 6.91 -20.83
N LEU B 270 37.02 6.08 -19.94
CA LEU B 270 35.66 5.59 -19.96
C LEU B 270 34.71 6.55 -19.24
N GLN B 271 33.44 6.59 -19.68
CA GLN B 271 32.45 7.43 -19.03
C GLN B 271 31.15 6.66 -18.82
N PRO B 272 30.35 7.04 -17.80
CA PRO B 272 29.08 6.34 -17.54
C PRO B 272 27.89 6.60 -18.46
N ARG B 273 27.98 6.17 -19.70
CA ARG B 273 26.97 6.34 -20.74
C ARG B 273 26.23 5.04 -21.00
N THR B 274 25.05 5.18 -21.61
CA THR B 274 24.23 4.04 -21.95
C THR B 274 24.45 3.73 -23.42
N PHE B 275 24.67 2.45 -23.71
CA PHE B 275 24.88 1.96 -25.07
C PHE B 275 23.83 0.92 -25.43
N LEU B 276 23.46 0.91 -26.71
CA LEU B 276 22.62 -0.13 -27.29
C LEU B 276 23.50 -1.08 -28.07
N LEU B 277 23.63 -2.31 -27.57
CA LEU B 277 24.51 -3.32 -28.13
C LEU B 277 23.73 -4.29 -28.99
N LYS B 278 24.19 -4.51 -30.22
CA LYS B 278 23.53 -5.40 -31.16
C LYS B 278 24.21 -6.76 -31.14
N TYR B 279 23.47 -7.76 -30.67
CA TYR B 279 23.98 -9.12 -30.59
C TYR B 279 23.56 -9.91 -31.83
N ASN B 280 24.41 -10.84 -32.24
CA ASN B 280 24.08 -11.70 -33.36
C ASN B 280 23.49 -13.02 -32.83
N GLU B 281 23.19 -13.92 -33.77
CA GLU B 281 22.64 -15.22 -33.37
C GLU B 281 23.64 -16.09 -32.63
N ASN B 282 24.93 -15.76 -32.70
CA ASN B 282 25.96 -16.54 -32.03
C ASN B 282 26.46 -15.90 -30.75
N GLY B 283 25.77 -14.87 -30.25
CA GLY B 283 26.11 -14.26 -28.98
C GLY B 283 27.20 -13.21 -29.00
N THR B 284 27.66 -12.80 -30.17
CA THR B 284 28.71 -11.80 -30.26
C THR B 284 28.09 -10.43 -30.54
N ILE B 285 28.87 -9.38 -30.29
CA ILE B 285 28.44 -8.01 -30.59
C ILE B 285 28.94 -7.61 -31.97
N THR B 286 28.01 -7.23 -32.84
CA THR B 286 28.35 -6.88 -34.22
C THR B 286 28.33 -5.37 -34.48
N ASP B 287 27.58 -4.61 -33.69
CA ASP B 287 27.55 -3.16 -33.85
C ASP B 287 27.16 -2.54 -32.52
N ALA B 288 27.16 -1.21 -32.48
CA ALA B 288 26.76 -0.49 -31.27
C ALA B 288 26.41 0.95 -31.62
N VAL B 289 25.58 1.56 -30.79
CA VAL B 289 25.21 2.96 -30.89
C VAL B 289 25.61 3.68 -29.61
N ASP B 290 26.36 4.76 -29.73
CA ASP B 290 26.70 5.59 -28.59
C ASP B 290 25.55 6.56 -28.42
N CYS B 291 24.76 6.35 -27.38
CA CYS B 291 23.48 7.02 -27.20
C CYS B 291 23.60 8.53 -27.01
N ALA B 292 24.79 9.04 -26.73
CA ALA B 292 25.02 10.46 -26.49
C ALA B 292 25.76 11.12 -27.64
N LEU B 293 26.00 10.40 -28.73
CA LEU B 293 26.80 10.92 -29.83
C LEU B 293 26.10 12.06 -30.56
N ASP B 294 24.84 11.88 -30.92
CA ASP B 294 24.13 12.93 -31.64
C ASP B 294 22.62 12.67 -31.52
N PRO B 295 21.79 13.59 -31.99
CA PRO B 295 20.33 13.38 -31.91
C PRO B 295 19.84 12.17 -32.68
N LEU B 296 20.61 11.67 -33.64
CA LEU B 296 20.15 10.49 -34.38
C LEU B 296 20.40 9.26 -33.53
N SER B 297 21.56 9.21 -32.87
CA SER B 297 21.88 8.10 -31.99
C SER B 297 20.91 8.08 -30.81
N GLU B 298 20.53 9.26 -30.34
CA GLU B 298 19.59 9.37 -29.23
C GLU B 298 18.24 8.77 -29.61
N THR B 299 17.81 9.01 -30.84
CA THR B 299 16.56 8.46 -31.33
C THR B 299 16.59 6.93 -31.32
N LYS B 300 17.72 6.36 -31.76
CA LYS B 300 17.86 4.90 -31.78
C LYS B 300 17.60 4.30 -30.40
N CYS B 301 18.14 4.91 -29.34
CA CYS B 301 17.92 4.37 -28.00
C CYS B 301 16.46 4.41 -27.60
N THR B 302 15.75 5.48 -27.95
CA THR B 302 14.34 5.56 -27.60
C THR B 302 13.53 4.46 -28.25
N LEU B 303 13.77 4.19 -29.54
CA LEU B 303 13.02 3.13 -30.19
C LEU B 303 13.61 1.76 -29.91
N LYS B 304 14.85 1.71 -29.42
CA LYS B 304 15.58 0.46 -29.19
C LYS B 304 15.62 -0.34 -30.49
N SER B 305 15.98 0.35 -31.56
CA SER B 305 16.09 -0.21 -32.90
C SER B 305 17.38 0.30 -33.52
N PHE B 306 17.99 -0.52 -34.38
CA PHE B 306 19.20 -0.09 -35.01
C PHE B 306 18.93 0.67 -36.30
N THR B 307 17.68 0.70 -36.71
CA THR B 307 17.22 1.37 -37.90
C THR B 307 16.12 2.31 -37.43
N VAL B 308 16.18 3.57 -37.82
CA VAL B 308 15.16 4.54 -37.45
C VAL B 308 14.24 4.74 -38.63
N GLU B 309 12.95 4.59 -38.40
CA GLU B 309 11.96 4.73 -39.45
C GLU B 309 11.64 6.21 -39.66
N LYS B 310 11.00 6.48 -40.80
CA LYS B 310 10.60 7.84 -41.14
C LYS B 310 9.56 8.33 -40.15
N GLY B 311 9.75 9.52 -39.61
CA GLY B 311 8.79 10.07 -38.67
C GLY B 311 9.44 11.04 -37.70
N ILE B 312 8.67 11.36 -36.66
CA ILE B 312 9.06 12.26 -35.59
C ILE B 312 9.06 11.49 -34.28
N TYR B 313 10.16 11.58 -33.54
CA TYR B 313 10.30 10.85 -32.30
C TYR B 313 10.75 11.77 -31.18
N GLN B 314 10.16 11.60 -30.00
CA GLN B 314 10.57 12.35 -28.83
C GLN B 314 11.70 11.57 -28.16
N THR B 315 12.86 12.19 -28.02
CA THR B 315 14.02 11.47 -27.50
C THR B 315 14.57 11.98 -26.19
N SER B 316 14.35 13.24 -25.83
CA SER B 316 14.93 13.79 -24.62
C SER B 316 14.01 14.84 -24.04
N ASN B 317 14.52 15.61 -23.08
CA ASN B 317 13.75 16.63 -22.39
C ASN B 317 14.68 17.80 -22.09
N PHE B 318 14.42 18.92 -22.75
CA PHE B 318 15.24 20.11 -22.61
C PHE B 318 14.89 20.85 -21.33
N ARG B 319 15.92 21.21 -20.56
CA ARG B 319 15.74 21.98 -19.33
C ARG B 319 16.83 23.02 -19.22
N VAL B 320 16.43 24.28 -19.03
CA VAL B 320 17.37 25.36 -18.83
C VAL B 320 17.90 25.28 -17.41
N GLN B 321 19.17 25.33 -17.27
CA GLN B 321 19.69 25.18 -15.93
C GLN B 321 19.90 26.55 -15.28
N PRO B 322 19.84 26.62 -13.95
CA PRO B 322 20.18 27.86 -13.27
C PRO B 322 21.65 28.19 -13.42
N THR B 323 21.94 29.48 -13.56
CA THR B 323 23.31 29.94 -13.71
C THR B 323 23.88 30.62 -12.48
N GLU B 324 23.03 31.03 -11.53
CA GLU B 324 23.50 31.71 -10.33
C GLU B 324 22.66 31.24 -9.15
N SER B 325 22.98 31.74 -7.96
CA SER B 325 22.24 31.43 -6.74
C SER B 325 21.94 32.74 -6.02
N ILE B 326 20.67 33.10 -5.93
CA ILE B 326 20.25 34.39 -5.38
C ILE B 326 19.51 34.19 -4.06
N VAL B 327 20.08 34.73 -2.99
CA VAL B 327 19.51 34.66 -1.65
C VAL B 327 19.36 36.10 -1.18
N ARG B 328 18.15 36.45 -0.70
CA ARG B 328 17.87 37.80 -0.25
C ARG B 328 17.05 37.84 1.03
N PHE B 329 17.45 38.72 1.93
CA PHE B 329 16.82 39.03 3.21
C PHE B 329 16.69 40.53 3.39
N PRO B 330 15.80 40.97 4.30
CA PRO B 330 15.58 42.41 4.51
C PRO B 330 16.79 43.18 4.99
N ASN B 331 16.70 44.51 4.82
CA ASN B 331 17.71 45.43 5.30
C ASN B 331 18.01 45.19 6.78
N ILE B 332 19.28 45.18 7.13
CA ILE B 332 19.59 44.95 8.53
C ILE B 332 19.48 46.32 9.18
N THR B 333 18.49 46.49 10.04
CA THR B 333 18.19 47.73 10.74
C THR B 333 17.96 47.41 12.21
N ASN B 334 17.77 48.44 13.05
CA ASN B 334 17.54 48.22 14.48
C ASN B 334 18.70 47.43 15.07
N LEU B 335 19.91 47.94 14.87
CA LEU B 335 21.06 47.28 15.43
C LEU B 335 21.09 47.37 16.95
N CYS B 336 21.60 46.30 17.53
CA CYS B 336 21.76 46.15 18.96
C CYS B 336 22.74 47.15 19.56
N PRO B 337 22.41 47.71 20.71
CA PRO B 337 23.26 48.73 21.32
C PRO B 337 24.51 48.12 21.92
N PHE B 338 25.37 47.51 21.10
CA PHE B 338 26.62 46.98 21.63
C PHE B 338 27.57 48.12 22.01
N GLY B 339 27.53 49.22 21.25
CA GLY B 339 28.39 50.36 21.55
C GLY B 339 28.10 50.94 22.93
N GLU B 340 26.83 50.88 23.35
CA GLU B 340 26.45 51.43 24.65
C GLU B 340 27.04 50.65 25.81
N VAL B 341 27.49 49.42 25.59
CA VAL B 341 28.06 48.58 26.65
C VAL B 341 29.58 48.57 26.61
N PHE B 342 30.16 48.37 25.42
CA PHE B 342 31.62 48.27 25.30
C PHE B 342 32.29 49.62 25.39
N ASN B 343 31.64 50.66 24.90
CA ASN B 343 32.21 51.99 24.93
C ASN B 343 31.60 52.86 26.02
N ALA B 344 31.01 52.23 27.04
CA ALA B 344 30.37 52.91 28.16
C ALA B 344 31.38 53.76 28.92
N THR B 345 30.90 54.90 29.46
CA THR B 345 31.77 55.81 30.19
C THR B 345 32.12 55.31 31.59
N ARG B 346 31.33 54.39 32.14
CA ARG B 346 31.63 53.85 33.46
C ARG B 346 31.39 52.35 33.43
N PHE B 347 32.33 51.59 33.99
CA PHE B 347 32.21 50.16 34.14
C PHE B 347 32.04 49.78 35.61
N ALA B 348 31.36 48.67 35.84
CA ALA B 348 31.10 48.19 37.18
C ALA B 348 32.33 47.48 37.76
N SER B 349 32.35 47.36 39.08
CA SER B 349 33.37 46.60 39.77
C SER B 349 33.24 45.12 39.39
N VAL B 350 34.38 44.42 39.36
CA VAL B 350 34.31 43.01 38.98
C VAL B 350 33.52 42.22 40.02
N TYR B 351 33.54 42.64 41.28
CA TYR B 351 32.72 41.96 42.28
C TYR B 351 31.24 42.24 42.08
N ALA B 352 30.90 43.30 41.36
CA ALA B 352 29.52 43.73 41.17
C ALA B 352 29.28 44.12 39.70
N TRP B 353 29.56 43.17 38.80
CA TRP B 353 29.53 43.46 37.37
C TRP B 353 28.15 43.89 36.92
N ASN B 354 28.11 44.71 35.88
CA ASN B 354 26.90 45.31 35.34
C ASN B 354 26.37 44.44 34.20
N ARG B 355 25.24 43.77 34.44
CA ARG B 355 24.62 42.90 33.44
C ARG B 355 23.56 43.65 32.64
N LYS B 356 23.80 43.79 31.34
CA LYS B 356 22.87 44.39 30.39
C LYS B 356 22.24 43.31 29.54
N ARG B 357 20.92 43.31 29.44
CA ARG B 357 20.18 42.36 28.61
C ARG B 357 19.98 42.93 27.22
N ILE B 358 20.40 42.19 26.19
CA ILE B 358 20.25 42.61 24.80
C ILE B 358 19.12 41.82 24.16
N SER B 359 18.13 42.52 23.63
CA SER B 359 16.95 41.90 23.05
C SER B 359 16.33 42.83 22.01
N ASN B 360 15.50 42.24 21.14
CA ASN B 360 14.70 42.96 20.15
C ASN B 360 15.53 43.93 19.31
N CYS B 361 16.63 43.43 18.77
CA CYS B 361 17.57 44.27 18.03
C CYS B 361 18.38 43.40 17.07
N VAL B 362 19.15 44.06 16.21
CA VAL B 362 20.02 43.38 15.23
C VAL B 362 21.46 43.36 15.74
N ALA B 363 21.98 42.16 15.98
CA ALA B 363 23.30 41.94 16.57
C ALA B 363 24.34 41.84 15.46
N ASP B 364 25.08 42.91 15.21
CA ASP B 364 26.05 42.93 14.11
C ASP B 364 27.34 42.25 14.56
N TYR B 365 27.28 40.91 14.60
CA TYR B 365 28.38 40.10 15.10
C TYR B 365 29.62 40.15 14.22
N SER B 366 29.49 40.52 12.95
CA SER B 366 30.66 40.56 12.08
C SER B 366 31.68 41.57 12.58
N VAL B 367 31.21 42.64 13.22
CA VAL B 367 32.10 43.67 13.73
C VAL B 367 32.95 43.15 14.89
N LEU B 368 32.33 42.46 15.84
CA LEU B 368 33.09 41.97 16.99
C LEU B 368 34.15 40.96 16.59
N TYR B 369 33.82 40.05 15.67
CA TYR B 369 34.82 39.08 15.24
C TYR B 369 35.90 39.74 14.40
N ASN B 370 35.49 40.54 13.41
CA ASN B 370 36.44 41.10 12.45
C ASN B 370 37.33 42.19 13.04
N SER B 371 36.84 42.94 14.02
CA SER B 371 37.66 44.04 14.52
C SER B 371 38.86 43.55 15.31
N ALA B 372 39.85 44.44 15.43
CA ALA B 372 41.07 44.21 16.18
C ALA B 372 41.08 44.92 17.53
N SER B 373 39.94 45.42 18.00
CA SER B 373 39.89 46.16 19.25
C SER B 373 40.06 45.27 20.49
N PHE B 374 39.91 43.96 20.35
CA PHE B 374 39.96 43.04 21.48
C PHE B 374 41.26 42.27 21.53
N SER B 375 41.78 42.07 22.73
CA SER B 375 42.98 41.26 22.91
C SER B 375 42.62 39.83 23.27
N THR B 376 41.44 39.62 23.86
CA THR B 376 40.95 38.30 24.24
C THR B 376 39.61 38.16 23.55
N PHE B 377 39.39 37.04 22.86
CA PHE B 377 38.08 36.83 22.25
C PHE B 377 37.80 35.33 22.20
N LYS B 378 37.42 34.77 23.33
CA LYS B 378 37.26 33.33 23.44
C LYS B 378 35.77 33.02 23.40
N CYS B 379 35.33 32.46 22.29
CA CYS B 379 33.93 32.14 22.06
C CYS B 379 33.76 30.66 22.36
N TYR B 380 32.79 30.33 23.19
CA TYR B 380 32.54 28.96 23.64
C TYR B 380 31.17 28.49 23.19
N GLY B 381 31.15 27.41 22.40
CA GLY B 381 29.92 26.84 21.90
C GLY B 381 29.42 27.43 20.60
N VAL B 382 30.03 28.52 20.14
CA VAL B 382 29.61 29.20 18.92
C VAL B 382 30.86 29.48 18.09
N SER B 383 30.66 29.68 16.80
CA SER B 383 31.77 30.06 15.94
C SER B 383 31.84 31.56 15.79
N PRO B 384 33.01 32.17 16.04
CA PRO B 384 33.08 33.64 16.04
C PRO B 384 32.74 34.26 14.70
N THR B 385 32.79 33.51 13.61
CA THR B 385 32.46 34.05 12.29
C THR B 385 31.08 33.64 11.83
N LYS B 386 30.38 32.83 12.61
CA LYS B 386 29.03 32.38 12.25
C LYS B 386 28.03 32.86 13.28
N LEU B 387 28.45 33.77 14.16
CA LEU B 387 27.59 34.25 15.24
C LEU B 387 26.34 34.93 14.72
N ASN B 388 26.45 35.58 13.54
CA ASN B 388 25.30 36.29 12.99
C ASN B 388 24.16 35.36 12.66
N ASP B 389 24.43 34.10 12.35
CA ASP B 389 23.36 33.22 11.94
C ASP B 389 22.75 32.45 13.11
N LEU B 390 23.21 32.70 14.34
CA LEU B 390 22.70 32.02 15.52
C LEU B 390 21.83 33.01 16.28
N CYS B 391 20.52 32.75 16.31
CA CYS B 391 19.58 33.64 16.99
C CYS B 391 19.29 33.10 18.38
N PHE B 392 19.44 33.97 19.38
CA PHE B 392 19.24 33.63 20.78
C PHE B 392 18.22 34.58 21.38
N THR B 393 17.62 34.14 22.48
CA THR B 393 16.63 34.96 23.18
C THR B 393 17.28 36.12 23.93
N ASN B 394 18.37 35.88 24.63
CA ASN B 394 18.98 36.96 25.38
C ASN B 394 20.49 36.93 25.21
N VAL B 395 21.07 38.13 25.15
CA VAL B 395 22.50 38.34 25.21
C VAL B 395 22.76 39.22 26.43
N TYR B 396 23.62 38.76 27.32
CA TYR B 396 23.92 39.47 28.55
C TYR B 396 25.33 40.02 28.47
N ALA B 397 25.45 41.33 28.64
CA ALA B 397 26.73 42.04 28.57
C ALA B 397 27.20 42.32 29.98
N ASP B 398 28.19 41.55 30.43
CA ASP B 398 28.74 41.70 31.77
C ASP B 398 29.95 42.62 31.70
N SER B 399 29.81 43.82 32.23
CA SER B 399 30.81 44.88 32.13
C SER B 399 31.53 45.08 33.47
N PHE B 400 32.85 44.98 33.46
CA PHE B 400 33.61 45.16 34.69
C PHE B 400 35.04 45.53 34.34
N VAL B 401 35.76 46.05 35.33
CA VAL B 401 37.18 46.38 35.21
C VAL B 401 38.00 45.48 36.13
N ILE B 402 39.05 44.88 35.60
CA ILE B 402 39.96 44.05 36.36
C ILE B 402 41.38 44.47 36.02
N ARG B 403 42.33 44.01 36.83
CA ARG B 403 43.74 44.26 36.53
C ARG B 403 44.24 43.22 35.54
N GLY B 404 45.27 43.59 34.80
CA GLY B 404 45.84 42.71 33.79
C GLY B 404 46.00 41.27 34.21
N ASP B 405 46.61 41.03 35.37
CA ASP B 405 46.85 39.65 35.81
C ASP B 405 45.56 38.86 36.02
N GLU B 406 44.43 39.52 36.25
CA GLU B 406 43.21 38.77 36.50
C GLU B 406 42.35 38.56 35.25
N VAL B 407 42.75 39.13 34.11
CA VAL B 407 41.95 38.97 32.90
C VAL B 407 41.90 37.52 32.44
N ARG B 408 43.01 36.78 32.62
CA ARG B 408 43.07 35.38 32.21
C ARG B 408 42.10 34.50 32.97
N GLN B 409 41.61 34.96 34.13
CA GLN B 409 40.70 34.17 34.95
C GLN B 409 39.24 34.25 34.52
N ILE B 410 38.88 35.18 33.64
CA ILE B 410 37.46 35.34 33.25
C ILE B 410 37.17 34.40 32.09
N ALA B 411 36.94 33.11 32.42
CA ALA B 411 36.67 32.15 31.35
C ALA B 411 36.08 30.82 31.82
N PRO B 412 35.30 30.14 30.98
CA PRO B 412 34.81 28.79 31.30
C PRO B 412 35.90 27.74 31.47
N GLY B 413 35.75 26.92 32.50
CA GLY B 413 36.64 25.81 32.77
C GLY B 413 37.88 26.21 33.54
N GLN B 414 37.99 27.49 33.83
CA GLN B 414 39.07 28.16 34.53
C GLN B 414 38.77 28.26 36.01
N THR B 415 39.84 28.41 36.79
CA THR B 415 39.72 28.61 38.21
C THR B 415 40.55 29.85 38.51
N GLY B 416 40.37 30.42 39.69
CA GLY B 416 41.14 31.60 40.02
C GLY B 416 40.20 32.62 40.64
N LYS B 417 40.71 33.81 40.97
CA LYS B 417 39.85 34.77 41.66
C LYS B 417 38.64 35.16 40.81
N ILE B 418 38.78 35.27 39.49
CA ILE B 418 37.63 35.66 38.68
C ILE B 418 36.79 34.46 38.27
N ALA B 419 37.42 33.42 37.71
CA ALA B 419 36.64 32.27 37.27
C ALA B 419 35.90 31.59 38.39
N ASP B 420 36.50 31.51 39.58
CA ASP B 420 35.80 30.82 40.64
C ASP B 420 35.14 31.72 41.66
N TYR B 421 35.67 32.92 41.90
CA TYR B 421 35.11 33.76 42.96
C TYR B 421 34.52 35.09 42.52
N ASN B 422 34.66 35.48 41.25
CA ASN B 422 34.18 36.79 40.81
C ASN B 422 33.20 36.70 39.65
N TYR B 423 33.65 36.16 38.52
CA TYR B 423 32.87 36.08 37.29
C TYR B 423 33.14 34.68 36.72
N LYS B 424 32.21 33.77 36.93
CA LYS B 424 32.41 32.39 36.53
C LYS B 424 31.62 32.05 35.28
N LEU B 425 32.30 31.44 34.32
CA LEU B 425 31.52 30.97 33.20
C LEU B 425 31.32 29.47 33.32
N PRO B 426 30.16 28.95 32.94
CA PRO B 426 29.94 27.51 32.99
C PRO B 426 30.75 26.82 31.91
N ASP B 427 31.08 25.55 32.14
CA ASP B 427 31.87 24.82 31.14
C ASP B 427 31.16 24.81 29.80
N ASP B 428 29.82 24.85 29.80
CA ASP B 428 29.04 24.87 28.57
C ASP B 428 28.59 26.30 28.26
N PHE B 429 29.32 27.29 28.77
CA PHE B 429 29.06 28.70 28.52
C PHE B 429 28.94 28.98 27.03
N THR B 430 27.90 29.71 26.65
CA THR B 430 27.75 30.12 25.27
C THR B 430 27.80 31.64 25.21
N GLY B 431 28.70 32.15 24.39
CA GLY B 431 28.93 33.56 24.24
C GLY B 431 30.41 33.82 23.99
N CYS B 432 30.77 35.09 24.02
CA CYS B 432 32.12 35.54 23.76
C CYS B 432 32.62 36.44 24.89
N VAL B 433 33.87 36.26 25.30
CA VAL B 433 34.51 37.09 26.31
C VAL B 433 35.35 38.12 25.58
N ILE B 434 34.99 39.39 25.76
CA ILE B 434 35.62 40.51 25.06
C ILE B 434 36.28 41.44 26.06
N ALA B 435 37.55 41.75 25.81
CA ALA B 435 38.34 42.63 26.67
C ALA B 435 39.26 43.42 25.76
N TRP B 436 39.65 44.60 26.21
CA TRP B 436 40.55 45.45 25.43
C TRP B 436 41.43 46.25 26.36
N ASN B 437 42.57 46.70 25.82
CA ASN B 437 43.50 47.49 26.61
C ASN B 437 42.88 48.86 26.87
N SER B 438 42.76 49.21 28.14
CA SER B 438 42.11 50.44 28.59
C SER B 438 43.08 51.34 29.35
N ASN B 439 44.38 51.19 29.09
CA ASN B 439 45.38 51.98 29.80
C ASN B 439 45.06 53.47 29.78
N ASN B 440 44.63 53.98 28.63
CA ASN B 440 44.37 55.41 28.55
C ASN B 440 42.98 55.79 29.08
N LEU B 441 42.20 54.82 29.54
CA LEU B 441 40.86 55.10 30.04
C LEU B 441 40.73 54.96 31.55
N ASP B 442 41.26 53.89 32.15
CA ASP B 442 41.10 53.67 33.58
C ASP B 442 42.31 54.05 34.41
N SER B 443 43.52 53.94 33.86
CA SER B 443 44.74 54.16 34.61
C SER B 443 44.95 55.64 34.95
N LYS B 444 45.58 55.89 36.11
CA LYS B 444 45.91 57.25 36.53
C LYS B 444 47.41 57.35 36.80
N VAL B 445 47.93 58.57 36.62
CA VAL B 445 49.37 58.82 36.77
C VAL B 445 49.88 58.49 38.17
N GLY B 446 49.12 58.85 39.19
CA GLY B 446 49.42 58.64 40.59
C GLY B 446 48.94 57.33 41.15
N GLY B 447 48.38 56.50 40.29
CA GLY B 447 47.81 55.22 40.65
C GLY B 447 46.33 55.51 40.72
N ASN B 448 45.54 54.75 39.96
CA ASN B 448 44.10 54.92 39.99
C ASN B 448 43.49 53.95 41.00
N TYR B 449 43.07 54.48 42.14
CA TYR B 449 42.57 53.63 43.20
C TYR B 449 41.06 53.73 43.32
N ASN B 450 40.40 54.27 42.29
CA ASN B 450 38.95 54.40 42.33
C ASN B 450 38.28 53.10 41.94
N TYR B 451 39.08 52.15 41.46
CA TYR B 451 38.64 50.83 41.03
C TYR B 451 39.07 49.85 42.13
N LEU B 452 38.13 49.12 42.69
CA LEU B 452 38.45 48.20 43.77
C LEU B 452 38.04 46.78 43.37
N TYR B 453 38.73 45.81 43.96
CA TYR B 453 38.41 44.41 43.78
C TYR B 453 38.39 43.68 45.11
N ARG B 454 37.66 42.59 45.13
CA ARG B 454 37.53 41.75 46.31
C ARG B 454 38.67 40.75 46.35
N LEU B 455 39.34 40.66 47.48
CA LEU B 455 40.49 39.78 47.69
C LEU B 455 40.12 38.60 48.57
N PHE B 456 39.31 38.84 49.59
CA PHE B 456 38.92 37.87 50.59
C PHE B 456 37.41 37.69 50.51
N ARG B 457 36.95 36.44 50.39
CA ARG B 457 35.52 36.16 50.37
C ARG B 457 35.26 34.80 50.99
N LYS B 458 34.06 34.67 51.58
CA LYS B 458 33.66 33.42 52.22
C LYS B 458 33.58 32.24 51.26
N SER B 459 33.18 32.46 50.01
CA SER B 459 33.09 31.33 49.10
C SER B 459 33.27 31.78 47.66
N ASN B 460 33.38 30.79 46.77
CA ASN B 460 33.55 31.03 45.35
C ASN B 460 32.23 31.42 44.68
N LEU B 461 32.33 32.12 43.56
CA LEU B 461 31.15 32.51 42.81
C LEU B 461 30.58 31.34 42.00
N LYS B 462 29.27 31.39 41.78
CA LYS B 462 28.55 30.54 40.84
C LYS B 462 28.70 31.10 39.43
N PRO B 463 28.49 30.28 38.41
CA PRO B 463 28.54 30.82 37.04
C PRO B 463 27.62 32.02 36.92
N PHE B 464 28.15 33.13 36.39
CA PHE B 464 27.40 34.37 36.23
C PHE B 464 26.83 34.88 37.56
N GLU B 465 27.48 34.51 38.66
CA GLU B 465 27.13 35.00 39.99
C GLU B 465 27.77 36.36 40.28
N ARG B 466 26.98 37.27 40.86
CA ARG B 466 27.43 38.61 41.19
C ARG B 466 27.42 38.76 42.70
N ASP B 467 28.57 38.57 43.33
CA ASP B 467 28.71 38.64 44.78
C ASP B 467 29.30 39.99 45.16
N ILE B 468 28.50 40.85 45.79
CA ILE B 468 28.93 42.20 46.11
C ILE B 468 28.97 42.45 47.62
N SER B 469 29.07 41.39 48.42
CA SER B 469 29.18 41.57 49.86
C SER B 469 30.48 42.25 50.25
N THR B 470 30.41 43.12 51.27
CA THR B 470 31.58 43.83 51.79
C THR B 470 31.92 43.43 53.22
N GLU B 471 31.39 42.31 53.72
CA GLU B 471 31.69 41.88 55.08
C GLU B 471 33.18 41.63 55.26
N ILE B 472 33.73 42.11 56.38
CA ILE B 472 35.16 41.90 56.64
C ILE B 472 35.43 40.42 56.81
N TYR B 473 36.40 39.91 56.06
CA TYR B 473 36.68 38.48 56.09
C TYR B 473 37.40 38.09 57.38
N GLN B 474 36.89 37.07 58.05
CA GLN B 474 37.50 36.55 59.26
C GLN B 474 38.35 35.35 58.87
N ALA B 475 39.67 35.52 58.87
CA ALA B 475 40.53 34.40 58.46
C ALA B 475 40.78 33.45 59.62
N GLY B 476 40.75 33.95 60.83
CA GLY B 476 41.02 33.20 62.05
C GLY B 476 39.76 32.88 62.81
N SER B 477 39.90 32.73 64.12
CA SER B 477 38.80 32.41 65.01
C SER B 477 38.33 33.59 65.85
N THR B 478 38.97 34.76 65.75
CA THR B 478 38.58 35.91 66.55
C THR B 478 37.52 36.73 65.82
N PRO B 479 36.32 36.92 66.40
CA PRO B 479 35.32 37.77 65.77
C PRO B 479 35.83 39.18 65.52
N CYS B 480 35.55 39.71 64.34
CA CYS B 480 36.04 41.03 64.00
C CYS B 480 35.18 42.15 64.58
N ASN B 481 33.86 41.92 64.65
CA ASN B 481 32.89 42.87 65.20
C ASN B 481 33.04 44.24 64.55
N GLY B 482 33.32 44.25 63.24
CA GLY B 482 33.45 45.49 62.52
C GLY B 482 34.81 46.15 62.64
N VAL B 483 35.75 45.51 63.32
CA VAL B 483 37.09 46.05 63.56
C VAL B 483 38.13 45.19 62.86
N GLU B 484 38.97 45.83 62.06
CA GLU B 484 40.06 45.13 61.38
C GLU B 484 41.20 44.90 62.34
N GLY B 485 41.96 43.84 62.08
CA GLY B 485 43.03 43.45 62.97
C GLY B 485 43.56 42.09 62.57
N PHE B 486 44.19 41.40 63.52
CA PHE B 486 44.73 40.08 63.22
C PHE B 486 43.57 39.14 62.90
N ASN B 487 43.65 38.48 61.74
CA ASN B 487 42.60 37.62 61.22
C ASN B 487 41.32 38.39 60.93
N CYS B 488 41.43 39.72 60.84
CA CYS B 488 40.33 40.60 60.48
C CYS B 488 40.73 41.55 59.34
N TYR B 489 40.33 41.21 58.11
CA TYR B 489 40.78 41.94 56.94
C TYR B 489 39.59 42.47 56.15
N PHE B 490 39.72 43.70 55.67
CA PHE B 490 38.68 44.29 54.83
C PHE B 490 38.62 43.55 53.50
N PRO B 491 37.43 43.14 53.04
CA PRO B 491 37.36 42.29 51.84
C PRO B 491 37.81 42.95 50.56
N LEU B 492 37.86 44.27 50.49
CA LEU B 492 38.24 44.95 49.26
C LEU B 492 39.61 45.60 49.38
N GLN B 493 40.28 45.75 48.24
CA GLN B 493 41.53 46.48 48.12
C GLN B 493 41.53 47.24 46.81
N SER B 494 42.16 48.41 46.82
CA SER B 494 42.22 49.23 45.61
C SER B 494 43.38 48.76 44.73
N TYR B 495 43.29 49.05 43.44
CA TYR B 495 44.38 48.75 42.52
C TYR B 495 45.29 49.96 42.39
N GLY B 496 46.60 49.74 42.49
CA GLY B 496 47.50 50.85 42.28
C GLY B 496 47.77 50.91 40.79
N PHE B 497 46.79 51.34 39.99
CA PHE B 497 46.98 51.34 38.54
C PHE B 497 47.78 52.57 38.14
N GLN B 498 48.97 52.36 37.62
CA GLN B 498 49.87 53.44 37.28
C GLN B 498 50.47 53.24 35.90
N PRO B 499 50.80 54.33 35.20
CA PRO B 499 51.40 54.18 33.86
C PRO B 499 52.76 53.53 33.90
N THR B 500 53.37 53.40 35.08
CA THR B 500 54.68 52.80 35.24
C THR B 500 54.57 51.37 35.74
N ASN B 501 53.35 50.88 35.93
CA ASN B 501 53.11 49.53 36.41
C ASN B 501 53.45 48.53 35.31
N GLY B 502 53.85 47.32 35.72
CA GLY B 502 54.05 46.27 34.76
C GLY B 502 52.73 45.77 34.19
N VAL B 503 52.85 45.00 33.10
CA VAL B 503 51.67 44.58 32.35
C VAL B 503 50.70 43.84 33.24
N GLY B 504 51.21 42.99 34.14
CA GLY B 504 50.35 42.22 35.02
C GLY B 504 49.51 43.06 35.96
N TYR B 505 49.89 44.32 36.18
CA TYR B 505 49.15 45.19 37.09
C TYR B 505 48.45 46.36 36.41
N GLN B 506 48.43 46.41 35.07
CA GLN B 506 47.67 47.50 34.50
C GLN B 506 46.19 47.13 34.43
N PRO B 507 45.29 48.10 34.52
CA PRO B 507 43.87 47.78 34.36
C PRO B 507 43.50 47.46 32.92
N TYR B 508 42.59 46.50 32.77
CA TYR B 508 41.97 46.17 31.49
C TYR B 508 40.47 46.19 31.68
N ARG B 509 39.73 46.77 30.72
CA ARG B 509 38.28 46.74 30.79
C ARG B 509 37.78 45.53 30.02
N VAL B 510 37.01 44.68 30.69
CA VAL B 510 36.52 43.45 30.11
C VAL B 510 35.01 43.50 30.13
N VAL B 511 34.38 43.24 28.99
CA VAL B 511 32.94 43.13 28.90
C VAL B 511 32.67 41.77 28.26
N VAL B 512 31.93 40.93 28.97
CA VAL B 512 31.58 39.60 28.51
C VAL B 512 30.12 39.60 28.09
N LEU B 513 29.89 39.20 26.84
CA LEU B 513 28.56 39.13 26.26
C LEU B 513 28.16 37.67 26.36
N SER B 514 27.28 37.38 27.32
CA SER B 514 26.82 36.03 27.57
C SER B 514 25.63 35.79 26.68
N PHE B 515 25.67 34.68 25.94
CA PHE B 515 24.64 34.40 24.97
C PHE B 515 23.72 33.33 25.53
N GLU B 516 22.46 33.70 25.75
CA GLU B 516 21.46 32.85 26.36
C GLU B 516 20.33 32.59 25.37
N LEU B 517 20.04 31.32 25.12
CA LEU B 517 18.95 30.97 24.22
C LEU B 517 17.88 30.33 25.11
N LEU B 518 16.75 31.01 25.21
CA LEU B 518 15.63 30.61 26.03
C LEU B 518 14.46 30.19 25.16
N HIS B 519 13.39 29.72 25.82
CA HIS B 519 12.16 29.36 25.13
C HIS B 519 11.44 30.67 24.76
N ALA B 520 11.98 31.33 23.75
CA ALA B 520 11.57 32.67 23.37
C ALA B 520 11.82 32.84 21.88
N PRO B 521 11.21 33.87 21.25
CA PRO B 521 11.43 34.11 19.81
C PRO B 521 12.87 34.25 19.33
N ALA B 522 13.81 34.58 20.23
CA ALA B 522 15.21 34.81 19.85
C ALA B 522 15.27 36.04 18.97
N THR B 523 15.29 37.21 19.60
CA THR B 523 15.13 38.51 18.96
C THR B 523 16.43 39.16 18.48
N VAL B 524 17.60 38.68 18.88
CA VAL B 524 18.87 39.28 18.48
C VAL B 524 19.56 38.37 17.48
N CYS B 525 19.77 38.89 16.27
CA CYS B 525 20.37 38.15 15.17
C CYS B 525 21.32 39.07 14.43
N GLY B 526 22.19 38.47 13.62
CA GLY B 526 23.14 39.22 12.84
C GLY B 526 22.56 39.81 11.58
N PRO B 527 23.42 40.49 10.82
CA PRO B 527 22.98 41.09 9.57
C PRO B 527 22.68 39.96 8.58
N LYS B 528 21.81 40.24 7.64
CA LYS B 528 21.46 39.22 6.66
C LYS B 528 22.16 39.42 5.33
N LYS B 529 22.41 38.28 4.67
CA LYS B 529 22.99 38.28 3.34
C LYS B 529 22.01 38.73 2.27
N SER B 530 22.54 39.44 1.28
CA SER B 530 21.81 39.84 0.08
C SER B 530 22.78 39.79 -1.10
N THR B 531 22.25 39.48 -2.27
CA THR B 531 23.06 39.43 -3.48
C THR B 531 22.46 40.32 -4.56
N ASN B 532 23.23 40.50 -5.64
CA ASN B 532 22.76 41.29 -6.77
C ASN B 532 21.58 40.63 -7.45
N LEU B 533 20.64 41.44 -7.94
CA LEU B 533 19.51 40.94 -8.68
C LEU B 533 19.92 40.57 -10.09
N VAL B 534 19.55 39.38 -10.53
CA VAL B 534 19.85 38.95 -11.89
C VAL B 534 18.50 38.76 -12.59
N LYS B 535 18.30 39.51 -13.67
CA LYS B 535 17.05 39.48 -14.39
C LYS B 535 17.19 38.72 -15.70
N ASN B 536 16.07 38.20 -16.19
CA ASN B 536 15.97 37.57 -17.50
C ASN B 536 16.82 36.31 -17.64
N LYS B 537 17.17 35.65 -16.53
CA LYS B 537 17.91 34.39 -16.57
C LYS B 537 17.32 33.44 -15.53
N CYS B 538 17.44 32.15 -15.80
CA CYS B 538 17.04 31.14 -14.83
C CYS B 538 18.01 31.11 -13.66
N VAL B 539 17.48 31.27 -12.44
CA VAL B 539 18.27 31.22 -11.22
C VAL B 539 17.53 30.38 -10.18
N ASN B 540 18.29 29.88 -9.21
CA ASN B 540 17.74 29.25 -8.02
C ASN B 540 17.61 30.35 -6.97
N PHE B 541 16.40 30.78 -6.67
CA PHE B 541 16.17 31.95 -5.83
C PHE B 541 15.62 31.54 -4.47
N ASN B 542 15.83 32.43 -3.49
CA ASN B 542 15.28 32.31 -2.15
C ASN B 542 14.91 33.71 -1.66
N PHE B 543 13.63 34.04 -1.67
CA PHE B 543 13.15 35.34 -1.20
C PHE B 543 12.47 35.15 0.14
N ASN B 544 13.18 35.54 1.20
CA ASN B 544 12.76 35.28 2.58
C ASN B 544 12.61 33.78 2.77
N GLY B 545 11.37 33.30 2.81
CA GLY B 545 11.09 31.90 2.99
C GLY B 545 10.51 31.26 1.76
N LEU B 546 10.48 31.97 0.63
CA LEU B 546 9.91 31.49 -0.61
C LEU B 546 11.04 31.05 -1.51
N THR B 547 11.10 29.76 -1.82
CA THR B 547 12.19 29.22 -2.60
C THR B 547 11.67 28.56 -3.87
N GLY B 548 12.54 28.48 -4.85
CA GLY B 548 12.23 27.82 -6.10
C GLY B 548 13.21 28.25 -7.17
N THR B 549 12.93 27.80 -8.39
CA THR B 549 13.76 28.09 -9.55
C THR B 549 12.93 28.78 -10.63
N GLY B 550 13.47 29.85 -11.21
CA GLY B 550 12.74 30.52 -12.26
C GLY B 550 13.46 31.78 -12.71
N VAL B 551 12.85 32.43 -13.69
CA VAL B 551 13.35 33.66 -14.30
C VAL B 551 12.52 34.82 -13.78
N LEU B 552 13.19 35.86 -13.29
CA LEU B 552 12.50 37.01 -12.72
C LEU B 552 12.59 38.20 -13.68
N THR B 553 11.45 38.85 -13.89
CA THR B 553 11.32 40.01 -14.75
C THR B 553 10.51 41.07 -14.02
N GLU B 554 10.53 42.29 -14.57
CA GLU B 554 9.74 43.37 -13.97
C GLU B 554 8.25 43.03 -14.05
N SER B 555 7.55 43.25 -12.95
CA SER B 555 6.12 43.00 -12.86
C SER B 555 5.32 44.28 -13.12
N ASN B 556 4.13 44.10 -13.70
CA ASN B 556 3.19 45.21 -13.86
C ASN B 556 2.01 45.07 -12.91
N LYS B 557 2.14 44.24 -11.88
CA LYS B 557 1.11 44.05 -10.88
C LYS B 557 1.27 45.07 -9.77
N LYS B 558 0.16 45.41 -9.12
CA LYS B 558 0.20 46.35 -8.00
C LYS B 558 -0.21 45.62 -6.73
N PHE B 559 0.75 45.46 -5.82
CA PHE B 559 0.54 44.81 -4.53
C PHE B 559 0.06 45.82 -3.49
N LEU B 560 -0.68 45.33 -2.51
CA LEU B 560 -1.05 46.16 -1.40
C LEU B 560 0.17 46.40 -0.53
N PRO B 561 0.17 47.49 0.25
CA PRO B 561 1.36 47.83 1.05
C PRO B 561 1.83 46.70 1.96
N PHE B 562 0.96 45.75 2.26
CA PHE B 562 1.31 44.65 3.17
C PHE B 562 1.48 43.32 2.46
N GLN B 563 1.36 43.26 1.14
CA GLN B 563 1.47 41.99 0.43
C GLN B 563 2.92 41.75 -0.01
N GLN B 564 3.47 40.61 0.39
CA GLN B 564 4.87 40.30 0.11
C GLN B 564 5.07 39.50 -1.17
N PHE B 565 4.10 38.67 -1.57
CA PHE B 565 4.26 37.90 -2.79
C PHE B 565 2.91 37.58 -3.40
N GLY B 566 2.94 37.22 -4.68
CA GLY B 566 1.76 36.85 -5.43
C GLY B 566 1.72 35.36 -5.70
N ARG B 567 0.50 34.82 -5.75
CA ARG B 567 0.28 33.40 -6.01
C ARG B 567 -0.87 33.27 -7.00
N ASP B 568 -0.73 32.35 -7.95
CA ASP B 568 -1.72 32.17 -9.01
C ASP B 568 -2.81 31.19 -8.58
N ILE B 569 -3.68 30.84 -9.53
CA ILE B 569 -4.84 29.99 -9.28
C ILE B 569 -4.49 28.54 -8.96
N ALA B 570 -3.24 28.15 -9.12
CA ALA B 570 -2.81 26.78 -8.88
C ALA B 570 -1.84 26.69 -7.71
N ASP B 571 -1.89 27.66 -6.81
CA ASP B 571 -1.04 27.71 -5.61
C ASP B 571 0.43 27.76 -5.99
N THR B 572 0.71 28.38 -7.13
CA THR B 572 2.07 28.57 -7.63
C THR B 572 2.44 30.02 -7.45
N THR B 573 3.62 30.27 -6.88
CA THR B 573 4.08 31.64 -6.73
C THR B 573 4.38 32.23 -8.09
N ASP B 574 3.79 33.39 -8.40
CA ASP B 574 4.01 34.00 -9.69
C ASP B 574 4.49 35.44 -9.59
N ALA B 575 4.70 35.96 -8.38
CA ALA B 575 5.24 37.29 -8.21
C ALA B 575 5.79 37.40 -6.80
N VAL B 576 6.85 38.19 -6.64
CA VAL B 576 7.39 38.49 -5.32
C VAL B 576 7.70 39.98 -5.22
N ARG B 577 7.64 40.49 -4.00
CA ARG B 577 8.14 41.82 -3.68
C ARG B 577 9.59 41.69 -3.27
N ASP B 578 10.45 42.54 -3.81
CA ASP B 578 11.85 42.52 -3.40
C ASP B 578 11.96 43.01 -1.96
N PRO B 579 12.49 42.19 -1.05
CA PRO B 579 12.60 42.60 0.37
C PRO B 579 13.31 43.92 0.61
N GLN B 580 14.21 44.34 -0.27
CA GLN B 580 14.93 45.59 -0.02
C GLN B 580 14.25 46.74 -0.75
N THR B 581 14.57 46.94 -2.02
CA THR B 581 13.85 47.90 -2.82
C THR B 581 12.47 47.33 -3.10
N LEU B 582 11.42 48.11 -2.90
CA LEU B 582 10.08 47.53 -2.95
C LEU B 582 9.60 47.42 -4.39
N GLU B 583 10.35 46.63 -5.16
CA GLU B 583 10.06 46.33 -6.55
C GLU B 583 9.29 45.02 -6.59
N ILE B 584 8.32 44.92 -7.48
CA ILE B 584 7.58 43.67 -7.64
C ILE B 584 8.17 42.92 -8.83
N LEU B 585 8.52 41.65 -8.59
CA LEU B 585 9.12 40.81 -9.61
C LEU B 585 8.21 39.63 -9.88
N ASP B 586 8.03 39.31 -11.15
CA ASP B 586 7.24 38.14 -11.55
C ASP B 586 8.15 36.93 -11.66
N ILE B 587 7.64 35.77 -11.27
CA ILE B 587 8.38 34.53 -11.40
C ILE B 587 7.74 33.69 -12.48
N THR B 588 8.46 33.47 -13.53
CA THR B 588 8.22 32.69 -14.73
C THR B 588 9.03 31.42 -14.66
N PRO B 589 8.42 30.24 -14.81
CA PRO B 589 9.20 29.00 -14.67
C PRO B 589 10.29 28.93 -15.72
N CYS B 590 11.39 28.29 -15.35
CA CYS B 590 12.53 28.16 -16.26
C CYS B 590 12.10 27.35 -17.46
N SER B 591 12.45 27.85 -18.65
CA SER B 591 12.02 27.20 -19.88
C SER B 591 12.42 25.73 -19.91
N PHE B 592 11.48 24.91 -20.36
CA PHE B 592 11.69 23.48 -20.52
C PHE B 592 10.75 22.99 -21.60
N GLY B 593 11.01 21.81 -22.11
CA GLY B 593 10.10 21.21 -23.07
C GLY B 593 10.72 19.98 -23.70
N GLY B 594 9.86 19.24 -24.39
CA GLY B 594 10.31 18.03 -25.05
C GLY B 594 11.22 18.34 -26.22
N VAL B 595 12.14 17.41 -26.48
CA VAL B 595 13.04 17.51 -27.62
C VAL B 595 12.70 16.38 -28.59
N SER B 596 12.36 16.74 -29.82
CA SER B 596 11.97 15.79 -30.84
C SER B 596 12.99 15.85 -31.97
N VAL B 597 13.29 14.71 -32.55
CA VAL B 597 14.25 14.62 -33.65
C VAL B 597 13.51 14.39 -34.95
N ILE B 598 13.71 15.29 -35.92
CA ILE B 598 13.03 15.19 -37.20
C ILE B 598 14.04 14.58 -38.16
N THR B 599 13.72 13.44 -38.75
CA THR B 599 14.76 12.83 -39.58
C THR B 599 14.16 11.90 -40.62
N PRO B 600 14.78 11.84 -41.80
CA PRO B 600 14.51 10.75 -42.73
C PRO B 600 15.14 9.48 -42.17
N GLY B 601 14.67 8.32 -42.63
CA GLY B 601 15.21 7.09 -42.10
C GLY B 601 16.68 6.92 -42.42
N THR B 602 17.35 6.10 -41.59
CA THR B 602 18.77 5.88 -41.77
C THR B 602 19.15 5.16 -43.07
N ASN B 603 18.18 4.59 -43.78
CA ASN B 603 18.45 4.04 -45.10
C ASN B 603 18.75 5.11 -46.14
N THR B 604 18.32 6.34 -45.89
CA THR B 604 18.49 7.43 -46.83
C THR B 604 19.48 8.48 -46.35
N SER B 605 19.39 8.91 -45.09
CA SER B 605 20.31 9.95 -44.67
C SER B 605 20.46 9.93 -43.17
N ASN B 606 21.67 10.29 -42.72
CA ASN B 606 21.97 10.41 -41.30
C ASN B 606 21.93 11.85 -40.82
N GLN B 607 21.42 12.76 -41.63
CA GLN B 607 21.28 14.15 -41.21
C GLN B 607 19.97 14.28 -40.45
N VAL B 608 20.00 15.04 -39.35
CA VAL B 608 18.81 15.24 -38.55
C VAL B 608 18.57 16.71 -38.24
N ALA B 609 17.34 17.01 -37.87
CA ALA B 609 16.94 18.31 -37.35
C ALA B 609 16.36 18.10 -35.96
N VAL B 610 16.56 19.08 -35.08
CA VAL B 610 16.11 18.99 -33.69
C VAL B 610 15.16 20.12 -33.39
N LEU B 611 14.01 19.78 -32.81
CA LEU B 611 13.00 20.75 -32.42
C LEU B 611 13.01 20.97 -30.91
N TYR B 612 13.11 22.22 -30.48
CA TYR B 612 13.01 22.61 -29.07
C TYR B 612 11.64 23.23 -28.81
N GLN B 613 10.76 22.52 -28.12
CA GLN B 613 9.37 22.94 -28.00
C GLN B 613 9.14 24.17 -27.13
N ASP B 614 8.43 25.16 -27.69
CA ASP B 614 8.08 26.42 -27.01
C ASP B 614 9.29 27.14 -26.40
N VAL B 615 10.40 27.14 -27.12
CA VAL B 615 11.63 27.79 -26.68
C VAL B 615 12.20 28.77 -27.71
N ASN B 616 12.77 29.89 -27.24
CA ASN B 616 13.46 30.78 -28.18
C ASN B 616 14.79 30.20 -28.54
N CYS B 617 15.19 30.48 -29.77
CA CYS B 617 16.45 29.99 -30.29
C CYS B 617 17.61 30.68 -29.61
N THR B 618 17.34 31.79 -28.89
CA THR B 618 18.35 32.53 -28.14
C THR B 618 18.58 31.93 -26.76
N GLU B 619 17.73 31.00 -26.35
CA GLU B 619 17.79 30.34 -25.06
C GLU B 619 18.51 29.01 -25.15
N VAL B 620 18.53 28.43 -26.34
CA VAL B 620 19.14 27.14 -26.58
C VAL B 620 20.65 27.30 -26.60
N ASN B 641 21.31 27.45 -39.96
CA ASN B 641 19.93 27.07 -40.20
C ASN B 641 19.17 26.97 -38.89
N VAL B 642 18.72 28.11 -38.39
CA VAL B 642 17.90 28.18 -37.18
C VAL B 642 16.59 28.85 -37.54
N PHE B 643 15.49 28.12 -37.39
CA PHE B 643 14.17 28.61 -37.77
C PHE B 643 13.24 28.57 -36.56
N GLN B 644 12.75 29.74 -36.17
CA GLN B 644 11.83 29.87 -35.04
C GLN B 644 10.41 29.71 -35.56
N THR B 645 9.69 28.72 -35.05
CA THR B 645 8.33 28.47 -35.46
C THR B 645 7.40 28.45 -34.26
N ARG B 646 6.10 28.32 -34.54
CA ARG B 646 5.09 28.36 -33.49
C ARG B 646 5.20 27.17 -32.56
N ALA B 647 5.84 26.09 -33.00
CA ALA B 647 5.98 24.91 -32.18
C ALA B 647 7.25 24.92 -31.33
N GLY B 648 8.11 25.90 -31.51
CA GLY B 648 9.38 25.90 -30.82
C GLY B 648 10.50 26.27 -31.76
N CYS B 649 11.72 26.02 -31.31
CA CYS B 649 12.92 26.33 -32.08
C CYS B 649 13.36 25.08 -32.83
N LEU B 650 13.40 25.19 -34.15
CA LEU B 650 13.77 24.10 -35.04
C LEU B 650 15.17 24.39 -35.55
N ILE B 651 16.10 23.49 -35.26
CA ILE B 651 17.50 23.68 -35.61
C ILE B 651 17.93 22.58 -36.57
N GLY B 652 18.54 22.98 -37.67
CA GLY B 652 19.07 22.09 -38.68
C GLY B 652 18.24 22.05 -39.95
N ALA B 653 17.00 22.50 -39.93
CA ALA B 653 16.18 22.53 -41.12
C ALA B 653 16.25 23.90 -41.79
N GLU B 654 16.28 23.90 -43.11
CA GLU B 654 16.26 25.12 -43.90
C GLU B 654 14.82 25.43 -44.29
N HIS B 655 14.30 26.56 -43.82
CA HIS B 655 12.91 26.91 -44.14
C HIS B 655 12.78 27.42 -45.57
N VAL B 656 11.75 26.96 -46.27
CA VAL B 656 11.49 27.38 -47.64
C VAL B 656 10.04 27.82 -47.81
N ASN B 657 9.83 28.61 -48.87
CA ASN B 657 8.50 29.10 -49.22
C ASN B 657 7.62 28.07 -49.93
N ASN B 658 8.21 27.15 -50.68
CA ASN B 658 7.40 26.22 -51.45
C ASN B 658 6.66 25.27 -50.51
N SER B 659 5.35 25.14 -50.73
CA SER B 659 4.53 24.22 -49.98
C SER B 659 4.46 22.87 -50.67
N TYR B 660 4.21 21.83 -49.87
CA TYR B 660 4.07 20.48 -50.37
C TYR B 660 3.06 19.76 -49.49
N GLU B 661 2.76 18.52 -49.85
CA GLU B 661 1.91 17.69 -49.01
C GLU B 661 2.67 17.44 -47.71
N CYS B 662 1.96 17.41 -46.60
CA CYS B 662 2.67 17.23 -45.34
C CYS B 662 3.35 15.87 -45.32
N ASP B 663 4.61 15.88 -44.90
CA ASP B 663 5.46 14.70 -44.88
C ASP B 663 5.78 14.28 -43.45
N ILE B 664 6.70 15.01 -42.81
CA ILE B 664 7.00 14.78 -41.40
C ILE B 664 6.40 15.91 -40.59
N PRO B 665 5.30 15.68 -39.90
CA PRO B 665 4.60 16.79 -39.23
C PRO B 665 5.44 17.34 -38.09
N ILE B 666 5.45 18.66 -37.97
CA ILE B 666 6.10 19.35 -36.87
C ILE B 666 5.09 19.92 -35.88
N GLY B 667 4.10 20.63 -36.38
CA GLY B 667 3.07 21.24 -35.56
C GLY B 667 2.80 22.64 -36.06
N ALA B 668 1.62 23.14 -35.73
CA ALA B 668 1.23 24.51 -36.06
C ALA B 668 1.37 24.78 -37.56
N GLY B 669 1.01 23.81 -38.39
CA GLY B 669 1.03 24.04 -39.81
C GLY B 669 2.35 23.80 -40.50
N ILE B 670 3.41 23.47 -39.78
CA ILE B 670 4.74 23.28 -40.36
C ILE B 670 5.02 21.79 -40.49
N CYS B 671 5.49 21.37 -41.66
CA CYS B 671 5.89 19.99 -41.91
C CYS B 671 7.30 20.00 -42.46
N ALA B 672 8.05 18.94 -42.21
CA ALA B 672 9.40 18.79 -42.74
C ALA B 672 9.47 17.69 -43.79
N SER B 673 10.46 17.83 -44.68
CA SER B 673 10.69 16.84 -45.72
C SER B 673 12.17 16.87 -46.11
N TYR B 674 12.67 15.73 -46.60
CA TYR B 674 14.03 15.60 -47.09
C TYR B 674 14.04 15.79 -48.60
N GLN B 675 14.70 16.87 -49.06
CA GLN B 675 14.66 17.24 -50.46
C GLN B 675 16.07 17.48 -50.97
N THR B 676 16.25 17.34 -52.28
CA THR B 676 17.53 17.60 -52.92
C THR B 676 17.68 19.08 -53.27
N GLN B 690 21.44 17.48 -51.03
CA GLN B 690 20.18 17.24 -50.34
C GLN B 690 20.25 17.74 -48.90
N SER B 691 19.10 18.10 -48.34
CA SER B 691 19.03 18.59 -46.98
C SER B 691 17.60 18.44 -46.46
N ILE B 692 17.44 18.65 -45.16
CA ILE B 692 16.12 18.65 -44.54
C ILE B 692 15.57 20.07 -44.60
N ILE B 693 14.33 20.21 -45.03
CA ILE B 693 13.71 21.52 -45.14
C ILE B 693 12.47 21.57 -44.25
N ALA B 694 12.07 22.80 -43.95
CA ALA B 694 10.86 23.10 -43.19
C ALA B 694 10.01 24.04 -44.02
N TYR B 695 8.70 23.82 -44.00
CA TYR B 695 7.81 24.65 -44.81
C TYR B 695 6.43 24.66 -44.20
N THR B 696 5.64 25.63 -44.64
CA THR B 696 4.23 25.67 -44.27
C THR B 696 3.52 24.67 -45.16
N MET B 697 2.76 23.76 -44.56
CA MET B 697 2.17 22.68 -45.31
C MET B 697 1.09 23.17 -46.25
N SER B 698 1.02 22.52 -47.40
CA SER B 698 -0.06 22.76 -48.34
C SER B 698 -1.23 21.89 -47.91
N LEU B 699 -2.44 22.37 -48.15
CA LEU B 699 -3.61 21.57 -47.81
C LEU B 699 -4.13 20.83 -49.02
N GLY B 700 -3.44 20.95 -50.15
CA GLY B 700 -3.81 20.32 -51.38
C GLY B 700 -3.77 21.34 -52.52
N ALA B 701 -3.80 20.81 -53.74
CA ALA B 701 -3.79 21.71 -54.87
C ALA B 701 -5.11 22.47 -54.90
N GLU B 702 -5.07 23.71 -55.35
CA GLU B 702 -6.31 24.46 -55.49
C GLU B 702 -6.99 24.06 -56.79
N ASN B 703 -8.32 24.02 -56.76
CA ASN B 703 -9.08 23.70 -57.96
C ASN B 703 -10.39 24.50 -57.96
N SER B 704 -10.37 25.64 -58.63
CA SER B 704 -11.58 26.45 -58.72
C SER B 704 -12.59 25.71 -59.59
N VAL B 705 -13.83 25.71 -59.18
CA VAL B 705 -14.90 25.09 -59.95
C VAL B 705 -15.56 26.16 -60.81
N ALA B 706 -15.74 25.86 -62.09
CA ALA B 706 -16.31 26.83 -63.02
C ALA B 706 -17.83 26.88 -62.81
N TYR B 707 -18.21 27.40 -61.65
CA TYR B 707 -19.61 27.48 -61.29
C TYR B 707 -20.31 28.58 -62.08
N SER B 708 -21.51 28.26 -62.56
CA SER B 708 -22.38 29.22 -63.19
C SER B 708 -23.81 28.71 -63.05
N ASN B 709 -24.76 29.59 -63.30
CA ASN B 709 -26.17 29.22 -63.16
C ASN B 709 -26.69 28.41 -64.33
N ASN B 710 -25.91 28.23 -65.39
CA ASN B 710 -26.38 27.52 -66.58
C ASN B 710 -25.39 26.48 -67.08
N SER B 711 -24.54 25.93 -66.22
CA SER B 711 -23.57 24.94 -66.70
C SER B 711 -23.48 23.75 -65.76
N ILE B 712 -23.56 22.55 -66.35
CA ILE B 712 -23.51 21.30 -65.61
C ILE B 712 -22.45 20.42 -66.27
N ALA B 713 -21.67 19.73 -65.43
CA ALA B 713 -20.66 18.78 -65.89
C ALA B 713 -21.15 17.35 -65.72
N ILE B 714 -21.04 16.54 -66.77
CA ILE B 714 -21.48 15.15 -66.71
C ILE B 714 -20.38 14.21 -67.18
N PRO B 715 -20.02 13.19 -66.41
CA PRO B 715 -18.97 12.27 -66.85
C PRO B 715 -19.43 11.51 -68.08
N THR B 716 -18.56 11.44 -69.09
CA THR B 716 -18.84 10.66 -70.29
C THR B 716 -18.17 9.31 -70.28
N ASN B 717 -17.37 9.02 -69.26
CA ASN B 717 -16.64 7.77 -69.15
C ASN B 717 -16.42 7.50 -67.67
N PHE B 718 -16.00 6.29 -67.36
CA PHE B 718 -15.81 5.93 -65.97
C PHE B 718 -14.75 4.85 -65.86
N THR B 719 -14.26 4.67 -64.64
CA THR B 719 -13.37 3.59 -64.31
C THR B 719 -13.94 2.86 -63.11
N ILE B 720 -13.50 1.62 -62.93
CA ILE B 720 -13.87 0.84 -61.76
C ILE B 720 -12.66 0.80 -60.84
N SER B 721 -12.83 1.33 -59.65
CA SER B 721 -11.74 1.44 -58.69
C SER B 721 -11.96 0.43 -57.57
N VAL B 722 -10.89 -0.22 -57.15
CA VAL B 722 -10.92 -1.13 -56.02
C VAL B 722 -9.95 -0.60 -54.98
N THR B 723 -10.43 -0.41 -53.77
CA THR B 723 -9.62 0.10 -52.69
C THR B 723 -9.62 -0.93 -51.57
N THR B 724 -8.62 -0.85 -50.72
CA THR B 724 -8.47 -1.79 -49.62
C THR B 724 -8.65 -1.07 -48.30
N GLU B 725 -9.57 -1.57 -47.49
CA GLU B 725 -9.82 -1.06 -46.15
C GLU B 725 -9.49 -2.19 -45.19
N ILE B 726 -8.62 -1.91 -44.23
CA ILE B 726 -8.15 -2.92 -43.29
C ILE B 726 -8.64 -2.57 -41.90
N LEU B 727 -9.32 -3.51 -41.24
CA LEU B 727 -9.79 -3.29 -39.90
C LEU B 727 -9.32 -4.42 -39.00
N PRO B 728 -8.89 -4.10 -37.77
CA PRO B 728 -8.63 -5.17 -36.80
C PRO B 728 -9.94 -5.76 -36.33
N VAL B 729 -9.92 -7.06 -36.04
CA VAL B 729 -11.08 -7.76 -35.51
C VAL B 729 -10.84 -8.34 -34.13
N SER B 730 -9.66 -8.87 -33.88
CA SER B 730 -9.40 -9.55 -32.63
C SER B 730 -7.97 -9.29 -32.19
N MET B 731 -7.67 -9.73 -30.98
CA MET B 731 -6.35 -9.62 -30.41
C MET B 731 -6.01 -10.92 -29.71
N THR B 732 -4.72 -11.08 -29.43
CA THR B 732 -4.25 -12.29 -28.77
C THR B 732 -5.00 -12.49 -27.46
N LYS B 733 -5.54 -13.69 -27.25
CA LYS B 733 -6.30 -13.94 -26.03
C LYS B 733 -5.32 -14.26 -24.91
N THR B 734 -4.71 -13.20 -24.40
CA THR B 734 -3.72 -13.35 -23.34
C THR B 734 -4.45 -13.51 -22.01
N SER B 735 -3.99 -14.48 -21.21
CA SER B 735 -4.55 -14.74 -19.90
C SER B 735 -3.41 -14.82 -18.88
N VAL B 736 -3.43 -13.92 -17.91
CA VAL B 736 -2.38 -13.83 -16.91
C VAL B 736 -2.97 -14.28 -15.58
N ASP B 737 -2.34 -15.28 -14.99
CA ASP B 737 -2.76 -15.83 -13.70
C ASP B 737 -2.21 -14.95 -12.59
N CYS B 738 -3.10 -14.26 -11.88
CA CYS B 738 -2.68 -13.29 -10.86
C CYS B 738 -1.72 -13.92 -9.88
N THR B 739 -2.09 -15.06 -9.31
CA THR B 739 -1.24 -15.67 -8.30
C THR B 739 0.10 -16.08 -8.88
N MET B 740 0.09 -16.72 -10.05
CA MET B 740 1.37 -17.17 -10.61
C MET B 740 2.25 -16.01 -11.03
N TYR B 741 1.66 -14.93 -11.56
CA TYR B 741 2.48 -13.78 -11.92
C TYR B 741 3.07 -13.15 -10.68
N ILE B 742 2.22 -12.89 -9.68
CA ILE B 742 2.67 -12.22 -8.47
C ILE B 742 3.49 -13.15 -7.59
N CYS B 743 3.01 -14.36 -7.37
CA CYS B 743 3.66 -15.33 -6.48
C CYS B 743 4.16 -16.52 -7.26
N GLY B 744 5.37 -16.42 -7.79
CA GLY B 744 5.86 -17.49 -8.63
C GLY B 744 6.16 -18.74 -7.84
N ASP B 745 5.14 -19.57 -7.61
CA ASP B 745 5.30 -20.85 -6.94
C ASP B 745 6.02 -20.73 -5.60
N SER B 746 5.64 -19.72 -4.82
CA SER B 746 6.24 -19.49 -3.51
C SER B 746 5.16 -19.49 -2.44
N THR B 747 5.31 -20.37 -1.44
CA THR B 747 4.31 -20.52 -0.40
C THR B 747 4.15 -19.23 0.40
N GLU B 748 5.27 -18.60 0.75
CA GLU B 748 5.23 -17.40 1.58
C GLU B 748 4.46 -16.29 0.88
N CYS B 749 4.70 -16.12 -0.42
CA CYS B 749 3.98 -15.11 -1.18
C CYS B 749 2.51 -15.49 -1.32
N SER B 750 2.23 -16.76 -1.62
CA SER B 750 0.85 -17.19 -1.82
C SER B 750 0.01 -16.90 -0.59
N ASN B 751 0.58 -17.09 0.61
CA ASN B 751 -0.18 -16.80 1.81
C ASN B 751 -0.29 -15.29 2.02
N LEU B 752 0.80 -14.55 1.78
CA LEU B 752 0.75 -13.12 1.94
C LEU B 752 -0.22 -12.49 0.96
N LEU B 753 -0.32 -13.05 -0.25
CA LEU B 753 -1.22 -12.53 -1.26
C LEU B 753 -2.68 -12.68 -0.84
N LEU B 754 -2.95 -13.54 0.14
CA LEU B 754 -4.32 -13.78 0.57
C LEU B 754 -4.88 -12.61 1.38
N GLN B 755 -4.03 -11.69 1.84
CA GLN B 755 -4.50 -10.56 2.63
C GLN B 755 -5.11 -9.48 1.76
N TYR B 756 -5.04 -9.64 0.45
CA TYR B 756 -5.58 -8.70 -0.53
C TYR B 756 -6.95 -9.14 -1.03
N GLY B 757 -7.52 -10.16 -0.41
CA GLY B 757 -8.87 -10.58 -0.71
C GLY B 757 -9.09 -11.05 -2.14
N SER B 758 -10.01 -10.40 -2.84
CA SER B 758 -10.41 -10.80 -4.18
C SER B 758 -9.62 -10.13 -5.29
N PHE B 759 -8.58 -9.35 -4.98
CA PHE B 759 -7.85 -8.68 -6.05
C PHE B 759 -7.44 -9.65 -7.16
N CYS B 760 -6.88 -10.80 -6.80
CA CYS B 760 -6.53 -11.74 -7.87
C CYS B 760 -7.78 -12.27 -8.56
N THR B 761 -8.86 -12.48 -7.81
CA THR B 761 -10.06 -12.97 -8.46
C THR B 761 -10.60 -11.93 -9.43
N GLN B 762 -10.64 -10.67 -9.01
CA GLN B 762 -11.17 -9.63 -9.89
C GLN B 762 -10.27 -9.41 -11.09
N LEU B 763 -8.95 -9.47 -10.89
CA LEU B 763 -8.04 -9.31 -12.03
C LEU B 763 -8.13 -10.50 -12.97
N ASN B 764 -8.24 -11.71 -12.41
CA ASN B 764 -8.36 -12.89 -13.26
C ASN B 764 -9.66 -12.85 -14.04
N ARG B 765 -10.72 -12.35 -13.41
CA ARG B 765 -12.02 -12.24 -14.06
C ARG B 765 -11.98 -11.28 -15.24
N ALA B 766 -11.32 -10.13 -15.05
CA ALA B 766 -11.27 -9.14 -16.12
C ALA B 766 -10.59 -9.68 -17.37
N LEU B 767 -9.50 -10.43 -17.20
CA LEU B 767 -8.83 -10.97 -18.39
C LEU B 767 -9.68 -12.05 -19.03
N THR B 768 -10.39 -12.84 -18.22
CA THR B 768 -11.28 -13.85 -18.79
C THR B 768 -12.36 -13.18 -19.62
N GLY B 769 -12.96 -12.12 -19.10
CA GLY B 769 -14.01 -11.43 -19.83
C GLY B 769 -13.55 -10.98 -21.20
N ILE B 770 -12.33 -10.44 -21.28
CA ILE B 770 -11.78 -10.02 -22.56
C ILE B 770 -11.60 -11.23 -23.47
N ALA B 771 -11.03 -12.31 -22.94
CA ALA B 771 -10.76 -13.48 -23.76
C ALA B 771 -12.04 -14.01 -24.39
N VAL B 772 -13.14 -14.00 -23.64
CA VAL B 772 -14.40 -14.46 -24.21
C VAL B 772 -14.86 -13.49 -25.30
N GLU B 773 -14.77 -12.19 -25.02
CA GLU B 773 -15.18 -11.18 -25.98
C GLU B 773 -14.45 -11.32 -27.31
N GLN B 774 -13.18 -11.74 -27.26
CA GLN B 774 -12.41 -11.86 -28.50
C GLN B 774 -13.00 -12.92 -29.42
N ASP B 775 -13.62 -13.96 -28.86
CA ASP B 775 -14.23 -14.95 -29.72
C ASP B 775 -15.58 -14.47 -30.20
N LYS B 776 -16.28 -13.70 -29.36
CA LYS B 776 -17.56 -13.11 -29.76
C LYS B 776 -17.38 -12.18 -30.95
N ASN B 777 -16.32 -11.36 -30.91
CA ASN B 777 -16.09 -10.42 -32.01
C ASN B 777 -15.86 -11.15 -33.32
N THR B 778 -15.08 -12.24 -33.28
CA THR B 778 -14.81 -12.98 -34.52
C THR B 778 -16.09 -13.55 -35.11
N GLN B 779 -16.95 -14.13 -34.26
CA GLN B 779 -18.19 -14.69 -34.80
C GLN B 779 -19.08 -13.59 -35.35
N GLU B 780 -19.18 -12.46 -34.66
CA GLU B 780 -20.02 -11.37 -35.14
C GLU B 780 -19.55 -10.83 -36.47
N VAL B 781 -18.23 -10.78 -36.69
CA VAL B 781 -17.72 -10.25 -37.94
C VAL B 781 -17.85 -11.27 -39.08
N PHE B 782 -17.50 -12.54 -38.86
CA PHE B 782 -17.48 -13.50 -39.94
C PHE B 782 -18.70 -14.42 -40.00
N ALA B 783 -19.28 -14.80 -38.87
CA ALA B 783 -20.34 -15.81 -38.86
C ALA B 783 -21.74 -15.23 -39.07
N GLN B 784 -21.95 -14.61 -40.22
CA GLN B 784 -23.26 -14.05 -40.54
C GLN B 784 -24.00 -14.91 -41.54
N VAL B 785 -23.42 -16.05 -41.93
CA VAL B 785 -24.00 -16.95 -42.91
C VAL B 785 -24.19 -18.31 -42.26
N LYS B 786 -25.37 -18.88 -42.43
CA LYS B 786 -25.71 -20.15 -41.80
C LYS B 786 -25.37 -21.36 -42.65
N GLN B 787 -24.92 -21.15 -43.89
CA GLN B 787 -24.55 -22.24 -44.77
C GLN B 787 -23.17 -21.95 -45.36
N ILE B 788 -22.45 -23.01 -45.70
CA ILE B 788 -21.14 -22.87 -46.33
C ILE B 788 -21.32 -23.06 -47.83
N TYR B 789 -21.21 -21.95 -48.57
CA TYR B 789 -21.41 -21.91 -49.99
C TYR B 789 -20.09 -22.20 -50.71
N LYS B 790 -20.19 -22.75 -51.91
CA LYS B 790 -19.03 -23.03 -52.73
C LYS B 790 -19.27 -22.59 -54.17
N THR B 791 -18.19 -22.15 -54.81
CA THR B 791 -18.22 -21.77 -56.20
C THR B 791 -18.31 -23.02 -57.07
N PRO B 792 -18.79 -22.90 -58.30
CA PRO B 792 -18.82 -24.05 -59.20
C PRO B 792 -17.42 -24.44 -59.65
N PRO B 793 -17.24 -25.68 -60.06
CA PRO B 793 -15.99 -26.10 -60.72
C PRO B 793 -15.57 -25.27 -61.91
N ILE B 794 -16.51 -24.72 -62.67
CA ILE B 794 -16.18 -23.92 -63.85
C ILE B 794 -16.34 -22.45 -63.50
N LYS B 795 -15.22 -21.74 -63.41
CA LYS B 795 -15.19 -20.34 -62.96
C LYS B 795 -15.46 -19.45 -64.17
N ASP B 796 -16.68 -19.53 -64.67
CA ASP B 796 -17.11 -18.72 -65.81
C ASP B 796 -18.04 -17.63 -65.28
N PHE B 797 -17.49 -16.43 -65.09
CA PHE B 797 -18.25 -15.31 -64.52
C PHE B 797 -18.41 -14.17 -65.50
N GLY B 798 -18.32 -14.44 -66.80
CA GLY B 798 -18.52 -13.41 -67.79
C GLY B 798 -17.35 -12.48 -68.00
N GLY B 799 -16.13 -12.93 -67.74
CA GLY B 799 -14.96 -12.11 -67.92
C GLY B 799 -14.37 -11.57 -66.64
N PHE B 800 -15.06 -11.74 -65.52
CA PHE B 800 -14.59 -11.28 -64.23
C PHE B 800 -13.67 -12.33 -63.63
N ASN B 801 -12.42 -11.95 -63.41
CA ASN B 801 -11.40 -12.86 -62.92
C ASN B 801 -11.33 -12.75 -61.41
N PHE B 802 -11.73 -13.81 -60.72
CA PHE B 802 -11.72 -13.81 -59.26
C PHE B 802 -10.65 -14.73 -58.71
N SER B 803 -9.68 -15.11 -59.54
CA SER B 803 -8.67 -16.08 -59.12
C SER B 803 -7.82 -15.57 -57.96
N GLN B 804 -7.79 -14.26 -57.74
CA GLN B 804 -6.95 -13.75 -56.67
C GLN B 804 -7.69 -13.62 -55.36
N ILE B 805 -9.01 -13.79 -55.35
CA ILE B 805 -9.77 -13.67 -54.11
C ILE B 805 -10.38 -15.00 -53.67
N LEU B 806 -10.59 -15.99 -54.61
CA LEU B 806 -11.09 -17.31 -54.26
C LEU B 806 -9.95 -18.24 -53.89
N PRO B 807 -10.21 -19.19 -52.99
CA PRO B 807 -9.17 -20.16 -52.64
C PRO B 807 -8.86 -21.06 -53.81
N ASP B 808 -7.61 -21.47 -53.91
CA ASP B 808 -7.20 -22.40 -54.94
C ASP B 808 -6.86 -23.75 -54.33
N PRO B 809 -6.86 -24.82 -55.13
CA PRO B 809 -6.44 -26.13 -54.64
C PRO B 809 -4.94 -26.39 -54.69
N SER B 810 -4.12 -25.38 -54.97
CA SER B 810 -2.68 -25.60 -55.04
C SER B 810 -1.99 -25.48 -53.69
N LYS B 811 -2.42 -24.52 -52.88
CA LYS B 811 -1.85 -24.33 -51.55
C LYS B 811 -2.57 -25.20 -50.52
N PRO B 812 -1.82 -25.78 -49.59
CA PRO B 812 -2.45 -26.63 -48.56
C PRO B 812 -3.36 -25.86 -47.62
N SER B 813 -3.23 -24.54 -47.55
CA SER B 813 -4.05 -23.73 -46.66
C SER B 813 -5.42 -23.44 -47.26
N LYS B 814 -5.61 -23.73 -48.53
CA LYS B 814 -6.86 -23.45 -49.24
C LYS B 814 -7.27 -22.00 -49.09
N ARG B 815 -6.30 -21.11 -49.29
CA ARG B 815 -6.52 -19.69 -49.21
C ARG B 815 -6.28 -19.08 -50.59
N SER B 816 -6.79 -17.87 -50.79
CA SER B 816 -6.57 -17.22 -52.07
C SER B 816 -5.16 -16.63 -52.12
N PRO B 817 -4.66 -16.37 -53.32
CA PRO B 817 -3.43 -15.59 -53.44
C PRO B 817 -3.34 -14.30 -52.63
N ILE B 818 -4.37 -13.45 -52.66
CA ILE B 818 -4.28 -12.21 -51.89
C ILE B 818 -4.24 -12.44 -50.38
N GLU B 819 -5.07 -13.32 -49.81
CA GLU B 819 -4.91 -13.53 -48.37
C GLU B 819 -3.54 -14.09 -48.06
N ASP B 820 -3.02 -14.95 -48.94
CA ASP B 820 -1.69 -15.52 -48.73
C ASP B 820 -0.68 -14.40 -48.51
N LEU B 821 -0.79 -13.32 -49.30
CA LEU B 821 0.11 -12.20 -49.07
C LEU B 821 -0.16 -11.58 -47.72
N LEU B 822 -1.44 -11.42 -47.36
CA LEU B 822 -1.76 -10.77 -46.09
C LEU B 822 -1.23 -11.61 -44.94
N PHE B 823 -1.28 -12.93 -45.07
CA PHE B 823 -0.77 -13.80 -44.03
C PHE B 823 0.75 -13.87 -44.05
N ASN B 824 1.35 -13.99 -45.23
CA ASN B 824 2.80 -14.14 -45.33
C ASN B 824 3.54 -12.86 -44.94
N LYS B 825 2.92 -11.69 -45.09
CA LYS B 825 3.60 -10.44 -44.82
C LYS B 825 3.39 -9.95 -43.38
N VAL B 826 2.76 -10.73 -42.53
CA VAL B 826 2.61 -10.33 -41.14
C VAL B 826 3.48 -11.21 -40.24
N ASN B 856 6.49 -17.18 -16.32
CA ASN B 856 6.11 -15.88 -15.80
C ASN B 856 4.67 -15.91 -15.29
N GLY B 857 4.02 -17.06 -15.45
CA GLY B 857 2.67 -17.25 -14.98
C GLY B 857 1.58 -16.80 -15.92
N LEU B 858 1.90 -16.49 -17.17
CA LEU B 858 0.92 -16.06 -18.15
C LEU B 858 0.87 -17.06 -19.28
N THR B 859 -0.30 -17.19 -19.91
CA THR B 859 -0.50 -18.08 -21.04
C THR B 859 -1.24 -17.35 -22.14
N VAL B 860 -1.24 -17.94 -23.32
CA VAL B 860 -2.00 -17.45 -24.47
C VAL B 860 -2.95 -18.54 -24.93
N LEU B 861 -4.23 -18.21 -25.01
CA LEU B 861 -5.20 -19.21 -25.41
C LEU B 861 -5.38 -19.19 -26.91
N PRO B 862 -5.58 -20.34 -27.55
CA PRO B 862 -5.81 -20.35 -28.98
C PRO B 862 -7.19 -19.79 -29.29
N PRO B 863 -7.39 -19.24 -30.47
CA PRO B 863 -8.73 -18.79 -30.85
C PRO B 863 -9.65 -19.98 -31.08
N LEU B 864 -10.94 -19.73 -30.90
CA LEU B 864 -11.92 -20.77 -31.19
C LEU B 864 -11.98 -21.10 -32.68
N LEU B 865 -11.92 -20.10 -33.54
CA LEU B 865 -11.97 -20.33 -34.97
C LEU B 865 -10.55 -20.28 -35.51
N THR B 866 -10.07 -21.39 -36.05
CA THR B 866 -8.71 -21.42 -36.56
C THR B 866 -8.64 -20.71 -37.90
N ASP B 867 -7.40 -20.44 -38.33
CA ASP B 867 -7.21 -19.74 -39.60
C ASP B 867 -7.88 -20.49 -40.74
N GLU B 868 -7.84 -21.83 -40.70
CA GLU B 868 -8.50 -22.62 -41.73
C GLU B 868 -10.00 -22.41 -41.75
N MET B 869 -10.58 -22.23 -40.56
CA MET B 869 -12.03 -22.05 -40.46
C MET B 869 -12.44 -20.64 -40.83
N ILE B 870 -11.57 -19.65 -40.56
CA ILE B 870 -11.88 -18.29 -40.95
C ILE B 870 -11.88 -18.20 -42.47
N ALA B 871 -10.91 -18.86 -43.09
CA ALA B 871 -10.85 -18.89 -44.55
C ALA B 871 -12.11 -19.52 -45.13
N GLN B 872 -12.65 -20.54 -44.46
CA GLN B 872 -13.89 -21.15 -44.94
C GLN B 872 -15.06 -20.17 -44.84
N TYR B 873 -15.10 -19.35 -43.79
CA TYR B 873 -16.17 -18.36 -43.74
C TYR B 873 -16.03 -17.36 -44.87
N THR B 874 -14.81 -16.89 -45.13
CA THR B 874 -14.64 -15.93 -46.20
C THR B 874 -14.89 -16.59 -47.54
N SER B 875 -14.55 -17.88 -47.67
CA SER B 875 -14.85 -18.58 -48.90
C SER B 875 -16.36 -18.66 -49.12
N ALA B 876 -17.09 -18.98 -48.06
CA ALA B 876 -18.55 -19.05 -48.14
C ALA B 876 -19.14 -17.69 -48.49
N LEU B 877 -18.61 -16.62 -47.91
CA LEU B 877 -19.13 -15.29 -48.20
C LEU B 877 -18.89 -14.90 -49.65
N LEU B 878 -17.73 -15.24 -50.20
CA LEU B 878 -17.47 -14.92 -51.59
C LEU B 878 -18.35 -15.74 -52.52
N ALA B 879 -18.55 -17.03 -52.24
CA ALA B 879 -19.38 -17.83 -53.13
C ALA B 879 -20.79 -17.30 -53.18
N GLY B 880 -21.34 -16.90 -52.04
CA GLY B 880 -22.68 -16.33 -52.04
C GLY B 880 -22.73 -15.02 -52.81
N THR B 881 -21.82 -14.11 -52.48
CA THR B 881 -21.79 -12.78 -53.09
C THR B 881 -21.61 -12.87 -54.60
N ILE B 882 -20.74 -13.77 -55.07
CA ILE B 882 -20.48 -13.86 -56.50
C ILE B 882 -21.66 -14.51 -57.23
N THR B 883 -22.20 -15.58 -56.69
CA THR B 883 -23.25 -16.32 -57.38
C THR B 883 -24.67 -15.92 -57.01
N SER B 884 -24.87 -15.23 -55.88
CA SER B 884 -26.24 -14.89 -55.49
C SER B 884 -26.43 -13.45 -55.05
N GLY B 885 -25.43 -12.60 -55.20
CA GLY B 885 -25.59 -11.21 -54.83
C GLY B 885 -25.91 -11.04 -53.36
N TRP B 886 -26.95 -10.25 -53.08
CA TRP B 886 -27.38 -10.01 -51.71
C TRP B 886 -28.47 -10.95 -51.24
N THR B 887 -28.94 -11.86 -52.09
CA THR B 887 -30.09 -12.66 -51.71
C THR B 887 -29.77 -13.67 -50.62
N PHE B 888 -28.51 -14.12 -50.53
CA PHE B 888 -28.17 -15.10 -49.51
C PHE B 888 -28.07 -14.47 -48.13
N GLY B 889 -27.81 -13.17 -48.06
CA GLY B 889 -27.72 -12.51 -46.77
C GLY B 889 -29.07 -12.40 -46.09
N ALA B 890 -30.12 -12.14 -46.87
CA ALA B 890 -31.47 -11.94 -46.36
C ALA B 890 -32.28 -13.22 -46.25
N GLY B 891 -31.72 -14.37 -46.60
CA GLY B 891 -32.46 -15.61 -46.57
C GLY B 891 -31.85 -16.67 -47.45
N PRO B 892 -32.65 -17.26 -48.33
CA PRO B 892 -32.13 -18.31 -49.20
C PRO B 892 -31.21 -17.72 -50.26
N ALA B 893 -30.21 -18.49 -50.64
CA ALA B 893 -29.28 -18.04 -51.68
C ALA B 893 -29.90 -18.30 -53.05
N LEU B 894 -30.12 -17.23 -53.80
CA LEU B 894 -30.72 -17.28 -55.11
C LEU B 894 -29.67 -17.00 -56.17
N GLN B 895 -29.41 -18.00 -57.02
CA GLN B 895 -28.37 -17.85 -58.03
C GLN B 895 -28.77 -16.73 -59.00
N ILE B 896 -27.77 -16.00 -59.49
CA ILE B 896 -28.01 -14.98 -60.50
C ILE B 896 -26.77 -14.97 -61.39
N PRO B 897 -26.90 -14.84 -62.71
CA PRO B 897 -25.70 -14.67 -63.53
C PRO B 897 -24.93 -13.46 -63.04
N PHE B 898 -23.61 -13.59 -62.96
CA PHE B 898 -22.83 -12.47 -62.43
C PHE B 898 -22.99 -11.20 -63.25
N PRO B 899 -22.89 -11.22 -64.58
CA PRO B 899 -23.09 -9.97 -65.34
C PRO B 899 -24.39 -9.28 -65.02
N MET B 900 -25.44 -10.05 -64.73
CA MET B 900 -26.71 -9.44 -64.38
C MET B 900 -26.66 -8.87 -62.97
N GLN B 901 -25.98 -9.56 -62.06
CA GLN B 901 -25.84 -9.07 -60.70
C GLN B 901 -25.20 -7.69 -60.71
N MET B 902 -24.18 -7.50 -61.54
CA MET B 902 -23.55 -6.18 -61.63
C MET B 902 -24.56 -5.17 -62.17
N ALA B 903 -25.39 -5.59 -63.12
CA ALA B 903 -26.39 -4.68 -63.69
C ALA B 903 -27.31 -4.16 -62.60
N TYR B 904 -27.67 -5.01 -61.63
CA TYR B 904 -28.56 -4.54 -60.58
C TYR B 904 -27.82 -3.55 -59.70
N ARG B 905 -26.53 -3.83 -59.45
CA ARG B 905 -25.71 -2.96 -58.63
C ARG B 905 -25.45 -1.64 -59.32
N PHE B 906 -25.39 -1.64 -60.65
CA PHE B 906 -25.26 -0.38 -61.38
C PHE B 906 -26.56 0.40 -61.28
N ASN B 907 -27.69 -0.30 -61.40
CA ASN B 907 -28.98 0.36 -61.31
C ASN B 907 -29.14 1.02 -59.95
N GLY B 908 -28.59 0.41 -58.90
CA GLY B 908 -28.67 0.89 -57.54
C GLY B 908 -27.98 2.22 -57.29
N ILE B 909 -27.13 2.68 -58.19
CA ILE B 909 -26.44 3.95 -57.97
C ILE B 909 -26.89 5.01 -58.98
N GLY B 910 -28.00 4.79 -59.67
CA GLY B 910 -28.52 5.79 -60.59
C GLY B 910 -27.95 5.70 -61.98
N VAL B 911 -27.39 4.57 -62.36
CA VAL B 911 -26.83 4.36 -63.68
C VAL B 911 -27.60 3.22 -64.32
N THR B 912 -28.25 3.50 -65.44
CA THR B 912 -29.13 2.51 -66.06
C THR B 912 -28.35 1.27 -66.49
N GLN B 913 -29.04 0.13 -66.47
CA GLN B 913 -28.41 -1.17 -66.67
C GLN B 913 -27.84 -1.36 -68.07
N ASN B 914 -28.24 -0.56 -69.05
CA ASN B 914 -27.70 -0.76 -70.39
C ASN B 914 -26.22 -0.38 -70.47
N VAL B 915 -25.71 0.44 -69.55
CA VAL B 915 -24.31 0.83 -69.63
C VAL B 915 -23.40 -0.37 -69.41
N LEU B 916 -23.73 -1.22 -68.43
CA LEU B 916 -22.90 -2.39 -68.16
C LEU B 916 -22.84 -3.33 -69.35
N TYR B 917 -23.99 -3.67 -69.92
CA TYR B 917 -23.98 -4.67 -70.99
C TYR B 917 -23.24 -4.15 -72.21
N GLU B 918 -23.44 -2.89 -72.56
CA GLU B 918 -22.76 -2.33 -73.72
C GLU B 918 -21.26 -2.26 -73.50
N ASN B 919 -20.83 -2.01 -72.27
CA ASN B 919 -19.42 -1.90 -71.91
C ASN B 919 -18.94 -3.08 -71.08
N GLN B 920 -19.61 -4.23 -71.18
CA GLN B 920 -19.26 -5.38 -70.33
C GLN B 920 -17.79 -5.77 -70.49
N LYS B 921 -17.26 -5.74 -71.70
CA LYS B 921 -15.87 -6.14 -71.89
C LYS B 921 -14.93 -5.14 -71.22
N LEU B 922 -15.22 -3.85 -71.32
CA LEU B 922 -14.37 -2.84 -70.71
C LEU B 922 -14.41 -2.93 -69.20
N ILE B 923 -15.60 -3.08 -68.64
CA ILE B 923 -15.74 -3.12 -67.18
C ILE B 923 -15.04 -4.34 -66.61
N ALA B 924 -15.23 -5.50 -67.25
CA ALA B 924 -14.57 -6.70 -66.78
C ALA B 924 -13.06 -6.55 -66.85
N ASN B 925 -12.55 -5.92 -67.91
CA ASN B 925 -11.11 -5.75 -68.02
C ASN B 925 -10.60 -4.78 -66.97
N GLN B 926 -11.33 -3.69 -66.73
CA GLN B 926 -10.90 -2.75 -65.71
C GLN B 926 -10.93 -3.38 -64.33
N PHE B 927 -11.95 -4.19 -64.06
CA PHE B 927 -12.04 -4.87 -62.77
C PHE B 927 -10.86 -5.82 -62.61
N ASN B 928 -10.60 -6.65 -63.61
CA ASN B 928 -9.54 -7.64 -63.50
C ASN B 928 -8.18 -6.96 -63.32
N SER B 929 -7.96 -5.86 -64.03
CA SER B 929 -6.71 -5.13 -63.88
C SER B 929 -6.63 -4.50 -62.51
N ALA B 930 -7.74 -3.95 -62.03
CA ALA B 930 -7.77 -3.31 -60.73
C ALA B 930 -7.43 -4.31 -59.63
N ILE B 931 -7.92 -5.54 -59.75
CA ILE B 931 -7.65 -6.56 -58.74
C ILE B 931 -6.16 -6.89 -58.70
N GLY B 932 -5.54 -7.00 -59.87
CA GLY B 932 -4.11 -7.28 -59.91
C GLY B 932 -3.32 -6.21 -59.17
N LYS B 933 -3.74 -4.96 -59.27
CA LYS B 933 -3.06 -3.87 -58.59
C LYS B 933 -3.07 -4.04 -57.07
N ILE B 934 -4.14 -4.59 -56.50
CA ILE B 934 -4.17 -4.75 -55.04
C ILE B 934 -3.06 -5.69 -54.58
N GLN B 935 -2.88 -6.80 -55.29
CA GLN B 935 -1.85 -7.74 -54.87
C GLN B 935 -0.48 -7.07 -54.90
N ASP B 936 -0.21 -6.28 -55.94
CA ASP B 936 1.07 -5.59 -56.04
C ASP B 936 1.19 -4.47 -55.02
N SER B 937 0.10 -3.75 -54.74
CA SER B 937 0.16 -2.64 -53.79
C SER B 937 0.53 -3.10 -52.39
N LEU B 938 -0.09 -4.17 -51.90
CA LEU B 938 0.25 -4.63 -50.55
C LEU B 938 1.68 -5.15 -50.50
N SER B 939 2.11 -5.86 -51.54
CA SER B 939 3.48 -6.37 -51.56
C SER B 939 4.48 -5.22 -51.61
N SER B 940 4.24 -4.25 -52.49
CA SER B 940 5.17 -3.14 -52.68
C SER B 940 5.26 -2.25 -51.45
N THR B 941 4.13 -1.90 -50.84
CA THR B 941 4.13 -0.96 -49.73
C THR B 941 4.10 -1.65 -48.38
N PRO B 942 5.18 -1.62 -47.60
CA PRO B 942 5.24 -2.35 -46.33
C PRO B 942 4.31 -1.81 -45.26
N SER B 943 3.84 -0.57 -45.42
CA SER B 943 2.98 0.09 -44.44
C SER B 943 1.51 -0.14 -44.70
N ALA B 944 1.18 -0.88 -45.77
CA ALA B 944 -0.21 -1.07 -46.17
C ALA B 944 -1.03 -1.73 -45.05
N LEU B 945 -0.40 -2.58 -44.24
CA LEU B 945 -1.07 -3.30 -43.17
C LEU B 945 -0.68 -2.77 -41.79
N GLY B 946 -0.28 -1.50 -41.71
CA GLY B 946 0.16 -0.95 -40.44
C GLY B 946 -0.86 -1.12 -39.33
N LYS B 947 -2.14 -1.04 -39.65
CA LYS B 947 -3.17 -1.16 -38.61
C LYS B 947 -3.12 -2.53 -37.94
N LEU B 948 -2.84 -3.59 -38.71
CA LEU B 948 -2.86 -4.90 -38.08
C LEU B 948 -1.58 -5.14 -37.30
N GLN B 949 -0.46 -4.64 -37.84
CA GLN B 949 0.81 -4.80 -37.14
C GLN B 949 0.81 -3.99 -35.86
N ASP B 950 0.17 -2.81 -35.87
CA ASP B 950 0.12 -1.99 -34.68
C ASP B 950 -0.61 -2.66 -33.54
N VAL B 951 -1.72 -3.36 -33.84
CA VAL B 951 -2.43 -4.06 -32.77
C VAL B 951 -1.53 -5.14 -32.19
N VAL B 952 -0.84 -5.89 -33.05
CA VAL B 952 0.08 -6.90 -32.56
C VAL B 952 1.20 -6.25 -31.78
N ASN B 953 1.72 -5.14 -32.30
CA ASN B 953 2.83 -4.46 -31.64
C ASN B 953 2.39 -3.89 -30.30
N GLN B 954 1.17 -3.34 -30.23
CA GLN B 954 0.70 -2.79 -28.97
C GLN B 954 0.56 -3.91 -27.96
N ASN B 955 0.06 -5.06 -28.40
CA ASN B 955 -0.09 -6.17 -27.47
C ASN B 955 1.26 -6.79 -27.15
N ALA B 956 2.16 -6.82 -28.13
CA ALA B 956 3.48 -7.36 -27.86
C ALA B 956 4.19 -6.48 -26.84
N GLN B 957 4.05 -5.17 -26.97
CA GLN B 957 4.68 -4.28 -26.00
C GLN B 957 4.03 -4.45 -24.64
N ALA B 958 2.70 -4.62 -24.61
CA ALA B 958 2.02 -4.79 -23.34
C ALA B 958 2.53 -6.02 -22.61
N LEU B 959 2.78 -7.11 -23.35
CA LEU B 959 3.26 -8.31 -22.69
C LEU B 959 4.73 -8.17 -22.33
N ASN B 960 5.53 -7.56 -23.21
CA ASN B 960 6.94 -7.42 -22.88
C ASN B 960 7.12 -6.44 -21.73
N THR B 961 6.28 -5.41 -21.65
CA THR B 961 6.38 -4.50 -20.52
C THR B 961 6.00 -5.22 -19.23
N LEU B 962 4.91 -6.00 -19.27
CA LEU B 962 4.49 -6.71 -18.07
C LEU B 962 5.60 -7.65 -17.61
N VAL B 963 6.22 -8.37 -18.54
CA VAL B 963 7.30 -9.26 -18.17
C VAL B 963 8.48 -8.43 -17.66
N LYS B 964 8.78 -7.33 -18.36
CA LYS B 964 9.86 -6.45 -17.93
C LYS B 964 9.61 -5.92 -16.52
N GLN B 965 8.35 -5.65 -16.18
CA GLN B 965 8.04 -5.17 -14.85
C GLN B 965 8.27 -6.28 -13.83
N LEU B 966 8.06 -7.52 -14.24
CA LEU B 966 8.29 -8.66 -13.36
C LEU B 966 9.73 -8.68 -12.86
N SER B 967 10.66 -8.24 -13.70
CA SER B 967 12.07 -8.26 -13.36
C SER B 967 12.50 -7.01 -12.59
N SER B 968 11.59 -6.08 -12.35
CA SER B 968 11.92 -4.87 -11.64
C SER B 968 11.83 -5.10 -10.13
N ASN B 969 12.43 -4.20 -9.36
CA ASN B 969 12.44 -4.35 -7.92
C ASN B 969 11.25 -3.65 -7.25
N PHE B 970 10.80 -2.52 -7.81
CA PHE B 970 9.68 -1.75 -7.26
C PHE B 970 9.93 -1.36 -5.81
N GLY B 971 11.19 -1.10 -5.47
CA GLY B 971 11.57 -0.73 -4.13
C GLY B 971 12.03 -1.88 -3.28
N ALA B 972 11.88 -3.11 -3.75
CA ALA B 972 12.30 -4.27 -3.01
C ALA B 972 13.82 -4.37 -3.02
N ILE B 973 14.36 -5.06 -2.02
CA ILE B 973 15.80 -5.28 -1.97
C ILE B 973 16.25 -6.07 -3.19
N SER B 974 15.35 -6.85 -3.79
CA SER B 974 15.71 -7.63 -4.96
C SER B 974 14.45 -7.96 -5.75
N SER B 975 14.61 -7.97 -7.08
CA SER B 975 13.58 -8.31 -8.05
C SER B 975 13.26 -9.80 -8.06
N VAL B 976 14.08 -10.63 -7.45
CA VAL B 976 13.90 -12.08 -7.48
C VAL B 976 13.25 -12.52 -6.18
N LEU B 977 12.09 -13.16 -6.32
CA LEU B 977 11.28 -13.57 -5.18
C LEU B 977 11.99 -14.59 -4.30
N ASN B 978 12.74 -15.51 -4.92
CA ASN B 978 13.43 -16.52 -4.14
C ASN B 978 14.55 -15.94 -3.28
N ASP B 979 15.17 -14.84 -3.74
CA ASP B 979 16.27 -14.24 -2.98
C ASP B 979 15.78 -13.49 -1.74
N ILE B 980 14.62 -12.84 -1.79
CA ILE B 980 14.12 -12.15 -0.60
C ILE B 980 13.83 -13.14 0.53
N LEU B 981 13.18 -14.26 0.22
CA LEU B 981 12.86 -15.23 1.26
C LEU B 981 14.13 -15.83 1.83
N SER B 982 15.14 -16.05 0.98
CA SER B 982 16.40 -16.61 1.43
C SER B 982 17.19 -15.61 2.28
N ARG B 983 17.25 -14.34 1.86
CA ARG B 983 18.10 -13.38 2.57
C ARG B 983 17.50 -12.85 3.87
N LEU B 984 16.18 -12.64 3.94
CA LEU B 984 15.60 -12.02 5.12
C LEU B 984 14.71 -12.99 5.89
N ASP B 985 14.85 -12.96 7.22
CA ASP B 985 13.97 -13.72 8.11
C ASP B 985 12.53 -13.21 8.03
N PRO B 986 11.56 -14.09 8.26
CA PRO B 986 10.13 -13.70 8.19
C PRO B 986 9.83 -12.36 8.84
N PRO B 987 10.38 -12.05 10.04
CA PRO B 987 10.07 -10.74 10.64
C PRO B 987 10.52 -9.57 9.80
N GLU B 988 11.47 -9.78 8.90
CA GLU B 988 11.98 -8.73 8.02
C GLU B 988 11.51 -8.92 6.59
N ALA B 989 11.39 -10.18 6.15
CA ALA B 989 10.97 -10.46 4.79
C ALA B 989 9.56 -9.96 4.56
N GLU B 990 8.70 -10.09 5.58
CA GLU B 990 7.31 -9.64 5.43
C GLU B 990 7.24 -8.20 4.97
N VAL B 991 8.09 -7.33 5.52
CA VAL B 991 8.04 -5.93 5.11
C VAL B 991 8.52 -5.80 3.68
N GLN B 992 9.63 -6.47 3.35
CA GLN B 992 10.19 -6.38 2.01
C GLN B 992 9.32 -7.08 0.99
N ILE B 993 8.64 -8.16 1.38
CA ILE B 993 7.75 -8.85 0.46
C ILE B 993 6.54 -7.98 0.16
N ASP B 994 5.96 -7.35 1.18
CA ASP B 994 4.79 -6.50 0.98
C ASP B 994 5.09 -5.37 -0.01
N ARG B 995 6.30 -4.82 0.04
CA ARG B 995 6.65 -3.78 -0.92
C ARG B 995 6.69 -4.35 -2.34
N LEU B 996 7.25 -5.54 -2.50
CA LEU B 996 7.26 -6.16 -3.82
C LEU B 996 5.85 -6.55 -4.25
N ILE B 997 5.03 -7.01 -3.31
CA ILE B 997 3.66 -7.40 -3.62
C ILE B 997 2.84 -6.22 -4.10
N THR B 998 2.91 -5.09 -3.37
CA THR B 998 2.12 -3.94 -3.76
C THR B 998 2.52 -3.43 -5.13
N GLY B 999 3.83 -3.35 -5.39
CA GLY B 999 4.27 -2.86 -6.68
C GLY B 999 3.84 -3.76 -7.83
N ARG B 1000 4.06 -5.06 -7.70
CA ARG B 1000 3.70 -5.96 -8.79
C ARG B 1000 2.20 -6.06 -8.99
N LEU B 1001 1.42 -6.02 -7.91
CA LEU B 1001 -0.02 -6.06 -8.09
C LEU B 1001 -0.51 -4.79 -8.77
N GLN B 1002 0.03 -3.65 -8.35
CA GLN B 1002 -0.35 -2.39 -8.98
C GLN B 1002 0.04 -2.41 -10.46
N SER B 1003 1.20 -3.00 -10.76
CA SER B 1003 1.65 -3.10 -12.15
C SER B 1003 0.69 -3.96 -12.96
N LEU B 1004 0.26 -5.10 -12.40
CA LEU B 1004 -0.67 -5.95 -13.12
C LEU B 1004 -2.00 -5.24 -13.30
N GLN B 1005 -2.43 -4.50 -12.29
CA GLN B 1005 -3.68 -3.75 -12.39
C GLN B 1005 -3.59 -2.73 -13.52
N THR B 1006 -2.43 -2.10 -13.66
CA THR B 1006 -2.25 -1.14 -14.74
C THR B 1006 -2.37 -1.84 -16.09
N TYR B 1007 -1.74 -3.01 -16.21
CA TYR B 1007 -1.82 -3.79 -17.44
C TYR B 1007 -3.25 -4.11 -17.82
N VAL B 1008 -4.04 -4.62 -16.89
CA VAL B 1008 -5.42 -5.00 -17.22
C VAL B 1008 -6.21 -3.78 -17.66
N THR B 1009 -6.03 -2.65 -16.97
CA THR B 1009 -6.74 -1.44 -17.36
C THR B 1009 -6.37 -1.07 -18.77
N GLN B 1010 -5.08 -1.16 -19.10
CA GLN B 1010 -4.64 -0.86 -20.45
C GLN B 1010 -5.25 -1.83 -21.44
N GLN B 1011 -5.40 -3.10 -21.03
CA GLN B 1011 -6.00 -4.10 -21.90
C GLN B 1011 -7.49 -3.84 -22.06
N LEU B 1012 -8.14 -3.32 -21.03
CA LEU B 1012 -9.56 -3.02 -21.13
C LEU B 1012 -9.81 -1.86 -22.09
N ILE B 1013 -8.94 -0.84 -22.05
CA ILE B 1013 -9.10 0.28 -22.96
C ILE B 1013 -8.84 -0.17 -24.38
N ARG B 1014 -7.76 -0.94 -24.58
CA ARG B 1014 -7.47 -1.47 -25.89
C ARG B 1014 -8.57 -2.39 -26.38
N ALA B 1015 -9.12 -3.21 -25.48
CA ALA B 1015 -10.20 -4.11 -25.88
C ALA B 1015 -11.41 -3.32 -26.37
N ALA B 1016 -11.71 -2.20 -25.71
CA ALA B 1016 -12.84 -1.39 -26.13
C ALA B 1016 -12.62 -0.84 -27.53
N GLU B 1017 -11.39 -0.46 -27.84
CA GLU B 1017 -11.09 0.03 -29.17
C GLU B 1017 -11.30 -1.06 -30.22
N ILE B 1018 -10.84 -2.28 -29.93
CA ILE B 1018 -11.04 -3.38 -30.85
C ILE B 1018 -12.52 -3.70 -30.99
N ARG B 1019 -13.25 -3.66 -29.88
CA ARG B 1019 -14.68 -3.93 -29.94
C ARG B 1019 -15.39 -2.93 -30.84
N ALA B 1020 -15.06 -1.64 -30.70
CA ALA B 1020 -15.67 -0.65 -31.56
C ALA B 1020 -15.34 -0.93 -33.01
N SER B 1021 -14.09 -1.32 -33.27
CA SER B 1021 -13.70 -1.68 -34.62
C SER B 1021 -14.43 -2.93 -35.09
N ALA B 1022 -14.54 -3.93 -34.22
CA ALA B 1022 -15.25 -5.14 -34.59
C ALA B 1022 -16.72 -4.85 -34.88
N ASN B 1023 -17.33 -3.96 -34.10
CA ASN B 1023 -18.72 -3.63 -34.38
C ASN B 1023 -18.83 -2.92 -35.71
N LEU B 1024 -17.87 -2.06 -36.02
CA LEU B 1024 -17.85 -1.41 -37.31
C LEU B 1024 -17.60 -2.44 -38.41
N ALA B 1025 -16.64 -3.33 -38.18
CA ALA B 1025 -16.34 -4.35 -39.19
C ALA B 1025 -17.53 -5.26 -39.42
N ALA B 1026 -18.26 -5.60 -38.36
CA ALA B 1026 -19.42 -6.45 -38.55
C ALA B 1026 -20.51 -5.69 -39.30
N THR B 1027 -20.70 -4.42 -38.93
CA THR B 1027 -21.67 -3.60 -39.64
C THR B 1027 -21.22 -3.41 -41.08
N LYS B 1028 -19.92 -3.14 -41.24
CA LYS B 1028 -19.37 -2.90 -42.57
C LYS B 1028 -19.53 -4.12 -43.46
N MET B 1029 -19.25 -5.31 -42.93
CA MET B 1029 -19.43 -6.52 -43.73
C MET B 1029 -20.88 -6.71 -44.11
N SER B 1030 -21.80 -6.51 -43.16
CA SER B 1030 -23.21 -6.73 -43.45
C SER B 1030 -23.68 -5.80 -44.55
N GLU B 1031 -23.27 -4.53 -44.48
CA GLU B 1031 -23.74 -3.52 -45.42
C GLU B 1031 -22.90 -3.44 -46.69
N CYS B 1032 -21.62 -3.80 -46.64
CA CYS B 1032 -20.78 -3.70 -47.83
C CYS B 1032 -20.66 -5.01 -48.59
N VAL B 1033 -20.77 -6.14 -47.90
CA VAL B 1033 -20.56 -7.45 -48.51
C VAL B 1033 -21.87 -8.17 -48.77
N LEU B 1034 -22.79 -8.15 -47.81
CA LEU B 1034 -24.04 -8.89 -47.94
C LEU B 1034 -25.13 -8.04 -48.57
N GLY B 1035 -24.77 -6.88 -49.07
CA GLY B 1035 -25.74 -6.00 -49.68
C GLY B 1035 -25.04 -4.92 -50.45
N GLN B 1036 -25.76 -3.84 -50.70
CA GLN B 1036 -25.21 -2.68 -51.40
C GLN B 1036 -25.51 -1.46 -50.55
N SER B 1037 -24.47 -0.68 -50.28
CA SER B 1037 -24.58 0.48 -49.41
C SER B 1037 -24.93 1.74 -50.20
N LYS B 1038 -25.74 2.59 -49.58
CA LYS B 1038 -26.07 3.88 -50.14
C LYS B 1038 -25.44 4.98 -49.31
N ARG B 1039 -24.59 4.62 -48.37
CA ARG B 1039 -23.90 5.56 -47.51
C ARG B 1039 -22.59 5.94 -48.17
N VAL B 1040 -22.46 7.23 -48.50
CA VAL B 1040 -21.30 7.70 -49.26
C VAL B 1040 -20.05 7.57 -48.40
N ASP B 1041 -19.00 7.01 -49.00
CA ASP B 1041 -17.70 6.78 -48.39
C ASP B 1041 -17.75 5.83 -47.21
N PHE B 1042 -18.87 5.12 -47.01
CA PHE B 1042 -18.91 4.11 -45.97
C PHE B 1042 -18.12 2.87 -46.39
N CYS B 1043 -18.29 2.48 -47.66
CA CYS B 1043 -17.67 1.29 -48.22
C CYS B 1043 -16.64 1.74 -49.25
N GLY B 1044 -15.81 2.72 -48.89
CA GLY B 1044 -14.78 3.23 -49.76
C GLY B 1044 -15.25 4.43 -50.54
N LYS B 1045 -14.29 5.07 -51.22
CA LYS B 1045 -14.59 6.27 -51.99
C LYS B 1045 -15.23 5.90 -53.30
N GLY B 1046 -16.25 6.65 -53.68
CA GLY B 1046 -16.99 6.43 -54.91
C GLY B 1046 -18.34 5.82 -54.60
N TYR B 1047 -19.03 5.40 -55.65
CA TYR B 1047 -20.36 4.85 -55.50
C TYR B 1047 -20.21 3.34 -55.36
N HIS B 1048 -20.53 2.83 -54.17
CA HIS B 1048 -20.29 1.43 -53.86
C HIS B 1048 -21.08 0.52 -54.80
N LEU B 1049 -20.40 -0.48 -55.34
CA LEU B 1049 -21.02 -1.51 -56.16
C LEU B 1049 -21.11 -2.84 -55.41
N MET B 1050 -20.02 -3.29 -54.82
CA MET B 1050 -19.98 -4.56 -54.11
C MET B 1050 -18.64 -4.59 -53.37
N SER B 1051 -18.46 -5.60 -52.53
CA SER B 1051 -17.18 -5.77 -51.86
C SER B 1051 -16.90 -7.24 -51.63
N PHE B 1052 -15.64 -7.56 -51.37
CA PHE B 1052 -15.22 -8.93 -51.11
C PHE B 1052 -14.39 -8.98 -49.83
N PRO B 1053 -14.81 -9.73 -48.84
CA PRO B 1053 -14.01 -9.86 -47.62
C PRO B 1053 -12.81 -10.76 -47.84
N GLN B 1054 -11.73 -10.47 -47.12
CA GLN B 1054 -10.56 -11.34 -47.08
C GLN B 1054 -10.09 -11.47 -45.65
N SER B 1055 -9.62 -12.65 -45.29
CA SER B 1055 -9.14 -12.81 -43.93
C SER B 1055 -7.71 -12.30 -43.80
N ALA B 1056 -7.33 -11.99 -42.57
CA ALA B 1056 -5.98 -11.58 -42.25
C ALA B 1056 -5.70 -11.97 -40.81
N PRO B 1057 -4.43 -12.07 -40.42
CA PRO B 1057 -4.13 -12.35 -39.01
C PRO B 1057 -4.79 -11.33 -38.10
N HIS B 1058 -5.57 -11.82 -37.14
CA HIS B 1058 -6.26 -11.01 -36.16
C HIS B 1058 -7.15 -9.93 -36.78
N GLY B 1059 -7.62 -10.10 -38.00
CA GLY B 1059 -8.46 -9.06 -38.57
C GLY B 1059 -9.02 -9.47 -39.92
N VAL B 1060 -9.72 -8.52 -40.53
CA VAL B 1060 -10.39 -8.71 -41.81
C VAL B 1060 -10.02 -7.59 -42.76
N VAL B 1061 -9.85 -7.94 -44.03
CA VAL B 1061 -9.50 -7.00 -45.08
C VAL B 1061 -10.63 -6.98 -46.10
N PHE B 1062 -11.15 -5.79 -46.40
CA PHE B 1062 -12.25 -5.62 -47.35
C PHE B 1062 -11.75 -4.99 -48.63
N LEU B 1063 -12.09 -5.60 -49.75
CA LEU B 1063 -11.80 -5.04 -51.07
C LEU B 1063 -13.07 -4.37 -51.56
N HIS B 1064 -13.09 -3.04 -51.62
CA HIS B 1064 -14.28 -2.30 -51.98
C HIS B 1064 -14.20 -1.95 -53.45
N VAL B 1065 -15.21 -2.36 -54.20
CA VAL B 1065 -15.27 -2.10 -55.64
C VAL B 1065 -16.22 -0.94 -55.84
N THR B 1066 -15.71 0.18 -56.36
CA THR B 1066 -16.53 1.36 -56.49
C THR B 1066 -16.49 1.91 -57.91
N TYR B 1067 -17.58 2.55 -58.30
CA TYR B 1067 -17.73 3.24 -59.57
C TYR B 1067 -17.31 4.70 -59.43
N VAL B 1068 -16.38 5.16 -60.26
CA VAL B 1068 -15.88 6.53 -60.20
C VAL B 1068 -15.96 7.26 -61.54
N PRO B 1069 -16.68 8.39 -61.63
CA PRO B 1069 -16.69 9.21 -62.84
C PRO B 1069 -15.30 9.63 -63.29
N ALA B 1070 -15.05 9.59 -64.59
CA ALA B 1070 -13.71 9.87 -65.08
C ALA B 1070 -13.58 11.07 -66.02
N GLN B 1071 -14.46 11.23 -67.01
CA GLN B 1071 -14.23 12.23 -68.06
C GLN B 1071 -15.40 13.18 -68.28
N GLU B 1072 -15.48 14.25 -67.49
CA GLU B 1072 -16.60 15.17 -67.64
C GLU B 1072 -16.41 16.06 -68.87
N LYS B 1073 -17.54 16.52 -69.43
CA LYS B 1073 -17.69 17.47 -70.54
C LYS B 1073 -18.61 18.63 -70.15
N ASN B 1074 -18.43 19.79 -70.80
CA ASN B 1074 -19.26 20.96 -70.50
C ASN B 1074 -20.61 20.91 -71.20
N PHE B 1075 -21.71 20.76 -70.45
CA PHE B 1075 -23.00 20.79 -71.11
C PHE B 1075 -23.77 22.00 -70.57
N THR B 1076 -24.62 22.60 -71.40
CA THR B 1076 -25.50 23.68 -70.95
C THR B 1076 -26.76 23.04 -70.43
N THR B 1077 -27.34 23.59 -69.37
CA THR B 1077 -28.52 22.98 -68.78
C THR B 1077 -29.64 24.00 -68.61
N ALA B 1078 -30.81 23.48 -68.23
CA ALA B 1078 -32.00 24.26 -67.94
C ALA B 1078 -32.89 23.47 -67.00
N PRO B 1079 -33.62 24.14 -66.10
CA PRO B 1079 -34.53 23.42 -65.20
C PRO B 1079 -35.75 22.81 -65.87
N ALA B 1080 -36.16 23.28 -67.05
CA ALA B 1080 -37.37 22.74 -67.65
C ALA B 1080 -37.40 23.11 -69.13
N ILE B 1081 -38.23 22.40 -69.88
CA ILE B 1081 -38.47 22.72 -71.28
C ILE B 1081 -39.87 23.29 -71.48
N CYS B 1082 -39.94 24.41 -72.18
CA CYS B 1082 -41.20 25.05 -72.54
C CYS B 1082 -41.64 24.60 -73.93
N HIS B 1083 -42.80 23.97 -74.04
CA HIS B 1083 -43.17 23.47 -75.36
C HIS B 1083 -44.36 24.24 -75.91
N ASP B 1084 -45.58 23.89 -75.48
CA ASP B 1084 -46.79 24.58 -75.90
C ASP B 1084 -47.30 25.50 -74.79
N GLY B 1085 -46.41 25.93 -73.91
CA GLY B 1085 -46.74 26.72 -72.76
C GLY B 1085 -46.76 25.88 -71.51
N LYS B 1086 -46.69 24.57 -71.68
CA LYS B 1086 -46.65 23.61 -70.59
C LYS B 1086 -45.19 23.48 -70.16
N ALA B 1087 -44.96 23.26 -68.87
CA ALA B 1087 -43.60 23.10 -68.35
C ALA B 1087 -43.29 21.62 -68.20
N HIS B 1088 -42.30 21.16 -68.97
CA HIS B 1088 -41.87 19.76 -68.98
C HIS B 1088 -40.62 19.57 -68.14
N PHE B 1089 -40.70 18.67 -67.17
CA PHE B 1089 -39.64 18.31 -66.25
C PHE B 1089 -39.12 16.91 -66.55
N PRO B 1090 -37.85 16.62 -66.28
CA PRO B 1090 -37.33 15.29 -66.58
C PRO B 1090 -37.85 14.26 -65.59
N ARG B 1091 -38.04 13.03 -66.06
CA ARG B 1091 -38.49 12.01 -65.12
C ARG B 1091 -37.31 11.38 -64.38
N GLU B 1092 -36.24 11.05 -65.09
CA GLU B 1092 -35.12 10.37 -64.46
C GLU B 1092 -33.80 11.15 -64.56
N GLY B 1093 -33.63 11.97 -65.58
CA GLY B 1093 -32.36 12.64 -65.83
C GLY B 1093 -32.39 14.13 -65.72
N VAL B 1094 -31.49 14.79 -66.44
CA VAL B 1094 -31.36 16.24 -66.45
C VAL B 1094 -31.28 16.71 -67.89
N PHE B 1095 -31.88 17.85 -68.18
CA PHE B 1095 -31.80 18.40 -69.53
C PHE B 1095 -30.48 19.12 -69.72
N VAL B 1096 -29.78 18.76 -70.79
CA VAL B 1096 -28.49 19.34 -71.11
C VAL B 1096 -28.49 19.72 -72.58
N SER B 1097 -27.59 20.65 -72.93
CA SER B 1097 -27.41 21.06 -74.31
C SER B 1097 -25.95 21.06 -74.67
N ASN B 1098 -25.65 20.50 -75.84
CA ASN B 1098 -24.29 20.44 -76.36
C ASN B 1098 -23.99 21.64 -77.26
N GLY B 1099 -24.90 22.61 -77.30
CA GLY B 1099 -24.73 23.82 -78.09
C GLY B 1099 -25.67 23.98 -79.27
N THR B 1100 -26.22 22.89 -79.81
CA THR B 1100 -27.15 23.06 -80.92
C THR B 1100 -28.46 22.32 -80.66
N HIS B 1101 -28.41 21.24 -79.90
CA HIS B 1101 -29.59 20.44 -79.62
C HIS B 1101 -29.62 20.14 -78.13
N TRP B 1102 -30.84 20.09 -77.58
CA TRP B 1102 -31.04 19.74 -76.18
C TRP B 1102 -31.35 18.27 -75.98
N PHE B 1103 -30.72 17.69 -74.97
CA PHE B 1103 -30.91 16.28 -74.64
C PHE B 1103 -31.12 16.12 -73.14
N VAL B 1104 -31.70 14.97 -72.79
CA VAL B 1104 -31.86 14.54 -71.41
C VAL B 1104 -31.08 13.25 -71.24
N THR B 1105 -30.29 13.17 -70.17
CA THR B 1105 -29.47 12.00 -69.94
C THR B 1105 -29.41 11.69 -68.45
N GLN B 1106 -29.14 10.42 -68.16
CA GLN B 1106 -29.00 9.99 -66.77
C GLN B 1106 -27.89 10.79 -66.10
N ARG B 1107 -28.15 11.19 -64.86
CA ARG B 1107 -27.27 12.11 -64.13
C ARG B 1107 -25.82 11.62 -64.02
N ASN B 1108 -25.59 10.33 -63.81
CA ASN B 1108 -24.25 9.85 -63.54
C ASN B 1108 -23.53 9.28 -64.77
N PHE B 1109 -24.06 9.45 -65.98
CA PHE B 1109 -23.38 8.92 -67.15
C PHE B 1109 -23.94 9.56 -68.41
N TYR B 1110 -23.08 10.19 -69.19
CA TYR B 1110 -23.53 10.91 -70.38
C TYR B 1110 -23.93 9.94 -71.47
N GLU B 1111 -25.20 9.98 -71.84
CA GLU B 1111 -25.77 9.13 -72.87
C GLU B 1111 -27.02 9.82 -73.40
N PRO B 1112 -26.84 10.80 -74.28
CA PRO B 1112 -27.95 11.70 -74.62
C PRO B 1112 -29.06 10.99 -75.37
N GLN B 1113 -30.29 11.21 -74.94
CA GLN B 1113 -31.47 10.68 -75.59
C GLN B 1113 -32.30 11.83 -76.14
N ILE B 1114 -33.14 11.52 -77.13
CA ILE B 1114 -34.06 12.51 -77.63
C ILE B 1114 -35.10 12.80 -76.55
N ILE B 1115 -35.41 14.07 -76.36
CA ILE B 1115 -36.38 14.47 -75.35
C ILE B 1115 -37.77 14.18 -75.89
N THR B 1116 -38.50 13.32 -75.18
CA THR B 1116 -39.83 12.89 -75.61
C THR B 1116 -40.80 12.94 -74.46
N THR B 1117 -42.08 12.76 -74.78
CA THR B 1117 -43.13 12.74 -73.76
C THR B 1117 -43.10 11.50 -72.91
N ASP B 1118 -42.32 10.48 -73.29
CA ASP B 1118 -42.24 9.24 -72.53
C ASP B 1118 -41.14 9.25 -71.47
N ASN B 1119 -40.36 10.32 -71.39
CA ASN B 1119 -39.29 10.41 -70.40
C ASN B 1119 -39.36 11.72 -69.62
N THR B 1120 -40.45 12.48 -69.76
CA THR B 1120 -40.68 13.72 -69.04
C THR B 1120 -42.09 13.70 -68.47
N PHE B 1121 -42.38 14.68 -67.61
CA PHE B 1121 -43.71 14.88 -67.07
C PHE B 1121 -43.98 16.38 -67.05
N VAL B 1122 -45.27 16.72 -67.02
CA VAL B 1122 -45.71 18.10 -67.13
C VAL B 1122 -46.35 18.58 -65.83
N SER B 1123 -45.94 19.78 -65.40
CA SER B 1123 -46.52 20.44 -64.23
C SER B 1123 -46.33 21.95 -64.38
N GLY B 1124 -47.38 22.71 -64.09
CA GLY B 1124 -47.30 24.16 -64.18
C GLY B 1124 -47.26 24.66 -65.62
N ASN B 1125 -46.59 25.81 -65.81
CA ASN B 1125 -46.51 26.42 -67.12
C ASN B 1125 -45.23 27.23 -67.23
N CYS B 1126 -44.99 27.77 -68.42
CA CYS B 1126 -43.77 28.49 -68.77
C CYS B 1126 -43.59 29.83 -68.07
N ASP B 1127 -44.61 30.36 -67.41
CA ASP B 1127 -44.48 31.64 -66.73
C ASP B 1127 -44.09 31.53 -65.27
N VAL B 1128 -43.91 30.33 -64.75
CA VAL B 1128 -43.57 30.10 -63.34
C VAL B 1128 -42.12 29.66 -63.19
N VAL B 1129 -41.66 28.72 -64.00
CA VAL B 1129 -40.32 28.18 -63.87
C VAL B 1129 -39.28 29.19 -64.34
N ILE B 1130 -38.28 29.43 -63.50
CA ILE B 1130 -37.20 30.36 -63.79
C ILE B 1130 -36.14 29.68 -64.64
N GLY B 1131 -35.81 30.28 -65.78
CA GLY B 1131 -34.78 29.72 -66.64
C GLY B 1131 -35.20 28.62 -67.59
N ILE B 1132 -36.49 28.55 -67.92
CA ILE B 1132 -36.96 27.54 -68.86
C ILE B 1132 -36.50 27.90 -70.27
N VAL B 1133 -36.12 26.90 -71.05
CA VAL B 1133 -35.62 27.13 -72.41
C VAL B 1133 -36.56 26.48 -73.42
N ASN B 1134 -36.50 27.01 -74.63
CA ASN B 1134 -37.33 26.55 -75.75
C ASN B 1134 -36.77 25.37 -76.52
N ASN B 1135 -37.59 24.33 -76.65
CA ASN B 1135 -37.30 23.14 -77.43
C ASN B 1135 -38.64 22.54 -77.85
N THR B 1136 -38.55 21.44 -78.59
CA THR B 1136 -39.72 20.71 -79.02
C THR B 1136 -39.69 19.38 -78.29
N VAL B 1137 -40.80 19.00 -77.69
CA VAL B 1137 -40.90 17.73 -76.99
C VAL B 1137 -41.57 16.73 -77.92
N TYR B 1138 -40.84 15.69 -78.26
CA TYR B 1138 -41.31 14.72 -79.23
C TYR B 1138 -42.35 13.82 -78.58
N ASP B 1139 -43.47 13.61 -79.26
CA ASP B 1139 -44.50 12.70 -78.80
C ASP B 1139 -44.61 11.54 -79.80
N PRO B 1140 -44.11 10.37 -79.44
CA PRO B 1140 -44.06 9.24 -80.37
C PRO B 1140 -45.39 8.88 -81.01
N LEU B 1141 -46.52 9.24 -80.40
CA LEU B 1141 -47.80 8.87 -80.97
C LEU B 1141 -48.08 9.56 -82.30
N GLN B 1142 -47.69 10.82 -82.47
CA GLN B 1142 -48.08 11.52 -83.70
C GLN B 1142 -47.34 11.01 -84.92
N PRO B 1143 -46.01 10.86 -84.92
CA PRO B 1143 -45.35 10.22 -86.08
C PRO B 1143 -45.93 8.85 -86.39
N GLU B 1144 -46.28 8.09 -85.36
CA GLU B 1144 -46.85 6.76 -85.59
C GLU B 1144 -48.29 6.89 -86.07
N LEU B 1145 -49.06 7.78 -85.46
CA LEU B 1145 -50.47 7.99 -85.77
C LEU B 1145 -50.76 9.48 -85.80
N VAL C 2 18.45 -25.74 80.98
CA VAL C 2 18.58 -24.60 80.08
C VAL C 2 19.17 -23.40 80.83
N GLN C 3 19.98 -22.62 80.11
CA GLN C 3 20.59 -21.43 80.69
C GLN C 3 20.84 -20.42 79.59
N LEU C 4 20.40 -19.19 79.82
CA LEU C 4 20.59 -18.10 78.87
C LEU C 4 21.44 -17.02 79.51
N VAL C 5 22.69 -16.92 79.08
CA VAL C 5 23.64 -15.95 79.61
C VAL C 5 23.90 -14.91 78.54
N GLU C 6 23.59 -13.65 78.85
CA GLU C 6 23.81 -12.56 77.90
C GLU C 6 25.22 -12.02 78.05
N SER C 7 25.78 -11.55 76.93
CA SER C 7 27.12 -11.02 76.93
C SER C 7 27.19 -9.86 75.93
N GLY C 8 28.15 -8.98 76.16
CA GLY C 8 28.37 -7.81 75.33
C GLY C 8 27.92 -6.50 75.95
N GLY C 9 27.16 -6.56 77.05
CA GLY C 9 26.72 -5.35 77.70
C GLY C 9 27.82 -4.70 78.52
N GLY C 10 27.71 -3.39 78.67
CA GLY C 10 28.68 -2.62 79.43
C GLY C 10 28.75 -1.16 79.05
N LEU C 11 29.96 -0.63 78.96
CA LEU C 11 30.16 0.78 78.62
C LEU C 11 30.72 0.89 77.22
N VAL C 12 30.03 1.64 76.37
CA VAL C 12 30.45 1.91 75.00
C VAL C 12 30.25 3.39 74.73
N GLN C 13 31.18 3.99 73.99
CA GLN C 13 31.09 5.42 73.74
C GLN C 13 29.81 5.75 72.96
N PRO C 14 29.40 7.01 72.98
CA PRO C 14 28.12 7.37 72.35
C PRO C 14 28.14 7.17 70.83
N GLY C 15 27.01 6.70 70.30
CA GLY C 15 26.79 6.65 68.86
C GLY C 15 27.15 5.35 68.18
N GLY C 16 27.81 4.43 68.87
CA GLY C 16 28.39 3.27 68.22
C GLY C 16 27.43 2.10 68.09
N SER C 17 28.00 0.96 67.72
N SER C 17 28.00 0.96 67.72
CA SER C 17 27.26 -0.28 67.53
CA SER C 17 27.26 -0.28 67.53
C SER C 17 27.92 -1.39 68.34
C SER C 17 27.91 -1.39 68.36
N LEU C 18 27.08 -2.29 68.86
CA LEU C 18 27.55 -3.41 69.66
C LEU C 18 27.08 -4.71 69.05
N ARG C 19 27.99 -5.64 68.82
CA ARG C 19 27.67 -6.97 68.34
C ARG C 19 27.61 -7.89 69.56
N LEU C 20 26.69 -7.59 70.47
CA LEU C 20 26.54 -8.40 71.67
C LEU C 20 25.97 -9.77 71.30
N SER C 21 26.20 -10.74 72.17
CA SER C 21 25.74 -12.10 71.93
C SER C 21 24.91 -12.56 73.12
N CYS C 22 23.80 -13.23 72.86
CA CYS C 22 22.90 -13.70 73.90
C CYS C 22 22.96 -15.22 73.92
N SER C 23 23.89 -15.77 74.67
CA SER C 23 24.05 -17.22 74.71
C SER C 23 22.83 -17.87 75.35
N VAL C 24 22.51 -19.07 74.89
CA VAL C 24 21.40 -19.85 75.40
C VAL C 24 21.82 -21.30 75.46
N SER C 25 21.47 -21.99 76.53
CA SER C 25 21.74 -23.41 76.70
C SER C 25 20.43 -24.19 76.75
N GLY C 26 20.51 -25.48 76.43
CA GLY C 26 19.34 -26.33 76.45
C GLY C 26 18.57 -26.28 75.15
N PHE C 27 17.91 -25.15 74.88
CA PHE C 27 17.10 -24.99 73.67
C PHE C 27 17.94 -24.24 72.64
N THR C 28 18.43 -24.99 71.65
CA THR C 28 19.14 -24.39 70.54
C THR C 28 18.33 -23.24 69.96
N VAL C 29 18.90 -22.04 70.03
CA VAL C 29 18.12 -20.85 69.72
C VAL C 29 18.10 -20.64 68.21
N SER C 30 17.20 -21.30 67.53
CA SER C 30 16.99 -21.06 66.12
C SER C 30 15.52 -21.07 65.74
N SER C 31 14.71 -21.86 66.44
CA SER C 31 13.35 -22.12 65.96
C SER C 31 12.27 -21.92 67.03
N ASN C 32 12.49 -21.04 67.99
CA ASN C 32 11.47 -20.61 68.93
C ASN C 32 11.15 -19.15 68.67
N TYR C 33 9.88 -18.77 68.81
CA TYR C 33 9.50 -17.39 68.65
C TYR C 33 10.26 -16.54 69.67
N MET C 34 11.18 -15.71 69.16
CA MET C 34 12.11 -14.98 70.01
C MET C 34 11.76 -13.50 70.06
N ASN C 35 11.98 -12.91 71.23
CA ASN C 35 11.78 -11.49 71.42
C ASN C 35 12.97 -10.92 72.19
N TRP C 36 13.34 -9.69 71.83
CA TRP C 36 14.38 -8.97 72.54
C TRP C 36 13.84 -7.61 72.95
N VAL C 37 14.14 -7.23 74.20
CA VAL C 37 13.58 -6.03 74.82
C VAL C 37 14.69 -5.25 75.50
N ARG C 38 14.46 -3.97 75.74
CA ARG C 38 15.40 -3.12 76.44
C ARG C 38 14.71 -2.47 77.63
N GLN C 39 15.45 -2.36 78.73
CA GLN C 39 14.89 -1.82 79.97
C GLN C 39 16.00 -1.09 80.73
N ALA C 40 15.95 0.23 80.71
CA ALA C 40 16.90 1.03 81.47
C ALA C 40 16.53 1.01 82.95
N PRO C 41 17.47 1.39 83.81
CA PRO C 41 17.15 1.49 85.24
C PRO C 41 16.01 2.46 85.49
N GLY C 42 15.11 2.11 86.40
CA GLY C 42 13.94 2.92 86.61
C GLY C 42 12.99 2.97 85.44
N LYS C 43 13.25 2.17 84.40
CA LYS C 43 12.45 2.13 83.19
C LYS C 43 11.91 0.71 82.98
N GLY C 44 10.93 0.60 82.10
CA GLY C 44 10.34 -0.70 81.82
C GLY C 44 10.92 -1.33 80.57
N LEU C 45 10.62 -2.62 80.41
CA LEU C 45 11.12 -3.40 79.29
C LEU C 45 10.12 -3.34 78.14
N GLU C 46 10.57 -2.80 77.01
CA GLU C 46 9.75 -2.70 75.80
C GLU C 46 10.40 -3.58 74.75
N TRP C 47 9.58 -4.28 73.96
CA TRP C 47 10.11 -5.27 73.04
C TRP C 47 10.90 -4.58 71.93
N VAL C 48 12.22 -4.55 72.08
CA VAL C 48 13.07 -3.89 71.08
C VAL C 48 12.95 -4.59 69.74
N SER C 49 12.89 -5.93 69.76
CA SER C 49 12.74 -6.71 68.55
C SER C 49 11.98 -7.99 68.87
N VAL C 50 11.35 -8.56 67.84
CA VAL C 50 10.61 -9.79 67.98
C VAL C 50 11.04 -10.74 66.87
N ILE C 51 12.01 -11.59 67.16
CA ILE C 51 12.61 -12.47 66.16
C ILE C 51 11.73 -13.70 66.03
N TYR C 52 10.86 -13.70 65.02
CA TYR C 52 10.05 -14.86 64.74
C TYR C 52 10.96 -16.03 64.35
N PRO C 53 10.60 -17.26 64.76
CA PRO C 53 11.50 -18.39 64.49
C PRO C 53 11.70 -18.65 63.01
N GLY C 54 10.71 -18.35 62.16
CA GLY C 54 10.92 -18.41 60.73
C GLY C 54 11.99 -17.48 60.24
N GLY C 55 12.18 -16.35 60.92
CA GLY C 55 13.19 -15.39 60.52
C GLY C 55 12.72 -13.96 60.62
N SER C 56 11.41 -13.77 60.58
CA SER C 56 10.83 -12.43 60.65
C SER C 56 11.19 -11.75 61.95
N THR C 57 11.45 -10.44 61.88
CA THR C 57 11.81 -9.65 63.04
C THR C 57 10.90 -8.43 63.13
N PHE C 58 10.29 -8.22 64.29
CA PHE C 58 9.42 -7.09 64.53
C PHE C 58 9.99 -6.23 65.65
N TYR C 59 10.19 -4.95 65.36
CA TYR C 59 10.80 -4.01 66.31
C TYR C 59 9.77 -2.93 66.62
N PRO C 60 8.76 -3.24 67.44
CA PRO C 60 7.59 -2.35 67.57
C PRO C 60 7.89 -0.95 68.07
N ASP C 61 8.45 -0.81 69.28
CA ASP C 61 8.51 0.50 69.91
C ASP C 61 9.91 0.94 70.28
N SER C 62 10.58 0.15 71.13
CA SER C 62 11.83 0.59 71.74
C SER C 62 12.91 0.86 70.69
N VAL C 63 13.28 -0.17 69.93
CA VAL C 63 14.31 -0.05 68.92
C VAL C 63 13.70 0.60 67.68
N LYS C 64 14.50 1.41 66.99
CA LYS C 64 14.04 2.04 65.76
C LYS C 64 15.14 2.00 64.71
N GLY C 65 15.15 0.95 63.90
CA GLY C 65 16.12 0.82 62.84
C GLY C 65 17.53 0.56 63.33
N ARG C 66 17.70 0.60 64.65
CA ARG C 66 19.03 0.51 65.25
C ARG C 66 19.42 -0.91 65.63
N PHE C 67 18.65 -1.57 66.49
CA PHE C 67 19.06 -2.86 67.04
C PHE C 67 18.59 -4.00 66.17
N THR C 68 19.46 -4.98 65.99
CA THR C 68 19.15 -6.19 65.24
C THR C 68 19.24 -7.40 66.15
N ILE C 69 18.18 -8.19 66.21
CA ILE C 69 18.14 -9.42 66.98
C ILE C 69 18.54 -10.57 66.06
N SER C 70 19.40 -11.45 66.56
CA SER C 70 19.91 -12.53 65.73
C SER C 70 20.34 -13.70 66.61
N ARG C 71 20.70 -14.80 65.96
CA ARG C 71 21.18 -15.97 66.66
C ARG C 71 22.26 -16.64 65.82
N ASP C 72 23.24 -17.23 66.52
CA ASP C 72 24.31 -17.98 65.87
C ASP C 72 23.87 -19.44 65.83
N ASP C 73 23.55 -19.92 64.62
CA ASP C 73 22.98 -21.26 64.49
C ASP C 73 23.96 -22.33 64.93
N SER C 74 25.25 -22.15 64.62
CA SER C 74 26.24 -23.19 64.90
C SER C 74 26.37 -23.44 66.41
N LYS C 75 26.41 -22.37 67.19
CA LYS C 75 26.67 -22.49 68.62
C LYS C 75 25.40 -22.55 69.48
N ASN C 76 24.22 -22.47 68.85
CA ASN C 76 22.95 -22.46 69.57
C ASN C 76 22.89 -21.33 70.58
N THR C 77 23.57 -20.23 70.28
CA THR C 77 23.61 -19.05 71.12
C THR C 77 23.23 -17.83 70.28
N LEU C 78 22.30 -17.03 70.80
CA LEU C 78 21.81 -15.89 70.05
C LEU C 78 22.83 -14.76 70.09
N TYR C 79 22.75 -13.86 69.11
CA TYR C 79 23.57 -12.67 69.06
C TYR C 79 22.68 -11.44 69.10
N LEU C 80 23.02 -10.49 69.97
CA LEU C 80 22.21 -9.30 70.18
C LEU C 80 22.94 -8.10 69.58
N GLN C 81 22.69 -7.85 68.30
CA GLN C 81 23.32 -6.74 67.60
C GLN C 81 22.49 -5.48 67.81
N MET C 82 22.68 -4.83 68.95
CA MET C 82 22.04 -3.53 69.21
C MET C 82 22.91 -2.47 68.58
N ASN C 83 22.89 -2.41 67.26
CA ASN C 83 23.79 -1.56 66.49
C ASN C 83 23.25 -0.15 66.38
N SER C 84 24.13 0.76 65.96
CA SER C 84 23.78 2.16 65.69
C SER C 84 23.05 2.77 66.89
N LEU C 85 23.63 2.57 68.07
CA LEU C 85 23.00 3.00 69.30
C LEU C 85 22.77 4.51 69.30
N ARG C 86 21.58 4.91 69.70
CA ARG C 86 21.16 6.30 69.81
C ARG C 86 21.38 6.79 71.23
N PRO C 87 21.44 8.12 71.43
CA PRO C 87 21.57 8.63 72.80
C PRO C 87 20.41 8.22 73.70
N GLU C 88 19.31 7.75 73.14
CA GLU C 88 18.22 7.20 73.94
C GLU C 88 18.41 5.72 74.27
N ASP C 89 19.49 5.11 73.78
CA ASP C 89 19.65 3.66 73.91
C ASP C 89 20.28 3.24 75.24
N THR C 90 20.54 4.18 76.15
CA THR C 90 21.12 3.79 77.44
C THR C 90 20.14 2.94 78.21
N ALA C 91 20.41 1.63 78.27
CA ALA C 91 19.45 0.67 78.82
C ALA C 91 20.12 -0.69 78.91
N ALA C 92 19.37 -1.67 79.42
CA ALA C 92 19.85 -3.03 79.57
C ALA C 92 19.04 -3.94 78.65
N TYR C 93 19.58 -5.13 78.37
CA TYR C 93 19.00 -6.02 77.37
C TYR C 93 18.35 -7.24 78.01
N TYR C 94 17.35 -7.80 77.33
CA TYR C 94 16.71 -9.06 77.70
C TYR C 94 16.36 -9.83 76.43
N CYS C 95 16.67 -11.13 76.42
CA CYS C 95 16.58 -11.90 75.19
C CYS C 95 16.09 -13.34 75.34
N ALA C 96 15.09 -13.59 76.19
CA ALA C 96 14.62 -14.96 76.40
C ALA C 96 13.15 -15.08 76.07
N SER C 97 12.79 -16.09 75.27
CA SER C 97 11.38 -16.33 74.93
C SER C 97 11.16 -17.81 74.69
N SER C 98 10.76 -18.53 75.73
CA SER C 98 10.19 -19.88 75.62
C SER C 98 9.03 -20.02 76.58
N ARG C 99 7.82 -20.06 76.01
CA ARG C 99 6.68 -19.73 76.86
C ARG C 99 6.29 -20.83 77.84
N PRO C 100 5.92 -22.03 77.40
CA PRO C 100 5.30 -22.96 78.31
C PRO C 100 6.32 -23.84 78.99
N PRO C 101 5.92 -24.58 80.03
CA PRO C 101 6.80 -25.54 80.69
C PRO C 101 6.30 -26.99 80.57
N LEU C 109 -5.49 -24.91 75.63
CA LEU C 109 -6.13 -23.72 76.17
C LEU C 109 -5.16 -22.95 77.07
N ASP C 110 -4.40 -22.04 76.47
CA ASP C 110 -3.45 -21.21 77.19
C ASP C 110 -3.09 -20.01 76.32
N LEU C 111 -2.24 -19.12 76.85
CA LEU C 111 -1.76 -17.96 76.12
C LEU C 111 -0.27 -18.01 75.85
N ASP C 112 0.54 -18.17 76.89
CA ASP C 112 1.96 -18.49 76.76
C ASP C 112 2.70 -17.43 75.93
N TRP C 113 2.81 -16.24 76.51
CA TRP C 113 3.44 -15.11 75.82
C TRP C 113 4.57 -14.54 76.68
N PHE C 114 5.80 -14.70 76.22
CA PHE C 114 6.98 -14.02 76.78
C PHE C 114 7.19 -14.36 78.24
N ASP C 115 7.27 -15.66 78.52
CA ASP C 115 7.40 -16.13 79.89
C ASP C 115 8.79 -15.87 80.48
N PRO C 116 9.88 -16.43 79.94
CA PRO C 116 11.13 -16.45 80.71
C PRO C 116 12.00 -15.22 80.44
N TRP C 117 13.00 -15.03 81.30
CA TRP C 117 13.99 -13.99 81.13
C TRP C 117 15.35 -14.53 81.56
N GLY C 118 16.39 -14.22 80.80
CA GLY C 118 17.73 -14.66 81.09
C GLY C 118 18.41 -13.77 82.12
N GLN C 119 19.70 -14.04 82.33
CA GLN C 119 20.49 -13.23 83.26
C GLN C 119 20.51 -11.77 82.83
N GLY C 120 20.36 -11.51 81.54
CA GLY C 120 20.26 -10.15 81.04
C GLY C 120 21.60 -9.55 80.71
N THR C 121 21.58 -8.50 79.91
CA THR C 121 22.78 -7.76 79.55
C THR C 121 22.60 -6.31 79.97
N LEU C 122 23.48 -5.85 80.84
CA LEU C 122 23.44 -4.48 81.34
C LEU C 122 24.48 -3.65 80.59
N VAL C 123 24.00 -2.57 79.97
CA VAL C 123 24.83 -1.74 79.11
C VAL C 123 24.68 -0.28 79.54
N ILE C 124 25.80 0.42 79.65
CA ILE C 124 25.83 1.85 79.88
C ILE C 124 26.15 2.52 78.56
N VAL C 125 25.16 3.20 77.98
CA VAL C 125 25.31 3.81 76.66
C VAL C 125 25.12 5.31 76.76
N SER C 126 26.20 6.06 76.93
CA SER C 126 26.12 7.51 77.01
C SER C 126 26.33 8.14 75.64
N VAL D 3 1.13 2.44 77.43
CA VAL D 3 1.51 1.82 78.69
C VAL D 3 0.33 1.84 79.66
N LEU D 4 -0.02 0.65 80.18
CA LEU D 4 -1.11 0.54 81.11
C LEU D 4 -0.79 1.27 82.42
N THR D 5 -1.83 1.84 83.02
CA THR D 5 -1.65 2.56 84.28
C THR D 5 -1.48 1.57 85.42
N GLN D 6 -0.27 1.43 85.92
CA GLN D 6 0.03 0.56 87.05
C GLN D 6 0.32 1.42 88.27
N PRO D 7 -0.01 0.93 89.45
CA PRO D 7 0.29 1.70 90.67
C PRO D 7 1.79 1.86 90.84
N PRO D 8 2.24 3.02 91.35
CA PRO D 8 3.68 3.22 91.49
C PRO D 8 4.35 2.23 92.43
N SER D 9 3.72 1.91 93.55
CA SER D 9 4.38 1.08 94.55
C SER D 9 3.36 0.37 95.41
N VAL D 10 3.82 -0.70 96.07
CA VAL D 10 3.01 -1.48 97.00
CA VAL D 10 3.01 -1.48 97.00
C VAL D 10 3.82 -1.68 98.27
N SER D 11 3.21 -1.36 99.41
CA SER D 11 3.89 -1.43 100.69
C SER D 11 3.05 -2.19 101.69
N GLY D 12 3.72 -2.99 102.53
CA GLY D 12 3.04 -3.71 103.59
C GLY D 12 3.99 -4.65 104.31
N ALA D 13 3.53 -5.19 105.44
CA ALA D 13 4.33 -6.21 106.16
C ALA D 13 3.74 -7.59 105.83
N PRO D 14 4.36 -8.72 106.23
CA PRO D 14 3.86 -10.04 105.84
C PRO D 14 2.61 -10.54 106.57
N GLY D 15 1.86 -11.48 105.96
CA GLY D 15 0.69 -12.09 106.64
C GLY D 15 -0.64 -11.41 106.40
N GLN D 16 -0.67 -10.30 105.65
CA GLN D 16 -1.96 -9.64 105.29
C GLN D 16 -2.39 -10.09 103.90
N ARG D 17 -3.71 -10.07 103.59
CA ARG D 17 -4.09 -10.39 102.23
C ARG D 17 -3.99 -9.12 101.39
N VAL D 18 -3.34 -9.22 100.24
CA VAL D 18 -3.03 -8.06 99.41
C VAL D 18 -3.12 -8.48 97.94
N THR D 19 -3.10 -7.46 97.07
CA THR D 19 -3.14 -7.66 95.62
CA THR D 19 -3.14 -7.66 95.62
C THR D 19 -2.60 -6.43 94.93
N ILE D 20 -2.16 -6.61 93.68
CA ILE D 20 -1.63 -5.51 92.87
C ILE D 20 -2.56 -5.35 91.67
N SER D 21 -3.54 -4.46 91.80
CA SER D 21 -4.40 -4.15 90.67
C SER D 21 -3.64 -3.38 89.61
N CYS D 22 -3.95 -3.68 88.35
CA CYS D 22 -3.30 -3.04 87.20
C CYS D 22 -4.35 -2.78 86.13
N THR D 23 -4.91 -1.57 86.15
CA THR D 23 -5.90 -1.19 85.14
C THR D 23 -5.19 -0.69 83.89
N GLY D 24 -5.57 -1.24 82.74
CA GLY D 24 -4.99 -0.82 81.48
C GLY D 24 -5.96 -0.08 80.57
N SER D 25 -5.92 -0.39 79.28
CA SER D 25 -6.82 0.19 78.30
C SER D 25 -7.52 -0.93 77.57
N SER D 26 -8.77 -0.67 77.17
CA SER D 26 -9.58 -1.71 76.54
C SER D 26 -8.93 -2.23 75.26
N SER D 27 -8.44 -1.34 74.42
CA SER D 27 -7.78 -1.74 73.17
C SER D 27 -6.34 -2.18 73.38
N ASN D 28 -5.78 -1.87 74.56
CA ASN D 28 -4.35 -2.20 74.86
C ASN D 28 -4.30 -3.38 75.82
N ILE D 29 -4.85 -3.23 77.04
CA ILE D 29 -4.86 -4.27 78.05
C ILE D 29 -6.23 -4.91 78.22
N GLY D 30 -7.30 -4.16 78.01
CA GLY D 30 -8.65 -4.70 78.13
C GLY D 30 -9.00 -5.74 77.09
N ALA D 31 -8.03 -6.16 76.29
CA ALA D 31 -8.26 -7.12 75.21
C ALA D 31 -8.35 -8.55 75.71
N GLY D 32 -7.30 -9.07 76.33
CA GLY D 32 -7.28 -10.48 76.70
C GLY D 32 -6.26 -10.80 77.77
N TYR D 33 -6.42 -11.98 78.37
CA TYR D 33 -5.59 -12.41 79.50
C TYR D 33 -4.19 -12.81 79.00
N TYR D 34 -3.45 -11.78 78.57
CA TYR D 34 -2.05 -11.91 78.20
C TYR D 34 -1.15 -11.14 79.15
N VAL D 35 -1.66 -10.84 80.36
CA VAL D 35 -0.90 -10.06 81.33
C VAL D 35 0.24 -10.91 81.86
N HIS D 36 1.46 -10.56 81.45
CA HIS D 36 2.67 -11.24 81.91
C HIS D 36 3.14 -10.58 83.20
N TRP D 37 2.74 -11.16 84.33
CA TRP D 37 3.13 -10.66 85.64
C TRP D 37 4.47 -11.26 86.03
N TYR D 38 5.42 -10.39 86.37
CA TYR D 38 6.78 -10.80 86.68
C TYR D 38 7.18 -10.28 88.04
N GLN D 39 7.72 -11.16 88.88
CA GLN D 39 8.25 -10.76 90.17
C GLN D 39 9.74 -10.46 90.01
N GLN D 40 10.05 -9.22 89.66
CA GLN D 40 11.42 -8.79 89.42
C GLN D 40 12.10 -8.49 90.75
N HIS D 41 13.18 -9.20 91.03
CA HIS D 41 13.91 -8.95 92.26
C HIS D 41 14.67 -7.62 92.14
N PRO D 42 14.84 -6.91 93.26
CA PRO D 42 15.56 -5.63 93.21
C PRO D 42 17.01 -5.83 92.82
N GLY D 43 17.40 -5.30 91.66
CA GLY D 43 18.75 -5.46 91.17
C GLY D 43 18.98 -6.70 90.34
N THR D 44 17.97 -7.54 90.16
CA THR D 44 18.07 -8.74 89.34
C THR D 44 17.10 -8.62 88.19
N ALA D 45 17.39 -9.35 87.11
CA ALA D 45 16.56 -9.32 85.93
C ALA D 45 15.17 -9.86 86.27
N PRO D 46 14.13 -9.40 85.56
CA PRO D 46 12.77 -9.78 85.92
C PRO D 46 12.55 -11.29 85.83
N LYS D 47 11.79 -11.81 86.79
CA LYS D 47 11.39 -13.22 86.82
C LYS D 47 9.88 -13.28 86.79
N LEU D 48 9.32 -13.94 85.77
CA LEU D 48 7.88 -14.03 85.58
C LEU D 48 7.26 -14.79 86.73
N LEU D 49 6.19 -14.24 87.31
CA LEU D 49 5.49 -14.87 88.42
C LEU D 49 4.29 -15.68 87.95
N ILE D 50 3.42 -15.08 87.14
CA ILE D 50 2.24 -15.73 86.63
C ILE D 50 2.10 -15.39 85.14
N TYR D 51 1.87 -16.41 84.32
CA TYR D 51 1.66 -16.23 82.90
C TYR D 51 0.24 -16.65 82.55
N GLY D 52 -0.35 -15.95 81.59
CA GLY D 52 -1.76 -16.17 81.30
C GLY D 52 -2.57 -15.84 82.53
N ASN D 53 -2.76 -14.54 82.79
CA ASN D 53 -3.05 -13.99 84.12
C ASN D 53 -3.91 -14.90 84.99
N SER D 54 -4.98 -15.46 84.42
CA SER D 54 -5.79 -16.39 85.18
C SER D 54 -5.06 -17.69 85.52
N ASN D 55 -3.95 -17.99 84.85
CA ASN D 55 -3.24 -19.25 85.02
C ASN D 55 -1.97 -19.03 85.85
N ARG D 56 -1.55 -20.08 86.55
N ARG D 56 -1.55 -20.09 86.55
CA ARG D 56 -0.35 -20.06 87.35
CA ARG D 56 -0.34 -20.06 87.36
C ARG D 56 0.75 -20.83 86.64
C ARG D 56 0.76 -20.84 86.66
N PRO D 57 1.84 -20.19 86.26
CA PRO D 57 2.95 -20.92 85.62
C PRO D 57 3.67 -21.80 86.61
N SER D 58 4.51 -22.68 86.08
CA SER D 58 5.26 -23.61 86.91
C SER D 58 6.10 -22.86 87.93
N GLY D 59 6.11 -23.35 89.16
CA GLY D 59 6.87 -22.72 90.22
C GLY D 59 6.22 -21.51 90.84
N VAL D 60 5.02 -21.14 90.41
CA VAL D 60 4.34 -19.97 90.96
C VAL D 60 4.04 -20.25 92.44
N PRO D 61 4.21 -19.28 93.33
CA PRO D 61 3.96 -19.52 94.75
C PRO D 61 2.48 -19.74 95.03
N ASP D 62 2.19 -20.16 96.26
CA ASP D 62 0.80 -20.19 96.71
C ASP D 62 0.20 -18.79 96.68
N ARG D 63 1.05 -17.77 96.75
CA ARG D 63 0.58 -16.40 96.63
C ARG D 63 -0.02 -16.14 95.26
N PHE D 64 0.60 -16.68 94.22
CA PHE D 64 0.27 -16.37 92.83
C PHE D 64 -1.22 -16.42 92.52
N SER D 65 -1.75 -15.31 92.01
CA SER D 65 -3.13 -15.23 91.55
C SER D 65 -3.20 -14.16 90.47
N GLY D 66 -4.30 -14.15 89.72
CA GLY D 66 -4.47 -13.19 88.66
C GLY D 66 -5.84 -13.18 88.03
N SER D 67 -6.39 -11.98 87.83
CA SER D 67 -7.70 -11.83 87.21
C SER D 67 -7.74 -10.50 86.46
N LYS D 68 -8.54 -10.45 85.40
CA LYS D 68 -8.72 -9.24 84.61
C LYS D 68 -10.13 -9.20 84.04
N SER D 69 -10.76 -8.04 84.16
CA SER D 69 -12.12 -7.83 83.69
C SER D 69 -12.20 -6.42 83.11
N GLY D 70 -12.58 -6.34 81.84
CA GLY D 70 -12.58 -5.05 81.17
C GLY D 70 -11.15 -4.57 80.98
N THR D 71 -10.95 -3.26 81.13
CA THR D 71 -9.63 -2.66 80.96
C THR D 71 -8.87 -2.57 82.27
N SER D 72 -9.17 -3.45 83.22
CA SER D 72 -8.48 -3.47 84.51
C SER D 72 -8.15 -4.91 84.86
N ALA D 73 -6.93 -5.12 85.37
CA ALA D 73 -6.44 -6.44 85.74
C ALA D 73 -6.01 -6.44 87.20
N SER D 74 -6.19 -7.60 87.85
CA SER D 74 -5.83 -7.77 89.25
C SER D 74 -4.73 -8.81 89.34
N LEU D 75 -3.61 -8.42 89.95
CA LEU D 75 -2.50 -9.34 90.22
C LEU D 75 -2.42 -9.53 91.73
N ALA D 76 -2.84 -10.70 92.20
CA ALA D 76 -3.01 -10.94 93.63
C ALA D 76 -1.97 -11.93 94.14
N ILE D 77 -1.41 -11.65 95.31
CA ILE D 77 -0.55 -12.57 96.04
C ILE D 77 -1.23 -12.84 97.37
N THR D 78 -1.71 -14.07 97.56
CA THR D 78 -2.50 -14.40 98.77
C THR D 78 -1.59 -14.90 99.90
N GLY D 79 -1.90 -14.52 101.14
CA GLY D 79 -1.04 -14.93 102.27
C GLY D 79 0.39 -14.52 101.99
N LEU D 80 0.59 -13.31 101.46
CA LEU D 80 1.95 -12.88 101.07
C LEU D 80 2.87 -12.88 102.28
N GLN D 81 4.08 -13.43 102.14
CA GLN D 81 5.05 -13.49 103.26
C GLN D 81 6.35 -12.83 102.80
N ALA D 82 7.49 -13.52 102.92
CA ALA D 82 8.72 -12.95 102.38
C ALA D 82 8.83 -13.16 100.87
N GLU D 83 8.15 -14.17 100.34
CA GLU D 83 8.22 -14.46 98.92
C GLU D 83 7.61 -13.36 98.06
N ASP D 84 6.85 -12.44 98.65
CA ASP D 84 6.13 -11.44 97.87
C ASP D 84 6.94 -10.19 97.60
N GLU D 85 7.84 -9.80 98.50
CA GLU D 85 8.54 -8.52 98.38
C GLU D 85 9.41 -8.53 97.13
N ALA D 86 8.95 -7.84 96.09
CA ALA D 86 9.66 -7.79 94.83
C ALA D 86 9.08 -6.65 93.99
N ASP D 87 9.72 -6.40 92.85
CA ASP D 87 9.20 -5.44 91.89
C ASP D 87 8.34 -6.18 90.87
N TYR D 88 7.17 -5.65 90.56
CA TYR D 88 6.20 -6.31 89.71
C TYR D 88 6.10 -5.59 88.37
N TYR D 89 5.97 -6.36 87.30
CA TYR D 89 5.82 -5.80 85.97
C TYR D 89 4.74 -6.55 85.21
N CYS D 90 3.91 -5.79 84.50
CA CYS D 90 2.87 -6.34 83.65
C CYS D 90 3.06 -5.84 82.21
N GLN D 91 2.73 -6.71 81.26
CA GLN D 91 3.00 -6.43 79.85
C GLN D 91 1.85 -6.94 78.99
N SER D 92 1.63 -6.32 77.83
CA SER D 92 0.48 -6.72 76.97
C SER D 92 0.80 -6.36 75.52
N TYR D 93 -0.21 -6.45 74.63
CA TYR D 93 0.00 -6.08 73.21
C TYR D 93 0.23 -4.57 73.11
N ASP D 94 1.05 -4.13 72.15
CA ASP D 94 1.20 -2.66 71.94
C ASP D 94 -0.06 -2.23 71.20
N SER D 95 -0.92 -1.43 71.84
CA SER D 95 -2.24 -1.11 71.25
C SER D 95 -2.94 -2.47 71.11
N ARG D 96 -3.22 -2.93 69.88
CA ARG D 96 -3.77 -4.30 69.75
C ARG D 96 -2.81 -5.04 68.81
N LEU D 97 -1.61 -4.48 68.57
CA LEU D 97 -0.65 -5.09 67.61
C LEU D 97 0.16 -6.22 68.28
N SER D 98 0.98 -6.93 67.51
CA SER D 98 1.77 -8.09 68.03
C SER D 98 2.83 -7.68 69.06
N GLY D 99 3.50 -6.54 68.87
CA GLY D 99 4.63 -6.17 69.75
C GLY D 99 4.26 -6.04 71.21
N TRP D 100 5.15 -6.46 72.11
CA TRP D 100 4.89 -6.38 73.58
C TRP D 100 4.92 -4.93 74.06
N VAL D 101 4.07 -4.59 75.05
CA VAL D 101 4.03 -3.23 75.64
C VAL D 101 3.88 -3.37 77.15
N PHE D 102 4.96 -3.13 77.92
CA PHE D 102 4.93 -3.28 79.37
C PHE D 102 4.18 -2.12 80.01
N GLY D 103 3.45 -2.42 81.08
CA GLY D 103 2.72 -1.40 81.80
C GLY D 103 3.62 -0.49 82.61
N GLY D 104 3.01 0.17 83.60
CA GLY D 104 3.72 1.11 84.42
C GLY D 104 4.74 0.53 85.37
N GLY D 105 4.64 -0.76 85.69
CA GLY D 105 5.57 -1.37 86.61
C GLY D 105 5.20 -1.10 88.05
N THR D 106 5.27 -2.12 88.91
CA THR D 106 4.85 -2.00 90.30
C THR D 106 5.98 -2.46 91.19
N LYS D 107 6.73 -1.51 91.74
CA LYS D 107 7.78 -1.82 92.69
C LYS D 107 7.15 -2.03 94.07
N LEU D 108 6.83 -3.27 94.41
CA LEU D 108 6.23 -3.60 95.69
C LEU D 108 7.34 -3.65 96.74
N THR D 109 7.31 -2.71 97.67
CA THR D 109 8.36 -2.58 98.66
C THR D 109 7.78 -2.67 100.06
N VAL D 110 8.35 -3.56 100.87
CA VAL D 110 7.89 -3.77 102.25
C VAL D 110 8.69 -2.91 103.22
N ALA E 27 -28.38 43.56 25.06
CA ALA E 27 -28.89 43.83 23.73
C ALA E 27 -28.07 43.08 22.68
N TYR E 28 -28.71 42.75 21.57
CA TYR E 28 -28.05 42.06 20.47
C TYR E 28 -28.41 42.74 19.16
N THR E 29 -27.54 42.58 18.16
CA THR E 29 -27.82 43.07 16.82
C THR E 29 -27.38 42.05 15.77
N ASN E 30 -27.67 42.39 14.51
CA ASN E 30 -27.38 41.55 13.36
C ASN E 30 -26.01 41.89 12.79
N SER E 31 -25.08 40.94 12.82
CA SER E 31 -23.73 41.18 12.33
C SER E 31 -23.66 41.31 10.82
N PHE E 32 -24.71 40.93 10.09
CA PHE E 32 -24.75 40.97 8.64
C PHE E 32 -23.54 40.31 7.98
N THR E 33 -22.77 41.07 7.20
CA THR E 33 -21.63 40.54 6.46
C THR E 33 -20.29 41.09 6.92
N ARG E 34 -20.23 41.66 8.11
CA ARG E 34 -18.97 42.20 8.62
C ARG E 34 -18.14 41.10 9.27
N GLY E 35 -16.84 41.36 9.39
CA GLY E 35 -15.95 40.48 10.10
C GLY E 35 -15.02 39.64 9.25
N VAL E 36 -14.98 39.87 7.94
CA VAL E 36 -14.06 39.17 7.05
C VAL E 36 -12.72 39.89 7.03
N TYR E 37 -11.63 39.12 7.00
CA TYR E 37 -10.28 39.63 6.98
C TYR E 37 -9.46 38.78 6.03
N TYR E 38 -8.33 39.32 5.59
CA TYR E 38 -7.46 38.58 4.67
C TYR E 38 -6.80 37.43 5.39
N PRO E 39 -7.12 36.17 5.06
CA PRO E 39 -6.57 35.03 5.79
C PRO E 39 -5.06 35.03 5.90
N ASP E 40 -4.38 35.49 4.87
CA ASP E 40 -2.92 35.49 4.85
C ASP E 40 -2.44 36.65 3.99
N LYS E 41 -1.12 36.77 3.90
CA LYS E 41 -0.45 37.82 3.15
C LYS E 41 -0.13 37.39 1.72
N VAL E 42 -1.13 36.93 0.97
CA VAL E 42 -0.92 36.39 -0.37
C VAL E 42 -1.80 37.15 -1.35
N PHE E 43 -1.18 37.59 -2.44
CA PHE E 43 -1.88 38.30 -3.50
C PHE E 43 -2.56 37.32 -4.44
N ARG E 44 -3.84 37.54 -4.69
CA ARG E 44 -4.62 36.71 -5.59
C ARG E 44 -5.44 37.62 -6.50
N SER E 45 -5.49 37.30 -7.79
CA SER E 45 -6.16 38.15 -8.77
C SER E 45 -7.28 37.39 -9.47
N SER E 46 -8.49 37.92 -9.36
CA SER E 46 -9.68 37.37 -10.04
C SER E 46 -9.81 35.86 -9.84
N VAL E 47 -9.63 35.43 -8.59
CA VAL E 47 -9.73 34.01 -8.26
C VAL E 47 -10.63 33.86 -7.04
N LEU E 48 -11.34 32.75 -6.99
CA LEU E 48 -12.15 32.37 -5.84
C LEU E 48 -11.33 31.41 -4.98
N HIS E 49 -11.06 31.80 -3.74
CA HIS E 49 -10.19 31.03 -2.85
C HIS E 49 -10.98 30.42 -1.70
N SER E 50 -10.83 29.12 -1.52
CA SER E 50 -11.48 28.37 -0.47
C SER E 50 -10.48 28.23 0.67
N THR E 51 -10.85 28.71 1.85
CA THR E 51 -9.94 28.68 2.99
C THR E 51 -10.68 28.38 4.28
N GLN E 52 -9.99 27.74 5.21
CA GLN E 52 -10.53 27.47 6.53
C GLN E 52 -9.77 28.30 7.54
N ASP E 53 -10.49 29.11 8.31
CA ASP E 53 -9.88 29.96 9.32
C ASP E 53 -10.98 30.37 10.30
N LEU E 54 -10.60 31.16 11.30
CA LEU E 54 -11.55 31.66 12.28
C LEU E 54 -12.22 32.92 11.73
N PHE E 55 -13.51 32.84 11.40
CA PHE E 55 -14.22 33.98 10.82
C PHE E 55 -15.53 34.22 11.56
N LEU E 56 -16.02 35.45 11.48
CA LEU E 56 -17.32 35.77 12.02
C LEU E 56 -18.43 35.31 11.08
N PRO E 57 -19.33 34.42 11.52
CA PRO E 57 -20.38 33.94 10.63
C PRO E 57 -21.26 35.09 10.18
N PHE E 58 -21.74 35.02 8.94
CA PHE E 58 -22.59 36.09 8.45
C PHE E 58 -23.91 36.04 9.20
N PHE E 59 -24.47 37.21 9.52
CA PHE E 59 -25.74 37.26 10.25
C PHE E 59 -25.61 36.62 11.63
N SER E 60 -24.40 36.64 12.18
CA SER E 60 -24.11 36.10 13.49
C SER E 60 -24.76 36.85 14.63
N ASN E 61 -24.79 36.15 15.76
CA ASN E 61 -25.36 36.66 17.00
C ASN E 61 -24.23 37.41 17.73
N VAL E 62 -24.30 38.73 17.78
CA VAL E 62 -23.24 39.52 18.41
C VAL E 62 -23.79 40.34 19.57
N THR E 63 -22.97 40.51 20.60
CA THR E 63 -23.41 41.21 21.81
C THR E 63 -23.19 42.71 21.62
N TRP E 64 -24.19 43.51 21.97
CA TRP E 64 -24.09 44.96 21.84
C TRP E 64 -23.88 45.58 23.22
N PHE E 65 -22.71 46.18 23.44
CA PHE E 65 -22.39 46.77 24.73
C PHE E 65 -22.50 48.28 24.65
N HIS E 66 -22.97 48.89 25.74
CA HIS E 66 -23.05 50.35 25.82
C HIS E 66 -22.05 50.88 26.83
N ASP E 80 -20.47 51.54 30.40
CA ASP E 80 -20.06 50.37 31.16
C ASP E 80 -18.85 49.74 30.49
N ASN E 81 -18.31 48.68 31.11
CA ASN E 81 -17.15 47.95 30.63
C ASN E 81 -16.89 46.77 31.55
N PRO E 82 -17.70 45.73 31.45
CA PRO E 82 -17.47 44.53 32.27
C PRO E 82 -16.32 43.71 31.70
N VAL E 83 -15.87 42.76 32.51
CA VAL E 83 -14.84 41.84 32.03
C VAL E 83 -15.53 40.78 31.19
N LEU E 84 -15.04 40.59 29.96
CA LEU E 84 -15.69 39.65 29.06
C LEU E 84 -14.81 38.45 28.75
N PRO E 85 -15.41 37.29 28.48
CA PRO E 85 -14.61 36.11 28.10
C PRO E 85 -14.02 36.27 26.70
N PHE E 86 -12.89 35.58 26.50
CA PHE E 86 -12.22 35.51 25.21
C PHE E 86 -12.10 34.04 24.81
N ASN E 87 -12.73 33.65 23.71
CA ASN E 87 -12.75 32.23 23.39
C ASN E 87 -11.69 31.88 22.33
N ASP E 88 -12.11 31.81 21.07
CA ASP E 88 -11.20 31.54 19.97
C ASP E 88 -10.57 32.81 19.43
N GLY E 89 -11.28 33.92 19.54
CA GLY E 89 -10.84 35.22 19.10
C GLY E 89 -11.98 36.19 19.28
N VAL E 90 -11.66 37.48 19.18
CA VAL E 90 -12.66 38.50 19.42
C VAL E 90 -12.69 39.48 18.26
N TYR E 91 -13.89 39.80 17.82
CA TYR E 91 -14.16 40.83 16.83
C TYR E 91 -14.58 42.08 17.58
N PHE E 92 -13.98 43.22 17.24
CA PHE E 92 -14.33 44.45 17.92
C PHE E 92 -14.67 45.50 16.88
N ALA E 93 -15.71 46.29 17.17
CA ALA E 93 -16.08 47.41 16.33
C ALA E 93 -16.67 48.51 17.18
N SER E 94 -16.51 49.76 16.73
CA SER E 94 -17.10 50.88 17.43
C SER E 94 -17.48 51.94 16.42
N THR E 95 -18.47 52.77 16.79
CA THR E 95 -18.98 53.84 15.95
C THR E 95 -19.00 55.11 16.79
N GLU E 96 -17.82 55.68 17.02
CA GLU E 96 -17.68 56.89 17.81
C GLU E 96 -17.25 58.07 16.95
N LYS E 97 -17.88 59.22 17.19
CA LYS E 97 -17.49 60.46 16.54
C LYS E 97 -16.58 61.30 17.42
N SER E 98 -16.61 61.09 18.74
CA SER E 98 -15.79 61.80 19.70
C SER E 98 -14.57 61.00 20.13
N ASN E 99 -14.36 59.82 19.56
CA ASN E 99 -13.22 58.96 19.88
C ASN E 99 -13.10 58.73 21.40
N ILE E 100 -14.21 58.30 21.99
CA ILE E 100 -14.24 58.06 23.43
C ILE E 100 -13.51 56.75 23.77
N ILE E 101 -13.77 55.70 23.00
CA ILE E 101 -13.14 54.40 23.22
C ILE E 101 -11.81 54.40 22.48
N ARG E 102 -10.71 54.20 23.21
CA ARG E 102 -9.41 54.30 22.57
C ARG E 102 -8.37 53.40 23.23
N GLY E 103 -8.75 52.16 23.57
CA GLY E 103 -7.78 51.26 24.15
C GLY E 103 -8.41 49.94 24.55
N TRP E 104 -7.54 48.99 24.90
CA TRP E 104 -7.98 47.66 25.30
C TRP E 104 -6.98 47.06 26.28
N ILE E 105 -7.46 46.13 27.10
CA ILE E 105 -6.63 45.30 27.97
C ILE E 105 -6.88 43.84 27.62
N PHE E 106 -5.81 43.09 27.40
CA PHE E 106 -5.90 41.67 27.09
C PHE E 106 -5.02 40.86 28.04
N GLY E 107 -5.55 39.72 28.46
CA GLY E 107 -4.79 38.82 29.31
C GLY E 107 -5.72 37.77 29.89
N THR E 108 -5.31 37.19 31.01
CA THR E 108 -6.12 36.17 31.66
C THR E 108 -6.58 36.62 33.04
N THR E 109 -5.65 36.84 33.98
CA THR E 109 -5.97 37.21 35.34
C THR E 109 -6.14 38.71 35.51
N LEU E 110 -5.33 39.48 34.79
CA LEU E 110 -5.36 40.95 34.84
C LEU E 110 -5.22 41.45 36.26
N ASP E 111 -4.47 40.72 37.09
CA ASP E 111 -4.26 41.09 38.48
C ASP E 111 -2.83 40.84 38.93
N SER E 112 -1.90 40.69 37.97
CA SER E 112 -0.46 40.44 38.12
C SER E 112 -0.16 38.95 38.24
N LYS E 113 -1.18 38.09 38.33
CA LYS E 113 -0.94 36.65 38.42
C LYS E 113 -0.41 36.07 37.11
N THR E 114 -0.83 36.59 35.97
CA THR E 114 -0.38 36.07 34.69
C THR E 114 0.05 37.23 33.81
N GLN E 115 0.72 36.88 32.70
CA GLN E 115 1.16 37.89 31.75
C GLN E 115 -0.05 38.51 31.07
N SER E 116 0.04 39.81 30.82
CA SER E 116 -1.04 40.46 30.12
C SER E 116 -0.49 41.54 29.20
N LEU E 117 -1.28 41.85 28.19
CA LEU E 117 -0.95 42.80 27.14
C LEU E 117 -1.74 44.07 27.38
N LEU E 118 -1.06 45.19 27.48
CA LEU E 118 -1.73 46.46 27.66
C LEU E 118 -1.48 47.30 26.42
N ILE E 119 -2.57 47.72 25.79
CA ILE E 119 -2.55 48.54 24.59
C ILE E 119 -3.30 49.82 24.91
N VAL E 120 -2.61 50.95 24.80
CA VAL E 120 -3.17 52.27 25.01
C VAL E 120 -2.86 53.09 23.77
N ASN E 121 -3.90 53.64 23.14
CA ASN E 121 -3.70 54.41 21.93
C ASN E 121 -3.81 55.89 22.30
N ASN E 122 -2.72 56.38 22.87
CA ASN E 122 -2.63 57.76 23.35
C ASN E 122 -1.81 58.64 22.44
N ALA E 123 -2.37 59.81 22.15
CA ALA E 123 -1.81 60.90 21.36
C ALA E 123 -1.34 60.35 20.01
N THR E 124 -0.04 60.37 19.78
CA THR E 124 0.52 59.94 18.51
C THR E 124 1.28 58.62 18.57
N ASN E 125 1.29 57.94 19.72
CA ASN E 125 2.07 56.71 19.87
C ASN E 125 1.29 55.66 20.65
N VAL E 126 0.92 54.58 19.98
CA VAL E 126 0.22 53.49 20.64
C VAL E 126 1.28 52.48 21.07
N VAL E 127 1.29 52.13 22.35
CA VAL E 127 2.31 51.27 22.93
C VAL E 127 1.68 49.94 23.35
N ILE E 128 2.25 48.85 22.87
CA ILE E 128 1.84 47.50 23.21
C ILE E 128 2.94 46.92 24.10
N LYS E 129 2.58 46.58 25.33
CA LYS E 129 3.54 46.12 26.33
C LYS E 129 2.95 44.90 27.03
N VAL E 130 3.77 43.87 27.21
CA VAL E 130 3.37 42.65 27.89
C VAL E 130 4.22 42.52 29.14
N CYS E 131 3.57 42.53 30.30
CA CYS E 131 4.20 42.51 31.60
C CYS E 131 3.24 41.83 32.58
N GLU E 132 3.72 41.56 33.79
CA GLU E 132 2.85 41.06 34.85
C GLU E 132 2.22 42.31 35.46
N PHE E 133 1.26 42.85 34.73
CA PHE E 133 0.64 44.10 35.15
C PHE E 133 -0.28 43.77 36.31
N GLN E 134 -0.30 44.63 37.31
CA GLN E 134 -1.26 44.48 38.39
C GLN E 134 -2.33 45.53 38.14
N PHE E 135 -3.42 45.10 37.51
CA PHE E 135 -4.43 46.01 37.05
C PHE E 135 -5.39 46.38 38.17
N CYS E 136 -5.99 47.55 38.01
CA CYS E 136 -7.05 48.02 38.89
C CYS E 136 -8.28 47.14 38.70
N ASN E 137 -9.11 47.08 39.74
CA ASN E 137 -10.32 46.27 39.68
C ASN E 137 -11.36 46.94 38.80
N ASP E 138 -11.07 48.17 38.38
CA ASP E 138 -11.95 48.93 37.49
C ASP E 138 -11.02 49.86 36.71
N PRO E 139 -10.21 49.29 35.81
CA PRO E 139 -9.18 50.08 35.15
C PRO E 139 -9.76 51.06 34.15
N PHE E 140 -9.13 52.22 34.06
CA PHE E 140 -9.53 53.25 33.11
C PHE E 140 -8.34 54.17 32.89
N LEU E 141 -8.43 54.97 31.83
CA LEU E 141 -7.46 56.00 31.55
C LEU E 141 -8.10 57.35 31.79
N GLY E 142 -7.29 58.33 32.19
CA GLY E 142 -7.77 59.68 32.41
C GLY E 142 -7.55 60.57 31.20
N VAL E 143 -7.74 61.86 31.43
CA VAL E 143 -7.59 62.85 30.36
C VAL E 143 -6.58 63.92 30.78
N GLU E 156 -4.02 61.65 33.48
CA GLU E 156 -4.28 60.65 34.51
C GLU E 156 -4.27 59.24 33.90
N PHE E 157 -3.58 58.32 34.56
CA PHE E 157 -3.50 56.94 34.10
C PHE E 157 -3.62 56.00 35.29
N ARG E 158 -4.74 55.27 35.38
CA ARG E 158 -4.95 54.34 36.49
C ARG E 158 -5.45 53.03 35.90
N VAL E 159 -4.54 52.32 35.25
CA VAL E 159 -4.83 51.07 34.57
C VAL E 159 -4.31 49.87 35.35
N TYR E 160 -3.08 50.00 35.85
CA TYR E 160 -2.39 48.97 36.59
C TYR E 160 -1.59 49.61 37.72
N SER E 161 -1.29 48.81 38.74
CA SER E 161 -0.48 49.24 39.88
C SER E 161 0.96 48.76 39.85
N SER E 162 1.28 47.74 39.05
CA SER E 162 2.63 47.18 38.99
C SER E 162 2.88 46.67 37.58
N ALA E 163 4.15 46.61 37.18
CA ALA E 163 4.40 46.09 35.83
C ALA E 163 5.71 45.28 35.80
N ASN E 164 5.58 44.03 36.26
CA ASN E 164 6.62 43.05 36.47
C ASN E 164 6.78 42.18 35.22
N ASN E 165 7.94 41.55 35.08
CA ASN E 165 8.16 40.54 34.03
C ASN E 165 7.76 41.00 32.65
N CYS E 166 8.22 42.18 32.25
CA CYS E 166 7.90 42.67 30.92
C CYS E 166 8.58 41.79 29.89
N THR E 167 7.83 41.34 28.88
CA THR E 167 8.42 40.47 27.90
C THR E 167 8.52 41.11 26.53
N PHE E 168 7.69 42.09 26.24
CA PHE E 168 7.66 42.72 24.94
C PHE E 168 7.21 44.17 25.08
N GLU E 169 7.82 45.06 24.31
CA GLU E 169 7.31 46.41 24.26
C GLU E 169 7.54 46.92 22.85
N TYR E 170 6.53 47.59 22.31
CA TYR E 170 6.58 48.13 20.96
C TYR E 170 5.83 49.45 20.92
N VAL E 171 6.42 50.42 20.22
CA VAL E 171 5.80 51.73 20.07
C VAL E 171 5.80 52.07 18.59
N SER E 172 4.67 52.52 18.08
CA SER E 172 4.55 52.90 16.69
C SER E 172 3.63 54.10 16.51
N ASN E 188 -15.48 57.68 13.19
CA ASN E 188 -16.47 57.00 12.35
C ASN E 188 -16.62 55.54 12.76
N LEU E 189 -16.60 54.64 11.80
CA LEU E 189 -16.68 53.21 12.07
C LEU E 189 -15.29 52.58 12.04
N ARG E 190 -14.90 51.99 13.16
CA ARG E 190 -13.60 51.36 13.34
C ARG E 190 -13.81 49.89 13.67
N GLU E 191 -13.15 49.00 12.94
CA GLU E 191 -13.30 47.57 13.15
C GLU E 191 -11.95 46.94 13.43
N PHE E 192 -11.91 46.02 14.39
CA PHE E 192 -10.68 45.35 14.77
C PHE E 192 -10.94 43.86 14.94
N VAL E 193 -9.91 43.07 14.67
CA VAL E 193 -9.90 41.64 14.97
C VAL E 193 -8.67 41.36 15.83
N PHE E 194 -8.87 40.67 16.94
CA PHE E 194 -7.78 40.34 17.85
C PHE E 194 -7.67 38.83 17.96
N LYS E 195 -6.54 38.29 17.50
CA LYS E 195 -6.29 36.86 17.64
C LYS E 195 -4.82 36.60 17.94
N ASN E 196 -4.57 35.56 18.75
CA ASN E 196 -3.24 35.12 19.15
C ASN E 196 -3.00 33.72 18.60
N ILE E 197 -2.19 33.59 17.55
CA ILE E 197 -1.98 32.29 16.92
C ILE E 197 -0.51 31.87 17.04
N ASP E 198 -0.29 30.73 17.71
CA ASP E 198 1.02 30.10 17.87
C ASP E 198 2.10 31.07 18.35
N GLY E 199 1.75 31.93 19.30
CA GLY E 199 2.72 32.82 19.87
C GLY E 199 2.76 34.19 19.22
N TYR E 200 2.06 34.38 18.10
CA TYR E 200 2.01 35.67 17.44
C TYR E 200 0.65 36.27 17.72
N PHE E 201 0.64 37.50 18.21
CA PHE E 201 -0.61 38.19 18.46
C PHE E 201 -0.88 39.04 17.23
N LYS E 202 -1.83 38.60 16.42
CA LYS E 202 -2.09 39.20 15.11
C LYS E 202 -3.27 40.14 15.23
N ILE E 203 -3.07 41.39 14.79
CA ILE E 203 -4.11 42.41 14.84
C ILE E 203 -4.44 42.90 13.45
N TYR E 204 -5.73 42.87 13.13
CA TYR E 204 -6.23 43.39 11.87
C TYR E 204 -7.12 44.58 12.18
N SER E 205 -7.19 45.52 11.26
CA SER E 205 -8.02 46.69 11.51
C SER E 205 -8.51 47.30 10.20
N LYS E 206 -9.59 48.06 10.31
CA LYS E 206 -10.13 48.82 9.22
C LYS E 206 -10.78 50.07 9.78
N HIS E 207 -10.61 51.19 9.10
CA HIS E 207 -11.24 52.44 9.51
C HIS E 207 -12.05 52.96 8.32
N THR E 208 -13.35 53.02 8.47
CA THR E 208 -14.24 53.41 7.39
C THR E 208 -15.19 54.50 7.83
N PRO E 209 -15.81 55.20 6.89
CA PRO E 209 -16.90 56.13 7.23
C PRO E 209 -18.07 55.37 7.87
N ILE E 210 -18.81 56.09 8.71
CA ILE E 210 -19.99 55.55 9.38
C ILE E 210 -21.14 56.51 9.15
N ASN E 211 -22.27 55.99 8.66
CA ASN E 211 -23.45 56.81 8.40
C ASN E 211 -24.66 56.36 9.22
N LEU E 212 -24.49 55.50 10.20
CA LEU E 212 -25.58 55.06 11.06
C LEU E 212 -25.30 55.54 12.47
N VAL E 213 -26.37 55.82 13.22
CA VAL E 213 -26.21 56.34 14.58
C VAL E 213 -26.12 55.24 15.61
N ARG E 214 -27.00 54.24 15.53
CA ARG E 214 -27.03 53.11 16.45
C ARG E 214 -27.18 51.82 15.65
N ASP E 215 -26.17 51.50 14.83
CA ASP E 215 -26.26 50.31 14.00
C ASP E 215 -24.87 49.86 13.60
N LEU E 216 -24.82 48.75 12.88
CA LEU E 216 -23.60 48.17 12.32
C LEU E 216 -23.79 48.07 10.82
N PRO E 217 -23.27 49.03 10.05
CA PRO E 217 -23.64 49.15 8.64
C PRO E 217 -23.48 47.84 7.88
N GLN E 218 -24.47 47.55 7.04
CA GLN E 218 -24.51 46.32 6.25
C GLN E 218 -23.68 46.49 4.98
N GLY E 219 -22.37 46.49 5.18
CA GLY E 219 -21.43 46.64 4.08
C GLY E 219 -20.36 45.58 4.18
N PHE E 220 -19.31 45.65 3.36
CA PHE E 220 -18.27 44.65 3.39
C PHE E 220 -16.90 45.29 3.23
N SER E 221 -16.01 44.98 4.18
CA SER E 221 -14.61 45.38 4.10
C SER E 221 -13.80 44.27 4.76
N ALA E 222 -12.63 44.00 4.22
CA ALA E 222 -11.71 43.06 4.84
C ALA E 222 -10.66 43.81 5.64
N LEU E 223 -10.41 43.35 6.87
CA LEU E 223 -9.43 44.00 7.73
C LEU E 223 -8.03 43.58 7.33
N GLU E 224 -7.14 44.54 7.30
CA GLU E 224 -5.79 44.27 6.85
C GLU E 224 -4.89 43.97 8.06
N PRO E 225 -3.87 43.14 7.89
CA PRO E 225 -2.95 42.89 9.01
C PRO E 225 -2.19 44.16 9.40
N LEU E 226 -2.04 44.37 10.71
CA LEU E 226 -1.34 45.53 11.24
C LEU E 226 -0.01 45.12 11.88
N VAL E 227 -0.05 44.26 12.89
CA VAL E 227 1.14 43.75 13.56
C VAL E 227 0.98 42.25 13.77
N ASP E 228 2.11 41.59 13.97
CA ASP E 228 2.16 40.16 14.28
C ASP E 228 3.13 40.02 15.45
N LEU E 229 2.65 40.36 16.64
CA LEU E 229 3.52 40.52 17.79
C LEU E 229 4.00 39.16 18.27
N PRO E 230 5.30 38.92 18.33
CA PRO E 230 5.84 37.62 18.75
C PRO E 230 5.85 37.48 20.27
N ILE E 231 4.66 37.53 20.87
CA ILE E 231 4.54 37.50 22.32
C ILE E 231 3.82 36.22 22.74
N GLY E 232 4.44 35.48 23.63
CA GLY E 232 3.86 34.24 24.10
C GLY E 232 2.80 34.47 25.16
N ILE E 233 1.67 35.09 24.81
CA ILE E 233 0.66 35.43 25.82
C ILE E 233 -0.56 34.56 25.58
N ASN E 234 -1.06 33.95 26.64
CA ASN E 234 -2.30 33.17 26.62
C ASN E 234 -3.43 34.09 27.11
N ILE E 235 -4.32 34.44 26.21
CA ILE E 235 -5.43 35.37 26.47
C ILE E 235 -6.73 34.59 26.48
N THR E 236 -7.41 34.60 27.61
CA THR E 236 -8.68 33.93 27.82
C THR E 236 -9.80 34.87 28.24
N ARG E 237 -9.47 36.08 28.67
CA ARG E 237 -10.46 37.06 29.07
C ARG E 237 -10.00 38.41 28.55
N PHE E 238 -10.93 39.33 28.33
CA PHE E 238 -10.51 40.68 27.95
C PHE E 238 -11.52 41.73 28.40
N GLN E 239 -11.05 42.97 28.42
CA GLN E 239 -11.84 44.15 28.79
C GLN E 239 -11.40 45.32 27.92
N THR E 240 -12.33 46.20 27.55
CA THR E 240 -12.00 47.38 26.77
C THR E 240 -11.55 48.53 27.67
N LEU E 241 -10.87 49.50 27.06
CA LEU E 241 -10.45 50.72 27.75
C LEU E 241 -11.00 51.94 27.03
N LEU E 242 -11.66 52.83 27.79
CA LEU E 242 -12.26 54.02 27.25
C LEU E 242 -11.93 55.21 28.16
N ALA E 243 -11.88 56.39 27.58
CA ALA E 243 -11.70 57.61 28.35
C ALA E 243 -13.01 58.02 29.02
N ALA E 263 -20.57 56.23 23.65
CA ALA E 263 -19.75 55.17 23.09
C ALA E 263 -20.47 53.83 23.13
N ALA E 264 -20.10 52.94 22.21
CA ALA E 264 -20.69 51.61 22.14
C ALA E 264 -19.72 50.71 21.41
N TYR E 265 -19.77 49.41 21.73
CA TYR E 265 -18.90 48.46 21.07
C TYR E 265 -19.58 47.10 20.97
N TYR E 266 -19.07 46.27 20.07
CA TYR E 266 -19.63 44.95 19.82
C TYR E 266 -18.54 43.90 20.02
N VAL E 267 -18.90 42.76 20.58
CA VAL E 267 -17.97 41.65 20.78
C VAL E 267 -18.55 40.35 20.21
N GLY E 268 -17.78 39.71 19.33
CA GLY E 268 -18.17 38.42 18.78
C GLY E 268 -17.04 37.43 19.01
N TYR E 269 -17.30 36.17 18.64
CA TYR E 269 -16.29 35.13 18.80
C TYR E 269 -16.10 34.38 17.49
N LEU E 270 -14.86 33.97 17.22
CA LEU E 270 -14.55 33.27 15.99
C LEU E 270 -14.77 31.76 16.15
N GLN E 271 -15.15 31.12 15.06
CA GLN E 271 -15.38 29.69 14.93
C GLN E 271 -14.74 29.17 13.64
N PRO E 272 -14.40 27.89 13.60
CA PRO E 272 -13.77 27.31 12.38
C PRO E 272 -14.66 27.05 11.17
N ARG E 273 -15.15 28.08 10.47
CA ARG E 273 -16.04 27.95 9.33
C ARG E 273 -15.28 28.18 8.03
N THR E 274 -15.86 27.67 6.94
CA THR E 274 -15.27 27.81 5.62
C THR E 274 -15.91 28.95 4.86
N PHE E 275 -15.09 29.82 4.28
CA PHE E 275 -15.54 30.93 3.47
C PHE E 275 -14.94 30.84 2.07
N LEU E 276 -15.71 31.27 1.08
CA LEU E 276 -15.24 31.42 -0.29
C LEU E 276 -15.01 32.91 -0.52
N LEU E 277 -13.74 33.30 -0.69
CA LEU E 277 -13.35 34.70 -0.80
C LEU E 277 -13.11 35.13 -2.24
N LYS E 278 -13.74 36.24 -2.63
CA LYS E 278 -13.63 36.76 -4.00
C LYS E 278 -12.58 37.87 -4.07
N TYR E 279 -11.48 37.61 -4.77
CA TYR E 279 -10.45 38.61 -4.90
C TYR E 279 -10.68 39.37 -6.20
N ASN E 280 -10.35 40.65 -6.19
CA ASN E 280 -10.42 41.44 -7.40
C ASN E 280 -9.06 41.52 -8.09
N GLU E 281 -9.03 42.29 -9.18
CA GLU E 281 -7.81 42.49 -9.92
C GLU E 281 -6.82 43.33 -9.12
N ASN E 282 -7.28 43.98 -8.05
CA ASN E 282 -6.41 44.84 -7.26
C ASN E 282 -5.92 44.16 -5.99
N GLY E 283 -6.15 42.86 -5.86
CA GLY E 283 -5.64 42.09 -4.74
C GLY E 283 -6.47 42.18 -3.48
N THR E 284 -7.63 42.83 -3.55
CA THR E 284 -8.51 43.00 -2.40
C THR E 284 -9.66 41.99 -2.42
N ILE E 285 -10.28 41.82 -1.26
CA ILE E 285 -11.48 40.98 -1.14
C ILE E 285 -12.71 41.86 -1.25
N THR E 286 -13.58 41.54 -2.21
CA THR E 286 -14.77 42.33 -2.46
C THR E 286 -16.06 41.70 -1.95
N ASP E 287 -16.09 40.37 -1.80
CA ASP E 287 -17.26 39.69 -1.27
C ASP E 287 -16.83 38.37 -0.65
N ALA E 288 -17.79 37.66 -0.07
CA ALA E 288 -17.51 36.35 0.52
C ALA E 288 -18.82 35.60 0.69
N VAL E 289 -18.72 34.27 0.70
CA VAL E 289 -19.83 33.37 0.97
C VAL E 289 -19.51 32.51 2.18
N ASP E 290 -20.43 32.51 3.15
CA ASP E 290 -20.32 31.65 4.33
C ASP E 290 -20.91 30.29 3.98
N CYS E 291 -20.05 29.29 3.85
CA CYS E 291 -20.45 27.99 3.30
C CYS E 291 -21.46 27.25 4.17
N ALA E 292 -21.65 27.66 5.42
CA ALA E 292 -22.56 26.99 6.33
C ALA E 292 -23.81 27.83 6.61
N LEU E 293 -23.96 28.96 5.92
CA LEU E 293 -25.07 29.87 6.20
C LEU E 293 -26.42 29.30 5.80
N ASP E 294 -26.54 28.75 4.59
CA ASP E 294 -27.81 28.22 4.13
C ASP E 294 -27.56 27.28 2.97
N PRO E 295 -28.60 26.56 2.50
CA PRO E 295 -28.39 25.65 1.35
C PRO E 295 -27.97 26.34 0.07
N LEU E 296 -28.21 27.64 -0.07
CA LEU E 296 -27.81 28.30 -1.30
C LEU E 296 -26.33 28.63 -1.23
N SER E 297 -25.88 29.09 -0.06
CA SER E 297 -24.48 29.41 0.15
C SER E 297 -23.64 28.14 0.07
N GLU E 298 -24.16 27.03 0.58
CA GLU E 298 -23.43 25.77 0.54
C GLU E 298 -23.18 25.34 -0.90
N THR E 299 -24.17 25.52 -1.76
CA THR E 299 -24.01 25.17 -3.18
C THR E 299 -22.90 25.99 -3.83
N LYS E 300 -22.86 27.29 -3.55
CA LYS E 300 -21.82 28.14 -4.12
C LYS E 300 -20.43 27.62 -3.76
N CYS E 301 -20.23 27.24 -2.50
CA CYS E 301 -18.93 26.75 -2.08
C CYS E 301 -18.57 25.43 -2.78
N THR E 302 -19.56 24.55 -2.97
CA THR E 302 -19.29 23.28 -3.64
C THR E 302 -18.84 23.52 -5.08
N LEU E 303 -19.52 24.43 -5.78
CA LEU E 303 -19.16 24.73 -7.16
C LEU E 303 -17.99 25.68 -7.24
N LYS E 304 -17.68 26.34 -6.12
CA LYS E 304 -16.65 27.37 -6.02
C LYS E 304 -16.92 28.48 -7.04
N SER E 305 -18.18 28.91 -7.07
CA SER E 305 -18.67 29.96 -7.94
C SER E 305 -19.62 30.89 -7.19
N PHE E 306 -19.64 32.17 -7.58
CA PHE E 306 -20.54 33.12 -6.93
C PHE E 306 -21.89 33.15 -7.61
N THR E 307 -22.02 32.46 -8.73
CA THR E 307 -23.26 32.40 -9.48
C THR E 307 -23.56 30.93 -9.62
N VAL E 308 -24.78 30.53 -9.29
CA VAL E 308 -25.21 29.15 -9.40
C VAL E 308 -26.08 29.02 -10.63
N GLU E 309 -25.74 28.08 -11.50
CA GLU E 309 -26.54 27.94 -12.70
C GLU E 309 -27.78 27.12 -12.37
N LYS E 310 -28.75 27.18 -13.27
CA LYS E 310 -29.97 26.44 -13.08
C LYS E 310 -29.70 24.94 -13.11
N GLY E 311 -30.21 24.23 -12.13
CA GLY E 311 -30.06 22.79 -12.06
C GLY E 311 -30.11 22.31 -10.63
N ILE E 312 -29.72 21.04 -10.46
CA ILE E 312 -29.68 20.35 -9.18
C ILE E 312 -28.26 19.91 -8.89
N TYR E 313 -27.76 20.22 -7.69
CA TYR E 313 -26.40 19.89 -7.33
C TYR E 313 -26.36 19.18 -5.98
N GLN E 314 -25.54 18.14 -5.88
CA GLN E 314 -25.34 17.44 -4.62
C GLN E 314 -24.21 18.13 -3.86
N THR E 315 -24.51 18.59 -2.64
CA THR E 315 -23.54 19.36 -1.87
C THR E 315 -23.10 18.70 -0.59
N SER E 316 -23.88 17.79 -0.02
CA SER E 316 -23.52 17.20 1.26
C SER E 316 -24.04 15.77 1.30
N ASN E 317 -24.01 15.19 2.50
CA ASN E 317 -24.42 13.80 2.71
C ASN E 317 -25.09 13.73 4.08
N PHE E 318 -26.39 13.48 4.07
CA PHE E 318 -27.18 13.43 5.29
C PHE E 318 -26.97 12.09 5.97
N ARG E 319 -26.70 12.12 7.28
CA ARG E 319 -26.57 10.90 8.06
C ARG E 319 -27.24 11.12 9.39
N VAL E 320 -28.16 10.22 9.74
CA VAL E 320 -28.84 10.26 11.02
C VAL E 320 -27.90 9.74 12.10
N GLN E 321 -27.77 10.49 13.16
CA GLN E 321 -26.83 10.02 14.15
C GLN E 321 -27.55 9.21 15.24
N PRO E 322 -26.85 8.28 15.87
CA PRO E 322 -27.44 7.57 17.01
C PRO E 322 -27.64 8.51 18.20
N THR E 323 -28.75 8.28 18.92
CA THR E 323 -29.06 9.10 20.08
C THR E 323 -28.86 8.41 21.43
N GLU E 324 -28.72 7.09 21.46
CA GLU E 324 -28.56 6.38 22.73
C GLU E 324 -27.59 5.21 22.54
N SER E 325 -27.30 4.51 23.62
CA SER E 325 -26.44 3.33 23.62
C SER E 325 -27.13 2.19 24.35
N ILE E 326 -27.47 1.12 23.64
CA ILE E 326 -28.26 0.02 24.18
C ILE E 326 -27.44 -1.26 24.28
N VAL E 327 -27.24 -1.75 25.50
CA VAL E 327 -26.49 -2.97 25.76
C VAL E 327 -27.42 -3.93 26.50
N ARG E 328 -27.51 -5.18 26.03
CA ARG E 328 -28.37 -6.18 26.65
C ARG E 328 -27.69 -7.54 26.72
N PHE E 329 -27.79 -8.21 27.87
CA PHE E 329 -27.28 -9.55 28.05
C PHE E 329 -28.31 -10.46 28.71
N PRO E 330 -28.16 -11.77 28.56
CA PRO E 330 -29.13 -12.73 29.15
C PRO E 330 -29.20 -12.67 30.67
N ASN E 331 -30.32 -13.17 31.19
CA ASN E 331 -30.51 -13.27 32.64
C ASN E 331 -29.34 -14.01 33.27
N ILE E 332 -28.84 -13.48 34.38
CA ILE E 332 -27.71 -14.06 35.09
C ILE E 332 -28.23 -15.17 35.99
N THR E 333 -27.85 -16.41 35.69
CA THR E 333 -28.28 -17.58 36.43
C THR E 333 -27.06 -18.43 36.78
N ASN E 334 -27.28 -19.50 37.55
CA ASN E 334 -26.19 -20.40 37.95
C ASN E 334 -25.14 -19.58 38.70
N LEU E 335 -25.60 -18.85 39.70
CA LEU E 335 -24.73 -18.04 40.54
C LEU E 335 -23.84 -18.86 41.45
N CYS E 336 -22.64 -18.34 41.67
CA CYS E 336 -21.65 -18.94 42.55
C CYS E 336 -22.15 -18.98 43.99
N PRO E 337 -21.95 -20.09 44.69
CA PRO E 337 -22.47 -20.24 46.06
C PRO E 337 -21.65 -19.44 47.07
N PHE E 338 -21.62 -18.12 46.98
CA PHE E 338 -20.88 -17.37 48.00
C PHE E 338 -21.59 -17.35 49.33
N GLY E 339 -22.92 -17.31 49.34
CA GLY E 339 -23.61 -17.30 50.62
C GLY E 339 -23.34 -18.52 51.46
N GLU E 340 -23.18 -19.68 50.82
CA GLU E 340 -22.92 -20.92 51.54
C GLU E 340 -21.54 -20.98 52.19
N VAL E 341 -20.57 -20.16 51.77
CA VAL E 341 -19.23 -20.22 52.35
C VAL E 341 -18.97 -19.13 53.37
N PHE E 342 -19.30 -17.88 53.04
CA PHE E 342 -18.99 -16.77 53.94
C PHE E 342 -19.98 -16.71 55.07
N ASN E 343 -21.21 -17.06 54.74
CA ASN E 343 -22.38 -17.10 55.59
C ASN E 343 -22.79 -18.52 55.99
N ALA E 344 -21.82 -19.43 55.91
CA ALA E 344 -21.97 -20.84 56.27
C ALA E 344 -22.28 -20.97 57.76
N THR E 345 -23.09 -21.98 58.10
CA THR E 345 -23.46 -22.22 59.49
C THR E 345 -22.34 -22.87 60.28
N ARG E 346 -21.39 -23.51 59.62
CA ARG E 346 -20.26 -24.13 60.32
C ARG E 346 -19.00 -23.85 59.52
N PHE E 347 -17.94 -23.44 60.23
CA PHE E 347 -16.62 -23.22 59.66
C PHE E 347 -15.61 -24.25 60.14
N ALA E 348 -14.62 -24.51 59.28
CA ALA E 348 -13.53 -25.45 59.51
C ALA E 348 -12.46 -24.82 60.40
N SER E 349 -11.63 -25.66 61.00
CA SER E 349 -10.49 -25.15 61.76
C SER E 349 -9.51 -24.42 60.84
N VAL E 350 -8.87 -23.39 61.38
CA VAL E 350 -7.92 -22.59 60.61
C VAL E 350 -6.67 -23.39 60.23
N TYR E 351 -6.28 -24.38 61.03
CA TYR E 351 -5.12 -25.19 60.68
C TYR E 351 -5.40 -26.11 59.50
N ALA E 352 -6.67 -26.36 59.20
CA ALA E 352 -7.08 -27.29 58.16
C ALA E 352 -8.22 -26.64 57.37
N TRP E 353 -7.95 -25.46 56.82
CA TRP E 353 -8.98 -24.67 56.18
C TRP E 353 -9.59 -25.43 55.01
N ASN E 354 -10.88 -25.16 54.77
CA ASN E 354 -11.66 -25.85 53.74
C ASN E 354 -11.60 -25.04 52.45
N ARG E 355 -10.90 -25.57 51.45
CA ARG E 355 -10.77 -24.89 50.17
C ARG E 355 -11.85 -25.39 49.23
N LYS E 356 -12.74 -24.50 48.82
CA LYS E 356 -13.77 -24.78 47.85
C LYS E 356 -13.39 -24.08 46.55
N ARG E 357 -13.39 -24.82 45.46
CA ARG E 357 -13.06 -24.25 44.16
C ARG E 357 -14.35 -23.77 43.52
N ILE E 358 -14.38 -22.49 43.13
CA ILE E 358 -15.56 -21.91 42.49
C ILE E 358 -15.25 -21.76 41.01
N SER E 359 -16.09 -22.39 40.18
CA SER E 359 -15.91 -22.39 38.74
C SER E 359 -17.28 -22.60 38.11
N ASN E 360 -17.38 -22.26 36.82
CA ASN E 360 -18.58 -22.51 36.02
C ASN E 360 -19.84 -22.01 36.73
N CYS E 361 -19.78 -20.76 37.18
CA CYS E 361 -20.89 -20.18 37.94
C CYS E 361 -20.84 -18.66 37.80
N VAL E 362 -21.89 -18.01 38.29
CA VAL E 362 -21.97 -16.55 38.25
C VAL E 362 -21.59 -15.99 39.61
N ALA E 363 -20.49 -15.23 39.63
CA ALA E 363 -19.92 -14.70 40.86
C ALA E 363 -20.55 -13.33 41.13
N ASP E 364 -21.55 -13.28 42.01
CA ASP E 364 -22.25 -12.02 42.27
C ASP E 364 -21.46 -11.21 43.28
N TYR E 365 -20.36 -10.62 42.81
CA TYR E 365 -19.48 -9.88 43.71
C TYR E 365 -20.14 -8.62 44.26
N SER E 366 -21.17 -8.11 43.60
CA SER E 366 -21.83 -6.90 44.06
C SER E 366 -22.45 -7.09 45.45
N VAL E 367 -22.90 -8.31 45.76
CA VAL E 367 -23.51 -8.55 47.06
C VAL E 367 -22.46 -8.46 48.17
N LEU E 368 -21.30 -9.09 47.97
CA LEU E 368 -20.27 -9.06 49.00
C LEU E 368 -19.74 -7.65 49.22
N TYR E 369 -19.55 -6.90 48.13
CA TYR E 369 -19.06 -5.53 48.25
C TYR E 369 -20.10 -4.61 48.88
N ASN E 370 -21.34 -4.67 48.38
CA ASN E 370 -22.35 -3.72 48.83
C ASN E 370 -22.80 -3.98 50.26
N SER E 371 -22.78 -5.22 50.72
CA SER E 371 -23.28 -5.48 52.05
C SER E 371 -22.33 -4.91 53.11
N ALA E 372 -22.86 -4.72 54.31
CA ALA E 372 -22.12 -4.23 55.47
C ALA E 372 -21.77 -5.34 56.45
N SER E 373 -21.92 -6.60 56.06
CA SER E 373 -21.64 -7.70 56.98
C SER E 373 -20.16 -7.92 57.24
N PHE E 374 -19.28 -7.35 56.42
CA PHE E 374 -17.85 -7.57 56.53
C PHE E 374 -17.15 -6.36 57.12
N SER E 375 -16.15 -6.62 57.97
CA SER E 375 -15.34 -5.57 58.55
C SER E 375 -14.05 -5.36 57.77
N THR E 376 -13.59 -6.37 57.04
CA THR E 376 -12.39 -6.32 56.23
C THR E 376 -12.81 -6.68 54.82
N PHE E 377 -12.39 -5.87 53.83
CA PHE E 377 -12.69 -6.23 52.46
C PHE E 377 -11.54 -5.67 51.62
N LYS E 378 -10.43 -6.40 51.64
CA LYS E 378 -9.18 -5.94 51.02
C LYS E 378 -8.98 -6.69 49.71
N CYS E 379 -9.16 -5.98 48.60
CA CYS E 379 -9.07 -6.53 47.25
C CYS E 379 -7.72 -6.26 46.63
N TYR E 380 -7.09 -7.29 46.11
CA TYR E 380 -5.75 -7.21 45.52
C TYR E 380 -5.87 -7.55 44.04
N GLY E 381 -5.52 -6.59 43.18
CA GLY E 381 -5.54 -6.81 41.74
C GLY E 381 -6.86 -6.54 41.05
N VAL E 382 -7.95 -6.31 41.78
CA VAL E 382 -9.26 -6.08 41.16
C VAL E 382 -9.93 -4.88 41.79
N SER E 383 -10.89 -4.30 41.04
CA SER E 383 -11.72 -3.19 41.51
C SER E 383 -13.05 -3.71 42.05
N PRO E 384 -13.42 -3.31 43.27
CA PRO E 384 -14.61 -3.89 43.91
C PRO E 384 -15.92 -3.63 43.17
N THR E 385 -16.00 -2.63 42.29
CA THR E 385 -17.24 -2.35 41.58
C THR E 385 -17.24 -2.83 40.13
N LYS E 386 -16.15 -3.41 39.63
CA LYS E 386 -16.10 -3.90 38.26
C LYS E 386 -15.87 -5.40 38.24
N LEU E 387 -15.99 -6.04 39.40
CA LEU E 387 -15.68 -7.46 39.53
C LEU E 387 -16.61 -8.32 38.68
N ASN E 388 -17.85 -7.87 38.45
CA ASN E 388 -18.79 -8.67 37.68
C ASN E 388 -18.33 -8.87 36.24
N ASP E 389 -17.55 -7.95 35.70
CA ASP E 389 -17.12 -8.01 34.32
C ASP E 389 -15.78 -8.72 34.15
N LEU E 390 -15.21 -9.24 35.22
CA LEU E 390 -13.91 -9.92 35.19
C LEU E 390 -14.05 -11.43 35.28
N CYS E 391 -13.70 -12.12 34.20
CA CYS E 391 -13.79 -13.58 34.10
C CYS E 391 -12.44 -14.20 34.42
N PHE E 392 -12.44 -15.17 35.34
CA PHE E 392 -11.25 -15.84 35.82
C PHE E 392 -11.41 -17.35 35.64
N THR E 393 -10.28 -18.05 35.60
CA THR E 393 -10.33 -19.50 35.47
C THR E 393 -10.77 -20.15 36.78
N ASN E 394 -10.21 -19.71 37.90
CA ASN E 394 -10.57 -20.29 39.18
C ASN E 394 -10.75 -19.19 40.21
N VAL E 395 -11.73 -19.39 41.08
CA VAL E 395 -11.88 -18.57 42.29
C VAL E 395 -11.80 -19.50 43.48
N TYR E 396 -10.88 -19.20 44.40
CA TYR E 396 -10.67 -20.03 45.57
C TYR E 396 -11.14 -19.27 46.80
N ALA E 397 -12.05 -19.88 47.55
CA ALA E 397 -12.61 -19.27 48.76
C ALA E 397 -11.95 -19.92 49.96
N ASP E 398 -11.03 -19.19 50.59
CA ASP E 398 -10.31 -19.69 51.75
C ASP E 398 -11.03 -19.23 53.00
N SER E 399 -11.66 -20.17 53.71
CA SER E 399 -12.51 -19.87 54.86
C SER E 399 -11.78 -20.27 56.13
N PHE E 400 -11.61 -19.31 57.04
CA PHE E 400 -10.93 -19.57 58.30
C PHE E 400 -11.34 -18.50 59.31
N VAL E 401 -11.06 -18.78 60.57
CA VAL E 401 -11.29 -17.85 61.67
C VAL E 401 -9.99 -17.41 62.29
N ILE E 402 -9.81 -16.10 62.46
CA ILE E 402 -8.65 -15.52 63.11
C ILE E 402 -9.15 -14.50 64.13
N ARG E 403 -8.28 -14.07 65.03
CA ARG E 403 -8.66 -13.03 65.96
C ARG E 403 -8.50 -11.66 65.34
N GLY E 404 -9.29 -10.70 65.84
CA GLY E 404 -9.28 -9.34 65.34
C GLY E 404 -7.89 -8.77 65.13
N ASP E 405 -7.06 -8.89 66.16
CA ASP E 405 -5.71 -8.36 66.11
C ASP E 405 -4.87 -9.01 65.02
N GLU E 406 -5.23 -10.21 64.59
CA GLU E 406 -4.47 -10.93 63.59
C GLU E 406 -4.98 -10.70 62.18
N VAL E 407 -6.07 -9.94 62.02
CA VAL E 407 -6.59 -9.72 60.68
C VAL E 407 -5.58 -8.95 59.85
N ARG E 408 -4.83 -8.03 60.48
CA ARG E 408 -3.82 -7.30 59.73
C ARG E 408 -2.72 -8.22 59.21
N GLN E 409 -2.59 -9.42 59.80
CA GLN E 409 -1.55 -10.33 59.36
C GLN E 409 -1.99 -11.17 58.16
N ILE E 410 -3.28 -11.18 57.83
CA ILE E 410 -3.77 -11.99 56.72
C ILE E 410 -3.64 -11.13 55.48
N ALA E 411 -2.42 -11.05 54.97
CA ALA E 411 -2.15 -10.22 53.80
C ALA E 411 -0.79 -10.57 53.22
N PRO E 412 -0.56 -10.33 51.94
CA PRO E 412 0.79 -10.52 51.40
C PRO E 412 1.75 -9.58 52.09
N GLY E 413 2.93 -10.11 52.44
CA GLY E 413 3.94 -9.28 53.07
C GLY E 413 3.83 -9.16 54.58
N GLN E 414 2.85 -9.80 55.20
CA GLN E 414 2.67 -9.70 56.64
C GLN E 414 3.42 -10.82 57.35
N THR E 415 3.76 -10.56 58.61
CA THR E 415 4.43 -11.52 59.47
C THR E 415 3.70 -11.67 60.80
N GLY E 416 4.10 -12.70 61.54
CA GLY E 416 3.53 -13.00 62.84
C GLY E 416 3.23 -14.48 63.03
N LYS E 417 2.67 -14.84 64.18
CA LYS E 417 2.46 -16.26 64.48
C LYS E 417 1.52 -16.91 63.48
N ILE E 418 0.53 -16.18 62.99
CA ILE E 418 -0.42 -16.75 62.05
C ILE E 418 0.09 -16.64 60.61
N ALA E 419 0.56 -15.45 60.24
CA ALA E 419 1.04 -15.21 58.89
C ALA E 419 2.19 -16.12 58.52
N ASP E 420 3.08 -16.45 59.48
CA ASP E 420 4.24 -17.26 59.16
C ASP E 420 4.10 -18.74 59.51
N TYR E 421 3.32 -19.11 60.52
CA TYR E 421 3.25 -20.51 60.93
C TYR E 421 1.89 -21.17 60.76
N ASN E 422 0.86 -20.42 60.36
CA ASN E 422 -0.48 -21.00 60.27
C ASN E 422 -1.05 -20.86 58.87
N TYR E 423 -1.22 -19.63 58.37
CA TYR E 423 -1.84 -19.41 57.07
C TYR E 423 -1.07 -18.31 56.34
N LYS E 424 -0.19 -18.71 55.42
CA LYS E 424 0.67 -17.77 54.72
C LYS E 424 0.13 -17.54 53.31
N LEU E 425 0.02 -16.28 52.92
CA LEU E 425 -0.35 -15.78 51.61
C LEU E 425 0.88 -15.33 50.80
N PRO E 426 0.85 -15.57 49.49
CA PRO E 426 1.96 -15.14 48.64
C PRO E 426 1.99 -13.64 48.48
N ASP E 427 3.21 -13.13 48.24
CA ASP E 427 3.39 -11.69 48.04
C ASP E 427 2.57 -11.18 46.86
N ASP E 428 2.35 -12.02 45.85
CA ASP E 428 1.59 -11.64 44.66
C ASP E 428 0.15 -12.15 44.71
N PHE E 429 -0.38 -12.39 45.90
CA PHE E 429 -1.76 -12.83 46.07
C PHE E 429 -2.73 -11.91 45.33
N THR E 430 -3.64 -12.51 44.58
CA THR E 430 -4.69 -11.80 43.87
C THR E 430 -6.04 -12.27 44.40
N GLY E 431 -6.86 -11.32 44.82
CA GLY E 431 -8.16 -11.64 45.40
C GLY E 431 -8.54 -10.65 46.48
N CYS E 432 -9.59 -10.99 47.21
CA CYS E 432 -10.13 -10.13 48.26
C CYS E 432 -10.22 -10.88 49.57
N VAL E 433 -9.82 -10.22 50.66
CA VAL E 433 -9.90 -10.76 52.02
C VAL E 433 -11.12 -10.16 52.72
N ILE E 434 -12.07 -11.00 53.09
CA ILE E 434 -13.32 -10.57 53.72
C ILE E 434 -13.41 -11.17 55.11
N ALA E 435 -13.65 -10.33 56.12
CA ALA E 435 -13.73 -10.81 57.49
C ALA E 435 -14.76 -10.01 58.27
N TRP E 436 -15.32 -10.65 59.30
CA TRP E 436 -16.30 -10.01 60.17
C TRP E 436 -16.20 -10.58 61.59
N ASN E 437 -16.67 -9.78 62.54
CA ASN E 437 -16.67 -10.16 63.95
C ASN E 437 -17.71 -11.26 64.21
N SER E 438 -17.28 -12.40 64.75
CA SER E 438 -18.17 -13.54 64.95
C SER E 438 -18.31 -13.92 66.43
N ASN E 439 -18.06 -12.96 67.33
CA ASN E 439 -18.12 -13.21 68.77
C ASN E 439 -19.43 -13.86 69.20
N ASN E 440 -20.55 -13.40 68.65
CA ASN E 440 -21.89 -13.84 69.02
C ASN E 440 -22.33 -15.11 68.31
N LEU E 441 -21.48 -15.73 67.50
CA LEU E 441 -21.82 -16.93 66.75
C LEU E 441 -21.16 -18.19 67.28
N ASP E 442 -19.88 -18.13 67.62
CA ASP E 442 -19.15 -19.32 68.05
C ASP E 442 -19.01 -19.43 69.57
N SER E 443 -18.98 -18.31 70.29
CA SER E 443 -18.73 -18.37 71.72
C SER E 443 -19.91 -18.95 72.47
N LYS E 444 -19.60 -19.67 73.55
CA LYS E 444 -20.59 -20.27 74.43
C LYS E 444 -20.39 -19.78 75.85
N VAL E 445 -21.48 -19.78 76.63
CA VAL E 445 -21.43 -19.24 77.99
C VAL E 445 -20.40 -19.99 78.83
N GLY E 446 -20.32 -21.30 78.68
CA GLY E 446 -19.35 -22.05 79.46
C GLY E 446 -18.01 -22.16 78.77
N GLY E 447 -17.87 -21.52 77.62
CA GLY E 447 -16.66 -21.55 76.82
C GLY E 447 -16.75 -22.54 75.68
N ASN E 448 -16.53 -22.07 74.46
CA ASN E 448 -16.52 -22.94 73.28
C ASN E 448 -15.08 -23.39 73.00
N TYR E 449 -14.76 -24.63 73.33
CA TYR E 449 -13.40 -25.13 73.20
C TYR E 449 -13.24 -26.08 72.02
N ASN E 450 -14.19 -26.07 71.08
CA ASN E 450 -14.13 -26.94 69.92
C ASN E 450 -13.24 -26.41 68.81
N TYR E 451 -12.75 -25.19 68.92
CA TYR E 451 -11.89 -24.58 67.92
C TYR E 451 -10.45 -24.55 68.42
N LEU E 452 -9.54 -25.15 67.65
CA LEU E 452 -8.13 -25.23 68.02
C LEU E 452 -7.29 -24.59 66.93
N TYR E 453 -6.11 -24.11 67.31
CA TYR E 453 -5.14 -23.55 66.37
C TYR E 453 -3.74 -24.07 66.64
N ARG E 454 -2.92 -24.03 65.58
CA ARG E 454 -1.54 -24.46 65.67
C ARG E 454 -0.71 -23.27 66.12
N LEU E 455 0.12 -23.48 67.15
CA LEU E 455 0.94 -22.42 67.72
C LEU E 455 2.42 -22.50 67.40
N PHE E 456 2.99 -23.69 67.38
CA PHE E 456 4.43 -23.89 67.21
C PHE E 456 4.73 -24.70 65.95
N ARG E 457 5.63 -24.18 65.11
CA ARG E 457 6.07 -24.91 63.93
C ARG E 457 7.51 -24.55 63.60
N LYS E 458 8.21 -25.51 63.02
CA LYS E 458 9.61 -25.36 62.64
C LYS E 458 9.88 -24.28 61.59
N SER E 459 8.97 -24.09 60.62
CA SER E 459 9.23 -23.09 59.58
C SER E 459 7.94 -22.53 59.02
N ASN E 460 8.08 -21.51 58.18
CA ASN E 460 6.95 -20.86 57.55
C ASN E 460 6.39 -21.67 56.38
N LEU E 461 5.13 -21.41 56.08
CA LEU E 461 4.42 -22.06 54.98
C LEU E 461 4.81 -21.46 53.63
N LYS E 462 4.71 -22.27 52.59
CA LYS E 462 4.81 -21.80 51.23
C LYS E 462 3.50 -21.17 50.78
N PRO E 463 3.52 -20.31 49.76
CA PRO E 463 2.27 -19.74 49.25
C PRO E 463 1.23 -20.80 48.90
N PHE E 464 0.02 -20.63 49.44
CA PHE E 464 -1.10 -21.54 49.21
C PHE E 464 -0.76 -22.97 49.62
N GLU E 465 0.17 -23.14 50.56
CA GLU E 465 0.48 -24.45 51.09
C GLU E 465 -0.48 -24.83 52.22
N ARG E 466 -0.98 -26.05 52.18
CA ARG E 466 -1.93 -26.56 53.16
C ARG E 466 -1.18 -27.69 53.88
N ASP E 467 -0.60 -27.36 55.03
CA ASP E 467 0.21 -28.28 55.82
C ASP E 467 -0.61 -28.83 56.98
N ILE E 468 -0.93 -30.12 56.94
CA ILE E 468 -1.80 -30.73 57.94
C ILE E 468 -1.05 -31.79 58.76
N SER E 469 0.28 -31.73 58.78
CA SER E 469 1.07 -32.66 59.58
C SER E 469 0.83 -32.44 61.07
N THR E 470 0.79 -33.52 61.84
CA THR E 470 0.60 -33.44 63.28
C THR E 470 1.82 -33.91 64.08
N GLU E 471 2.98 -34.01 63.43
CA GLU E 471 4.19 -34.45 64.13
C GLU E 471 4.56 -33.51 65.28
N ILE E 472 4.92 -34.09 66.42
CA ILE E 472 5.29 -33.29 67.58
C ILE E 472 6.55 -32.50 67.28
N TYR E 473 6.51 -31.19 67.52
CA TYR E 473 7.63 -30.33 67.17
C TYR E 473 8.79 -30.52 68.14
N GLN E 474 9.99 -30.73 67.59
CA GLN E 474 11.23 -30.88 68.36
C GLN E 474 11.92 -29.52 68.39
N ALA E 475 11.88 -28.83 69.54
CA ALA E 475 12.49 -27.50 69.58
C ALA E 475 13.99 -27.54 69.85
N GLY E 476 14.50 -28.54 70.54
CA GLY E 476 15.90 -28.62 70.87
C GLY E 476 16.66 -29.62 70.01
N SER E 477 17.72 -30.17 70.59
CA SER E 477 18.56 -31.15 69.90
C SER E 477 18.33 -32.55 70.44
N THR E 478 17.50 -32.69 71.47
CA THR E 478 17.20 -33.97 72.07
C THR E 478 16.00 -34.56 71.37
N PRO E 479 16.10 -35.75 70.77
CA PRO E 479 14.92 -36.36 70.15
C PRO E 479 13.80 -36.48 71.17
N CYS E 480 12.59 -36.14 70.74
CA CYS E 480 11.46 -36.19 71.67
C CYS E 480 10.91 -37.61 71.79
N ASN E 481 10.96 -38.36 70.70
CA ASN E 481 10.51 -39.76 70.67
C ASN E 481 9.08 -39.90 71.21
N GLY E 482 8.24 -38.92 70.91
CA GLY E 482 6.86 -39.01 71.36
C GLY E 482 6.61 -38.55 72.77
N VAL E 483 7.63 -38.04 73.46
CA VAL E 483 7.53 -37.62 74.85
C VAL E 483 7.74 -36.11 74.94
N GLU E 484 6.78 -35.43 75.57
CA GLU E 484 6.87 -34.00 75.78
C GLU E 484 7.80 -33.70 76.96
N GLY E 485 8.42 -32.54 76.91
CA GLY E 485 9.40 -32.18 77.93
C GLY E 485 10.12 -30.91 77.52
N PHE E 486 11.32 -30.74 78.07
CA PHE E 486 12.10 -29.55 77.76
C PHE E 486 12.50 -29.56 76.30
N ASN E 487 12.18 -28.47 75.60
CA ASN E 487 12.40 -28.32 74.17
C ASN E 487 11.54 -29.30 73.35
N CYS E 488 10.52 -29.89 73.95
CA CYS E 488 9.58 -30.76 73.24
C CYS E 488 8.14 -30.30 73.51
N TYR E 489 7.54 -29.57 72.58
CA TYR E 489 6.23 -28.95 72.82
C TYR E 489 5.25 -29.39 71.74
N PHE E 490 4.01 -29.69 72.16
CA PHE E 490 2.95 -30.04 71.21
C PHE E 490 2.56 -28.84 70.36
N PRO E 491 2.51 -28.97 69.03
CA PRO E 491 2.28 -27.81 68.16
C PRO E 491 0.91 -27.12 68.25
N LEU E 492 -0.14 -27.76 68.76
CA LEU E 492 -1.47 -27.15 68.75
C LEU E 492 -1.98 -26.74 70.13
N GLN E 493 -2.87 -25.74 70.13
CA GLN E 493 -3.63 -25.29 71.30
C GLN E 493 -5.05 -24.91 70.89
N SER E 494 -6.00 -25.16 71.80
CA SER E 494 -7.41 -24.88 71.59
C SER E 494 -7.76 -23.42 71.91
N TYR E 495 -8.86 -22.93 71.33
CA TYR E 495 -9.38 -21.60 71.63
C TYR E 495 -10.43 -21.61 72.73
N GLY E 496 -10.27 -20.70 73.70
CA GLY E 496 -11.22 -20.49 74.77
C GLY E 496 -12.29 -19.49 74.35
N PHE E 497 -13.21 -19.86 73.46
CA PHE E 497 -14.19 -18.90 72.95
C PHE E 497 -15.33 -18.69 73.96
N GLN E 498 -15.44 -17.46 74.47
CA GLN E 498 -16.42 -17.11 75.48
C GLN E 498 -17.11 -15.80 75.13
N PRO E 499 -18.38 -15.65 75.53
CA PRO E 499 -19.12 -14.40 75.22
C PRO E 499 -18.57 -13.16 75.91
N THR E 500 -17.68 -13.31 76.89
CA THR E 500 -17.14 -12.18 77.63
C THR E 500 -15.75 -11.73 77.18
N ASN E 501 -15.18 -12.36 76.16
CA ASN E 501 -13.85 -11.95 75.74
C ASN E 501 -13.91 -10.59 75.07
N GLY E 502 -12.81 -9.83 75.19
CA GLY E 502 -12.69 -8.58 74.48
C GLY E 502 -12.47 -8.76 72.99
N VAL E 503 -12.63 -7.65 72.26
CA VAL E 503 -12.61 -7.71 70.81
C VAL E 503 -11.29 -8.30 70.32
N GLY E 504 -10.17 -7.92 70.95
CA GLY E 504 -8.89 -8.44 70.51
C GLY E 504 -8.77 -9.94 70.66
N TYR E 505 -9.59 -10.53 71.53
CA TYR E 505 -9.57 -11.96 71.79
C TYR E 505 -10.85 -12.63 71.31
N GLN E 506 -11.71 -11.90 70.62
CA GLN E 506 -12.90 -12.50 70.07
C GLN E 506 -12.58 -13.16 68.74
N PRO E 507 -13.30 -14.20 68.37
CA PRO E 507 -13.07 -14.80 67.05
C PRO E 507 -13.60 -13.89 65.96
N TYR E 508 -12.88 -13.86 64.84
CA TYR E 508 -13.36 -13.20 63.64
C TYR E 508 -13.25 -14.24 62.53
N ARG E 509 -14.27 -14.31 61.69
CA ARG E 509 -14.24 -15.23 60.57
C ARG E 509 -13.71 -14.47 59.35
N VAL E 510 -12.65 -15.00 58.75
CA VAL E 510 -11.99 -14.35 57.63
C VAL E 510 -12.09 -15.29 56.45
N VAL E 511 -12.55 -14.77 55.31
CA VAL E 511 -12.60 -15.53 54.08
C VAL E 511 -11.86 -14.72 53.01
N VAL E 512 -10.83 -15.33 52.44
CA VAL E 512 -10.04 -14.71 51.39
C VAL E 512 -10.43 -15.40 50.10
N LEU E 513 -10.90 -14.62 49.14
CA LEU E 513 -11.33 -15.12 47.84
C LEU E 513 -10.18 -14.86 46.87
N SER E 514 -9.45 -15.91 46.54
CA SER E 514 -8.29 -15.84 45.67
C SER E 514 -8.72 -16.01 44.22
N PHE E 515 -8.27 -15.11 43.37
CA PHE E 515 -8.66 -15.08 41.97
C PHE E 515 -7.49 -15.66 41.19
N GLU E 516 -7.73 -16.81 40.55
CA GLU E 516 -6.69 -17.53 39.83
C GLU E 516 -7.05 -17.57 38.35
N LEU E 517 -6.14 -17.09 37.52
CA LEU E 517 -6.30 -17.11 36.07
C LEU E 517 -5.27 -18.10 35.52
N LEU E 518 -5.76 -19.19 34.95
CA LEU E 518 -4.90 -20.23 34.40
C LEU E 518 -5.02 -20.21 32.88
N HIS E 519 -4.23 -21.04 32.22
CA HIS E 519 -4.33 -21.16 30.77
C HIS E 519 -5.58 -21.97 30.44
N ALA E 520 -6.73 -21.31 30.62
CA ALA E 520 -8.00 -22.01 30.52
C ALA E 520 -9.07 -21.02 30.06
N PRO E 521 -10.21 -21.51 29.59
CA PRO E 521 -11.32 -20.62 29.16
C PRO E 521 -11.83 -19.60 30.18
N ALA E 522 -11.60 -19.81 31.48
CA ALA E 522 -12.09 -18.92 32.52
C ALA E 522 -13.62 -18.96 32.63
N THR E 523 -14.13 -19.95 33.37
CA THR E 523 -15.53 -20.33 33.45
C THR E 523 -16.35 -19.62 34.54
N VAL E 524 -15.71 -18.93 35.49
CA VAL E 524 -16.43 -18.26 36.57
C VAL E 524 -16.39 -16.75 36.34
N CYS E 525 -17.57 -16.15 36.20
CA CYS E 525 -17.71 -14.73 35.91
C CYS E 525 -18.85 -14.14 36.72
N GLY E 526 -18.84 -12.82 36.82
CA GLY E 526 -19.88 -12.09 37.52
C GLY E 526 -21.12 -11.90 36.69
N PRO E 527 -22.10 -11.20 37.28
CA PRO E 527 -23.34 -10.93 36.56
C PRO E 527 -23.06 -9.93 35.44
N LYS E 528 -23.89 -9.97 34.40
CA LYS E 528 -23.71 -9.06 33.29
C LYS E 528 -24.69 -7.90 33.34
N LYS E 529 -24.23 -6.76 32.83
CA LYS E 529 -25.04 -5.57 32.71
C LYS E 529 -26.05 -5.72 31.59
N SER E 530 -27.25 -5.15 31.79
CA SER E 530 -28.27 -5.09 30.75
C SER E 530 -29.01 -3.77 30.86
N THR E 531 -29.47 -3.26 29.72
CA THR E 531 -30.22 -2.01 29.65
C THR E 531 -31.52 -2.24 28.91
N ASN E 532 -32.39 -1.23 28.95
CA ASN E 532 -33.66 -1.31 28.25
C ASN E 532 -33.50 -1.34 26.74
N LEU E 533 -34.35 -2.12 26.08
CA LEU E 533 -34.39 -2.23 24.62
C LEU E 533 -35.10 -1.02 24.02
N VAL E 534 -34.48 -0.40 23.00
CA VAL E 534 -35.07 0.74 22.31
C VAL E 534 -35.36 0.39 20.86
N LYS E 535 -36.63 0.49 20.46
CA LYS E 535 -37.08 0.15 19.12
C LYS E 535 -37.33 1.41 18.31
N ASN E 536 -37.24 1.28 16.99
CA ASN E 536 -37.59 2.31 16.03
C ASN E 536 -36.74 3.57 16.18
N LYS E 537 -35.55 3.45 16.77
CA LYS E 537 -34.63 4.58 16.88
C LYS E 537 -33.23 4.09 16.59
N CYS E 538 -32.39 4.99 16.09
CA CYS E 538 -30.99 4.65 15.93
C CYS E 538 -30.32 4.57 17.29
N VAL E 539 -29.70 3.43 17.58
CA VAL E 539 -28.97 3.24 18.81
C VAL E 539 -27.65 2.57 18.46
N ASN E 540 -26.68 2.71 19.35
CA ASN E 540 -25.44 1.96 19.25
C ASN E 540 -25.67 0.72 20.10
N PHE E 541 -25.82 -0.43 19.45
CA PHE E 541 -26.24 -1.63 20.14
C PHE E 541 -25.10 -2.63 20.28
N ASN E 542 -25.24 -3.49 21.28
CA ASN E 542 -24.35 -4.62 21.50
C ASN E 542 -25.19 -5.78 22.02
N PHE E 543 -25.48 -6.75 21.16
CA PHE E 543 -26.25 -7.93 21.54
C PHE E 543 -25.27 -9.09 21.64
N ASN E 544 -24.92 -9.46 22.88
CA ASN E 544 -23.86 -10.43 23.12
C ASN E 544 -22.57 -9.90 22.49
N GLY E 545 -22.18 -10.48 21.36
CA GLY E 545 -20.98 -10.08 20.67
C GLY E 545 -21.23 -9.37 19.36
N LEU E 546 -22.48 -9.04 19.05
CA LEU E 546 -22.85 -8.41 17.79
C LEU E 546 -23.03 -6.91 18.04
N THR E 547 -22.18 -6.10 17.44
CA THR E 547 -22.20 -4.66 17.67
C THR E 547 -22.43 -3.92 16.37
N GLY E 548 -22.94 -2.71 16.49
CA GLY E 548 -23.14 -1.84 15.36
C GLY E 548 -24.12 -0.73 15.70
N THR E 549 -24.46 0.04 14.68
CA THR E 549 -25.37 1.16 14.80
C THR E 549 -26.55 0.95 13.85
N GLY E 550 -27.76 1.16 14.34
CA GLY E 550 -28.91 0.99 13.48
C GLY E 550 -30.21 1.16 14.22
N VAL E 551 -31.29 1.01 13.46
CA VAL E 551 -32.66 1.14 13.94
C VAL E 551 -33.23 -0.27 14.08
N LEU E 552 -33.80 -0.58 15.24
CA LEU E 552 -34.31 -1.90 15.52
C LEU E 552 -35.83 -1.94 15.51
N THR E 553 -36.39 -2.94 14.81
CA THR E 553 -37.82 -3.14 14.70
C THR E 553 -38.13 -4.61 14.92
N GLU E 554 -39.40 -4.92 15.12
CA GLU E 554 -39.82 -6.31 15.27
C GLU E 554 -39.55 -7.09 13.99
N SER E 555 -38.97 -8.28 14.13
CA SER E 555 -38.69 -9.16 13.00
C SER E 555 -39.81 -10.18 12.84
N ASN E 556 -40.03 -10.59 11.58
CA ASN E 556 -40.96 -11.69 11.29
C ASN E 556 -40.24 -12.97 10.89
N LYS E 557 -38.96 -13.08 11.18
CA LYS E 557 -38.19 -14.27 10.87
C LYS E 557 -38.28 -15.27 12.01
N LYS E 558 -38.14 -16.55 11.68
CA LYS E 558 -38.17 -17.62 12.68
C LYS E 558 -36.80 -18.30 12.75
N PHE E 559 -36.12 -18.14 13.87
CA PHE E 559 -34.81 -18.74 14.11
C PHE E 559 -34.96 -20.13 14.71
N LEU E 560 -33.97 -20.97 14.45
CA LEU E 560 -33.92 -22.27 15.09
C LEU E 560 -33.56 -22.08 16.56
N PRO E 561 -33.93 -23.05 17.42
CA PRO E 561 -33.67 -22.90 18.86
C PRO E 561 -32.23 -22.60 19.23
N PHE E 562 -31.30 -22.93 18.34
CA PHE E 562 -29.88 -22.75 18.59
C PHE E 562 -29.26 -21.61 17.78
N GLN E 563 -30.04 -20.88 16.99
CA GLN E 563 -29.48 -19.83 16.16
C GLN E 563 -29.55 -18.50 16.90
N GLN E 564 -28.40 -17.83 17.04
CA GLN E 564 -28.35 -16.59 17.82
C GLN E 564 -28.55 -15.31 17.00
N PHE E 565 -28.15 -15.29 15.73
CA PHE E 565 -28.34 -14.08 14.93
C PHE E 565 -28.44 -14.44 13.46
N GLY E 566 -28.98 -13.51 12.68
CA GLY E 566 -29.12 -13.66 11.24
C GLY E 566 -28.14 -12.79 10.48
N ARG E 567 -27.72 -13.29 9.31
CA ARG E 567 -26.77 -12.62 8.44
C ARG E 567 -27.27 -12.74 7.00
N ASP E 568 -27.13 -11.65 6.24
CA ASP E 568 -27.61 -11.61 4.88
C ASP E 568 -26.56 -12.11 3.89
N ILE E 569 -26.85 -11.97 2.59
CA ILE E 569 -26.01 -12.48 1.52
C ILE E 569 -24.68 -11.76 1.38
N ALA E 570 -24.48 -10.65 2.07
CA ALA E 570 -23.25 -9.87 1.96
C ALA E 570 -22.46 -9.86 3.28
N ASP E 571 -22.69 -10.88 4.11
CA ASP E 571 -22.00 -11.05 5.40
C ASP E 571 -22.29 -9.88 6.34
N THR E 572 -23.47 -9.29 6.21
CA THR E 572 -23.92 -8.19 7.05
C THR E 572 -24.96 -8.75 8.00
N THR E 573 -24.83 -8.43 9.29
CA THR E 573 -25.83 -8.89 10.25
C THR E 573 -27.14 -8.17 9.98
N ASP E 574 -28.22 -8.93 9.83
CA ASP E 574 -29.53 -8.34 9.56
C ASP E 574 -30.60 -8.78 10.52
N ALA E 575 -30.28 -9.59 11.52
CA ALA E 575 -31.25 -9.98 12.53
C ALA E 575 -30.50 -10.47 13.75
N VAL E 576 -31.10 -10.25 14.92
CA VAL E 576 -30.57 -10.78 16.17
C VAL E 576 -31.70 -11.35 17.01
N ARG E 577 -31.37 -12.32 17.84
CA ARG E 577 -32.27 -12.81 18.86
C ARG E 577 -32.02 -11.98 20.11
N ASP E 578 -33.08 -11.50 20.73
CA ASP E 578 -32.90 -10.77 21.97
C ASP E 578 -32.46 -11.73 23.06
N PRO E 579 -31.29 -11.52 23.66
CA PRO E 579 -30.78 -12.43 24.70
C PRO E 579 -31.73 -12.69 25.85
N GLN E 580 -32.64 -11.77 26.15
CA GLN E 580 -33.53 -11.97 27.29
C GLN E 580 -34.85 -12.56 26.82
N THR E 581 -35.77 -11.72 26.40
CA THR E 581 -37.00 -12.20 25.78
C THR E 581 -36.65 -12.73 24.39
N LEU E 582 -37.12 -13.92 24.06
CA LEU E 582 -36.64 -14.53 22.82
C LEU E 582 -37.42 -13.97 21.62
N GLU E 583 -37.25 -12.66 21.46
CA GLU E 583 -37.83 -11.89 20.37
C GLU E 583 -36.80 -11.79 19.27
N ILE E 584 -37.24 -11.86 18.02
CA ILE E 584 -36.35 -11.70 16.89
C ILE E 584 -36.47 -10.26 16.41
N LEU E 585 -35.34 -9.59 16.28
CA LEU E 585 -35.29 -8.20 15.87
C LEU E 585 -34.52 -8.05 14.56
N ASP E 586 -35.07 -7.25 13.66
CA ASP E 586 -34.42 -6.95 12.39
C ASP E 586 -33.54 -5.73 12.61
N ILE E 587 -32.38 -5.70 11.96
CA ILE E 587 -31.49 -4.55 12.06
C ILE E 587 -31.50 -3.81 10.72
N THR E 588 -32.00 -2.61 10.73
CA THR E 588 -32.05 -1.73 9.58
C THR E 588 -31.01 -0.64 9.73
N PRO E 589 -30.11 -0.45 8.76
CA PRO E 589 -29.08 0.58 8.92
C PRO E 589 -29.72 1.95 9.02
N CYS E 590 -29.07 2.84 9.78
CA CYS E 590 -29.61 4.19 9.96
C CYS E 590 -29.65 4.94 8.63
N SER E 591 -30.80 5.56 8.37
CA SER E 591 -31.01 6.24 7.11
C SER E 591 -29.92 7.28 6.86
N PHE E 592 -29.46 7.32 5.62
CA PHE E 592 -28.45 8.28 5.19
C PHE E 592 -28.64 8.51 3.70
N GLY E 593 -28.06 9.58 3.20
CA GLY E 593 -28.08 9.82 1.77
C GLY E 593 -27.56 11.19 1.44
N GLY E 594 -27.34 11.38 0.15
CA GLY E 594 -26.83 12.65 -0.33
C GLY E 594 -27.86 13.75 -0.18
N VAL E 595 -27.38 14.98 0.00
CA VAL E 595 -28.24 16.13 0.08
C VAL E 595 -27.98 17.01 -1.14
N SER E 596 -29.01 17.23 -1.93
CA SER E 596 -28.94 17.99 -3.16
C SER E 596 -29.80 19.23 -2.99
N VAL E 597 -29.36 20.35 -3.54
CA VAL E 597 -30.12 21.58 -3.43
C VAL E 597 -30.77 21.86 -4.78
N ILE E 598 -32.09 21.94 -4.79
CA ILE E 598 -32.83 22.20 -6.01
C ILE E 598 -33.16 23.67 -5.96
N THR E 599 -32.70 24.43 -6.94
CA THR E 599 -32.88 25.86 -6.85
C THR E 599 -32.83 26.48 -8.22
N PRO E 600 -33.58 27.54 -8.45
CA PRO E 600 -33.29 28.35 -9.62
C PRO E 600 -31.99 29.05 -9.28
N GLY E 601 -31.28 29.48 -10.31
CA GLY E 601 -30.00 30.14 -10.10
C GLY E 601 -30.16 31.44 -9.34
N THR E 602 -29.06 31.91 -8.72
CA THR E 602 -29.13 33.17 -7.98
C THR E 602 -29.44 34.29 -8.96
N ASN E 603 -29.39 33.94 -10.22
CA ASN E 603 -29.81 34.76 -11.35
C ASN E 603 -31.32 35.01 -11.39
N THR E 604 -32.14 34.17 -10.76
CA THR E 604 -33.58 34.36 -10.78
C THR E 604 -34.20 34.68 -9.42
N SER E 605 -33.84 33.92 -8.40
CA SER E 605 -34.38 34.00 -7.04
C SER E 605 -33.34 33.36 -6.13
N ASN E 606 -33.26 33.82 -4.88
CA ASN E 606 -32.36 33.23 -3.91
C ASN E 606 -33.07 32.24 -3.00
N GLN E 607 -34.29 31.85 -3.36
CA GLN E 607 -35.03 30.84 -2.61
C GLN E 607 -34.60 29.46 -3.08
N VAL E 608 -34.42 28.52 -2.15
CA VAL E 608 -34.00 27.18 -2.50
C VAL E 608 -34.90 26.13 -1.84
N ALA E 609 -34.85 24.92 -2.41
CA ALA E 609 -35.46 23.73 -1.86
C ALA E 609 -34.38 22.68 -1.67
N VAL E 610 -34.53 21.84 -0.64
CA VAL E 610 -33.53 20.83 -0.32
C VAL E 610 -34.15 19.44 -0.35
N LEU E 611 -33.49 18.52 -1.06
CA LEU E 611 -33.92 17.14 -1.18
C LEU E 611 -33.06 16.21 -0.32
N TYR E 612 -33.70 15.40 0.52
CA TYR E 612 -33.05 14.36 1.31
C TYR E 612 -33.30 12.98 0.70
N GLN E 613 -32.27 12.38 0.10
CA GLN E 613 -32.46 11.18 -0.70
C GLN E 613 -32.79 9.93 0.14
N ASP E 614 -33.88 9.24 -0.23
CA ASP E 614 -34.37 8.00 0.40
C ASP E 614 -34.57 8.11 1.91
N VAL E 615 -35.10 9.23 2.37
CA VAL E 615 -35.36 9.47 3.78
C VAL E 615 -36.80 9.91 4.06
N ASN E 616 -37.30 9.50 5.23
CA ASN E 616 -38.64 9.92 5.68
C ASN E 616 -38.57 11.33 6.26
N CYS E 617 -39.52 12.18 5.91
CA CYS E 617 -39.63 13.55 6.37
C CYS E 617 -39.81 13.61 7.86
N THR E 618 -40.14 12.47 8.48
CA THR E 618 -40.31 12.33 9.92
C THR E 618 -38.97 12.09 10.61
N GLU E 619 -37.92 11.83 9.83
CA GLU E 619 -36.58 11.55 10.30
C GLU E 619 -35.72 12.81 10.28
N VAL E 620 -36.10 13.75 9.43
CA VAL E 620 -35.37 14.98 9.24
C VAL E 620 -35.65 15.90 10.42
N ASN E 641 -44.18 23.32 4.11
CA ASN E 641 -43.97 22.68 2.82
C ASN E 641 -42.96 21.56 2.91
N VAL E 642 -43.43 20.39 3.33
CA VAL E 642 -42.64 19.17 3.40
C VAL E 642 -43.33 18.12 2.53
N PHE E 643 -42.66 17.67 1.48
CA PHE E 643 -43.25 16.73 0.54
C PHE E 643 -42.44 15.45 0.42
N GLN E 644 -43.07 14.33 0.76
CA GLN E 644 -42.45 13.01 0.67
C GLN E 644 -42.69 12.43 -0.72
N THR E 645 -41.61 12.14 -1.44
CA THR E 645 -41.69 11.58 -2.79
C THR E 645 -40.87 10.31 -2.85
N ARG E 646 -40.92 9.65 -4.02
CA ARG E 646 -40.25 8.37 -4.19
C ARG E 646 -38.73 8.54 -4.13
N ALA E 647 -38.23 9.75 -4.35
CA ALA E 647 -36.81 10.00 -4.31
C ALA E 647 -36.29 10.38 -2.93
N GLY E 648 -37.17 10.58 -1.96
CA GLY E 648 -36.73 11.07 -0.68
C GLY E 648 -37.65 12.15 -0.18
N CYS E 649 -37.19 12.88 0.82
CA CYS E 649 -37.97 13.94 1.43
C CYS E 649 -37.56 15.28 0.82
N LEU E 650 -38.52 15.94 0.19
CA LEU E 650 -38.33 17.22 -0.47
C LEU E 650 -38.95 18.29 0.41
N ILE E 651 -38.13 19.24 0.87
CA ILE E 651 -38.60 20.28 1.78
C ILE E 651 -38.42 21.63 1.10
N GLY E 652 -39.48 22.43 1.11
CA GLY E 652 -39.50 23.75 0.55
C GLY E 652 -40.27 23.87 -0.75
N ALA E 653 -40.53 22.77 -1.44
CA ALA E 653 -41.31 22.83 -2.66
C ALA E 653 -42.77 22.53 -2.39
N GLU E 654 -43.66 23.26 -3.06
CA GLU E 654 -45.10 23.05 -2.96
C GLU E 654 -45.56 22.13 -4.10
N HIS E 655 -46.09 20.96 -3.76
CA HIS E 655 -46.55 20.03 -4.79
C HIS E 655 -47.88 20.44 -5.40
N VAL E 656 -47.97 20.35 -6.73
CA VAL E 656 -49.19 20.68 -7.46
C VAL E 656 -49.56 19.57 -8.44
N ASN E 657 -50.85 19.56 -8.82
CA ASN E 657 -51.35 18.60 -9.81
C ASN E 657 -50.98 18.94 -11.25
N ASN E 658 -50.84 20.22 -11.57
CA ASN E 658 -50.59 20.57 -12.97
C ASN E 658 -49.22 20.08 -13.39
N SER E 659 -49.19 19.39 -14.53
CA SER E 659 -47.95 18.92 -15.11
C SER E 659 -47.40 19.94 -16.10
N TYR E 660 -46.09 19.88 -16.29
CA TYR E 660 -45.41 20.77 -17.22
C TYR E 660 -44.23 20.00 -17.82
N GLU E 661 -43.53 20.65 -18.74
CA GLU E 661 -42.32 20.06 -19.28
C GLU E 661 -41.31 19.98 -18.16
N CYS E 662 -40.52 18.91 -18.12
CA CYS E 662 -39.57 18.76 -17.03
C CYS E 662 -38.55 19.88 -17.09
N ASP E 663 -38.31 20.49 -15.92
CA ASP E 663 -37.40 21.61 -15.81
C ASP E 663 -36.17 21.21 -15.01
N ILE E 664 -36.30 21.12 -13.69
CA ILE E 664 -35.21 20.62 -12.86
C ILE E 664 -35.55 19.22 -12.37
N PRO E 665 -34.95 18.18 -12.95
CA PRO E 665 -35.35 16.81 -12.61
C PRO E 665 -34.97 16.43 -11.19
N ILE E 666 -35.88 15.72 -10.53
CA ILE E 666 -35.63 15.16 -9.21
C ILE E 666 -35.44 13.66 -9.27
N GLY E 667 -36.34 12.97 -9.94
CA GLY E 667 -36.29 11.53 -10.07
C GLY E 667 -37.68 10.96 -9.90
N ALA E 668 -37.87 9.76 -10.40
CA ALA E 668 -39.13 9.04 -10.27
C ALA E 668 -40.31 9.85 -10.83
N GLY E 669 -40.09 10.55 -11.94
CA GLY E 669 -41.18 11.28 -12.56
C GLY E 669 -41.45 12.67 -12.06
N ILE E 670 -40.75 13.15 -11.04
CA ILE E 670 -41.01 14.47 -10.48
C ILE E 670 -39.95 15.45 -10.96
N CYS E 671 -40.40 16.62 -11.42
CA CYS E 671 -39.52 17.70 -11.83
C CYS E 671 -39.95 18.97 -11.10
N ALA E 672 -39.00 19.86 -10.86
CA ALA E 672 -39.26 21.14 -10.23
C ALA E 672 -39.11 22.30 -11.21
N SER E 673 -39.80 23.39 -10.90
CA SER E 673 -39.73 24.61 -11.69
C SER E 673 -40.03 25.79 -10.79
N TYR E 674 -39.50 26.96 -11.16
CA TYR E 674 -39.76 28.20 -10.45
C TYR E 674 -40.88 28.93 -11.16
N GLN E 675 -42.01 29.10 -10.47
CA GLN E 675 -43.21 29.64 -11.09
C GLN E 675 -43.76 30.77 -10.21
N THR E 676 -44.51 31.66 -10.85
CA THR E 676 -45.16 32.76 -10.15
C THR E 676 -46.51 32.34 -9.59
N GLN E 690 -43.78 34.17 -6.09
CA GLN E 690 -43.16 33.04 -6.76
C GLN E 690 -42.56 32.05 -5.76
N SER E 691 -42.47 30.78 -6.15
CA SER E 691 -41.95 29.75 -5.29
C SER E 691 -41.50 28.57 -6.14
N ILE E 692 -40.79 27.64 -5.52
CA ILE E 692 -40.40 26.40 -6.15
C ILE E 692 -41.50 25.37 -5.93
N ILE E 693 -41.89 24.69 -7.01
CA ILE E 693 -42.94 23.69 -6.93
C ILE E 693 -42.39 22.35 -7.37
N ALA E 694 -43.11 21.29 -6.97
CA ALA E 694 -42.81 19.93 -7.37
C ALA E 694 -44.06 19.35 -8.02
N TYR E 695 -43.87 18.59 -9.09
CA TYR E 695 -45.00 18.04 -9.81
C TYR E 695 -44.56 16.81 -10.57
N THR E 696 -45.54 16.02 -10.99
CA THR E 696 -45.23 14.91 -11.88
C THR E 696 -45.10 15.51 -13.27
N MET E 697 -43.98 15.23 -13.92
CA MET E 697 -43.70 15.88 -15.20
C MET E 697 -44.63 15.41 -16.30
N SER E 698 -44.98 16.35 -17.18
CA SER E 698 -45.74 16.02 -18.38
C SER E 698 -44.75 15.58 -19.45
N LEU E 699 -45.20 14.68 -20.30
CA LEU E 699 -44.34 14.23 -21.38
C LEU E 699 -44.63 14.93 -22.69
N GLY E 700 -45.56 15.87 -22.70
CA GLY E 700 -45.94 16.57 -23.90
C GLY E 700 -47.45 16.57 -24.05
N ALA E 701 -47.92 17.44 -24.93
CA ALA E 701 -49.36 17.47 -25.14
C ALA E 701 -49.79 16.17 -25.80
N GLU E 702 -50.97 15.71 -25.47
CA GLU E 702 -51.50 14.52 -26.11
C GLU E 702 -52.07 14.91 -27.46
N ASN E 703 -51.94 14.02 -28.42
CA ASN E 703 -52.47 14.25 -29.76
C ASN E 703 -52.98 12.92 -30.31
N SER E 704 -54.26 12.68 -30.11
CA SER E 704 -54.86 11.46 -30.65
C SER E 704 -54.84 11.58 -32.16
N VAL E 705 -54.51 10.49 -32.81
CA VAL E 705 -54.50 10.46 -34.26
C VAL E 705 -55.84 9.95 -34.76
N ALA E 706 -56.41 10.67 -35.72
CA ALA E 706 -57.72 10.36 -36.28
C ALA E 706 -57.59 9.19 -37.24
N TYR E 707 -57.29 8.02 -36.67
CA TYR E 707 -57.12 6.87 -37.53
C TYR E 707 -58.46 6.44 -38.04
N SER E 708 -58.51 6.12 -39.33
CA SER E 708 -59.72 5.56 -39.90
C SER E 708 -59.37 4.75 -41.13
N ASN E 709 -60.34 3.98 -41.56
CA ASN E 709 -60.29 3.07 -42.68
C ASN E 709 -60.38 3.74 -44.04
N ASN E 710 -60.73 5.02 -44.09
CA ASN E 710 -60.87 5.71 -45.36
C ASN E 710 -60.22 7.09 -45.34
N SER E 711 -59.23 7.32 -44.48
CA SER E 711 -58.65 8.66 -44.44
C SER E 711 -57.13 8.72 -44.36
N ILE E 712 -56.54 9.55 -45.21
CA ILE E 712 -55.10 9.74 -45.29
C ILE E 712 -54.86 11.24 -45.19
N ALA E 713 -53.83 11.62 -44.43
CA ALA E 713 -53.44 13.03 -44.30
C ALA E 713 -52.22 13.33 -45.16
N ILE E 714 -52.30 14.39 -45.95
CA ILE E 714 -51.20 14.79 -46.84
C ILE E 714 -50.86 16.26 -46.67
N PRO E 715 -49.60 16.60 -46.44
CA PRO E 715 -49.21 18.01 -46.29
C PRO E 715 -49.45 18.79 -47.57
N THR E 716 -50.07 19.96 -47.44
CA THR E 716 -50.28 20.85 -48.57
C THR E 716 -49.25 21.97 -48.63
N ASN E 717 -48.39 22.05 -47.63
CA ASN E 717 -47.38 23.11 -47.56
C ASN E 717 -46.20 22.57 -46.78
N PHE E 718 -45.09 23.30 -46.83
CA PHE E 718 -43.91 22.83 -46.13
C PHE E 718 -43.06 24.03 -45.74
N THR E 719 -42.13 23.77 -44.82
CA THR E 719 -41.13 24.74 -44.45
C THR E 719 -39.76 24.11 -44.59
N ILE E 720 -38.75 24.95 -44.68
CA ILE E 720 -37.37 24.50 -44.70
C ILE E 720 -36.79 24.81 -43.34
N SER E 721 -36.37 23.78 -42.62
CA SER E 721 -35.89 23.92 -41.27
C SER E 721 -34.38 23.73 -41.24
N VAL E 722 -33.70 24.56 -40.47
CA VAL E 722 -32.27 24.43 -40.25
C VAL E 722 -32.05 24.22 -38.76
N THR E 723 -31.35 23.15 -38.42
CA THR E 723 -31.06 22.81 -37.05
C THR E 723 -29.54 22.74 -36.88
N THR E 724 -29.09 22.89 -35.65
CA THR E 724 -27.66 22.86 -35.36
C THR E 724 -27.32 21.64 -34.51
N GLU E 725 -26.38 20.86 -35.00
CA GLU E 725 -25.86 19.70 -34.28
C GLU E 725 -24.38 19.95 -34.02
N ILE E 726 -23.97 19.87 -32.76
CA ILE E 726 -22.60 20.18 -32.36
C ILE E 726 -21.95 18.91 -31.83
N LEU E 727 -20.78 18.56 -32.40
CA LEU E 727 -20.05 17.40 -31.95
C LEU E 727 -18.61 17.77 -31.60
N PRO E 728 -18.07 17.24 -30.51
CA PRO E 728 -16.64 17.40 -30.25
C PRO E 728 -15.81 16.56 -31.19
N VAL E 729 -14.63 17.06 -31.54
CA VAL E 729 -13.70 16.34 -32.40
C VAL E 729 -12.38 16.04 -31.71
N SER E 730 -11.85 16.97 -30.92
CA SER E 730 -10.53 16.80 -30.34
C SER E 730 -10.48 17.43 -28.95
N MET E 731 -9.36 17.20 -28.27
CA MET E 731 -9.13 17.76 -26.95
C MET E 731 -7.69 18.25 -26.90
N THR E 732 -7.40 19.06 -25.89
CA THR E 732 -6.06 19.62 -25.73
C THR E 732 -5.04 18.49 -25.65
N LYS E 733 -3.99 18.61 -26.46
CA LYS E 733 -2.95 17.58 -26.52
C LYS E 733 -1.97 17.79 -25.38
N THR E 734 -2.38 17.38 -24.19
CA THR E 734 -1.57 17.54 -23.00
C THR E 734 -0.52 16.45 -22.93
N SER E 735 0.72 16.85 -22.61
CA SER E 735 1.83 15.91 -22.46
C SER E 735 2.53 16.20 -21.15
N VAL E 736 2.53 15.21 -20.25
CA VAL E 736 3.10 15.35 -18.91
C VAL E 736 4.34 14.47 -18.83
N ASP E 737 5.47 15.09 -18.46
CA ASP E 737 6.72 14.36 -18.31
C ASP E 737 6.74 13.70 -16.95
N CYS E 738 6.68 12.36 -16.95
CA CYS E 738 6.56 11.60 -15.70
C CYS E 738 7.66 11.94 -14.72
N THR E 739 8.92 11.90 -15.16
CA THR E 739 10.04 12.13 -14.24
C THR E 739 10.01 13.55 -13.69
N MET E 740 9.81 14.54 -14.55
CA MET E 740 9.86 15.91 -14.05
C MET E 740 8.68 16.22 -13.13
N TYR E 741 7.51 15.65 -13.41
CA TYR E 741 6.37 15.88 -12.53
C TYR E 741 6.60 15.27 -11.15
N ILE E 742 7.01 14.01 -11.11
CA ILE E 742 7.20 13.32 -9.83
C ILE E 742 8.46 13.80 -9.13
N CYS E 743 9.56 13.91 -9.86
CA CYS E 743 10.85 14.26 -9.28
C CYS E 743 11.28 15.61 -9.85
N GLY E 744 10.83 16.68 -9.20
CA GLY E 744 11.08 18.01 -9.71
C GLY E 744 12.55 18.40 -9.61
N ASP E 745 13.35 18.00 -10.59
CA ASP E 745 14.76 18.37 -10.67
C ASP E 745 15.51 18.03 -9.38
N SER E 746 15.24 16.85 -8.83
CA SER E 746 15.90 16.39 -7.61
C SER E 746 16.59 15.06 -7.88
N THR E 747 17.90 15.03 -7.62
CA THR E 747 18.69 13.83 -7.91
C THR E 747 18.21 12.64 -7.10
N GLU E 748 17.93 12.86 -5.81
CA GLU E 748 17.56 11.75 -4.94
C GLU E 748 16.27 11.11 -5.40
N CYS E 749 15.28 11.92 -5.79
CA CYS E 749 14.04 11.37 -6.29
C CYS E 749 14.26 10.68 -7.63
N SER E 750 15.02 11.33 -8.53
CA SER E 750 15.23 10.77 -9.87
C SER E 750 15.85 9.38 -9.79
N ASN E 751 16.76 9.18 -8.83
CA ASN E 751 17.36 7.86 -8.69
C ASN E 751 16.38 6.90 -8.06
N LEU E 752 15.63 7.36 -7.06
CA LEU E 752 14.64 6.50 -6.41
C LEU E 752 13.55 6.10 -7.40
N LEU E 753 13.20 7.00 -8.32
CA LEU E 753 12.17 6.73 -9.32
C LEU E 753 12.59 5.61 -10.27
N LEU E 754 13.89 5.29 -10.32
CA LEU E 754 14.37 4.27 -11.23
C LEU E 754 13.96 2.87 -10.80
N GLN E 755 13.53 2.72 -9.55
CA GLN E 755 13.14 1.40 -9.07
C GLN E 755 11.76 0.99 -9.56
N TYR E 756 11.06 1.87 -10.25
CA TYR E 756 9.73 1.60 -10.77
C TYR E 756 9.78 1.19 -12.24
N GLY E 757 10.97 0.98 -12.78
CA GLY E 757 11.12 0.46 -14.13
C GLY E 757 10.57 1.35 -15.22
N SER E 758 9.66 0.79 -16.01
CA SER E 758 9.09 1.48 -17.17
C SER E 758 7.83 2.28 -16.87
N PHE E 759 7.44 2.40 -15.60
CA PHE E 759 6.21 3.12 -15.29
C PHE E 759 6.18 4.49 -15.95
N CYS E 760 7.27 5.25 -15.85
CA CYS E 760 7.26 6.56 -16.52
C CYS E 760 7.20 6.40 -18.03
N THR E 761 7.87 5.38 -18.57
CA THR E 761 7.84 5.18 -20.00
C THR E 761 6.44 4.84 -20.48
N GLN E 762 5.76 3.93 -19.79
CA GLN E 762 4.42 3.54 -20.21
C GLN E 762 3.42 4.69 -20.11
N LEU E 763 3.51 5.50 -19.06
CA LEU E 763 2.60 6.62 -18.94
C LEU E 763 2.89 7.68 -20.01
N ASN E 764 4.17 7.94 -20.29
CA ASN E 764 4.50 8.91 -21.32
C ASN E 764 4.04 8.42 -22.69
N ARG E 765 4.12 7.12 -22.91
CA ARG E 765 3.69 6.53 -24.19
C ARG E 765 2.19 6.71 -24.38
N ALA E 766 1.40 6.49 -23.33
CA ALA E 766 -0.05 6.61 -23.46
C ALA E 766 -0.46 8.02 -23.86
N LEU E 767 0.17 9.04 -23.27
CA LEU E 767 -0.20 10.40 -23.65
C LEU E 767 0.24 10.71 -25.06
N THR E 768 1.39 10.18 -25.49
CA THR E 768 1.79 10.41 -26.86
C THR E 768 0.78 9.77 -27.80
N GLY E 769 0.36 8.54 -27.49
CA GLY E 769 -0.61 7.87 -28.33
C GLY E 769 -1.89 8.69 -28.46
N ILE E 770 -2.34 9.27 -27.36
CA ILE E 770 -3.53 10.12 -27.40
C ILE E 770 -3.24 11.35 -28.26
N ALA E 771 -2.10 12.00 -28.01
CA ALA E 771 -1.78 13.22 -28.74
C ALA E 771 -1.76 12.96 -30.24
N VAL E 772 -1.22 11.82 -30.66
CA VAL E 772 -1.22 11.51 -32.08
C VAL E 772 -2.65 11.29 -32.56
N GLU E 773 -3.43 10.53 -31.78
CA GLU E 773 -4.81 10.26 -32.15
C GLU E 773 -5.60 11.55 -32.33
N GLN E 774 -5.30 12.58 -31.54
CA GLN E 774 -6.05 13.83 -31.66
C GLN E 774 -5.88 14.45 -33.02
N ASP E 775 -4.71 14.26 -33.65
CA ASP E 775 -4.53 14.80 -34.98
C ASP E 775 -5.17 13.90 -36.01
N LYS E 776 -5.16 12.59 -35.75
CA LYS E 776 -5.82 11.65 -36.64
C LYS E 776 -7.31 11.95 -36.70
N ASN E 777 -7.92 12.23 -35.53
CA ASN E 777 -9.35 12.52 -35.52
C ASN E 777 -9.66 13.74 -36.33
N THR E 778 -8.85 14.79 -36.20
CA THR E 778 -9.12 16.01 -36.94
C THR E 778 -9.02 15.78 -38.45
N GLN E 779 -8.00 15.06 -38.90
CA GLN E 779 -7.89 14.81 -40.33
C GLN E 779 -9.03 13.94 -40.83
N GLU E 780 -9.39 12.91 -40.06
CA GLU E 780 -10.48 12.03 -40.47
C GLU E 780 -11.80 12.78 -40.58
N VAL E 781 -12.05 13.74 -39.69
CA VAL E 781 -13.30 14.47 -39.73
C VAL E 781 -13.30 15.52 -40.85
N PHE E 782 -12.22 16.28 -40.99
CA PHE E 782 -12.22 17.39 -41.95
C PHE E 782 -11.53 17.10 -43.27
N ALA E 783 -10.47 16.30 -43.28
CA ALA E 783 -9.66 16.11 -44.49
C ALA E 783 -10.17 15.01 -45.42
N GLN E 784 -11.38 15.19 -45.94
CA GLN E 784 -11.94 14.22 -46.87
C GLN E 784 -11.88 14.71 -48.30
N VAL E 785 -11.29 15.88 -48.54
CA VAL E 785 -11.22 16.47 -49.87
C VAL E 785 -9.75 16.66 -50.24
N LYS E 786 -9.39 16.23 -51.44
CA LYS E 786 -8.02 16.28 -51.92
C LYS E 786 -7.70 17.58 -52.64
N GLN E 787 -8.70 18.43 -52.85
CA GLN E 787 -8.51 19.70 -53.52
C GLN E 787 -9.17 20.80 -52.68
N ILE E 788 -8.64 22.01 -52.80
CA ILE E 788 -9.20 23.17 -52.12
C ILE E 788 -10.07 23.92 -53.12
N TYR E 789 -11.38 23.84 -52.92
CA TYR E 789 -12.36 24.44 -53.79
C TYR E 789 -12.66 25.87 -53.35
N LYS E 790 -13.04 26.71 -54.31
CA LYS E 790 -13.40 28.08 -54.01
C LYS E 790 -14.69 28.47 -54.72
N THR E 791 -15.46 29.33 -54.07
CA THR E 791 -16.68 29.86 -54.65
C THR E 791 -16.36 30.90 -55.72
N PRO E 792 -17.28 31.14 -56.65
CA PRO E 792 -17.06 32.18 -57.65
C PRO E 792 -17.14 33.57 -57.05
N PRO E 793 -16.52 34.56 -57.69
CA PRO E 793 -16.73 35.97 -57.31
C PRO E 793 -18.17 36.44 -57.30
N ILE E 794 -19.04 35.90 -58.15
CA ILE E 794 -20.44 36.32 -58.21
C ILE E 794 -21.32 35.28 -57.54
N LYS E 795 -21.86 35.64 -56.38
CA LYS E 795 -22.63 34.71 -55.55
C LYS E 795 -24.08 34.69 -56.04
N ASP E 796 -24.26 34.17 -57.25
CA ASP E 796 -25.58 34.07 -57.85
C ASP E 796 -26.00 32.60 -57.80
N PHE E 797 -26.81 32.26 -56.80
CA PHE E 797 -27.23 30.88 -56.59
C PHE E 797 -28.73 30.70 -56.77
N GLY E 798 -29.37 31.59 -57.51
CA GLY E 798 -30.79 31.46 -57.77
C GLY E 798 -31.65 31.91 -56.61
N GLY E 799 -31.12 32.81 -55.78
CA GLY E 799 -31.84 33.34 -54.63
C GLY E 799 -31.41 32.76 -53.30
N PHE E 800 -30.56 31.73 -53.30
CA PHE E 800 -30.09 31.17 -52.04
C PHE E 800 -28.90 31.96 -51.55
N ASN E 801 -29.05 32.58 -50.40
CA ASN E 801 -28.03 33.46 -49.83
C ASN E 801 -27.19 32.66 -48.84
N PHE E 802 -25.91 32.47 -49.16
CA PHE E 802 -24.98 31.70 -48.34
C PHE E 802 -23.94 32.59 -47.67
N SER E 803 -24.20 33.90 -47.60
CA SER E 803 -23.21 34.83 -47.08
C SER E 803 -22.85 34.59 -45.63
N GLN E 804 -23.68 33.88 -44.86
CA GLN E 804 -23.37 33.71 -43.46
C GLN E 804 -22.56 32.44 -43.18
N ILE E 805 -22.40 31.57 -44.18
CA ILE E 805 -21.65 30.35 -43.99
C ILE E 805 -20.34 30.33 -44.76
N LEU E 806 -20.22 31.13 -45.81
CA LEU E 806 -19.00 31.24 -46.57
C LEU E 806 -18.08 32.28 -45.94
N PRO E 807 -16.77 32.11 -46.07
CA PRO E 807 -15.85 33.11 -45.53
C PRO E 807 -15.96 34.41 -46.29
N ASP E 808 -15.74 35.51 -45.58
CA ASP E 808 -15.75 36.84 -46.16
C ASP E 808 -14.34 37.43 -46.18
N PRO E 809 -14.10 38.43 -47.03
CA PRO E 809 -12.82 39.13 -47.04
C PRO E 809 -12.70 40.26 -46.04
N SER E 810 -13.64 40.43 -45.12
CA SER E 810 -13.60 41.52 -44.16
C SER E 810 -12.80 41.18 -42.91
N LYS E 811 -12.91 39.95 -42.41
CA LYS E 811 -12.19 39.51 -41.23
C LYS E 811 -10.81 38.96 -41.59
N PRO E 812 -9.79 39.27 -40.78
CA PRO E 812 -8.43 38.75 -41.05
C PRO E 812 -8.33 37.25 -40.89
N SER E 813 -9.27 36.62 -40.21
CA SER E 813 -9.28 35.18 -39.96
C SER E 813 -9.81 34.40 -41.15
N LYS E 814 -10.38 35.09 -42.14
CA LYS E 814 -10.97 34.48 -43.33
C LYS E 814 -12.00 33.44 -42.92
N ARG E 815 -12.84 33.80 -41.96
CA ARG E 815 -13.89 32.92 -41.50
C ARG E 815 -15.26 33.48 -41.84
N SER E 816 -16.26 32.62 -41.81
CA SER E 816 -17.61 33.07 -42.10
C SER E 816 -18.24 33.77 -40.91
N PRO E 817 -19.26 34.58 -41.15
CA PRO E 817 -20.07 35.12 -40.04
C PRO E 817 -20.57 34.11 -39.00
N ILE E 818 -21.16 32.99 -39.43
CA ILE E 818 -21.64 32.02 -38.44
C ILE E 818 -20.50 31.40 -37.65
N GLU E 819 -19.42 30.99 -38.33
CA GLU E 819 -18.30 30.42 -37.59
C GLU E 819 -17.71 31.45 -36.64
N ASP E 820 -17.67 32.72 -37.05
CA ASP E 820 -17.14 33.77 -36.19
C ASP E 820 -17.87 33.75 -34.85
N LEU E 821 -19.19 33.56 -34.88
CA LEU E 821 -19.93 33.49 -33.63
C LEU E 821 -19.53 32.24 -32.86
N LEU E 822 -19.37 31.11 -33.55
CA LEU E 822 -19.03 29.87 -32.85
C LEU E 822 -17.67 30.01 -32.18
N PHE E 823 -16.74 30.71 -32.84
CA PHE E 823 -15.43 30.91 -32.26
C PHE E 823 -15.46 31.94 -31.14
N ASN E 824 -16.18 33.04 -31.36
CA ASN E 824 -16.24 34.13 -30.38
C ASN E 824 -16.98 33.73 -29.11
N LYS E 825 -17.90 32.77 -29.20
CA LYS E 825 -18.72 32.38 -28.06
C LYS E 825 -18.11 31.23 -27.25
N VAL E 826 -16.90 30.82 -27.56
CA VAL E 826 -16.24 29.77 -26.77
C VAL E 826 -15.10 30.36 -25.96
N ASN E 856 5.60 22.86 -13.86
CA ASN E 856 4.96 21.69 -13.25
C ASN E 856 5.26 20.43 -14.05
N GLY E 857 5.99 20.59 -15.15
CA GLY E 857 6.41 19.49 -15.99
C GLY E 857 5.43 19.04 -17.05
N LEU E 858 4.37 19.79 -17.32
CA LEU E 858 3.40 19.41 -18.34
C LEU E 858 3.41 20.49 -19.41
N THR E 859 3.09 20.09 -20.64
CA THR E 859 3.03 20.99 -21.78
C THR E 859 1.76 20.71 -22.57
N VAL E 860 1.44 21.63 -23.46
CA VAL E 860 0.32 21.47 -24.39
C VAL E 860 0.88 21.55 -25.80
N LEU E 861 0.62 20.53 -26.59
CA LEU E 861 1.20 20.57 -27.92
C LEU E 861 0.22 21.26 -28.87
N PRO E 862 0.70 22.03 -29.83
CA PRO E 862 -0.22 22.64 -30.79
C PRO E 862 -0.75 21.60 -31.74
N PRO E 863 -1.94 21.81 -32.30
CA PRO E 863 -2.45 20.89 -33.31
C PRO E 863 -1.66 21.04 -34.61
N LEU E 864 -1.66 19.96 -35.39
CA LEU E 864 -1.05 20.03 -36.71
C LEU E 864 -1.82 20.96 -37.62
N LEU E 865 -3.14 20.91 -37.57
CA LEU E 865 -3.95 21.77 -38.41
C LEU E 865 -4.37 22.96 -37.55
N THR E 866 -3.93 24.14 -37.94
CA THR E 866 -4.23 25.34 -37.17
C THR E 866 -5.65 25.81 -37.44
N ASP E 867 -6.12 26.73 -36.59
CA ASP E 867 -7.47 27.24 -36.76
C ASP E 867 -7.65 27.80 -38.16
N GLU E 868 -6.60 28.45 -38.69
CA GLU E 868 -6.65 28.97 -40.04
C GLU E 868 -6.79 27.84 -41.04
N MET E 869 -6.15 26.70 -40.74
CA MET E 869 -6.19 25.57 -41.65
C MET E 869 -7.49 24.81 -41.52
N ILE E 870 -8.08 24.78 -40.32
CA ILE E 870 -9.37 24.12 -40.18
C ILE E 870 -10.40 24.92 -40.95
N ALA E 871 -10.33 26.25 -40.82
CA ALA E 871 -11.25 27.09 -41.57
C ALA E 871 -11.06 26.89 -43.07
N GLN E 872 -9.81 26.71 -43.51
CA GLN E 872 -9.57 26.45 -44.92
C GLN E 872 -10.14 25.11 -45.35
N TYR E 873 -10.04 24.08 -44.50
CA TYR E 873 -10.67 22.81 -44.85
C TYR E 873 -12.17 22.97 -44.92
N THR E 874 -12.75 23.68 -43.96
CA THR E 874 -14.19 23.85 -43.98
C THR E 874 -14.60 24.73 -45.14
N SER E 875 -13.74 25.68 -45.52
CA SER E 875 -14.04 26.50 -46.69
C SER E 875 -14.09 25.61 -47.92
N ALA E 876 -13.13 24.71 -48.05
CA ALA E 876 -13.11 23.79 -49.18
C ALA E 876 -14.34 22.90 -49.18
N LEU E 877 -14.76 22.44 -48.00
CA LEU E 877 -15.93 21.58 -47.92
C LEU E 877 -17.20 22.32 -48.32
N LEU E 878 -17.32 23.59 -47.93
CA LEU E 878 -18.49 24.38 -48.32
C LEU E 878 -18.50 24.68 -49.80
N ALA E 879 -17.34 25.02 -50.37
CA ALA E 879 -17.34 25.33 -51.79
C ALA E 879 -17.77 24.15 -52.64
N GLY E 880 -17.33 22.94 -52.30
CA GLY E 880 -17.75 21.77 -53.06
C GLY E 880 -19.24 21.50 -52.94
N THR E 881 -19.75 21.43 -51.71
CA THR E 881 -21.15 21.12 -51.49
C THR E 881 -22.07 22.14 -52.17
N ILE E 882 -21.71 23.42 -52.11
CA ILE E 882 -22.56 24.46 -52.69
C ILE E 882 -22.49 24.42 -54.21
N THR E 883 -21.30 24.28 -54.78
CA THR E 883 -21.15 24.37 -56.22
C THR E 883 -21.21 23.03 -56.94
N SER E 884 -21.02 21.90 -56.25
CA SER E 884 -21.03 20.62 -56.93
C SER E 884 -21.85 19.53 -56.24
N GLY E 885 -22.60 19.87 -55.20
CA GLY E 885 -23.41 18.86 -54.54
C GLY E 885 -22.58 17.72 -53.98
N TRP E 886 -23.01 16.49 -54.28
CA TRP E 886 -22.30 15.31 -53.79
C TRP E 886 -21.25 14.77 -54.75
N THR E 887 -21.11 15.35 -55.94
CA THR E 887 -20.24 14.74 -56.93
C THR E 887 -18.77 14.85 -56.56
N PHE E 888 -18.38 15.89 -55.82
CA PHE E 888 -16.98 16.05 -55.46
C PHE E 888 -16.54 15.05 -54.40
N GLY E 889 -17.47 14.55 -53.60
CA GLY E 889 -17.11 13.58 -52.58
C GLY E 889 -16.71 12.25 -53.19
N ALA E 890 -17.39 11.82 -54.25
CA ALA E 890 -17.16 10.53 -54.88
C ALA E 890 -16.10 10.58 -55.97
N GLY E 891 -15.49 11.73 -56.26
CA GLY E 891 -14.52 11.82 -57.32
C GLY E 891 -14.32 13.24 -57.81
N PRO E 892 -14.43 13.45 -59.12
CA PRO E 892 -14.23 14.79 -59.67
C PRO E 892 -15.41 15.69 -59.32
N ALA E 893 -15.11 16.98 -59.14
CA ALA E 893 -16.13 17.97 -58.85
C ALA E 893 -16.79 18.41 -60.15
N LEU E 894 -18.09 18.16 -60.26
CA LEU E 894 -18.89 18.49 -61.44
C LEU E 894 -19.78 19.67 -61.11
N GLN E 895 -19.57 20.78 -61.79
CA GLN E 895 -20.35 21.97 -61.46
C GLN E 895 -21.82 21.73 -61.76
N ILE E 896 -22.69 22.30 -60.93
CA ILE E 896 -24.13 22.28 -61.20
C ILE E 896 -24.74 23.54 -60.63
N PRO E 897 -25.67 24.18 -61.34
CA PRO E 897 -26.41 25.31 -60.75
C PRO E 897 -27.10 24.86 -59.47
N PHE E 898 -27.05 25.72 -58.46
CA PHE E 898 -27.62 25.34 -57.17
C PHE E 898 -29.10 24.99 -57.21
N PRO E 899 -29.99 25.76 -57.85
CA PRO E 899 -31.41 25.36 -57.87
C PRO E 899 -31.67 23.94 -58.35
N MET E 900 -30.91 23.43 -59.31
CA MET E 900 -31.12 22.05 -59.76
C MET E 900 -30.57 21.07 -58.74
N GLN E 901 -29.45 21.41 -58.10
CA GLN E 901 -28.93 20.54 -57.07
C GLN E 901 -29.99 20.30 -56.01
N MET E 902 -30.72 21.36 -55.63
CA MET E 902 -31.79 21.18 -54.67
C MET E 902 -32.88 20.30 -55.26
N ALA E 903 -33.16 20.44 -56.57
CA ALA E 903 -34.18 19.62 -57.19
C ALA E 903 -33.85 18.14 -57.03
N TYR E 904 -32.57 17.79 -57.14
CA TYR E 904 -32.20 16.39 -57.00
C TYR E 904 -32.37 15.96 -55.56
N ARG E 905 -32.03 16.85 -54.64
CA ARG E 905 -32.16 16.56 -53.22
C ARG E 905 -33.63 16.44 -52.84
N PHE E 906 -34.49 17.23 -53.49
CA PHE E 906 -35.93 17.08 -53.27
C PHE E 906 -36.41 15.77 -53.86
N ASN E 907 -35.94 15.43 -55.06
CA ASN E 907 -36.35 14.17 -55.68
C ASN E 907 -35.98 13.00 -54.80
N GLY E 908 -34.82 13.09 -54.12
CA GLY E 908 -34.32 12.05 -53.27
C GLY E 908 -35.17 11.76 -52.04
N ILE E 909 -36.11 12.63 -51.69
CA ILE E 909 -36.96 12.40 -50.53
C ILE E 909 -38.42 12.19 -50.93
N GLY E 910 -38.69 11.89 -52.19
CA GLY E 910 -40.04 11.59 -52.62
C GLY E 910 -40.88 12.78 -53.01
N VAL E 911 -40.28 13.93 -53.30
CA VAL E 911 -40.99 15.12 -53.73
C VAL E 911 -40.51 15.46 -55.13
N THR E 912 -41.43 15.47 -56.09
CA THR E 912 -41.04 15.65 -57.46
C THR E 912 -40.42 17.03 -57.66
N GLN E 913 -39.49 17.12 -58.61
CA GLN E 913 -38.70 18.32 -58.77
C GLN E 913 -39.51 19.55 -59.17
N ASN E 914 -40.73 19.36 -59.69
CA ASN E 914 -41.50 20.54 -60.06
C ASN E 914 -41.93 21.35 -58.85
N VAL E 915 -41.96 20.73 -57.67
CA VAL E 915 -42.39 21.46 -56.48
C VAL E 915 -41.39 22.57 -56.15
N LEU E 916 -40.10 22.26 -56.24
CA LEU E 916 -39.07 23.26 -55.97
C LEU E 916 -39.14 24.44 -56.92
N TYR E 917 -39.23 24.17 -58.22
CA TYR E 917 -39.18 25.26 -59.18
C TYR E 917 -40.40 26.17 -59.05
N GLU E 918 -41.57 25.58 -58.84
CA GLU E 918 -42.78 26.39 -58.72
C GLU E 918 -42.72 27.26 -57.47
N ASN E 919 -42.09 26.77 -56.41
CA ASN E 919 -41.96 27.50 -55.16
C ASN E 919 -40.55 27.98 -54.90
N GLN E 920 -39.74 28.15 -55.95
CA GLN E 920 -38.34 28.52 -55.75
C GLN E 920 -38.18 29.80 -54.94
N LYS E 921 -39.03 30.80 -55.20
CA LYS E 921 -38.89 32.05 -54.46
C LYS E 921 -39.22 31.86 -52.99
N LEU E 922 -40.27 31.08 -52.69
CA LEU E 922 -40.64 30.84 -51.31
C LEU E 922 -39.57 30.03 -50.58
N ILE E 923 -39.07 29.00 -51.25
CA ILE E 923 -38.08 28.12 -50.64
C ILE E 923 -36.80 28.88 -50.35
N ALA E 924 -36.35 29.70 -51.32
CA ALA E 924 -35.15 30.48 -51.10
C ALA E 924 -35.33 31.45 -49.95
N ASN E 925 -36.52 32.06 -49.84
CA ASN E 925 -36.74 32.99 -48.74
C ASN E 925 -36.79 32.27 -47.40
N GLN E 926 -37.42 31.10 -47.37
CA GLN E 926 -37.47 30.34 -46.12
C GLN E 926 -36.08 29.90 -45.70
N PHE E 927 -35.26 29.48 -46.67
CA PHE E 927 -33.91 29.07 -46.35
C PHE E 927 -33.12 30.24 -45.79
N ASN E 928 -33.18 31.39 -46.46
CA ASN E 928 -32.40 32.55 -46.04
C ASN E 928 -32.84 33.01 -44.66
N SER E 929 -34.15 32.97 -44.39
CA SER E 929 -34.62 33.36 -43.07
C SER E 929 -34.16 32.35 -42.03
N ALA E 930 -34.19 31.07 -42.37
CA ALA E 930 -33.77 30.04 -41.44
C ALA E 930 -32.30 30.22 -41.07
N ILE E 931 -31.47 30.59 -42.04
CA ILE E 931 -30.06 30.80 -41.75
C ILE E 931 -29.89 31.98 -40.80
N GLY E 932 -30.63 33.07 -41.05
CA GLY E 932 -30.54 34.22 -40.17
C GLY E 932 -30.93 33.88 -38.74
N LYS E 933 -31.94 33.02 -38.59
CA LYS E 933 -32.36 32.60 -37.26
C LYS E 933 -31.24 31.87 -36.52
N ILE E 934 -30.41 31.11 -37.23
CA ILE E 934 -29.35 30.34 -36.59
C ILE E 934 -28.36 31.26 -35.90
N GLN E 935 -27.93 32.35 -36.56
CA GLN E 935 -26.96 33.23 -35.92
C GLN E 935 -27.51 33.81 -34.64
N ASP E 936 -28.78 34.22 -34.64
CA ASP E 936 -29.38 34.79 -33.44
C ASP E 936 -29.58 33.72 -32.37
N SER E 937 -29.95 32.51 -32.79
CA SER E 937 -30.19 31.45 -31.82
C SER E 937 -28.93 31.10 -31.05
N LEU E 938 -27.79 30.96 -31.75
CA LEU E 938 -26.56 30.62 -31.07
C LEU E 938 -26.13 31.75 -30.15
N SER E 939 -26.28 33.00 -30.61
CA SER E 939 -25.91 34.16 -29.80
C SER E 939 -26.81 34.29 -28.57
N SER E 940 -28.12 34.12 -28.78
CA SER E 940 -29.09 34.31 -27.70
C SER E 940 -28.96 33.24 -26.62
N THR E 941 -28.78 31.98 -27.00
CA THR E 941 -28.77 30.93 -26.00
C THR E 941 -27.34 30.53 -25.64
N PRO E 942 -26.88 30.85 -24.43
CA PRO E 942 -25.48 30.59 -24.05
C PRO E 942 -25.16 29.11 -23.92
N SER E 943 -26.15 28.25 -23.77
CA SER E 943 -25.98 26.81 -23.59
C SER E 943 -25.96 26.06 -24.90
N ALA E 944 -26.14 26.77 -26.03
CA ALA E 944 -26.23 26.12 -27.33
C ALA E 944 -24.98 25.31 -27.65
N LEU E 945 -23.82 25.75 -27.16
CA LEU E 945 -22.55 25.08 -27.42
C LEU E 945 -22.03 24.35 -26.19
N GLY E 946 -22.94 23.95 -25.30
CA GLY E 946 -22.54 23.30 -24.07
C GLY E 946 -21.66 22.07 -24.26
N LYS E 947 -21.88 21.33 -25.35
CA LYS E 947 -21.09 20.13 -25.58
C LYS E 947 -19.61 20.45 -25.75
N LEU E 948 -19.30 21.58 -26.41
CA LEU E 948 -17.90 21.87 -26.63
C LEU E 948 -17.27 22.45 -25.37
N GLN E 949 -18.04 23.27 -24.65
CA GLN E 949 -17.52 23.85 -23.42
C GLN E 949 -17.29 22.76 -22.38
N ASP E 950 -18.16 21.75 -22.37
CA ASP E 950 -18.02 20.66 -21.41
C ASP E 950 -16.73 19.88 -21.65
N VAL E 951 -16.37 19.66 -22.91
CA VAL E 951 -15.13 18.95 -23.19
C VAL E 951 -13.94 19.75 -22.68
N VAL E 952 -13.95 21.06 -22.92
CA VAL E 952 -12.87 21.91 -22.43
C VAL E 952 -12.84 21.88 -20.91
N ASN E 953 -14.02 21.97 -20.30
CA ASN E 953 -14.10 21.99 -18.84
C ASN E 953 -13.62 20.69 -18.23
N GLN E 954 -13.96 19.56 -18.86
CA GLN E 954 -13.52 18.29 -18.30
C GLN E 954 -12.00 18.17 -18.35
N ASN E 955 -11.40 18.64 -19.44
CA ASN E 955 -9.95 18.56 -19.55
C ASN E 955 -9.29 19.59 -18.64
N ALA E 956 -9.90 20.76 -18.49
CA ALA E 956 -9.36 21.78 -17.60
C ALA E 956 -9.36 21.30 -16.15
N GLN E 957 -10.42 20.63 -15.73
CA GLN E 957 -10.48 20.13 -14.37
C GLN E 957 -9.43 19.05 -14.15
N ALA E 958 -9.22 18.20 -15.15
CA ALA E 958 -8.22 17.14 -15.00
C ALA E 958 -6.83 17.71 -14.74
N LEU E 959 -6.49 18.80 -15.42
CA LEU E 959 -5.16 19.37 -15.21
C LEU E 959 -5.08 20.10 -13.88
N ASN E 960 -6.13 20.83 -13.50
CA ASN E 960 -6.07 21.54 -12.23
C ASN E 960 -6.07 20.56 -11.07
N THR E 961 -6.78 19.44 -11.23
CA THR E 961 -6.78 18.42 -10.20
C THR E 961 -5.41 17.79 -10.06
N LEU E 962 -4.76 17.51 -11.18
CA LEU E 962 -3.42 16.91 -11.16
C LEU E 962 -2.46 17.76 -10.37
N VAL E 963 -2.53 19.08 -10.56
CA VAL E 963 -1.67 19.99 -9.82
C VAL E 963 -1.97 19.93 -8.34
N LYS E 964 -3.26 19.87 -7.96
CA LYS E 964 -3.60 19.80 -6.54
C LYS E 964 -2.97 18.60 -5.86
N GLN E 965 -2.88 17.46 -6.54
CA GLN E 965 -2.23 16.31 -5.90
C GLN E 965 -0.73 16.55 -5.75
N LEU E 966 -0.14 17.32 -6.67
CA LEU E 966 1.28 17.61 -6.55
C LEU E 966 1.59 18.29 -5.22
N SER E 967 0.67 19.10 -4.73
CA SER E 967 0.88 19.83 -3.49
C SER E 967 0.48 19.02 -2.26
N SER E 968 -0.02 17.80 -2.42
CA SER E 968 -0.43 17.02 -1.26
C SER E 968 0.75 16.26 -0.67
N ASN E 969 0.56 15.82 0.58
CA ASN E 969 1.58 15.10 1.34
C ASN E 969 1.52 13.58 1.17
N PHE E 970 0.31 13.03 1.01
CA PHE E 970 0.13 11.57 0.90
C PHE E 970 0.72 10.82 2.08
N GLY E 971 0.67 11.42 3.26
CA GLY E 971 1.20 10.83 4.46
C GLY E 971 2.61 11.25 4.82
N ALA E 972 3.28 11.98 3.93
CA ALA E 972 4.63 12.44 4.19
C ALA E 972 4.62 13.57 5.21
N ILE E 973 5.77 13.73 5.88
CA ILE E 973 5.93 14.81 6.84
C ILE E 973 5.79 16.16 6.14
N SER E 974 6.05 16.23 4.83
CA SER E 974 5.91 17.49 4.12
C SER E 974 5.70 17.22 2.65
N SER E 975 4.86 18.05 2.02
CA SER E 975 4.55 18.02 0.60
C SER E 975 5.65 18.55 -0.30
N VAL E 976 6.67 19.22 0.22
CA VAL E 976 7.72 19.81 -0.61
C VAL E 976 8.95 18.92 -0.60
N LEU E 977 9.34 18.46 -1.78
CA LEU E 977 10.46 17.53 -1.92
C LEU E 977 11.77 18.17 -1.46
N ASN E 978 11.95 19.46 -1.74
CA ASN E 978 13.19 20.13 -1.33
C ASN E 978 13.27 20.22 0.18
N ASP E 979 12.11 20.34 0.84
CA ASP E 979 12.10 20.43 2.30
C ASP E 979 12.40 19.08 2.91
N ILE E 980 11.96 18.00 2.28
CA ILE E 980 12.25 16.66 2.78
C ILE E 980 13.75 16.40 2.76
N LEU E 981 14.41 16.73 1.65
CA LEU E 981 15.84 16.51 1.56
C LEU E 981 16.59 17.37 2.57
N SER E 982 16.12 18.60 2.77
CA SER E 982 16.76 19.49 3.75
C SER E 982 16.51 19.02 5.18
N ARG E 983 15.27 18.65 5.50
CA ARG E 983 14.94 18.32 6.89
C ARG E 983 15.41 16.92 7.30
N LEU E 984 15.35 15.93 6.40
CA LEU E 984 15.67 14.57 6.79
C LEU E 984 16.94 14.07 6.12
N ASP E 985 17.76 13.37 6.91
CA ASP E 985 18.93 12.69 6.41
C ASP E 985 18.54 11.56 5.44
N PRO E 986 19.39 11.25 4.47
CA PRO E 986 19.09 10.19 3.49
C PRO E 986 18.47 8.94 4.11
N PRO E 987 18.96 8.44 5.26
CA PRO E 987 18.34 7.25 5.84
C PRO E 987 16.88 7.44 6.21
N GLU E 988 16.44 8.69 6.37
CA GLU E 988 15.07 9.01 6.70
C GLU E 988 14.32 9.62 5.53
N ALA E 989 15.02 10.41 4.70
CA ALA E 989 14.37 11.06 3.57
C ALA E 989 13.86 10.01 2.58
N GLU E 990 14.61 8.92 2.41
CA GLU E 990 14.22 7.87 1.47
C GLU E 990 12.80 7.38 1.75
N VAL E 991 12.43 7.24 3.02
CA VAL E 991 11.09 6.76 3.32
C VAL E 991 10.06 7.81 2.94
N GLN E 992 10.32 9.07 3.30
CA GLN E 992 9.37 10.14 3.00
C GLN E 992 9.27 10.42 1.50
N ILE E 993 10.37 10.27 0.77
CA ILE E 993 10.33 10.48 -0.67
C ILE E 993 9.53 9.39 -1.35
N ASP E 994 9.71 8.14 -0.91
CA ASP E 994 8.98 7.02 -1.49
C ASP E 994 7.48 7.24 -1.38
N ARG E 995 7.02 7.84 -0.27
CA ARG E 995 5.60 8.11 -0.14
C ARG E 995 5.12 9.12 -1.19
N LEU E 996 5.91 10.16 -1.47
CA LEU E 996 5.50 11.09 -2.51
C LEU E 996 5.52 10.43 -3.87
N ILE E 997 6.50 9.56 -4.13
CA ILE E 997 6.55 8.90 -5.42
C ILE E 997 5.35 7.99 -5.60
N THR E 998 5.04 7.19 -4.58
CA THR E 998 3.89 6.30 -4.72
C THR E 998 2.61 7.09 -4.90
N GLY E 999 2.42 8.14 -4.10
CA GLY E 999 1.22 8.95 -4.21
C GLY E 999 1.10 9.64 -5.55
N ARG E 1000 2.19 10.30 -5.97
CA ARG E 1000 2.15 11.05 -7.23
C ARG E 1000 2.07 10.12 -8.43
N LEU E 1001 2.73 8.95 -8.38
CA LEU E 1001 2.62 8.04 -9.51
C LEU E 1001 1.20 7.48 -9.62
N GLN E 1002 0.62 7.10 -8.48
CA GLN E 1002 -0.76 6.61 -8.51
C GLN E 1002 -1.68 7.72 -8.98
N SER E 1003 -1.43 8.95 -8.54
CA SER E 1003 -2.23 10.09 -8.97
C SER E 1003 -2.08 10.32 -10.46
N LEU E 1004 -0.85 10.25 -10.97
CA LEU E 1004 -0.63 10.45 -12.39
C LEU E 1004 -1.26 9.34 -13.22
N GLN E 1005 -1.19 8.10 -12.73
CA GLN E 1005 -1.80 7.00 -13.45
C GLN E 1005 -3.31 7.19 -13.54
N THR E 1006 -3.92 7.69 -12.46
CA THR E 1006 -5.36 7.93 -12.50
C THR E 1006 -5.68 8.98 -13.55
N TYR E 1007 -4.90 10.06 -13.60
CA TYR E 1007 -5.11 11.08 -14.62
C TYR E 1007 -5.01 10.47 -16.01
N VAL E 1008 -3.96 9.68 -16.25
CA VAL E 1008 -3.75 9.10 -17.57
C VAL E 1008 -4.90 8.15 -17.90
N THR E 1009 -5.32 7.34 -16.92
CA THR E 1009 -6.44 6.44 -17.17
C THR E 1009 -7.67 7.23 -17.54
N GLN E 1010 -7.91 8.33 -16.81
CA GLN E 1010 -9.05 9.18 -17.09
C GLN E 1010 -8.94 9.78 -18.48
N GLN E 1011 -7.72 10.13 -18.89
CA GLN E 1011 -7.53 10.69 -20.22
C GLN E 1011 -7.74 9.65 -21.31
N LEU E 1012 -7.39 8.39 -21.04
CA LEU E 1012 -7.59 7.36 -22.05
C LEU E 1012 -9.07 7.06 -22.27
N ILE E 1013 -9.85 7.00 -21.19
CA ILE E 1013 -11.28 6.75 -21.34
C ILE E 1013 -11.96 7.94 -22.00
N ARG E 1014 -11.63 9.15 -21.56
CA ARG E 1014 -12.20 10.34 -22.18
C ARG E 1014 -11.81 10.41 -23.65
N ALA E 1015 -10.57 10.06 -23.98
CA ALA E 1015 -10.14 10.08 -25.37
C ALA E 1015 -10.97 9.11 -26.20
N ALA E 1016 -11.30 7.95 -25.62
CA ALA E 1016 -12.10 6.97 -26.35
C ALA E 1016 -13.49 7.54 -26.65
N GLU E 1017 -14.05 8.29 -25.71
CA GLU E 1017 -15.36 8.90 -25.94
C GLU E 1017 -15.28 9.90 -27.09
N ILE E 1018 -14.22 10.72 -27.10
CA ILE E 1018 -14.06 11.67 -28.19
C ILE E 1018 -13.85 10.96 -29.51
N ARG E 1019 -13.06 9.88 -29.49
CA ARG E 1019 -12.85 9.14 -30.74
C ARG E 1019 -14.18 8.62 -31.27
N ALA E 1020 -15.01 8.06 -30.38
CA ALA E 1020 -16.31 7.58 -30.83
C ALA E 1020 -17.12 8.73 -31.40
N SER E 1021 -17.05 9.89 -30.75
CA SER E 1021 -17.73 11.06 -31.27
C SER E 1021 -17.12 11.49 -32.59
N ALA E 1022 -15.80 11.48 -32.68
CA ALA E 1022 -15.14 11.84 -33.93
C ALA E 1022 -15.50 10.87 -35.03
N ASN E 1023 -15.61 9.58 -34.70
CA ASN E 1023 -16.00 8.62 -35.72
C ASN E 1023 -17.40 8.89 -36.19
N LEU E 1024 -18.28 9.28 -35.26
CA LEU E 1024 -19.64 9.65 -35.65
C LEU E 1024 -19.60 10.91 -36.49
N ALA E 1025 -18.81 11.89 -36.06
CA ALA E 1025 -18.73 13.15 -36.80
C ALA E 1025 -18.16 12.92 -38.19
N ALA E 1026 -17.19 12.02 -38.33
CA ALA E 1026 -16.63 11.78 -39.65
C ALA E 1026 -17.67 11.07 -40.51
N THR E 1027 -18.38 10.10 -39.93
CA THR E 1027 -19.42 9.43 -40.68
C THR E 1027 -20.53 10.42 -41.01
N LYS E 1028 -20.91 11.24 -40.02
CA LYS E 1028 -21.98 12.21 -40.22
C LYS E 1028 -21.62 13.20 -41.31
N MET E 1029 -20.38 13.70 -41.30
CA MET E 1029 -19.99 14.63 -42.36
C MET E 1029 -20.01 13.94 -43.71
N SER E 1030 -19.50 12.72 -43.78
CA SER E 1030 -19.46 12.04 -45.07
C SER E 1030 -20.86 11.86 -45.62
N GLU E 1031 -21.80 11.45 -44.77
CA GLU E 1031 -23.15 11.13 -45.22
C GLU E 1031 -24.08 12.33 -45.24
N CYS E 1032 -23.83 13.35 -44.43
CA CYS E 1032 -24.72 14.51 -44.39
C CYS E 1032 -24.20 15.66 -45.25
N VAL E 1033 -22.89 15.76 -45.43
CA VAL E 1033 -22.30 16.88 -46.15
C VAL E 1033 -21.90 16.49 -47.57
N LEU E 1034 -21.28 15.33 -47.75
CA LEU E 1034 -20.79 14.94 -49.07
C LEU E 1034 -21.83 14.16 -49.84
N GLY E 1035 -23.05 14.10 -49.34
CA GLY E 1035 -24.10 13.35 -50.01
C GLY E 1035 -25.44 13.73 -49.41
N GLN E 1036 -26.42 12.86 -49.63
CA GLN E 1036 -27.73 13.05 -49.07
C GLN E 1036 -28.12 11.77 -48.35
N SER E 1037 -28.53 11.91 -47.10
CA SER E 1037 -28.83 10.77 -46.25
C SER E 1037 -30.29 10.36 -46.37
N LYS E 1038 -30.52 9.06 -46.31
CA LYS E 1038 -31.86 8.49 -46.26
C LYS E 1038 -32.13 7.87 -44.91
N ARG E 1039 -31.22 8.08 -43.95
CA ARG E 1039 -31.36 7.58 -42.61
C ARG E 1039 -32.12 8.62 -41.80
N VAL E 1040 -33.29 8.24 -41.30
CA VAL E 1040 -34.18 9.17 -40.62
C VAL E 1040 -33.56 9.65 -39.31
N ASP E 1041 -33.59 10.95 -39.11
CA ASP E 1041 -33.04 11.64 -37.94
C ASP E 1041 -31.55 11.47 -37.77
N PHE E 1042 -30.84 10.96 -38.79
CA PHE E 1042 -29.39 10.91 -38.71
C PHE E 1042 -28.81 12.30 -38.92
N CYS E 1043 -29.35 13.04 -39.88
CA CYS E 1043 -28.88 14.37 -40.25
C CYS E 1043 -29.94 15.39 -39.85
N GLY E 1044 -30.44 15.27 -38.63
CA GLY E 1044 -31.43 16.19 -38.12
C GLY E 1044 -32.85 15.69 -38.32
N LYS E 1045 -33.80 16.39 -37.69
CA LYS E 1045 -35.19 15.99 -37.77
C LYS E 1045 -35.77 16.42 -39.11
N GLY E 1046 -36.55 15.54 -39.71
CA GLY E 1046 -37.17 15.80 -40.98
C GLY E 1046 -36.47 15.01 -42.06
N TYR E 1047 -36.84 15.31 -43.31
CA TYR E 1047 -36.28 14.60 -44.45
C TYR E 1047 -35.07 15.39 -44.91
N HIS E 1048 -33.89 14.79 -44.75
CA HIS E 1048 -32.64 15.49 -45.02
C HIS E 1048 -32.55 15.94 -46.48
N LEU E 1049 -32.16 17.19 -46.68
CA LEU E 1049 -31.90 17.74 -47.98
C LEU E 1049 -30.42 17.93 -48.24
N MET E 1050 -29.71 18.58 -47.31
CA MET E 1050 -28.28 18.85 -47.45
C MET E 1050 -27.81 19.33 -46.09
N SER E 1051 -26.50 19.51 -45.95
CA SER E 1051 -25.98 20.07 -44.71
C SER E 1051 -24.72 20.87 -44.99
N PHE E 1052 -24.37 21.74 -44.04
CA PHE E 1052 -23.18 22.57 -44.17
C PHE E 1052 -22.33 22.46 -42.91
N PRO E 1053 -21.09 22.01 -43.02
CA PRO E 1053 -20.21 21.97 -41.84
C PRO E 1053 -19.73 23.36 -41.49
N GLN E 1054 -19.49 23.58 -40.21
CA GLN E 1054 -18.85 24.81 -39.75
C GLN E 1054 -17.81 24.42 -38.73
N SER E 1055 -16.69 25.13 -38.72
CA SER E 1055 -15.68 24.80 -37.73
C SER E 1055 -16.00 25.45 -36.40
N ALA E 1056 -15.44 24.89 -35.35
CA ALA E 1056 -15.54 25.43 -34.00
C ALA E 1056 -14.30 25.01 -33.24
N PRO E 1057 -13.98 25.70 -32.15
CA PRO E 1057 -12.85 25.27 -31.32
C PRO E 1057 -13.00 23.82 -30.91
N HIS E 1058 -11.98 23.02 -31.21
CA HIS E 1058 -11.93 21.60 -30.87
C HIS E 1058 -13.13 20.80 -31.37
N GLY E 1059 -13.80 21.23 -32.43
CA GLY E 1059 -14.94 20.46 -32.89
C GLY E 1059 -15.52 21.01 -34.17
N VAL E 1060 -16.63 20.40 -34.59
CA VAL E 1060 -17.31 20.74 -35.83
C VAL E 1060 -18.79 20.94 -35.56
N VAL E 1061 -19.38 21.92 -36.25
CA VAL E 1061 -20.80 22.24 -36.13
C VAL E 1061 -21.44 22.05 -37.49
N PHE E 1062 -22.52 21.26 -37.53
CA PHE E 1062 -23.23 20.97 -38.76
C PHE E 1062 -24.56 21.69 -38.80
N LEU E 1063 -24.82 22.40 -39.89
CA LEU E 1063 -26.11 23.04 -40.13
C LEU E 1063 -26.89 22.14 -41.07
N HIS E 1064 -27.94 21.49 -40.56
CA HIS E 1064 -28.70 20.53 -41.31
C HIS E 1064 -29.95 21.18 -41.90
N VAL E 1065 -30.10 21.08 -43.21
CA VAL E 1065 -31.22 21.67 -43.93
C VAL E 1065 -32.20 20.54 -44.21
N THR E 1066 -33.39 20.61 -43.64
CA THR E 1066 -34.34 19.52 -43.79
C THR E 1066 -35.69 20.03 -44.27
N TYR E 1067 -36.39 19.16 -44.99
CA TYR E 1067 -37.74 19.39 -45.47
C TYR E 1067 -38.73 18.88 -44.43
N VAL E 1068 -39.65 19.73 -43.99
CA VAL E 1068 -40.64 19.36 -42.98
C VAL E 1068 -42.06 19.66 -43.44
N PRO E 1069 -42.94 18.67 -43.50
CA PRO E 1069 -44.36 18.94 -43.83
C PRO E 1069 -44.96 19.94 -42.87
N ALA E 1070 -45.77 20.87 -43.39
CA ALA E 1070 -46.31 21.92 -42.54
C ALA E 1070 -47.83 21.95 -42.45
N GLN E 1071 -48.55 21.84 -43.57
CA GLN E 1071 -50.01 22.06 -43.58
C GLN E 1071 -50.76 20.90 -44.23
N GLU E 1072 -51.06 19.87 -43.44
CA GLU E 1072 -51.75 18.70 -43.96
C GLU E 1072 -53.24 18.95 -44.14
N LYS E 1073 -53.85 18.21 -45.07
CA LYS E 1073 -55.29 18.23 -45.29
C LYS E 1073 -55.82 16.80 -45.21
N ASN E 1074 -57.08 16.70 -44.81
CA ASN E 1074 -57.80 15.44 -44.66
C ASN E 1074 -58.37 14.94 -45.97
N PHE E 1075 -57.84 13.86 -46.49
CA PHE E 1075 -58.37 13.28 -47.71
C PHE E 1075 -58.92 11.88 -47.45
N THR E 1076 -59.93 11.52 -48.24
CA THR E 1076 -60.47 10.16 -48.18
C THR E 1076 -59.60 9.32 -49.11
N THR E 1077 -59.34 8.08 -48.73
CA THR E 1077 -58.46 7.26 -49.54
C THR E 1077 -59.07 5.91 -49.88
N ALA E 1078 -58.35 5.19 -50.74
CA ALA E 1078 -58.69 3.84 -51.15
C ALA E 1078 -57.43 3.14 -51.61
N PRO E 1079 -57.32 1.83 -51.38
CA PRO E 1079 -56.14 1.10 -51.85
C PRO E 1079 -56.05 0.94 -53.35
N ALA E 1080 -57.15 1.05 -54.09
CA ALA E 1080 -57.11 0.84 -55.54
C ALA E 1080 -58.38 1.40 -56.15
N ILE E 1081 -58.34 1.62 -57.46
CA ILE E 1081 -59.50 2.06 -58.22
C ILE E 1081 -59.99 0.93 -59.11
N CYS E 1082 -61.29 0.67 -59.06
CA CYS E 1082 -61.95 -0.33 -59.90
C CYS E 1082 -62.52 0.36 -61.15
N HIS E 1083 -62.06 -0.05 -62.34
CA HIS E 1083 -62.53 0.65 -63.53
C HIS E 1083 -63.40 -0.24 -64.41
N ASP E 1084 -62.78 -1.09 -65.22
CA ASP E 1084 -63.48 -2.03 -66.08
C ASP E 1084 -63.44 -3.44 -65.52
N GLY E 1085 -63.28 -3.56 -64.20
CA GLY E 1085 -63.11 -4.80 -63.52
C GLY E 1085 -61.66 -5.04 -63.15
N LYS E 1086 -60.78 -4.21 -63.70
CA LYS E 1086 -59.36 -4.23 -63.43
C LYS E 1086 -59.09 -3.41 -62.17
N ALA E 1087 -58.11 -3.82 -61.39
CA ALA E 1087 -57.72 -3.11 -60.18
C ALA E 1087 -56.52 -2.23 -60.52
N HIS E 1088 -56.71 -0.92 -60.41
CA HIS E 1088 -55.67 0.05 -60.74
C HIS E 1088 -54.99 0.56 -59.47
N PHE E 1089 -53.69 0.40 -59.42
CA PHE E 1089 -52.86 0.82 -58.31
C PHE E 1089 -52.02 2.03 -58.72
N PRO E 1090 -51.68 2.92 -57.78
CA PRO E 1090 -50.86 4.07 -58.13
C PRO E 1090 -49.42 3.66 -58.39
N ARG E 1091 -48.75 4.35 -59.31
CA ARG E 1091 -47.34 4.04 -59.54
C ARG E 1091 -46.43 4.74 -58.55
N GLU E 1092 -46.66 6.03 -58.30
CA GLU E 1092 -45.77 6.80 -57.45
C GLU E 1092 -46.44 7.37 -56.21
N GLY E 1093 -47.73 7.63 -56.27
CA GLY E 1093 -48.45 8.31 -55.20
C GLY E 1093 -49.51 7.48 -54.52
N VAL E 1094 -50.51 8.16 -53.97
CA VAL E 1094 -51.62 7.55 -53.25
C VAL E 1094 -52.92 8.13 -53.79
N PHE E 1095 -53.95 7.30 -53.88
CA PHE E 1095 -55.24 7.76 -54.34
C PHE E 1095 -55.97 8.44 -53.19
N VAL E 1096 -56.45 9.67 -53.41
CA VAL E 1096 -57.15 10.36 -52.34
C VAL E 1096 -58.45 10.92 -52.86
N SER E 1097 -59.32 11.37 -51.96
CA SER E 1097 -60.64 11.93 -52.36
C SER E 1097 -60.94 13.19 -51.54
N ASN E 1098 -61.22 14.31 -52.23
CA ASN E 1098 -61.56 15.58 -51.53
C ASN E 1098 -62.94 15.46 -50.88
N GLY E 1099 -63.86 14.71 -51.49
CA GLY E 1099 -65.23 14.53 -50.95
C GLY E 1099 -66.25 14.68 -52.06
N THR E 1100 -65.82 14.57 -53.31
CA THR E 1100 -66.70 14.74 -54.50
C THR E 1100 -66.00 14.11 -55.70
N HIS E 1101 -64.77 13.62 -55.50
CA HIS E 1101 -63.99 13.04 -56.62
C HIS E 1101 -62.74 12.33 -56.08
N TRP E 1102 -61.88 11.84 -56.98
CA TRP E 1102 -60.67 11.13 -56.63
C TRP E 1102 -59.44 11.61 -57.39
N PHE E 1103 -58.34 11.76 -56.65
CA PHE E 1103 -57.07 12.20 -57.22
C PHE E 1103 -55.96 11.31 -56.68
N VAL E 1104 -54.85 11.31 -57.41
CA VAL E 1104 -53.61 10.65 -56.99
C VAL E 1104 -52.55 11.72 -56.85
N THR E 1105 -51.81 11.69 -55.74
CA THR E 1105 -50.80 12.72 -55.51
C THR E 1105 -49.58 12.13 -54.84
N GLN E 1106 -48.44 12.80 -55.04
CA GLN E 1106 -47.20 12.38 -54.42
C GLN E 1106 -47.35 12.35 -52.91
N ARG E 1107 -46.78 11.32 -52.29
CA ARG E 1107 -46.98 11.04 -50.88
C ARG E 1107 -46.60 12.21 -49.97
N ASN E 1108 -45.51 12.91 -50.25
CA ASN E 1108 -45.04 13.93 -49.34
C ASN E 1108 -45.45 15.36 -49.69
N PHE E 1109 -46.37 15.55 -50.63
CA PHE E 1109 -46.79 16.92 -50.96
C PHE E 1109 -48.07 16.89 -51.77
N TYR E 1110 -49.10 17.55 -51.27
CA TYR E 1110 -50.39 17.51 -51.94
C TYR E 1110 -50.37 18.33 -53.21
N GLU E 1111 -50.57 17.67 -54.33
CA GLU E 1111 -50.58 18.29 -55.65
C GLU E 1111 -51.38 17.37 -56.56
N PRO E 1112 -52.71 17.44 -56.47
CA PRO E 1112 -53.55 16.41 -57.06
C PRO E 1112 -53.50 16.43 -58.58
N GLN E 1113 -53.34 15.25 -59.17
CA GLN E 1113 -53.36 15.06 -60.61
C GLN E 1113 -54.56 14.20 -60.97
N ILE E 1114 -54.99 14.31 -62.22
CA ILE E 1114 -56.06 13.45 -62.70
C ILE E 1114 -55.52 12.02 -62.80
N ILE E 1115 -56.32 11.07 -62.35
CA ILE E 1115 -55.92 9.67 -62.39
C ILE E 1115 -56.07 9.17 -63.82
N THR E 1116 -54.95 8.74 -64.40
CA THR E 1116 -54.90 8.31 -65.79
C THR E 1116 -54.14 6.99 -65.89
N THR E 1117 -54.20 6.39 -67.08
CA THR E 1117 -53.49 5.15 -67.33
C THR E 1117 -51.97 5.33 -67.39
N ASP E 1118 -51.49 6.57 -67.45
CA ASP E 1118 -50.05 6.82 -67.53
C ASP E 1118 -49.40 6.99 -66.16
N ASN E 1119 -50.18 6.96 -65.08
CA ASN E 1119 -49.63 7.08 -63.74
C ASN E 1119 -50.13 5.97 -62.83
N THR E 1120 -50.76 4.95 -63.39
CA THR E 1120 -51.23 3.78 -62.64
C THR E 1120 -50.82 2.52 -63.39
N PHE E 1121 -51.00 1.38 -62.72
CA PHE E 1121 -50.77 0.07 -63.32
C PHE E 1121 -51.88 -0.86 -62.87
N VAL E 1122 -52.07 -1.93 -63.64
CA VAL E 1122 -53.16 -2.87 -63.44
C VAL E 1122 -52.63 -4.22 -63.01
N SER E 1123 -53.24 -4.81 -61.99
CA SER E 1123 -52.92 -6.14 -61.51
C SER E 1123 -54.12 -6.72 -60.79
N GLY E 1124 -54.45 -7.98 -61.09
CA GLY E 1124 -55.58 -8.61 -60.44
C GLY E 1124 -56.90 -8.07 -60.94
N ASN E 1125 -57.90 -8.08 -60.05
CA ASN E 1125 -59.24 -7.62 -60.41
C ASN E 1125 -59.94 -7.10 -59.17
N CYS E 1126 -61.15 -6.56 -59.37
CA CYS E 1126 -61.93 -5.89 -58.34
C CYS E 1126 -62.49 -6.81 -57.27
N ASP E 1127 -62.46 -8.13 -57.46
CA ASP E 1127 -62.99 -9.04 -56.45
C ASP E 1127 -61.96 -9.54 -55.45
N VAL E 1128 -60.70 -9.14 -55.56
CA VAL E 1128 -59.65 -9.61 -54.67
C VAL E 1128 -59.22 -8.52 -53.69
N VAL E 1129 -59.00 -7.31 -54.19
CA VAL E 1129 -58.51 -6.23 -53.33
C VAL E 1129 -59.63 -5.73 -52.42
N ILE E 1130 -59.31 -5.63 -51.13
CA ILE E 1130 -60.26 -5.19 -50.12
C ILE E 1130 -60.31 -3.68 -50.06
N GLY E 1131 -61.52 -3.13 -50.19
CA GLY E 1131 -61.73 -1.69 -50.13
C GLY E 1131 -61.52 -0.91 -51.40
N ILE E 1132 -61.59 -1.55 -52.57
CA ILE E 1132 -61.43 -0.83 -53.82
C ILE E 1132 -62.67 0.01 -54.09
N VAL E 1133 -62.47 1.21 -54.63
CA VAL E 1133 -63.57 2.10 -54.91
C VAL E 1133 -63.67 2.36 -56.41
N ASN E 1134 -64.88 2.72 -56.84
CA ASN E 1134 -65.18 3.02 -58.23
C ASN E 1134 -64.90 4.45 -58.66
N ASN E 1135 -64.13 4.57 -59.73
CA ASN E 1135 -63.79 5.83 -60.36
C ASN E 1135 -63.53 5.52 -61.83
N THR E 1136 -63.20 6.55 -62.59
CA THR E 1136 -62.88 6.38 -64.00
C THR E 1136 -61.40 6.67 -64.16
N VAL E 1137 -60.71 5.78 -64.86
CA VAL E 1137 -59.29 5.94 -65.14
C VAL E 1137 -59.19 6.49 -66.55
N TYR E 1138 -58.64 7.69 -66.65
CA TYR E 1138 -58.57 8.40 -67.92
C TYR E 1138 -57.48 7.79 -68.78
N ASP E 1139 -57.79 7.55 -70.05
CA ASP E 1139 -56.81 7.03 -70.99
C ASP E 1139 -56.58 8.09 -72.05
N PRO E 1140 -55.46 8.81 -71.98
CA PRO E 1140 -55.23 9.94 -72.90
C PRO E 1140 -55.33 9.58 -74.37
N LEU E 1141 -55.13 8.31 -74.69
CA LEU E 1141 -55.18 7.88 -76.08
C LEU E 1141 -56.58 7.99 -76.66
N GLN E 1142 -57.63 7.71 -75.88
CA GLN E 1142 -58.96 7.68 -76.47
C GLN E 1142 -59.47 9.06 -76.85
N PRO E 1143 -59.42 10.10 -75.99
CA PRO E 1143 -59.78 11.45 -76.44
C PRO E 1143 -59.00 11.92 -77.64
N GLU E 1144 -57.71 11.57 -77.71
CA GLU E 1144 -56.90 12.01 -78.83
C GLU E 1144 -57.23 11.23 -80.10
N LEU E 1145 -57.40 9.91 -79.97
CA LEU E 1145 -57.67 9.08 -81.13
C LEU E 1145 -58.75 8.05 -80.82
N VAL F 2 69.27 -7.84 46.38
CA VAL F 2 67.80 -7.81 46.44
C VAL F 2 67.32 -8.14 47.85
N GLN F 3 66.23 -7.49 48.26
CA GLN F 3 65.65 -7.74 49.56
C GLN F 3 64.16 -7.47 49.49
N LEU F 4 63.37 -8.42 49.99
CA LEU F 4 61.93 -8.30 50.02
C LEU F 4 61.45 -8.33 51.47
N VAL F 5 61.04 -7.18 51.98
CA VAL F 5 60.58 -7.05 53.36
C VAL F 5 59.08 -6.79 53.34
N GLU F 6 58.32 -7.67 53.96
CA GLU F 6 56.87 -7.54 54.02
C GLU F 6 56.47 -6.68 55.21
N SER F 7 55.38 -5.94 55.04
CA SER F 7 54.90 -5.06 56.10
C SER F 7 53.38 -5.05 56.07
N GLY F 8 52.79 -4.73 57.22
CA GLY F 8 51.36 -4.68 57.38
C GLY F 8 50.76 -5.83 58.16
N GLY F 9 51.53 -6.90 58.38
CA GLY F 9 51.03 -8.02 59.13
C GLY F 9 50.99 -7.76 60.62
N GLY F 10 50.07 -8.45 61.29
CA GLY F 10 49.93 -8.30 62.73
C GLY F 10 48.55 -8.68 63.24
N LEU F 11 48.02 -7.88 64.16
CA LEU F 11 46.72 -8.15 64.75
C LEU F 11 45.71 -7.13 64.23
N VAL F 12 44.62 -7.62 63.64
CA VAL F 12 43.53 -6.79 63.15
C VAL F 12 42.22 -7.44 63.57
N GLN F 13 41.25 -6.62 63.94
CA GLN F 13 39.99 -7.15 64.42
C GLN F 13 39.30 -7.98 63.33
N PRO F 14 38.36 -8.84 63.71
CA PRO F 14 37.74 -9.74 62.72
C PRO F 14 36.94 -8.97 61.67
N GLY F 15 37.03 -9.46 60.43
CA GLY F 15 36.17 -8.99 59.36
C GLY F 15 36.72 -7.89 58.49
N GLY F 16 37.84 -7.27 58.88
CA GLY F 16 38.28 -6.06 58.24
C GLY F 16 39.16 -6.30 57.02
N SER F 17 39.78 -5.22 56.56
N SER F 17 39.78 -5.22 56.56
CA SER F 17 40.66 -5.23 55.40
CA SER F 17 40.66 -5.23 55.40
C SER F 17 42.00 -4.61 55.77
C SER F 17 41.99 -4.62 55.77
N LEU F 18 43.06 -5.14 55.17
CA LEU F 18 44.40 -4.65 55.42
C LEU F 18 45.05 -4.24 54.09
N ARG F 19 45.57 -3.03 54.06
CA ARG F 19 46.32 -2.53 52.90
C ARG F 19 47.80 -2.74 53.20
N LEU F 20 48.19 -4.00 53.38
CA LEU F 20 49.58 -4.31 53.65
C LEU F 20 50.42 -4.05 52.42
N SER F 21 51.73 -3.86 52.64
CA SER F 21 52.65 -3.57 51.54
C SER F 21 53.80 -4.57 51.61
N CYS F 22 54.19 -5.07 50.44
CA CYS F 22 55.26 -6.07 50.34
C CYS F 22 56.44 -5.41 49.65
N SER F 23 57.31 -4.75 50.42
CA SER F 23 58.44 -4.06 49.83
C SER F 23 59.41 -5.06 49.20
N VAL F 24 60.05 -4.63 48.13
CA VAL F 24 61.04 -5.44 47.42
C VAL F 24 62.19 -4.52 47.00
N SER F 25 63.41 -5.00 47.14
CA SER F 25 64.60 -4.28 46.71
C SER F 25 65.29 -5.04 45.59
N GLY F 26 66.09 -4.31 44.81
CA GLY F 26 66.81 -4.92 43.71
C GLY F 26 65.99 -4.99 42.44
N PHE F 27 64.99 -5.87 42.44
CA PHE F 27 64.12 -6.06 41.26
C PHE F 27 62.85 -5.23 41.47
N THR F 28 62.79 -4.11 40.75
CA THR F 28 61.59 -3.30 40.75
C THR F 28 60.37 -4.16 40.46
N VAL F 29 59.45 -4.23 41.43
CA VAL F 29 58.37 -5.20 41.35
C VAL F 29 57.25 -4.64 40.48
N SER F 30 57.39 -4.80 39.19
CA SER F 30 56.31 -4.46 38.27
C SER F 30 56.15 -5.47 37.15
N SER F 31 57.25 -6.11 36.72
CA SER F 31 57.21 -6.88 35.50
C SER F 31 57.78 -8.29 35.64
N ASN F 32 57.71 -8.90 36.82
CA ASN F 32 58.01 -10.31 37.02
C ASN F 32 56.74 -11.04 37.38
N TYR F 33 56.60 -12.27 36.90
CA TYR F 33 55.44 -13.07 37.25
C TYR F 33 55.39 -13.24 38.77
N MET F 34 54.39 -12.63 39.39
CA MET F 34 54.31 -12.54 40.84
C MET F 34 53.21 -13.44 41.39
N ASN F 35 53.49 -14.00 42.56
CA ASN F 35 52.52 -14.83 43.26
C ASN F 35 52.51 -14.43 44.72
N TRP F 36 51.31 -14.49 45.32
CA TRP F 36 51.15 -14.23 46.74
C TRP F 36 50.39 -15.41 47.35
N VAL F 37 50.86 -15.86 48.51
CA VAL F 37 50.36 -17.07 49.16
C VAL F 37 50.15 -16.78 50.64
N ARG F 38 49.32 -17.61 51.28
CA ARG F 38 49.05 -17.49 52.71
C ARG F 38 49.33 -18.82 53.38
N GLN F 39 49.91 -18.75 54.58
CA GLN F 39 50.31 -19.96 55.30
C GLN F 39 50.17 -19.70 56.79
N ALA F 40 49.13 -20.25 57.40
CA ALA F 40 48.95 -20.15 58.83
C ALA F 40 49.93 -21.07 59.56
N PRO F 41 50.13 -20.85 60.86
CA PRO F 41 50.98 -21.77 61.62
C PRO F 41 50.44 -23.19 61.60
N GLY F 42 51.32 -24.17 61.47
CA GLY F 42 50.89 -25.53 61.30
C GLY F 42 50.15 -25.80 60.01
N LYS F 43 50.09 -24.82 59.12
CA LYS F 43 49.40 -24.92 57.85
C LYS F 43 50.39 -24.69 56.70
N GLY F 44 49.97 -25.06 55.49
CA GLY F 44 50.83 -24.88 54.34
C GLY F 44 50.51 -23.62 53.57
N LEU F 45 51.41 -23.25 52.66
CA LEU F 45 51.28 -22.06 51.85
C LEU F 45 50.54 -22.38 50.57
N GLU F 46 49.39 -21.75 50.37
CA GLU F 46 48.59 -21.93 49.16
C GLU F 46 48.57 -20.59 48.43
N TRP F 47 48.66 -20.62 47.10
CA TRP F 47 48.82 -19.39 46.34
C TRP F 47 47.55 -18.56 46.44
N VAL F 48 47.55 -17.56 47.33
CA VAL F 48 46.38 -16.73 47.51
C VAL F 48 46.08 -15.94 46.24
N SER F 49 47.12 -15.47 45.57
CA SER F 49 46.96 -14.74 44.31
C SER F 49 48.19 -14.97 43.45
N VAL F 50 48.01 -14.81 42.15
CA VAL F 50 49.09 -14.96 41.19
C VAL F 50 49.10 -13.75 40.27
N ILE F 51 49.90 -12.74 40.62
CA ILE F 51 49.91 -11.48 39.90
C ILE F 51 50.82 -11.63 38.68
N TYR F 52 50.22 -11.89 37.53
CA TYR F 52 50.98 -11.95 36.30
C TYR F 52 51.60 -10.58 36.02
N PRO F 53 52.82 -10.55 35.47
CA PRO F 53 53.47 -9.24 35.27
C PRO F 53 52.73 -8.33 34.32
N GLY F 54 52.02 -8.89 33.34
CA GLY F 54 51.15 -8.07 32.51
C GLY F 54 50.06 -7.38 33.29
N GLY F 55 49.61 -7.97 34.39
CA GLY F 55 48.58 -7.38 35.20
C GLY F 55 47.55 -8.38 35.68
N SER F 56 47.44 -9.51 34.97
CA SER F 56 46.47 -10.53 35.33
C SER F 56 46.76 -11.09 36.71
N THR F 57 45.69 -11.37 37.46
CA THR F 57 45.80 -11.91 38.80
C THR F 57 44.96 -13.17 38.90
N PHE F 58 45.56 -14.24 39.39
CA PHE F 58 44.87 -15.52 39.59
C PHE F 58 44.89 -15.89 41.06
N TYR F 59 43.70 -16.12 41.62
CA TYR F 59 43.55 -16.43 43.04
C TYR F 59 42.97 -17.83 43.16
N PRO F 60 43.77 -18.87 42.94
CA PRO F 60 43.22 -20.22 42.76
C PRO F 60 42.44 -20.77 43.96
N ASP F 61 43.08 -20.90 45.12
CA ASP F 61 42.46 -21.67 46.19
C ASP F 61 42.28 -20.88 47.48
N SER F 62 43.39 -20.38 48.04
CA SER F 62 43.37 -19.82 49.39
C SER F 62 42.46 -18.61 49.48
N VAL F 63 42.76 -17.57 48.71
CA VAL F 63 41.97 -16.34 48.72
C VAL F 63 40.72 -16.56 47.90
N LYS F 64 39.62 -15.94 48.32
CA LYS F 64 38.38 -16.04 47.56
C LYS F 64 37.69 -14.68 47.52
N GLY F 65 37.98 -13.90 46.49
CA GLY F 65 37.37 -12.59 46.33
C GLY F 65 37.82 -11.58 47.36
N ARG F 66 38.61 -12.02 48.32
CA ARG F 66 38.99 -11.18 49.45
C ARG F 66 40.31 -10.45 49.23
N PHE F 67 41.40 -11.17 49.01
CA PHE F 67 42.72 -10.57 48.98
C PHE F 67 43.08 -10.09 47.57
N THR F 68 43.69 -8.92 47.50
CA THR F 68 44.15 -8.35 46.24
C THR F 68 45.67 -8.19 46.30
N ILE F 69 46.36 -8.75 45.31
CA ILE F 69 47.81 -8.62 45.18
C ILE F 69 48.10 -7.44 44.27
N SER F 70 49.05 -6.60 44.67
CA SER F 70 49.33 -5.39 43.92
C SER F 70 50.77 -4.96 44.16
N ARG F 71 51.19 -3.95 43.43
CA ARG F 71 52.52 -3.38 43.58
C ARG F 71 52.47 -1.88 43.36
N ASP F 72 53.31 -1.15 44.10
CA ASP F 72 53.43 0.29 43.95
C ASP F 72 54.55 0.55 42.95
N ASP F 73 54.17 1.01 41.76
CA ASP F 73 55.15 1.15 40.68
C ASP F 73 56.21 2.19 41.02
N SER F 74 55.81 3.28 41.67
CA SER F 74 56.74 4.37 41.94
C SER F 74 57.88 3.92 42.85
N LYS F 75 57.56 3.19 43.90
CA LYS F 75 58.54 2.82 44.91
C LYS F 75 59.18 1.46 44.67
N ASN F 76 58.79 0.75 43.61
CA ASN F 76 59.31 -0.59 43.32
C ASN F 76 59.07 -1.54 44.49
N THR F 77 57.98 -1.30 45.24
CA THR F 77 57.61 -2.12 46.39
C THR F 77 56.16 -2.56 46.21
N LEU F 78 55.91 -3.84 46.38
CA LEU F 78 54.57 -4.39 46.17
C LEU F 78 53.67 -4.04 47.35
N TYR F 79 52.37 -4.04 47.11
CA TYR F 79 51.37 -3.83 48.15
C TYR F 79 50.50 -5.07 48.24
N LEU F 80 50.29 -5.56 49.47
CA LEU F 80 49.54 -6.79 49.72
C LEU F 80 48.21 -6.43 50.33
N GLN F 81 47.20 -6.19 49.50
CA GLN F 81 45.84 -5.89 50.04
C GLN F 81 45.17 -7.19 50.51
N MET F 82 44.74 -7.24 51.76
CA MET F 82 43.67 -8.17 52.19
C MET F 82 42.48 -7.34 52.68
N ASN F 83 41.30 -7.56 52.10
CA ASN F 83 40.08 -6.79 52.49
C ASN F 83 38.91 -7.76 52.61
N SER F 84 37.97 -7.49 53.53
CA SER F 84 36.81 -8.39 53.74
C SER F 84 37.34 -9.79 54.09
N LEU F 85 38.37 -9.88 54.93
CA LEU F 85 38.99 -11.19 55.26
C LEU F 85 37.97 -12.09 55.96
N ARG F 86 37.89 -13.35 55.53
CA ARG F 86 36.97 -14.34 56.17
C ARG F 86 37.55 -14.75 57.52
N PRO F 87 36.75 -15.23 58.50
CA PRO F 87 37.31 -15.74 59.75
C PRO F 87 38.39 -16.78 59.43
N GLU F 88 38.38 -17.32 58.20
CA GLU F 88 39.35 -18.32 57.80
C GLU F 88 40.70 -17.70 57.41
N ASP F 89 40.82 -16.38 57.44
CA ASP F 89 42.01 -15.72 56.90
C ASP F 89 43.14 -15.62 57.92
N THR F 90 42.98 -16.18 59.12
CA THR F 90 44.06 -16.12 60.10
C THR F 90 45.26 -16.90 59.59
N ALA F 91 46.30 -16.18 59.16
CA ALA F 91 47.43 -16.81 58.48
C ALA F 91 48.51 -15.75 58.26
N ALA F 92 49.63 -16.18 57.67
CA ALA F 92 50.75 -15.31 57.38
C ALA F 92 50.91 -15.19 55.87
N TYR F 93 51.63 -14.15 55.43
CA TYR F 93 51.72 -13.82 54.02
C TYR F 93 53.09 -14.12 53.45
N TYR F 94 53.13 -14.41 52.14
CA TYR F 94 54.37 -14.57 51.39
C TYR F 94 54.18 -14.00 49.99
N CYS F 95 55.17 -13.21 49.53
CA CYS F 95 54.98 -12.44 48.30
C CYS F 95 56.22 -12.32 47.41
N ALA F 96 57.00 -13.38 47.25
CA ALA F 96 58.22 -13.31 46.44
C ALA F 96 58.16 -14.30 45.29
N SER F 97 58.46 -13.83 44.08
CA SER F 97 58.49 -14.71 42.91
C SER F 97 59.50 -14.18 41.90
N SER F 98 60.74 -14.67 41.97
CA SER F 98 61.74 -14.52 40.91
C SER F 98 62.50 -15.83 40.76
N ARG F 99 62.24 -16.53 39.68
CA ARG F 99 62.57 -17.95 39.71
C ARG F 99 64.06 -18.26 39.56
N PRO F 100 64.73 -17.86 38.48
CA PRO F 100 66.06 -18.39 38.23
C PRO F 100 67.12 -17.50 38.85
N PRO F 101 68.37 -17.98 38.91
CA PRO F 101 69.48 -17.17 39.39
C PRO F 101 70.55 -16.93 38.32
N LEU F 109 66.38 -25.11 29.17
CA LEU F 109 65.83 -26.34 29.74
C LEU F 109 65.76 -26.26 31.25
N ASP F 110 64.64 -25.76 31.76
CA ASP F 110 64.42 -25.65 33.20
C ASP F 110 62.92 -25.47 33.43
N LEU F 111 62.53 -25.37 34.70
CA LEU F 111 61.13 -25.14 35.09
C LEU F 111 60.95 -23.80 35.78
N ASP F 112 61.69 -23.53 36.85
CA ASP F 112 61.78 -22.21 37.45
C ASP F 112 60.40 -21.68 37.87
N TRP F 113 59.84 -22.33 38.89
CA TRP F 113 58.50 -21.99 39.37
C TRP F 113 58.55 -21.69 40.88
N PHE F 114 58.33 -20.42 41.23
CA PHE F 114 58.09 -19.99 42.60
C PHE F 114 59.28 -20.32 43.51
N ASP F 115 60.45 -19.85 43.09
CA ASP F 115 61.68 -20.14 43.83
C ASP F 115 61.78 -19.39 45.16
N PRO F 116 61.82 -18.05 45.18
CA PRO F 116 62.25 -17.37 46.40
C PRO F 116 61.09 -17.06 47.34
N TRP F 117 61.44 -16.71 48.58
CA TRP F 117 60.48 -16.25 49.57
C TRP F 117 61.11 -15.13 50.38
N GLY F 118 60.34 -14.09 50.67
CA GLY F 118 60.81 -12.96 51.44
C GLY F 118 60.74 -13.21 52.93
N GLN F 119 61.01 -12.16 53.70
CA GLN F 119 60.93 -12.27 55.15
C GLN F 119 59.54 -12.65 55.60
N GLY F 120 58.53 -12.32 54.81
CA GLY F 120 57.17 -12.73 55.10
C GLY F 120 56.43 -11.74 55.97
N THR F 121 55.11 -11.84 55.95
CA THR F 121 54.25 -11.03 56.80
C THR F 121 53.41 -11.94 57.67
N LEU F 122 53.56 -11.80 58.98
CA LEU F 122 52.82 -12.60 59.94
C LEU F 122 51.64 -11.78 60.49
N VAL F 123 50.45 -12.32 60.32
CA VAL F 123 49.22 -11.63 60.67
C VAL F 123 48.37 -12.52 61.57
N ILE F 124 47.85 -11.95 62.65
CA ILE F 124 46.88 -12.61 63.52
C ILE F 124 45.51 -12.05 63.17
N VAL F 125 44.67 -12.87 62.55
CA VAL F 125 43.36 -12.42 62.10
C VAL F 125 42.27 -13.23 62.78
N SER F 126 41.74 -12.73 63.89
CA SER F 126 40.68 -13.42 64.61
C SER F 126 39.32 -12.92 64.16
N VAL G 3 46.06 -31.67 47.60
CA VAL G 3 47.32 -31.65 48.33
C VAL G 3 47.99 -33.01 48.26
N LEU G 4 49.24 -33.04 47.81
CA LEU G 4 49.97 -34.29 47.70
C LEU G 4 50.22 -34.89 49.08
N THR G 5 50.20 -36.22 49.14
CA THR G 5 50.44 -36.91 50.40
C THR G 5 51.92 -36.88 50.75
N GLN G 6 52.29 -36.06 51.72
CA GLN G 6 53.65 -35.94 52.19
C GLN G 6 53.74 -36.59 53.56
N PRO G 7 54.89 -37.18 53.91
CA PRO G 7 55.05 -37.77 55.23
C PRO G 7 54.95 -36.71 56.30
N PRO G 8 54.37 -37.04 57.46
CA PRO G 8 54.23 -36.03 58.52
C PRO G 8 55.56 -35.49 59.02
N SER G 9 56.55 -36.37 59.21
CA SER G 9 57.79 -35.92 59.85
C SER G 9 58.93 -36.82 59.43
N VAL G 10 60.15 -36.31 59.61
CA VAL G 10 61.38 -37.04 59.35
CA VAL G 10 61.38 -37.04 59.35
C VAL G 10 62.30 -36.88 60.55
N SER G 11 62.80 -37.99 61.07
CA SER G 11 63.63 -37.97 62.26
C SER G 11 64.90 -38.77 62.04
N GLY G 12 66.01 -38.27 62.57
CA GLY G 12 67.27 -38.98 62.50
C GLY G 12 68.41 -38.15 63.06
N ALA G 13 69.51 -38.82 63.36
CA ALA G 13 70.74 -38.11 63.67
C ALA G 13 71.62 -38.01 62.42
N PRO G 14 72.51 -37.01 62.37
CA PRO G 14 73.23 -36.74 61.12
C PRO G 14 74.29 -37.79 60.82
N GLY G 15 74.42 -38.12 59.55
CA GLY G 15 75.40 -39.09 59.10
C GLY G 15 74.85 -40.27 58.32
N GLN G 16 73.58 -40.65 58.52
CA GLN G 16 72.99 -41.75 57.78
C GLN G 16 72.24 -41.22 56.56
N ARG G 17 72.50 -41.84 55.41
CA ARG G 17 71.91 -41.42 54.15
C ARG G 17 70.40 -41.49 54.28
N VAL G 18 69.72 -40.42 53.88
CA VAL G 18 68.29 -40.29 54.10
C VAL G 18 67.67 -39.56 52.90
N THR G 19 66.34 -39.57 52.85
CA THR G 19 65.59 -38.90 51.81
CA THR G 19 65.59 -38.90 51.81
C THR G 19 64.17 -38.65 52.29
N ILE G 20 63.50 -37.69 51.65
CA ILE G 20 62.11 -37.36 51.99
C ILE G 20 61.27 -37.64 50.75
N SER G 21 60.70 -38.85 50.68
CA SER G 21 59.81 -39.18 49.60
C SER G 21 58.50 -38.42 49.74
N CYS G 22 57.91 -38.00 48.61
CA CYS G 22 56.62 -37.26 48.63
C CYS G 22 55.71 -37.75 47.52
N THR G 23 54.74 -38.61 47.83
CA THR G 23 53.87 -39.20 46.78
C THR G 23 52.64 -38.32 46.55
N GLY G 24 52.51 -37.76 45.35
CA GLY G 24 51.37 -36.88 45.02
C GLY G 24 51.26 -36.68 43.52
N SER G 25 50.11 -37.00 42.92
CA SER G 25 50.01 -36.90 41.44
C SER G 25 50.28 -35.46 40.99
N SER G 26 49.62 -34.47 41.61
CA SER G 26 49.94 -33.06 41.27
C SER G 26 49.93 -32.87 39.75
N SER G 27 48.89 -33.34 39.06
CA SER G 27 48.81 -33.27 37.57
C SER G 27 49.73 -34.31 36.94
N ASN G 28 50.16 -35.32 37.73
CA ASN G 28 51.07 -36.38 37.23
C ASN G 28 52.44 -35.76 36.92
N ILE G 29 53.24 -36.43 36.08
CA ILE G 29 54.57 -35.89 35.65
C ILE G 29 55.48 -35.71 36.86
N GLY G 30 55.32 -36.53 37.91
CA GLY G 30 56.11 -36.30 39.13
C GLY G 30 55.94 -34.87 39.60
N ALA G 31 54.69 -34.41 39.71
CA ALA G 31 54.40 -33.00 40.06
C ALA G 31 54.93 -32.07 38.96
N GLY G 32 54.92 -32.54 37.71
CA GLY G 32 55.39 -31.73 36.56
C GLY G 32 56.86 -31.35 36.65
N TYR G 33 57.71 -32.21 37.22
CA TYR G 33 59.13 -31.83 37.45
C TYR G 33 59.10 -30.41 38.01
N TYR G 34 57.99 -30.07 38.68
CA TYR G 34 57.79 -28.73 39.20
C TYR G 34 57.76 -28.73 40.73
N VAL G 35 58.31 -29.78 41.34
CA VAL G 35 58.29 -29.91 42.80
C VAL G 35 59.22 -28.88 43.40
N HIS G 36 58.64 -27.86 44.03
CA HIS G 36 59.40 -26.81 44.70
C HIS G 36 59.69 -27.26 46.13
N TRP G 37 60.86 -27.83 46.35
CA TRP G 37 61.29 -28.30 47.66
C TRP G 37 61.92 -27.15 48.40
N TYR G 38 61.43 -26.88 49.61
CA TYR G 38 61.88 -25.75 50.41
C TYR G 38 62.31 -26.24 51.78
N GLN G 39 63.50 -25.81 52.21
CA GLN G 39 63.99 -26.11 53.55
C GLN G 39 63.58 -24.96 54.47
N GLN G 40 62.39 -25.07 55.05
CA GLN G 40 61.83 -24.02 55.90
C GLN G 40 62.41 -24.19 57.30
N HIS G 41 63.10 -23.15 57.77
CA HIS G 41 63.63 -23.19 59.11
C HIS G 41 62.50 -23.07 60.14
N PRO G 42 62.65 -23.71 61.31
CA PRO G 42 61.59 -23.62 62.32
C PRO G 42 61.43 -22.21 62.84
N GLY G 43 60.27 -21.61 62.58
CA GLY G 43 60.01 -20.24 62.98
C GLY G 43 60.44 -19.20 61.99
N THR G 44 61.03 -19.59 60.86
CA THR G 44 61.43 -18.67 59.82
C THR G 44 60.66 -18.99 58.55
N ALA G 45 60.53 -17.99 57.68
CA ALA G 45 59.79 -18.18 56.44
C ALA G 45 60.50 -19.22 55.57
N PRO G 46 59.73 -19.92 54.74
CA PRO G 46 60.32 -21.03 53.97
C PRO G 46 61.44 -20.56 53.05
N LYS G 47 62.49 -21.36 52.97
CA LYS G 47 63.62 -21.13 52.06
C LYS G 47 63.72 -22.31 51.10
N LEU G 48 63.60 -22.04 49.81
CA LEU G 48 63.61 -23.08 48.79
C LEU G 48 64.98 -23.78 48.79
N LEU G 49 64.96 -25.11 48.79
CA LEU G 49 66.18 -25.91 48.79
C LEU G 49 66.57 -26.33 47.37
N ILE G 50 65.64 -26.93 46.64
CA ILE G 50 65.87 -27.39 45.28
C ILE G 50 64.69 -26.99 44.43
N TYR G 51 64.96 -26.42 43.26
CA TYR G 51 63.92 -26.03 42.30
C TYR G 51 64.10 -26.86 41.03
N GLY G 52 62.98 -27.20 40.40
CA GLY G 52 63.04 -28.12 39.29
C GLY G 52 63.60 -29.44 39.76
N ASN G 53 62.77 -30.23 40.45
CA ASN G 53 63.20 -31.26 41.39
C ASN G 53 64.49 -31.97 41.00
N SER G 54 64.61 -32.35 39.73
CA SER G 54 65.85 -32.95 39.28
C SER G 54 67.03 -31.99 39.31
N ASN G 55 66.79 -30.68 39.38
CA ASN G 55 67.84 -29.67 39.30
C ASN G 55 68.14 -29.10 40.69
N ARG G 56 69.37 -28.64 40.87
N ARG G 56 69.37 -28.63 40.87
CA ARG G 56 69.80 -28.03 42.11
CA ARG G 56 69.80 -28.03 42.11
C ARG G 56 69.90 -26.53 41.93
C ARG G 56 69.91 -26.52 41.94
N PRO G 57 69.11 -25.74 42.65
CA PRO G 57 69.21 -24.28 42.52
C PRO G 57 70.48 -23.77 43.17
N SER G 58 70.79 -22.51 42.88
CA SER G 58 72.00 -21.89 43.41
C SER G 58 72.01 -21.96 44.93
N GLY G 59 73.18 -22.29 45.48
CA GLY G 59 73.33 -22.39 46.91
C GLY G 59 72.82 -23.67 47.53
N VAL G 60 72.30 -24.60 46.73
CA VAL G 60 71.80 -25.87 47.23
C VAL G 60 72.96 -26.63 47.87
N PRO G 61 72.76 -27.28 49.02
CA PRO G 61 73.86 -27.99 49.66
C PRO G 61 74.27 -29.22 48.86
N ASP G 62 75.40 -29.82 49.26
CA ASP G 62 75.77 -31.12 48.72
C ASP G 62 74.69 -32.15 49.02
N ARG G 63 73.91 -31.92 50.08
CA ARG G 63 72.79 -32.80 50.40
C ARG G 63 71.75 -32.80 49.28
N PHE G 64 71.49 -31.62 48.71
CA PHE G 64 70.39 -31.41 47.78
C PHE G 64 70.30 -32.45 46.68
N SER G 65 69.15 -33.11 46.58
CA SER G 65 68.86 -34.04 45.51
C SER G 65 67.34 -34.08 45.30
N GLY G 66 66.93 -34.63 44.17
CA GLY G 66 65.51 -34.70 43.86
C GLY G 66 65.17 -35.53 42.64
N SER G 67 64.15 -36.38 42.77
CA SER G 67 63.70 -37.21 41.67
C SER G 67 62.21 -37.46 41.82
N LYS G 68 61.53 -37.57 40.68
CA LYS G 68 60.05 -37.69 40.65
C LYS G 68 59.73 -38.89 39.75
N SER G 69 58.88 -39.80 40.21
CA SER G 69 58.46 -40.92 39.33
C SER G 69 56.95 -41.03 39.33
N GLY G 70 56.31 -40.93 38.16
CA GLY G 70 54.84 -41.13 38.11
C GLY G 70 54.13 -40.16 39.02
N THR G 71 53.38 -40.67 40.00
CA THR G 71 52.63 -39.82 40.96
C THR G 71 53.42 -39.68 42.26
N SER G 72 54.72 -39.99 42.23
CA SER G 72 55.53 -39.97 43.49
C SER G 72 56.81 -39.13 43.30
N ALA G 73 57.41 -38.69 44.41
CA ALA G 73 58.66 -37.89 44.34
C ALA G 73 59.64 -38.37 45.42
N SER G 74 60.94 -38.07 45.26
CA SER G 74 61.98 -38.50 46.23
C SER G 74 62.93 -37.33 46.53
N LEU G 75 62.60 -36.49 47.52
CA LEU G 75 63.43 -35.35 47.90
C LEU G 75 64.53 -35.87 48.83
N ALA G 76 65.75 -35.94 48.32
CA ALA G 76 66.85 -36.59 49.02
C ALA G 76 67.89 -35.58 49.46
N ILE G 77 68.38 -35.75 50.69
CA ILE G 77 69.52 -35.00 51.21
C ILE G 77 70.59 -36.02 51.54
N THR G 78 71.76 -35.88 50.90
CA THR G 78 72.87 -36.79 51.09
C THR G 78 73.79 -36.27 52.18
N GLY G 79 74.53 -37.18 52.81
CA GLY G 79 75.43 -36.79 53.86
C GLY G 79 74.71 -36.04 54.96
N LEU G 80 73.85 -36.74 55.72
CA LEU G 80 73.05 -36.08 56.73
C LEU G 80 73.93 -35.33 57.72
N GLN G 81 73.82 -34.00 57.67
CA GLN G 81 74.59 -33.12 58.55
C GLN G 81 73.66 -32.08 59.15
N ALA G 82 74.21 -31.14 59.92
CA ALA G 82 73.38 -30.14 60.59
C ALA G 82 72.58 -29.32 59.59
N GLU G 83 73.06 -29.22 58.35
CA GLU G 83 72.38 -28.43 57.33
C GLU G 83 71.02 -29.00 56.96
N ASP G 84 70.72 -30.24 57.33
CA ASP G 84 69.49 -30.88 56.90
C ASP G 84 68.30 -30.61 57.81
N GLU G 85 68.53 -30.45 59.11
CA GLU G 85 67.43 -30.35 60.07
C GLU G 85 66.61 -29.10 59.78
N ALA G 86 65.44 -29.29 59.18
CA ALA G 86 64.57 -28.20 58.81
C ALA G 86 63.19 -28.76 58.49
N ASP G 87 62.24 -27.86 58.27
CA ASP G 87 60.91 -28.25 57.80
C ASP G 87 60.89 -28.20 56.28
N TYR G 88 60.33 -29.22 55.65
CA TYR G 88 60.36 -29.36 54.20
C TYR G 88 58.96 -29.15 53.64
N TYR G 89 58.88 -28.48 52.49
CA TYR G 89 57.60 -28.24 51.83
C TYR G 89 57.76 -28.48 50.34
N CYS G 90 56.77 -29.15 49.76
CA CYS G 90 56.69 -29.40 48.33
C CYS G 90 55.40 -28.82 47.77
N GLN G 91 55.48 -28.31 46.54
CA GLN G 91 54.36 -27.61 45.92
C GLN G 91 54.28 -27.94 44.45
N SER G 92 53.06 -27.83 43.90
CA SER G 92 52.80 -28.10 42.49
C SER G 92 51.50 -27.41 42.10
N TYR G 93 51.27 -27.30 40.79
CA TYR G 93 50.07 -26.65 40.29
C TYR G 93 48.82 -27.35 40.78
N ASP G 94 47.81 -26.57 41.17
CA ASP G 94 46.57 -27.14 41.70
C ASP G 94 45.83 -27.89 40.60
N SER G 95 45.51 -29.16 40.86
CA SER G 95 44.90 -30.02 39.80
C SER G 95 45.81 -29.91 38.56
N ARG G 96 45.33 -29.25 37.51
CA ARG G 96 46.20 -29.03 36.32
C ARG G 96 46.25 -27.52 36.03
N LEU G 97 46.62 -26.67 36.99
CA LEU G 97 46.53 -25.21 36.73
C LEU G 97 47.92 -24.57 36.75
N SER G 98 48.03 -23.33 37.24
CA SER G 98 49.35 -22.70 37.45
C SER G 98 49.34 -22.27 38.92
N GLY G 99 48.66 -23.05 39.77
CA GLY G 99 48.49 -22.66 41.19
C GLY G 99 49.79 -22.56 41.96
N TRP G 100 50.71 -23.51 41.74
CA TRP G 100 51.82 -23.75 42.70
C TRP G 100 51.25 -24.08 44.09
N VAL G 101 50.18 -24.88 44.16
CA VAL G 101 49.61 -25.36 45.47
C VAL G 101 50.71 -26.13 46.20
N PHE G 102 50.50 -26.53 47.46
CA PHE G 102 51.53 -27.12 48.29
C PHE G 102 51.07 -28.48 48.84
N GLY G 103 52.02 -29.40 48.94
CA GLY G 103 51.71 -30.72 49.46
C GLY G 103 51.47 -30.71 50.96
N GLY G 104 51.62 -31.89 51.55
CA GLY G 104 51.39 -32.07 52.97
C GLY G 104 52.39 -31.42 53.89
N GLY G 105 53.59 -31.12 53.42
CA GLY G 105 54.61 -30.52 54.25
C GLY G 105 55.33 -31.56 55.09
N THR G 106 56.64 -31.46 55.18
CA THR G 106 57.45 -32.45 55.89
C THR G 106 58.32 -31.74 56.91
N LYS G 107 57.90 -31.77 58.17
CA LYS G 107 58.70 -31.20 59.24
C LYS G 107 59.75 -32.23 59.65
N LEU G 108 60.94 -32.11 59.08
CA LEU G 108 62.04 -33.03 59.38
C LEU G 108 62.69 -32.57 60.68
N THR G 109 62.56 -33.38 61.73
CA THR G 109 63.03 -33.02 63.05
C THR G 109 64.01 -34.06 63.56
N VAL G 110 65.19 -33.59 63.98
CA VAL G 110 66.23 -34.47 64.48
C VAL G 110 66.15 -34.60 66.00
C1 NAG H . -45.29 -20.92 -69.49
C2 NAG H . -46.05 -22.23 -69.29
C3 NAG H . -47.03 -22.43 -70.43
C4 NAG H . -47.96 -21.24 -70.53
C5 NAG H . -47.13 -19.97 -70.67
C6 NAG H . -48.00 -18.72 -70.77
C7 NAG H . -44.57 -23.84 -68.19
C8 NAG H . -43.25 -24.53 -68.37
N2 NAG H . -45.13 -23.36 -69.29
O3 NAG H . -47.78 -23.64 -70.20
O4 NAG H . -48.81 -21.40 -71.67
O5 NAG H . -46.20 -19.83 -69.59
O6 NAG H . -47.46 -17.86 -71.79
O7 NAG H . -45.09 -23.72 -67.09
C1 NAG H . -50.19 -21.47 -71.24
C2 NAG H . -51.11 -21.14 -72.41
C3 NAG H . -52.55 -21.17 -71.93
C4 NAG H . -52.84 -22.53 -71.31
C5 NAG H . -51.86 -22.80 -70.19
C6 NAG H . -52.09 -24.19 -69.59
C7 NAG H . -50.04 -19.67 -74.02
C8 NAG H . -49.90 -18.26 -74.53
N2 NAG H . -50.81 -19.84 -72.96
O3 NAG H . -53.42 -20.95 -73.04
O4 NAG H . -54.18 -22.55 -70.79
O5 NAG H . -50.51 -22.74 -70.68
O6 NAG H . -51.75 -25.19 -70.56
O7 NAG H . -49.46 -20.61 -74.56
C1 NAG I . -63.48 18.06 -55.35
C2 NAG I . -64.40 19.26 -55.16
C3 NAG I . -65.33 19.40 -56.35
C4 NAG I . -64.51 19.50 -57.63
C5 NAG I . -63.59 18.29 -57.73
C6 NAG I . -62.70 18.35 -58.97
C7 NAG I . -64.81 19.54 -52.76
C8 NAG I . -65.30 18.74 -51.60
N2 NAG I . -65.20 19.11 -53.96
O3 NAG I . -66.13 20.58 -56.17
O4 NAG I . -65.38 19.57 -58.75
O5 NAG I . -62.76 18.18 -56.57
O6 NAG I . -61.77 19.43 -58.82
O7 NAG I . -64.08 20.51 -52.62
C1 NAG I . -65.18 20.82 -59.44
C2 NAG I . -65.78 20.79 -60.84
C3 NAG I . -65.46 22.09 -61.55
C4 NAG I . -65.98 23.25 -60.72
C5 NAG I . -65.37 23.20 -59.32
C6 NAG I . -65.90 24.32 -58.44
C7 NAG I . -65.89 18.50 -61.66
C8 NAG I . -65.04 17.32 -61.99
N2 NAG I . -65.25 19.67 -61.60
O3 NAG I . -66.09 22.10 -62.83
O4 NAG I . -65.64 24.49 -61.34
O5 NAG I . -65.67 21.95 -58.71
O6 NAG I . -65.22 24.29 -57.19
O7 NAG I . -67.09 18.41 -61.46
C1 NAG J . -47.13 -19.34 -49.22
C2 NAG J . -48.20 -20.21 -49.91
C3 NAG J . -49.43 -20.28 -49.03
C4 NAG J . -49.05 -20.86 -47.67
C5 NAG J . -47.97 -19.97 -47.06
C6 NAG J . -47.45 -20.49 -45.73
C7 NAG J . -48.59 -20.45 -52.32
C8 NAG J . -48.98 -19.74 -53.58
N2 NAG J . -48.56 -19.69 -51.22
O3 NAG J . -50.41 -21.12 -49.64
O4 NAG J . -50.19 -20.87 -46.83
O5 NAG J . -46.82 -19.90 -47.94
O6 NAG J . -46.42 -19.65 -45.23
O7 NAG J . -48.33 -21.64 -52.30
C1 NAG J . -50.57 -22.22 -46.45
C2 NAG J . -51.61 -22.09 -45.34
C3 NAG J . -52.00 -23.48 -44.87
C4 NAG J . -52.56 -24.26 -46.05
C5 NAG J . -51.50 -24.34 -47.15
C6 NAG J . -52.00 -25.05 -48.39
C7 NAG J . -51.75 -20.26 -43.71
C8 NAG J . -51.07 -19.55 -42.58
N2 NAG J . -51.09 -21.30 -44.23
O3 NAG J . -52.99 -23.38 -43.84
O4 NAG J . -52.91 -25.58 -45.64
O5 NAG J . -51.13 -23.00 -47.55
O6 NAG J . -51.71 -26.44 -48.33
O7 NAG J . -52.85 -19.90 -44.14
C1 NAG K . -32.66 -13.19 -83.07
C2 NAG K . -31.25 -13.65 -83.37
C3 NAG K . -30.69 -12.85 -84.53
C4 NAG K . -31.60 -13.05 -85.74
C5 NAG K . -33.00 -12.58 -85.38
C6 NAG K . -34.00 -12.80 -86.49
C7 NAG K . -29.85 -14.54 -81.56
C8 NAG K . -29.00 -14.20 -80.37
N2 NAG K . -30.40 -13.50 -82.20
O3 NAG K . -29.37 -13.31 -84.81
O4 NAG K . -31.12 -12.35 -86.88
O5 NAG K . -33.47 -13.35 -84.25
O6 NAG K . -35.05 -13.68 -86.10
O7 NAG K . -30.03 -15.69 -81.92
C1 NAG K . -30.44 -13.35 -87.66
C2 NAG K . -30.22 -12.89 -89.09
C3 NAG K . -29.44 -13.96 -89.84
C4 NAG K . -28.12 -14.20 -89.12
C5 NAG K . -28.40 -14.63 -87.68
C6 NAG K . -27.16 -14.81 -86.85
C7 NAG K . -32.23 -11.54 -89.54
C8 NAG K . -33.51 -11.45 -90.32
N2 NAG K . -31.49 -12.63 -89.76
O3 NAG K . -29.20 -13.52 -91.17
O4 NAG K . -27.39 -15.22 -89.78
O5 NAG K . -29.19 -13.61 -87.03
O6 NAG K . -27.44 -14.63 -85.47
O7 NAG K . -31.88 -10.66 -88.77
C1 NAG L . 48.64 -34.45 7.13
C2 NAG L . 47.25 -34.36 6.51
C3 NAG L . 46.47 -35.63 6.85
C4 NAG L . 47.24 -36.84 6.34
C5 NAG L . 48.62 -36.85 6.97
C6 NAG L . 49.50 -37.98 6.46
C7 NAG L . 45.84 -32.39 6.16
C8 NAG L . 45.15 -31.23 6.82
N2 NAG L . 46.53 -33.19 6.97
O3 NAG L . 45.19 -35.58 6.25
O4 NAG L . 46.57 -38.03 6.71
O5 NAG L . 49.30 -35.63 6.64
O6 NAG L . 49.33 -39.15 7.26
O7 NAG L . 45.80 -32.57 4.95
C1 NAG L . 46.10 -38.65 5.51
C2 NAG L . 45.31 -39.89 5.92
C3 NAG L . 44.74 -40.54 4.68
C4 NAG L . 43.86 -39.53 3.95
C5 NAG L . 44.70 -38.31 3.59
C6 NAG L . 43.89 -37.21 2.93
C7 NAG L . 46.34 -40.76 7.96
C8 NAG L . 47.24 -41.81 8.55
N2 NAG L . 46.15 -40.82 6.64
O3 NAG L . 43.96 -41.67 5.07
O4 NAG L . 43.31 -40.11 2.77
O5 NAG L . 45.26 -37.75 4.79
O6 NAG L . 44.59 -35.98 2.96
O7 NAG L . 45.81 -39.90 8.65
C1 NAG M . -56.89 -9.47 -30.90
C2 NAG M . -58.16 -10.14 -31.41
C3 NAG M . -58.87 -10.82 -30.26
C4 NAG M . -57.89 -11.81 -29.62
C5 NAG M . -56.65 -11.08 -29.11
C6 NAG M . -55.58 -11.97 -28.52
C7 NAG M . -59.21 -9.06 -33.35
C8 NAG M . -60.15 -7.98 -33.81
N2 NAG M . -59.03 -9.17 -32.03
O3 NAG M . -60.05 -11.46 -30.72
O4 NAG M . -58.36 -13.02 -29.03
O5 NAG M . -56.07 -10.43 -30.25
O6 NAG M . -55.52 -11.84 -27.10
O7 NAG M . -58.64 -9.80 -34.15
C1 NAG M . -57.94 -13.60 -30.32
C2 NAG M . -56.82 -14.69 -30.19
C3 NAG M . -57.40 -16.11 -30.01
C4 NAG M . -58.91 -16.09 -29.79
C5 NAG M . -59.57 -15.44 -31.00
C6 NAG M . -61.08 -15.34 -30.88
C7 NAG M . -54.58 -14.68 -31.22
C8 NAG M . -53.82 -14.61 -32.52
N2 NAG M . -55.92 -14.65 -31.33
O3 NAG M . -56.76 -16.73 -28.91
O4 NAG M . -59.39 -17.42 -29.67
O5 NAG M . -59.08 -14.11 -31.19
O6 NAG M . -61.62 -14.55 -31.93
O7 NAG M . -54.02 -14.78 -30.14
C1 NAG N . -13.39 5.12 -71.73
C2 NAG N . -13.29 5.14 -73.24
C3 NAG N . -12.71 3.82 -73.72
C4 NAG N . -11.35 3.61 -73.08
C5 NAG N . -11.51 3.63 -71.56
C6 NAG N . -10.22 3.49 -70.79
C7 NAG N . -14.91 6.56 -74.40
C8 NAG N . -16.28 6.66 -74.97
N2 NAG N . -14.58 5.39 -73.84
O3 NAG N . -12.61 3.83 -75.13
O4 NAG N . -10.79 2.37 -73.51
O5 NAG N . -12.10 4.88 -71.16
O6 NAG N . -10.41 3.87 -69.43
O7 NAG N . -14.12 7.51 -74.43
C1 NAG N . -9.46 2.60 -74.04
C2 NAG N . -8.68 1.29 -74.02
C3 NAG N . -7.27 1.54 -74.52
C4 NAG N . -7.35 2.12 -75.93
C5 NAG N . -8.16 3.41 -75.90
C6 NAG N . -8.35 4.01 -77.27
C7 NAG N . -9.19 -0.48 -72.40
C8 NAG N . -9.07 -0.93 -70.98
N2 NAG N . -8.65 0.71 -72.68
O3 NAG N . -6.52 0.34 -74.52
O4 NAG N . -6.04 2.41 -76.41
O5 NAG N . -9.48 3.13 -75.39
O6 NAG N . -7.63 5.23 -77.40
O7 NAG N . -9.74 -1.17 -73.25
C1 NAG O . -24.70 18.81 -80.68
C2 NAG O . -24.03 19.09 -82.01
C3 NAG O . -25.03 18.82 -83.13
C4 NAG O . -25.50 17.37 -83.03
C5 NAG O . -26.10 17.12 -81.66
C6 NAG O . -26.47 15.67 -81.44
C7 NAG O . -22.31 20.80 -81.68
C8 NAG O . -21.96 22.25 -81.84
N2 NAG O . -23.53 20.45 -82.09
O3 NAG O . -24.40 19.04 -84.38
O4 NAG O . -26.55 17.18 -83.96
O5 NAG O . -25.15 17.44 -80.64
O6 NAG O . -27.66 15.33 -82.15
O7 NAG O . -21.52 19.99 -81.21
C1 NAG O . -26.23 16.14 -84.89
C2 NAG O . -26.92 16.46 -86.19
C3 NAG O . -26.58 15.39 -87.21
C4 NAG O . -25.07 15.33 -87.38
C5 NAG O . -24.43 15.04 -86.03
C6 NAG O . -22.92 15.03 -86.08
C7 NAG O . -28.95 17.63 -85.46
C8 NAG O . -30.45 17.57 -85.35
N2 NAG O . -28.36 16.56 -86.01
O3 NAG O . -27.21 15.72 -88.45
O4 NAG O . -24.73 14.32 -88.31
O5 NAG O . -24.80 16.06 -85.09
O6 NAG O . -22.36 15.07 -84.77
O7 NAG O . -28.31 18.59 -85.04
C1 NAG P . -40.08 30.31 -76.51
C2 NAG P . -39.94 31.57 -75.68
C3 NAG P . -41.31 32.05 -75.25
C4 NAG P . -42.16 32.28 -76.50
C5 NAG P . -42.23 30.98 -77.31
C6 NAG P . -42.98 31.12 -78.60
C7 NAG P . -38.18 32.21 -74.10
C8 NAG P . -37.39 31.81 -72.88
N2 NAG P . -39.11 31.34 -74.51
O3 NAG P . -41.17 33.23 -74.49
O4 NAG P . -43.48 32.66 -76.16
O5 NAG P . -40.90 30.57 -77.65
O6 NAG P . -43.24 29.84 -79.18
O7 NAG P . -37.98 33.27 -74.67
C1 NAG P . -43.49 34.10 -76.17
C2 NAG P . -44.85 34.63 -76.57
C3 NAG P . -44.82 36.15 -76.51
C4 NAG P . -44.45 36.57 -75.09
C5 NAG P . -43.09 35.99 -74.74
C6 NAG P . -42.67 36.29 -73.31
C7 NAG P . -45.74 32.98 -78.15
C8 NAG P . -46.06 32.69 -79.60
N2 NAG P . -45.22 34.19 -77.90
O3 NAG P . -46.10 36.66 -76.85
O4 NAG P . -44.38 37.99 -75.02
O5 NAG P . -43.15 34.55 -74.85
O6 NAG P . -42.57 35.09 -72.55
O7 NAG P . -45.93 32.16 -77.26
C1 NAG Q . 33.94 50.94 20.63
C2 NAG Q . 33.19 50.04 19.64
C3 NAG Q . 34.20 49.37 18.71
C4 NAG Q . 34.97 50.46 17.97
C5 NAG Q . 35.66 51.35 19.00
C6 NAG Q . 36.36 52.54 18.37
C7 NAG Q . 31.28 48.51 19.68
C8 NAG Q . 30.54 47.49 20.48
N2 NAG Q . 32.33 49.06 20.30
O3 NAG Q . 33.56 48.51 17.78
O4 NAG Q . 35.92 49.89 17.08
O5 NAG Q . 34.68 51.92 19.90
O6 NAG Q . 35.96 53.77 18.95
O7 NAG Q . 30.94 48.83 18.55
C1 NAG Q . 35.41 50.34 15.79
C2 NAG Q . 36.47 50.25 14.68
C3 NAG Q . 35.87 50.77 13.38
C4 NAG Q . 34.64 49.95 13.04
C5 NAG Q . 33.63 50.02 14.19
C6 NAG Q . 32.40 49.17 13.95
C7 NAG Q . 38.57 50.57 15.93
C8 NAG Q . 39.74 51.47 16.16
N2 NAG Q . 37.66 51.01 15.04
O3 NAG Q . 36.82 50.75 12.33
O4 NAG Q . 34.01 50.51 11.90
O5 NAG Q . 34.24 49.56 15.40
O6 NAG Q . 31.28 49.68 14.66
O7 NAG Q . 38.46 49.49 16.51
C1 NAG R . -7.53 -15.20 -63.86
C2 NAG R . -7.12 -16.09 -65.04
C3 NAG R . -5.89 -16.87 -64.66
C4 NAG R . -4.77 -15.92 -64.29
C5 NAG R . -5.24 -15.05 -63.12
C6 NAG R . -4.24 -14.01 -62.69
C7 NAG R . -9.13 -16.65 -66.30
C8 NAG R . -10.18 -17.69 -66.57
N2 NAG R . -8.20 -16.98 -65.41
O3 NAG R . -5.50 -17.67 -65.78
O4 NAG R . -3.65 -16.68 -63.83
O5 NAG R . -6.43 -14.35 -63.51
O6 NAG R . -3.88 -13.16 -63.77
O7 NAG R . -9.13 -15.56 -66.87
C1 NAG R . -2.44 -16.30 -64.50
C2 NAG R . -1.29 -16.75 -63.61
C3 NAG R . 0.02 -16.39 -64.27
C4 NAG R . 0.09 -17.05 -65.64
C5 NAG R . -1.10 -16.58 -66.47
C6 NAG R . -1.17 -17.23 -67.84
C7 NAG R . -1.68 -16.85 -61.19
C8 NAG R . -1.74 -16.07 -59.91
N2 NAG R . -1.39 -16.15 -62.29
O3 NAG R . 1.10 -16.85 -63.45
O4 NAG R . 1.30 -16.70 -66.29
O5 NAG R . -2.32 -16.90 -65.79
O6 NAG R . -2.27 -16.72 -68.59
O7 NAG R . -1.87 -18.06 -61.23
C1 NAG S . -47.04 28.02 -47.36
C2 NAG S . -48.06 28.95 -47.98
C3 NAG S . -47.39 30.28 -48.30
C4 NAG S . -46.82 30.87 -47.02
C5 NAG S . -45.83 29.88 -46.42
C6 NAG S . -45.25 30.33 -45.11
C7 NAG S . -49.78 27.69 -49.18
C8 NAG S . -50.22 27.15 -50.50
N2 NAG S . -48.63 28.37 -49.18
O3 NAG S . -48.36 31.16 -48.86
O4 NAG S . -46.19 32.11 -47.31
O5 NAG S . -46.50 28.63 -46.17
O6 NAG S . -44.66 29.25 -44.39
O7 NAG S . -50.43 27.52 -48.16
C1 NAG S . -46.75 33.16 -46.50
C2 NAG S . -45.79 34.35 -46.53
C3 NAG S . -46.33 35.46 -45.67
C4 NAG S . -47.71 35.85 -46.17
C5 NAG S . -48.63 34.63 -46.15
C6 NAG S . -50.01 34.90 -46.70
C7 NAG S . -43.41 33.93 -46.90
C8 NAG S . -42.11 33.50 -46.28
N2 NAG S . -44.46 33.96 -46.10
O3 NAG S . -45.46 36.58 -45.72
O4 NAG S . -48.26 36.88 -45.35
O5 NAG S . -48.06 33.58 -46.95
O6 NAG S . -51.00 34.82 -45.69
O7 NAG S . -43.49 34.24 -48.09
C1 NAG T . -68.32 -0.55 -58.73
C2 NAG T . -68.89 -1.32 -57.55
C3 NAG T . -69.15 -2.75 -57.97
C4 NAG T . -70.10 -2.76 -59.16
C5 NAG T . -69.48 -1.95 -60.29
C6 NAG T . -70.40 -1.82 -61.48
C7 NAG T . -68.23 -0.64 -55.28
C8 NAG T . -67.17 -0.68 -54.24
N2 NAG T . -67.96 -1.27 -56.43
O3 NAG T . -69.69 -3.47 -56.87
O4 NAG T . -70.37 -4.08 -59.61
O5 NAG T . -69.23 -0.62 -59.83
O6 NAG T . -69.86 -0.90 -62.44
O7 NAG T . -69.31 -0.08 -55.10
C1 NAG T . -71.61 -4.46 -59.00
C2 NAG T . -72.44 -5.33 -59.93
C3 NAG T . -73.73 -5.74 -59.22
C4 NAG T . -73.37 -6.47 -57.94
C5 NAG T . -72.51 -5.57 -57.07
C6 NAG T . -72.03 -6.25 -55.80
C7 NAG T . -71.96 -4.67 -62.25
C8 NAG T . -72.44 -3.90 -63.44
N2 NAG T . -72.75 -4.64 -61.17
O3 NAG T . -74.51 -6.57 -60.07
O4 NAG T . -74.55 -6.82 -57.24
O5 NAG T . -71.33 -5.18 -57.79
O6 NAG T . -70.61 -6.31 -55.75
O7 NAG T . -70.89 -5.28 -62.25
C1 NAG U . -24.33 -14.03 54.06
C2 NAG U . -24.67 -13.54 52.63
C3 NAG U . -25.54 -12.30 52.67
C4 NAG U . -25.89 -11.98 54.12
C5 NAG U . -24.61 -11.74 54.92
C6 NAG U . -24.87 -11.54 56.40
C7 NAG U . -23.30 -13.26 50.61
C8 NAG U . -21.93 -12.98 50.06
N2 NAG U . -23.42 -13.27 51.93
O3 NAG U . -26.69 -12.49 51.86
O4 NAG U . -26.91 -11.00 54.30
O5 NAG U . -23.75 -12.90 54.83
O6 NAG U . -25.28 -10.20 56.62
O7 NAG U . -24.26 -13.49 49.87
C1 NAG U . -28.05 -11.91 54.39
C2 NAG U . -29.20 -11.38 55.24
C3 NAG U . -30.31 -12.41 55.30
C4 NAG U . -30.76 -12.71 53.88
C5 NAG U . -29.58 -13.22 53.05
C6 NAG U . -29.92 -13.52 51.61
C7 NAG U . -28.13 -11.86 57.43
C8 NAG U . -27.72 -11.28 58.75
N2 NAG U . -28.75 -11.01 56.59
O3 NAG U . -31.41 -11.92 56.05
O4 NAG U . -31.79 -13.71 53.90
O5 NAG U . -28.54 -12.23 53.05
O6 NAG U . -28.74 -13.76 50.84
O7 NAG U . -27.93 -13.03 57.15
C1 NAG V . -27.37 37.73 -47.55
C2 NAG V . -27.21 39.05 -48.30
C3 NAG V . -26.23 39.93 -47.56
C4 NAG V . -26.73 40.16 -46.14
C5 NAG V . -26.91 38.79 -45.46
C6 NAG V . -27.48 38.88 -44.06
C7 NAG V . -27.60 38.67 -50.70
C8 NAG V . -26.98 38.44 -52.04
N2 NAG V . -26.77 38.82 -49.67
O3 NAG V . -26.09 41.17 -48.23
O4 NAG V . -25.78 40.92 -45.42
O5 NAG V . -27.81 37.99 -46.22
O6 NAG V . -28.81 39.36 -44.08
O7 NAG V . -28.83 38.71 -50.55
C1 NAG V . -26.45 42.02 -44.77
C2 NAG V . -25.50 42.64 -43.75
C3 NAG V . -26.21 43.79 -43.05
C4 NAG V . -26.64 44.81 -44.09
C5 NAG V . -27.57 44.13 -45.10
C6 NAG V . -27.99 45.05 -46.22
C7 NAG V . -23.91 40.97 -42.91
C8 NAG V . -23.59 39.99 -41.83
N2 NAG V . -25.05 41.65 -42.78
O3 NAG V . -25.32 44.39 -42.11
O4 NAG V . -27.34 45.88 -43.46
O5 NAG V . -26.88 43.03 -45.71
O6 NAG V . -28.73 44.34 -47.21
O7 NAG V . -23.16 41.15 -43.87
C1 NAG W . -34.07 -28.87 -16.24
C2 NAG W . -34.54 -29.36 -17.61
C3 NAG W . -36.05 -29.24 -17.68
C4 NAG W . -36.66 -30.07 -16.57
C5 NAG W . -36.12 -29.57 -15.22
C6 NAG W . -36.61 -30.36 -14.03
C7 NAG W . -33.01 -29.18 -19.51
C8 NAG W . -32.45 -28.28 -20.58
N2 NAG W . -33.91 -28.63 -18.70
O3 NAG W . -36.49 -29.72 -18.94
O4 NAG W . -38.07 -29.96 -16.60
O5 NAG W . -34.68 -29.65 -15.21
O6 NAG W . -35.65 -30.36 -12.99
O7 NAG W . -32.64 -30.35 -19.40
C1 NAG X . -10.57 -40.63 -37.93
C2 NAG X . -10.29 -41.63 -36.83
C3 NAG X . -8.90 -42.23 -37.05
C4 NAG X . -8.86 -42.90 -38.42
C5 NAG X . -9.20 -41.85 -39.49
C6 NAG X . -9.25 -42.43 -40.88
C7 NAG X . -10.60 -41.72 -34.40
C8 NAG X . -10.63 -40.96 -33.12
N2 NAG X . -10.36 -41.02 -35.52
O3 NAG X . -8.63 -43.19 -36.04
O4 NAG X . -7.58 -43.45 -38.67
O5 NAG X . -10.49 -41.29 -39.21
O6 NAG X . -7.96 -42.58 -41.44
O7 NAG X . -10.78 -42.94 -34.43
C1 NAG Y . -32.96 -25.41 -60.11
C2 NAG Y . -33.81 -26.69 -60.08
C3 NAG Y . -32.98 -27.83 -59.54
C4 NAG Y . -31.76 -28.01 -60.42
C5 NAG Y . -30.96 -26.71 -60.41
C6 NAG Y . -29.79 -26.77 -61.34
C7 NAG Y . -36.24 -26.93 -59.69
C8 NAG Y . -37.35 -26.71 -58.72
N2 NAG Y . -35.02 -26.52 -59.29
O3 NAG Y . -33.78 -29.01 -59.53
O4 NAG Y . -30.98 -29.12 -59.99
O5 NAG Y . -31.80 -25.64 -60.88
O6 NAG Y . -30.23 -26.67 -62.69
O7 NAG Y . -36.41 -27.44 -60.79
C1 NAG Z . -11.92 -47.89 2.85
C2 NAG Z . -12.36 -48.51 1.54
C3 NAG Z . -11.76 -49.88 1.41
C4 NAG Z . -10.24 -49.78 1.47
C5 NAG Z . -9.83 -49.17 2.81
C6 NAG Z . -8.34 -48.93 2.91
C7 NAG Z . -14.51 -47.94 0.47
C8 NAG Z . -15.99 -48.19 0.43
N2 NAG Z . -13.81 -48.59 1.42
O3 NAG Z . -12.26 -50.48 0.21
O4 NAG Z . -9.66 -51.06 1.29
O5 NAG Z . -10.44 -47.87 2.91
O6 NAG Z . -7.84 -49.39 4.16
O7 NAG Z . -13.96 -47.18 -0.29
C1 NAG AA . 4.11 -34.60 -25.05
C2 NAG AA . 4.25 -33.61 -26.22
C3 NAG AA . 4.35 -34.41 -27.52
C4 NAG AA . 5.55 -35.34 -27.43
C5 NAG AA . 5.38 -36.25 -26.23
C6 NAG AA . 6.57 -37.17 -26.04
C7 NAG AA . 3.10 -31.60 -27.09
C8 NAG AA . 1.87 -30.75 -26.98
N2 NAG AA . 3.13 -32.68 -26.27
O3 NAG AA . 4.41 -33.60 -28.69
O4 NAG AA . 5.62 -36.21 -28.56
O5 NAG AA . 5.24 -35.47 -25.04
O6 NAG AA . 7.55 -36.88 -27.02
O7 NAG AA . 4.00 -31.37 -27.89
C1 NAG BA . -24.33 -41.17 36.93
C2 NAG BA . -25.35 -40.99 38.08
C3 NAG BA . -24.93 -39.82 38.94
C4 NAG BA . -23.52 -40.09 39.49
C5 NAG BA . -22.57 -40.30 38.32
C6 NAG BA . -21.17 -40.66 38.76
C7 NAG BA . -27.80 -41.00 38.31
C8 NAG BA . -29.10 -40.72 37.61
N2 NAG BA . -26.69 -40.78 37.58
O3 NAG BA . -25.83 -39.65 40.02
O4 NAG BA . -23.09 -38.99 40.27
O5 NAG BA . -23.03 -41.39 37.49
O6 NAG BA . -20.83 -39.97 39.96
O7 NAG BA . -27.75 -41.40 39.47
C1 NAG CA . -3.12 -30.64 39.52
C2 NAG CA . -1.60 -30.89 39.55
C3 NAG CA . -0.88 -29.56 39.44
C4 NAG CA . -1.31 -28.87 38.15
C5 NAG CA . -2.83 -28.68 38.15
C6 NAG CA . -3.34 -28.07 36.87
C7 NAG CA . -0.23 -32.53 40.74
C8 NAG CA . 0.06 -33.17 42.07
N2 NAG CA . -1.19 -31.61 40.75
O3 NAG CA . 0.53 -29.76 39.47
O4 NAG CA . -0.67 -27.60 38.04
O5 NAG CA . -3.48 -29.96 38.30
O6 NAG CA . -4.04 -26.86 37.11
O7 NAG CA . 0.40 -32.82 39.73
C1 NAG DA . -1.17 -30.32 23.74
C2 NAG DA . -1.47 -29.40 24.94
C3 NAG DA . -0.32 -28.42 25.11
C4 NAG DA . 0.97 -29.20 25.33
C5 NAG DA . 1.20 -30.11 24.13
C6 NAG DA . 2.45 -30.97 24.28
C7 NAG DA . -3.53 -28.36 25.78
C8 NAG DA . -4.78 -27.62 25.41
N2 NAG DA . -2.72 -28.69 24.76
O3 NAG DA . -0.58 -27.58 26.24
O4 NAG DA . 2.05 -28.29 25.45
O5 NAG DA . 0.09 -31.01 23.97
O6 NAG DA . 3.25 -30.89 23.10
O7 NAG DA . -3.26 -28.64 26.94
C1 NAG EA . 35.49 -31.94 -12.95
C2 NAG EA . 36.28 -31.59 -14.23
C3 NAG EA . 36.09 -32.71 -15.23
C4 NAG EA . 36.56 -34.01 -14.62
C5 NAG EA . 35.77 -34.24 -13.36
C6 NAG EA . 36.15 -35.50 -12.62
C7 NAG EA . 36.54 -29.35 -15.29
C8 NAG EA . 35.78 -28.14 -15.74
N2 NAG EA . 35.79 -30.32 -14.76
O3 NAG EA . 36.90 -32.50 -16.38
O4 NAG EA . 36.18 -35.06 -15.51
O5 NAG EA . 35.93 -33.16 -12.44
O6 NAG EA . 36.18 -36.60 -13.51
O7 NAG EA . 37.76 -29.44 -15.42
C1 NAG FA . -41.16 -22.56 7.48
C2 NAG FA . -41.90 -23.46 6.50
C3 NAG FA . -43.38 -23.12 6.53
C4 NAG FA . -43.89 -23.24 7.96
C5 NAG FA . -43.06 -22.34 8.89
C6 NAG FA . -43.53 -22.50 10.32
C7 NAG FA . -40.41 -24.06 4.67
C8 NAG FA . -39.90 -23.65 3.32
N2 NAG FA . -41.40 -23.29 5.15
O3 NAG FA . -44.10 -24.02 5.69
O4 NAG FA . -45.27 -22.86 8.03
O5 NAG FA . -41.69 -22.69 8.79
O6 NAG FA . -43.27 -23.84 10.76
O7 NAG FA . -39.97 -25.01 5.27
C1 NAG GA . -22.42 -19.63 -71.68
C2 NAG GA . -22.60 -21.03 -72.24
C3 NAG GA . -21.33 -21.47 -73.01
C4 NAG GA . -20.89 -20.40 -74.00
C5 NAG GA . -20.80 -19.07 -73.28
C6 NAG GA . -20.33 -17.96 -74.21
C7 NAG GA . -24.11 -22.33 -70.82
C8 NAG GA . -24.23 -23.19 -69.60
N2 NAG GA . -22.87 -21.99 -71.19
O3 NAG GA . -21.61 -22.72 -73.67
O4 NAG GA . -19.56 -20.65 -74.49
O5 NAG GA . -22.05 -18.73 -72.72
O6 NAG GA . -21.34 -17.77 -75.19
O7 NAG GA . -25.11 -21.95 -71.42
C1 NAG HA . 27.47 -19.35 -35.76
C2 NAG HA . 28.14 -19.02 -37.08
C3 NAG HA . 27.81 -20.09 -38.10
C4 NAG HA . 28.30 -21.43 -37.56
C5 NAG HA . 27.61 -21.71 -36.23
C6 NAG HA . 28.10 -22.98 -35.57
C7 NAG HA . 28.43 -16.61 -37.38
C8 NAG HA . 27.86 -15.35 -37.96
N2 NAG HA . 27.71 -17.71 -37.57
O3 NAG HA . 28.44 -19.81 -39.34
O4 NAG HA . 27.95 -22.48 -38.48
O5 NAG HA . 27.91 -20.64 -35.31
O6 NAG HA . 27.04 -23.83 -35.15
O7 NAG HA . 29.49 -16.62 -36.77
C1 NAG IA . 14.80 1.84 -46.58
C2 NAG IA . 14.76 2.02 -48.10
C3 NAG IA . 14.53 0.67 -48.75
C4 NAG IA . 15.66 -0.27 -48.34
C5 NAG IA . 15.69 -0.38 -46.81
C6 NAG IA . 16.86 -1.21 -46.34
C7 NAG IA . 13.98 4.18 -48.98
C8 NAG IA . 12.78 5.01 -49.31
N2 NAG IA . 13.73 2.96 -48.49
O3 NAG IA . 14.47 0.79 -50.16
O4 NAG IA . 15.47 -1.57 -48.89
O5 NAG IA . 15.84 0.93 -46.24
O6 NAG IA . 16.80 -1.50 -44.95
O7 NAG IA . 15.12 4.59 -49.14
C1 NAG JA . 9.08 33.89 -49.02
C2 NAG JA . 10.32 34.21 -48.19
C3 NAG JA . 10.03 35.43 -47.32
C4 NAG JA . 9.64 36.59 -48.21
C5 NAG JA . 8.42 36.21 -49.04
C6 NAG JA . 8.00 37.28 -50.02
C7 NAG JA . 11.44 32.06 -47.82
C8 NAG JA . 11.75 30.97 -46.83
N2 NAG JA . 10.70 33.08 -47.36
O3 NAG JA . 11.19 35.74 -46.55
O4 NAG JA . 9.33 37.73 -47.42
O5 NAG JA . 8.72 35.04 -49.81
O6 NAG JA . 7.06 36.78 -50.96
O7 NAG JA . 11.84 32.01 -48.98
C1 NAG KA . -16.03 23.39 -68.60
C2 NAG KA . -14.63 23.16 -69.17
C3 NAG KA . -13.62 24.03 -68.41
C4 NAG KA . -14.04 25.49 -68.55
C5 NAG KA . -15.45 25.66 -67.98
C6 NAG KA . -15.98 27.07 -68.16
C7 NAG KA . -14.01 21.05 -70.20
C8 NAG KA . -13.63 19.62 -69.98
N2 NAG KA . -14.25 21.76 -69.10
O3 NAG KA . -12.32 23.87 -68.96
O4 NAG KA . -13.14 26.34 -67.85
O5 NAG KA . -16.35 24.79 -68.69
O6 NAG KA . -17.37 27.05 -68.43
O7 NAG KA . -14.08 21.55 -71.31
C1 NAG LA . 40.77 17.03 -29.43
C2 NAG LA . 39.91 17.07 -30.68
C3 NAG LA . 40.36 18.22 -31.57
C4 NAG LA . 40.26 19.52 -30.79
C5 NAG LA . 41.13 19.40 -29.53
C6 NAG LA . 41.04 20.62 -28.64
C7 NAG LA . 38.85 15.26 -31.91
C8 NAG LA . 39.04 13.95 -32.62
N2 NAG LA . 39.94 15.82 -31.40
O3 NAG LA . 39.52 18.27 -32.72
O4 NAG LA . 40.67 20.62 -31.58
O5 NAG LA . 40.69 18.27 -28.75
O6 NAG LA . 40.98 20.23 -27.28
O7 NAG LA . 37.74 15.79 -31.85
C1 NAG MA . 11.52 34.71 -27.39
C2 NAG MA . 10.22 35.26 -27.98
C3 NAG MA . 10.55 36.48 -28.84
C4 NAG MA . 11.25 37.54 -27.97
C5 NAG MA . 12.51 36.92 -27.37
C6 NAG MA . 13.26 37.83 -26.42
C7 NAG MA . 8.51 33.57 -28.30
C8 NAG MA . 7.89 32.59 -29.24
N2 NAG MA . 9.54 34.25 -28.78
O3 NAG MA . 9.34 37.02 -29.38
O4 NAG MA . 11.70 38.56 -28.86
O5 NAG MA . 12.16 35.75 -26.60
O6 NAG MA . 14.04 38.79 -27.12
O7 NAG MA . 8.09 33.76 -27.18
C1 NAG NA . 58.64 -14.19 -16.33
C2 NAG NA . 59.53 -15.43 -16.56
C3 NAG NA . 59.19 -16.48 -15.51
C4 NAG NA . 59.40 -15.89 -14.13
C5 NAG NA . 58.53 -14.65 -13.98
C6 NAG NA . 58.73 -13.95 -12.64
C7 NAG NA . 60.22 -16.79 -18.52
C8 NAG NA . 59.83 -17.23 -19.90
N2 NAG NA . 59.35 -15.98 -17.90
O3 NAG NA . 60.03 -17.62 -15.68
O4 NAG NA . 59.07 -16.85 -13.13
O5 NAG NA . 58.85 -13.69 -15.01
O6 NAG NA . 59.04 -12.58 -12.82
O7 NAG NA . 61.26 -17.15 -17.99
C1 NAG OA . 50.82 -6.09 5.17
C2 NAG OA . 51.06 -4.84 6.02
C3 NAG OA . 49.95 -4.74 7.07
C4 NAG OA . 48.62 -4.68 6.37
C5 NAG OA . 48.44 -5.93 5.52
C6 NAG OA . 47.16 -5.94 4.73
C7 NAG OA . 53.27 -3.90 6.53
C8 NAG OA . 54.56 -4.10 7.26
N2 NAG OA . 52.37 -4.88 6.66
O3 NAG OA . 50.16 -3.57 7.85
O4 NAG OA . 47.56 -4.62 7.33
O5 NAG OA . 49.52 -6.02 4.56
O6 NAG OA . 47.17 -6.92 3.69
O7 NAG OA . 53.06 -2.89 5.86
C1 NAG PA . 40.26 3.36 -1.25
C2 NAG PA . 40.38 2.35 -0.10
C3 NAG PA . 39.57 2.87 1.08
C4 NAG PA . 40.09 4.23 1.49
C5 NAG PA . 39.98 5.17 0.29
C6 NAG PA . 40.59 6.53 0.56
C7 NAG PA . 40.60 0.20 -1.29
C8 NAG PA . 39.92 -1.11 -1.57
N2 NAG PA . 39.91 1.04 -0.50
O3 NAG PA . 39.60 1.94 2.16
O4 NAG PA . 39.34 4.74 2.59
O5 NAG PA . 40.72 4.63 -0.81
O6 NAG PA . 41.29 6.98 -0.58
O7 NAG PA . 41.69 0.48 -1.76
C1 NAG QA . 17.73 48.72 2.76
C2 NAG QA . 16.37 49.41 2.91
C3 NAG QA . 15.91 49.91 1.55
C4 NAG QA . 16.96 50.87 1.00
C5 NAG QA . 18.29 50.11 0.90
C6 NAG QA . 19.43 50.98 0.42
C7 NAG QA . 14.49 48.87 4.39
C8 NAG QA . 13.56 47.79 4.87
N2 NAG QA . 15.38 48.51 3.47
O3 NAG QA . 14.68 50.62 1.70
O4 NAG QA . 16.58 51.31 -0.30
O5 NAG QA . 18.66 49.62 2.20
O6 NAG QA . 20.63 50.23 0.23
O7 NAG QA . 14.43 50.01 4.83
C1 NAG RA . -27.64 33.37 -65.33
C2 NAG RA . -28.97 34.06 -65.52
C3 NAG RA . -28.84 35.09 -66.65
C4 NAG RA . -27.75 36.08 -66.26
C5 NAG RA . -26.44 35.33 -66.04
C6 NAG RA . -25.31 36.22 -65.60
C7 NAG RA . -30.86 32.61 -64.93
C8 NAG RA . -31.87 31.63 -65.42
N2 NAG RA . -30.02 33.10 -65.84
O3 NAG RA . -30.09 35.77 -66.81
O4 NAG RA . -27.59 37.04 -67.31
O5 NAG RA . -26.63 34.34 -65.02
O6 NAG RA . -24.05 35.67 -65.98
O7 NAG RA . -30.81 32.96 -63.75
C1 NAG SA . -6.86 48.55 -9.68
C2 NAG SA . -8.10 49.47 -9.70
C3 NAG SA . -8.06 50.35 -10.93
C4 NAG SA . -6.77 51.17 -10.89
C5 NAG SA . -5.58 50.22 -10.85
C6 NAG SA . -4.25 50.96 -10.76
C7 NAG SA . -10.56 49.19 -9.53
C8 NAG SA . -11.69 48.19 -9.54
N2 NAG SA . -9.33 48.67 -9.68
O3 NAG SA . -9.16 51.24 -10.94
O4 NAG SA . -6.69 51.99 -12.05
O5 NAG SA . -5.67 49.37 -9.70
O6 NAG SA . -3.52 50.85 -11.97
O7 NAG SA . -10.75 50.40 -9.40
C1 NAG TA . -28.73 36.50 -15.27
C2 NAG TA . -30.07 36.90 -15.96
C3 NAG TA . -29.74 37.43 -17.36
C4 NAG TA . -28.80 38.61 -17.24
C5 NAG TA . -27.52 38.18 -16.49
C6 NAG TA . -26.57 39.33 -16.24
C7 NAG TA . -32.26 35.76 -16.21
C8 NAG TA . -32.94 34.41 -16.27
N2 NAG TA . -30.93 35.72 -16.05
O3 NAG TA . -30.94 37.79 -18.03
O4 NAG TA . -28.37 38.98 -18.55
O5 NAG TA . -27.87 37.65 -15.20
O6 NAG TA . -25.23 38.89 -16.04
O7 NAG TA . -32.89 36.80 -16.31
C1 NAG UA . -55.10 16.71 -7.32
C2 NAG UA . -55.15 17.07 -5.84
C3 NAG UA . -55.78 15.92 -5.07
C4 NAG UA . -57.18 15.67 -5.61
C5 NAG UA . -57.08 15.35 -7.10
C6 NAG UA . -58.43 15.15 -7.76
C7 NAG UA . -53.14 18.47 -5.57
C8 NAG UA . -51.76 18.55 -4.98
N2 NAG UA . -53.80 17.32 -5.34
O3 NAG UA . -55.85 16.26 -3.69
O4 NAG UA . -57.77 14.57 -4.93
O5 NAG UA . -56.44 16.44 -7.78
O6 NAG UA . -58.31 14.99 -9.16
O7 NAG UA . -53.64 19.39 -6.20
C1 NAG VA . -58.82 15.69 -39.96
C2 NAG VA . -59.00 17.18 -39.66
C3 NAG VA . -58.78 17.43 -38.18
C4 NAG VA . -59.77 16.59 -37.39
C5 NAG VA . -59.56 15.12 -37.75
C6 NAG VA . -60.56 14.21 -37.07
C7 NAG VA . -58.44 19.18 -40.98
C8 NAG VA . -57.37 19.88 -41.76
N2 NAG VA . -58.08 18.00 -40.45
O3 NAG VA . -58.97 18.82 -37.93
O4 NAG VA . -59.56 16.79 -36.00
O5 NAG VA . -59.73 14.94 -39.16
O6 NAG VA . -61.51 13.73 -38.02
O7 NAG VA . -59.55 19.65 -40.84
C1 NAG WA . -28.72 37.42 19.24
C2 NAG WA . -29.93 37.40 18.32
C3 NAG WA . -31.13 37.93 19.07
C4 NAG WA . -31.36 37.07 20.29
C5 NAG WA . -30.11 37.11 21.16
C6 NAG WA . -30.18 36.20 22.36
C7 NAG WA . -29.19 37.66 15.99
C8 NAG WA . -29.02 38.61 14.84
N2 NAG WA . -29.68 38.18 17.11
O3 NAG WA . -32.27 37.86 18.21
O4 NAG WA . -32.48 37.55 21.04
O5 NAG WA . -28.98 36.64 20.38
O6 NAG WA . -29.69 34.90 22.04
O7 NAG WA . -28.87 36.48 15.91
C1 NAG XA . 0.38 58.92 24.99
C2 NAG XA . 1.77 59.53 24.77
C3 NAG XA . 2.78 58.39 24.58
C4 NAG XA . 2.76 57.49 25.81
C5 NAG XA . 1.35 56.95 26.02
C6 NAG XA . 1.21 56.13 27.28
C7 NAG XA . 2.82 61.27 23.39
C8 NAG XA . 2.70 62.13 22.17
N2 NAG XA . 1.81 60.43 23.62
O3 NAG XA . 4.09 58.91 24.42
O4 NAG XA . 3.65 56.41 25.62
O5 NAG XA . 0.42 58.04 26.15
O6 NAG XA . 2.07 54.98 27.24
O7 NAG XA . 3.78 61.36 24.15
C1 NAG YA . 9.63 37.34 34.63
C2 NAG YA . 8.89 36.00 34.71
C3 NAG YA . 9.53 35.00 33.78
C4 NAG YA . 9.50 35.56 32.36
C5 NAG YA . 10.24 36.90 32.34
C6 NAG YA . 10.23 37.56 30.97
C7 NAG YA . 7.69 35.36 36.75
C8 NAG YA . 7.83 34.85 38.15
N2 NAG YA . 8.83 35.51 36.07
O3 NAG YA . 8.82 33.77 33.83
O4 NAG YA . 10.14 34.65 31.46
O5 NAG YA . 9.62 37.82 33.26
O6 NAG YA . 10.14 36.59 29.93
O7 NAG YA . 6.60 35.64 36.26
C1 NAG ZA . -1.99 28.80 28.14
C2 NAG ZA . -0.49 29.12 27.97
C3 NAG ZA . 0.32 27.87 28.26
C4 NAG ZA . 0.00 27.39 29.67
C5 NAG ZA . -1.50 27.12 29.78
C6 NAG ZA . -1.92 26.68 31.16
C7 NAG ZA . 0.75 30.55 26.41
C8 NAG ZA . 0.94 30.95 24.98
N2 NAG ZA . -0.19 29.62 26.64
O3 NAG ZA . 1.71 28.18 28.16
O4 NAG ZA . 0.72 26.19 29.93
O5 NAG ZA . -2.24 28.31 29.48
O6 NAG ZA . -3.04 25.81 31.09
O7 NAG ZA . 1.43 31.04 27.31
C1 NAG AB . -35.29 -13.53 31.76
C2 NAG AB . -36.15 -14.61 31.13
C3 NAG AB . -37.54 -14.05 30.86
C4 NAG AB . -38.13 -13.57 32.18
C5 NAG AB . -37.22 -12.50 32.76
C6 NAG AB . -37.69 -11.97 34.09
C7 NAG AB . -34.64 -16.04 29.79
C8 NAG AB . -34.14 -16.35 28.41
N2 NAG AB . -35.56 -15.06 29.87
O3 NAG AB . -38.37 -15.06 30.30
O4 NAG AB . -39.43 -13.03 31.96
O5 NAG AB . -35.91 -13.06 32.97
O6 NAG AB . -38.25 -10.67 33.96
O7 NAG AB . -34.24 -16.63 30.78
C1 NAG BB . -63.11 0.13 -42.33
C2 NAG BB . -63.41 -0.97 -43.33
C3 NAG BB . -64.71 -0.65 -44.06
C4 NAG BB . -65.84 -0.49 -43.05
C5 NAG BB . -65.47 0.61 -42.06
C6 NAG BB . -66.49 0.81 -40.96
C7 NAG BB . -62.17 -2.16 -45.09
C8 NAG BB . -61.00 -2.10 -46.02
N2 NAG BB . -62.33 -1.10 -44.28
O3 NAG BB . -65.03 -1.68 -44.98
O4 NAG BB . -67.04 -0.14 -43.72
O5 NAG BB . -64.23 0.27 -41.43
O6 NAG BB . -66.05 1.81 -40.04
O7 NAG BB . -62.94 -3.11 -45.06
C1 NAG CB . -42.01 6.42 6.27
C2 NAG CB . -41.65 5.11 5.58
C3 NAG CB . -42.89 4.55 4.91
C4 NAG CB . -44.00 4.40 5.94
C5 NAG CB . -44.26 5.74 6.62
C6 NAG CB . -45.33 5.59 7.69
C7 NAG CB . -39.33 5.11 4.88
C8 NAG CB . -38.35 5.72 3.90
N2 NAG CB . -40.61 5.29 4.59
O3 NAG CB . -42.61 3.28 4.31
O4 NAG CB . -45.19 3.95 5.30
O5 NAG CB . -43.07 6.24 7.22
O6 NAG CB . -44.83 4.75 8.74
O7 NAG CB . -38.95 4.51 5.87
#